data_4G1F
#
_entry.id   4G1F
#
_cell.length_a   121.622
_cell.length_b   121.362
_cell.length_c   143.257
_cell.angle_alpha   90.00
_cell.angle_beta   114.63
_cell.angle_gamma   90.00
#
_symmetry.space_group_name_H-M   'P 1 21 1'
#
loop_
_entity.id
_entity.type
_entity.pdbx_description
1 polymer 'Dipeptidyl peptidase 4'
2 branched 2-acetamido-2-deoxy-beta-D-glucopyranose-(1-4)-2-acetamido-2-deoxy-beta-D-glucopyranose
3 non-polymer 7-amino-6-(aminomethyl)-5-(2-bromophenyl)-1,3-dimethylpyrido[2,3-d]pyrimidine-2,4(1H,3H)-dione
4 non-polymer 2-acetamido-2-deoxy-beta-D-glucopyranose
5 water water
#
_entity_poly.entity_id   1
_entity_poly.type   'polypeptide(L)'
_entity_poly.pdbx_seq_one_letter_code
;ADPGGSHHHHHHSRKTYTLTDYLKNTYRLKLYSLRWISDHEYLYKQENNILVFNAEYGNSSVFLENSTFDEFGHSINDYS
ISPDGQFILLEYNYVKQWRHSYTASYDIYDLNKRQLITEERIPNNTQWVTWSPVGHKLAYVWNNDIYVKIEPNLPSYRIT
WTGKEDIIYNGITDWVYEEEVFSAYSALWWSPNGTFLAYAQFNDTEVPLIEYSFYSDESLQYPKTVRVPYPKAGAVNPTV
KFFVVNTDSLSSVTNATSIQITAPASMLIGDHYLCDVTWATQERISLQWLRRIQNYSVMDICDYDESSGRWNCLVARQHI
EMSTTGWVGRFRPSEPHFTLDGNSFYKIISNEEGYRHICYFQIDKKDCTFITKGTWEVIGIEALTSDYLYYISNEYKGMP
GGRNLYKIQLSDYTKVTCLSCELNPERCQYYSVSFSKEAKYYQLRCSGPGLPLYTLHSSVNDKGLRVLEDNSALDKMLQN
VQMPSKKLDFIILNETKFWYQMILPPHFDKSKKYPLLLDVYAGPCSQKADTVFRLNWATYLASTENIIVASFDGRGSGYQ
GDKIMHAINRRLGTFEVEDQIEAARQFSKMGFVDNKRIAIWGWSYGGYVTSMVLGSGSGVFKCGIAVAPVSRWEYYDSVY
TERYMGLPTPEDNLDHYRNSTVMSRAENFKQVEYLLIHGTADDNVHFQQSAQISKALVDVGVDFQAMWYTDEDHGIASST
AHQHIYTHMSHFIKQCFSLP
;
_entity_poly.pdbx_strand_id   A,B,C,D
#
loop_
_chem_comp.id
_chem_comp.type
_chem_comp.name
_chem_comp.formula
0WG non-polymer 7-amino-6-(aminomethyl)-5-(2-bromophenyl)-1,3-dimethylpyrido[2,3-d]pyrimidine-2,4(1H,3H)-dione 'C16 H16 Br N5 O2'
NAG D-saccharide, beta linking 2-acetamido-2-deoxy-beta-D-glucopyranose 'C8 H15 N O6'
#
# COMPACT_ATOMS: atom_id res chain seq x y z
N LYS A 15 2.64 -41.85 37.86
CA LYS A 15 2.60 -41.23 36.51
C LYS A 15 1.59 -41.93 35.58
N THR A 16 1.30 -41.33 34.44
CA THR A 16 0.34 -41.88 33.48
C THR A 16 0.99 -42.14 32.13
N TYR A 17 0.30 -42.90 31.29
CA TYR A 17 0.75 -43.18 29.93
C TYR A 17 0.54 -41.92 29.09
N THR A 18 1.62 -41.16 28.88
CA THR A 18 1.54 -39.86 28.20
C THR A 18 1.50 -40.00 26.68
N LEU A 19 1.20 -38.88 26.00
CA LEU A 19 1.21 -38.85 24.54
C LEU A 19 2.62 -39.15 24.01
N THR A 20 3.63 -38.63 24.70
CA THR A 20 5.03 -38.91 24.37
C THR A 20 5.29 -40.41 24.49
N ASP A 21 4.78 -41.03 25.55
CA ASP A 21 4.90 -42.47 25.75
C ASP A 21 4.47 -43.24 24.51
N TYR A 22 3.30 -42.89 23.98
CA TYR A 22 2.78 -43.52 22.78
C TYR A 22 3.61 -43.17 21.53
N LEU A 23 3.88 -41.88 21.33
CA LEU A 23 4.58 -41.40 20.14
C LEU A 23 6.02 -41.90 20.01
N LYS A 24 6.70 -42.00 21.14
CA LYS A 24 8.09 -42.43 21.17
C LYS A 24 8.31 -43.88 21.63
N ASN A 25 7.24 -44.66 21.72
CA ASN A 25 7.29 -46.06 22.17
C ASN A 25 8.07 -46.26 23.47
N THR A 26 7.62 -45.61 24.54
CA THR A 26 8.26 -45.71 25.83
C THR A 26 8.07 -47.10 26.42
N TYR A 27 6.86 -47.62 26.33
CA TYR A 27 6.54 -48.96 26.82
C TYR A 27 6.35 -49.89 25.63
N ARG A 28 7.37 -50.69 25.35
CA ARG A 28 7.37 -51.54 24.16
C ARG A 28 6.88 -52.96 24.44
N LEU A 29 6.01 -53.45 23.57
CA LEU A 29 5.52 -54.82 23.61
C LEU A 29 6.50 -55.72 22.86
N LYS A 30 7.13 -56.65 23.58
CA LYS A 30 8.04 -57.62 22.96
C LYS A 30 7.27 -58.67 22.18
N LEU A 31 7.76 -58.98 20.99
CA LEU A 31 7.22 -60.03 20.15
C LEU A 31 8.06 -61.30 20.31
N TYR A 32 7.63 -62.37 19.68
CA TYR A 32 8.47 -63.55 19.47
C TYR A 32 8.14 -64.05 18.08
N SER A 33 8.71 -63.36 17.09
CA SER A 33 8.46 -63.67 15.69
C SER A 33 9.42 -64.76 15.22
N LEU A 34 8.85 -65.81 14.63
CA LEU A 34 9.64 -66.96 14.19
C LEU A 34 9.29 -67.46 12.79
N ARG A 35 10.30 -67.96 12.08
CA ARG A 35 10.11 -68.59 10.77
C ARG A 35 10.32 -70.09 10.91
N TRP A 36 9.28 -70.87 10.63
CA TRP A 36 9.43 -72.34 10.64
C TRP A 36 10.23 -72.76 9.44
N ILE A 37 11.24 -73.61 9.69
CA ILE A 37 12.13 -74.09 8.64
C ILE A 37 11.92 -75.57 8.32
N SER A 38 11.65 -76.34 9.36
CA SER A 38 11.32 -77.77 9.23
C SER A 38 10.18 -78.10 10.18
N ASP A 39 9.93 -79.39 10.38
CA ASP A 39 8.84 -79.83 11.24
C ASP A 39 9.13 -79.63 12.73
N HIS A 40 10.39 -79.35 13.08
CA HIS A 40 10.78 -79.14 14.47
C HIS A 40 11.79 -78.04 14.70
N GLU A 41 12.14 -77.29 13.66
CA GLU A 41 13.10 -76.19 13.78
C GLU A 41 12.53 -74.85 13.35
N TYR A 42 12.91 -73.79 14.05
CA TYR A 42 12.52 -72.42 13.69
C TYR A 42 13.61 -71.38 13.97
N LEU A 43 13.58 -70.28 13.24
CA LEU A 43 14.57 -69.21 13.37
C LEU A 43 14.11 -68.09 14.31
N TYR A 44 15.07 -67.26 14.74
CA TYR A 44 14.79 -66.09 15.60
C TYR A 44 15.95 -65.11 15.60
N LYS A 45 15.65 -63.82 15.53
CA LYS A 45 16.65 -62.76 15.45
C LYS A 45 16.93 -62.13 16.82
N GLN A 46 18.17 -62.27 17.30
CA GLN A 46 18.58 -61.69 18.58
C GLN A 46 19.55 -60.51 18.39
N ASN A 49 22.17 -61.08 15.48
CA ASN A 49 22.28 -62.54 15.39
C ASN A 49 21.04 -63.19 14.79
N ILE A 50 21.24 -64.38 14.23
CA ILE A 50 20.14 -65.21 13.72
C ILE A 50 20.33 -66.63 14.26
N LEU A 51 19.49 -67.00 15.22
CA LEU A 51 19.56 -68.30 15.87
C LEU A 51 18.56 -69.27 15.28
N VAL A 52 18.87 -70.56 15.36
CA VAL A 52 17.91 -71.61 14.99
C VAL A 52 17.58 -72.47 16.22
N PHE A 53 16.39 -72.27 16.76
CA PHE A 53 15.93 -72.98 17.95
C PHE A 53 15.40 -74.37 17.62
N ASN A 54 15.21 -75.19 18.65
CA ASN A 54 14.59 -76.50 18.54
C ASN A 54 13.33 -76.52 19.37
N ALA A 55 12.29 -77.18 18.85
CA ALA A 55 11.02 -77.32 19.55
C ALA A 55 11.09 -78.37 20.65
N GLU A 56 11.99 -79.34 20.47
CA GLU A 56 12.16 -80.43 21.42
C GLU A 56 12.90 -80.01 22.69
N TYR A 57 14.03 -79.33 22.52
CA TYR A 57 14.94 -79.05 23.62
C TYR A 57 15.01 -77.58 23.98
N GLY A 58 15.09 -76.72 22.96
CA GLY A 58 15.21 -75.27 23.16
C GLY A 58 16.62 -74.78 22.92
N ASN A 59 17.54 -75.70 22.62
CA ASN A 59 18.93 -75.37 22.30
C ASN A 59 19.04 -74.67 20.95
N SER A 60 19.81 -73.59 20.92
CA SER A 60 19.94 -72.78 19.72
C SER A 60 21.39 -72.50 19.33
N SER A 61 21.76 -72.93 18.13
CA SER A 61 23.05 -72.61 17.55
C SER A 61 22.84 -71.48 16.53
N VAL A 62 23.82 -70.58 16.44
CA VAL A 62 23.74 -69.45 15.52
C VAL A 62 23.80 -69.93 14.06
N PHE A 63 22.79 -69.56 13.27
CA PHE A 63 22.75 -69.95 11.87
C PHE A 63 23.53 -68.96 11.01
N LEU A 64 23.31 -67.67 11.26
CA LEU A 64 24.12 -66.61 10.67
C LEU A 64 24.43 -65.55 11.72
N GLU A 65 25.73 -65.28 11.90
CA GLU A 65 26.21 -64.37 12.93
C GLU A 65 25.85 -62.92 12.63
N ASN A 66 25.51 -62.18 13.68
CA ASN A 66 25.08 -60.77 13.58
C ASN A 66 25.74 -59.96 12.47
N SER A 67 27.06 -60.03 12.39
CA SER A 67 27.84 -59.30 11.39
C SER A 67 28.67 -60.24 10.51
N THR A 68 28.00 -61.22 9.89
CA THR A 68 28.61 -62.06 8.86
C THR A 68 28.69 -61.21 7.58
N PHE A 69 27.86 -60.18 7.53
CA PHE A 69 27.80 -59.25 6.40
C PHE A 69 28.21 -57.86 6.85
N ASP A 70 29.28 -57.79 7.64
CA ASP A 70 29.85 -56.53 8.09
C ASP A 70 30.37 -55.76 6.89
N GLU A 71 31.26 -56.41 6.13
CA GLU A 71 31.78 -55.86 4.88
C GLU A 71 30.83 -56.22 3.74
N PHE A 72 29.70 -55.52 3.70
CA PHE A 72 28.70 -55.69 2.65
C PHE A 72 28.41 -54.37 1.96
N GLY A 73 28.42 -53.29 2.74
CA GLY A 73 28.23 -51.94 2.22
C GLY A 73 26.80 -51.45 2.18
N HIS A 74 25.85 -52.38 2.39
CA HIS A 74 24.42 -52.04 2.36
C HIS A 74 23.73 -52.55 3.60
N SER A 75 22.69 -51.82 4.02
CA SER A 75 21.86 -52.23 5.15
C SER A 75 20.90 -53.33 4.71
N ILE A 76 21.02 -54.51 5.32
CA ILE A 76 20.18 -55.65 4.97
C ILE A 76 18.80 -55.49 5.62
N ASN A 77 17.79 -55.33 4.76
CA ASN A 77 16.41 -55.14 5.21
C ASN A 77 15.77 -56.43 5.72
N ASP A 78 15.87 -57.50 4.92
CA ASP A 78 15.26 -58.78 5.27
C ASP A 78 16.10 -59.94 4.72
N TYR A 79 15.91 -61.12 5.33
CA TYR A 79 16.62 -62.33 4.93
C TYR A 79 15.62 -63.41 4.53
N SER A 80 16.06 -64.31 3.65
CA SER A 80 15.22 -65.42 3.21
C SER A 80 16.05 -66.67 2.93
N ILE A 81 15.83 -67.71 3.73
CA ILE A 81 16.54 -68.98 3.57
C ILE A 81 15.77 -69.89 2.63
N SER A 82 16.49 -70.60 1.76
CA SER A 82 15.88 -71.61 0.92
C SER A 82 15.46 -72.79 1.80
N PRO A 83 14.35 -73.47 1.46
CA PRO A 83 13.80 -74.58 2.25
C PRO A 83 14.79 -75.71 2.56
N ASP A 84 15.73 -75.96 1.66
CA ASP A 84 16.77 -76.98 1.92
C ASP A 84 17.88 -76.42 2.82
N GLY A 85 17.88 -75.10 2.99
CA GLY A 85 18.86 -74.42 3.85
C GLY A 85 20.24 -74.33 3.23
N GLN A 86 20.32 -74.40 1.91
CA GLN A 86 21.60 -74.32 1.20
C GLN A 86 22.01 -72.89 0.86
N PHE A 87 21.03 -72.03 0.62
CA PHE A 87 21.28 -70.63 0.25
C PHE A 87 20.40 -69.68 1.05
N ILE A 88 20.94 -68.49 1.33
CA ILE A 88 20.17 -67.41 1.94
C ILE A 88 20.09 -66.19 1.02
N LEU A 89 18.89 -65.63 0.89
CA LEU A 89 18.65 -64.49 0.02
C LEU A 89 18.54 -63.19 0.83
N LEU A 90 19.42 -62.24 0.53
CA LEU A 90 19.50 -60.98 1.24
C LEU A 90 18.82 -59.83 0.50
N GLU A 91 17.94 -59.14 1.20
CA GLU A 91 17.17 -58.04 0.64
C GLU A 91 17.68 -56.69 1.15
N TYR A 92 18.00 -55.81 0.20
CA TYR A 92 18.48 -54.47 0.52
C TYR A 92 17.96 -53.47 -0.52
N ASN A 93 18.18 -52.18 -0.28
CA ASN A 93 17.69 -51.11 -1.16
C ASN A 93 16.15 -51.08 -1.26
N TYR A 94 15.51 -51.31 -0.13
CA TYR A 94 14.06 -51.32 0.01
C TYR A 94 13.47 -49.96 -0.33
N VAL A 95 12.60 -49.94 -1.33
CA VAL A 95 11.84 -48.74 -1.72
C VAL A 95 10.37 -49.12 -1.73
N LYS A 96 9.69 -48.84 -0.61
CA LYS A 96 8.28 -49.15 -0.43
C LYS A 96 7.41 -48.50 -1.51
N GLN A 97 6.48 -49.27 -2.06
CA GLN A 97 5.49 -48.72 -2.98
C GLN A 97 4.14 -48.60 -2.25
N TRP A 98 3.22 -49.53 -2.48
CA TRP A 98 1.92 -49.49 -1.82
C TRP A 98 1.94 -50.28 -0.53
N ARG A 99 0.78 -50.74 -0.07
CA ARG A 99 0.68 -51.41 1.24
C ARG A 99 1.64 -52.60 1.39
N HIS A 100 1.75 -53.41 0.33
CA HIS A 100 2.57 -54.61 0.35
C HIS A 100 3.68 -54.56 -0.64
N SER A 101 3.40 -53.96 -1.80
CA SER A 101 4.36 -53.84 -2.89
C SER A 101 5.57 -52.98 -2.54
N TYR A 102 6.73 -53.41 -3.00
CA TYR A 102 7.97 -52.63 -2.88
C TYR A 102 9.03 -53.09 -3.87
N THR A 103 10.11 -52.32 -3.92
CA THR A 103 11.27 -52.61 -4.75
C THR A 103 12.48 -52.88 -3.86
N ALA A 104 13.36 -53.78 -4.30
CA ALA A 104 14.56 -54.10 -3.55
C ALA A 104 15.62 -54.75 -4.41
N SER A 105 16.88 -54.54 -4.03
CA SER A 105 18.01 -55.23 -4.65
C SER A 105 18.23 -56.53 -3.89
N TYR A 106 18.69 -57.57 -4.58
CA TYR A 106 18.86 -58.87 -3.96
C TYR A 106 20.22 -59.53 -4.19
N ASP A 107 20.69 -60.22 -3.15
CA ASP A 107 21.93 -60.98 -3.20
C ASP A 107 21.72 -62.37 -2.61
N ILE A 108 22.35 -63.37 -3.21
CA ILE A 108 22.26 -64.75 -2.74
C ILE A 108 23.58 -65.18 -2.10
N TYR A 109 23.50 -65.70 -0.88
CA TYR A 109 24.66 -66.10 -0.11
C TYR A 109 24.70 -67.63 0.03
N ASP A 110 25.81 -68.22 -0.37
CA ASP A 110 26.03 -69.65 -0.25
C ASP A 110 26.40 -69.96 1.19
N LEU A 111 25.64 -70.83 1.84
CA LEU A 111 25.89 -71.19 3.24
C LEU A 111 26.92 -72.32 3.38
N ASN A 112 26.88 -73.26 2.45
CA ASN A 112 27.82 -74.39 2.43
C ASN A 112 29.22 -73.96 1.95
N LYS A 113 29.34 -72.72 1.48
CA LYS A 113 30.59 -72.18 0.97
C LYS A 113 30.97 -70.85 1.63
N ARG A 114 29.99 -70.18 2.22
CA ARG A 114 30.17 -68.86 2.88
C ARG A 114 30.71 -67.76 1.96
N GLN A 115 29.89 -67.35 0.99
CA GLN A 115 30.24 -66.28 0.05
C GLN A 115 29.05 -65.90 -0.84
N LEU A 116 29.03 -64.64 -1.26
CA LEU A 116 27.99 -64.13 -2.15
C LEU A 116 28.25 -64.61 -3.58
N ILE A 117 27.18 -64.77 -4.35
CA ILE A 117 27.28 -65.11 -5.77
C ILE A 117 27.47 -63.82 -6.56
N THR A 118 28.47 -63.80 -7.45
CA THR A 118 28.83 -62.59 -8.20
C THR A 118 28.41 -62.61 -9.67
N GLU A 119 28.27 -63.80 -10.24
CA GLU A 119 27.87 -63.93 -11.66
C GLU A 119 26.38 -64.24 -11.80
N GLU A 120 25.74 -63.55 -12.76
CA GLU A 120 24.30 -63.68 -13.07
C GLU A 120 23.40 -63.40 -11.86
N ARG A 121 23.58 -62.22 -11.27
CA ARG A 121 22.84 -61.83 -10.06
C ARG A 121 21.44 -61.31 -10.36
N ILE A 122 20.62 -61.24 -9.31
CA ILE A 122 19.28 -60.68 -9.39
C ILE A 122 19.38 -59.16 -9.55
N PRO A 123 18.81 -58.62 -10.66
CA PRO A 123 18.97 -57.21 -11.03
C PRO A 123 18.40 -56.22 -10.02
N ASN A 124 18.91 -54.98 -10.07
CA ASN A 124 18.41 -53.88 -9.26
C ASN A 124 16.93 -53.63 -9.55
N ASN A 125 16.19 -53.19 -8.54
CA ASN A 125 14.76 -52.89 -8.64
C ASN A 125 13.88 -54.09 -8.92
N THR A 126 14.07 -55.15 -8.14
CA THR A 126 13.25 -56.36 -8.28
C THR A 126 11.96 -56.20 -7.47
N GLN A 127 10.85 -56.51 -8.12
CA GLN A 127 9.52 -56.34 -7.55
C GLN A 127 9.15 -57.46 -6.57
N TRP A 128 9.50 -58.70 -6.91
CA TRP A 128 9.26 -59.84 -6.04
C TRP A 128 10.24 -60.96 -6.24
N VAL A 129 10.57 -61.65 -5.15
CA VAL A 129 11.42 -62.84 -5.17
C VAL A 129 10.79 -63.95 -4.34
N THR A 130 10.95 -65.19 -4.78
CA THR A 130 10.42 -66.33 -4.03
C THR A 130 11.17 -67.64 -4.32
N TRP A 131 11.50 -68.35 -3.24
CA TRP A 131 12.07 -69.68 -3.34
C TRP A 131 10.96 -70.66 -3.60
N SER A 132 11.29 -71.78 -4.25
CA SER A 132 10.37 -72.90 -4.39
C SER A 132 10.18 -73.52 -3.01
N PRO A 133 9.00 -74.13 -2.74
CA PRO A 133 8.71 -74.69 -1.41
C PRO A 133 9.69 -75.75 -0.92
N VAL A 134 10.41 -76.38 -1.85
CA VAL A 134 11.52 -77.28 -1.52
C VAL A 134 12.67 -77.04 -2.50
N GLY A 135 13.89 -77.30 -2.05
CA GLY A 135 15.07 -77.05 -2.86
C GLY A 135 15.48 -75.58 -2.86
N HIS A 136 16.04 -75.13 -3.97
CA HIS A 136 16.51 -73.75 -4.08
C HIS A 136 16.29 -73.16 -5.45
N LYS A 137 15.14 -73.47 -6.04
CA LYS A 137 14.69 -72.81 -7.26
C LYS A 137 14.25 -71.40 -6.89
N LEU A 138 14.45 -70.46 -7.80
CA LEU A 138 14.16 -69.07 -7.51
C LEU A 138 13.36 -68.40 -8.62
N ALA A 139 12.29 -67.70 -8.23
CA ALA A 139 11.49 -66.94 -9.18
C ALA A 139 11.39 -65.49 -8.74
N TYR A 140 11.81 -64.60 -9.63
CA TYR A 140 11.75 -63.17 -9.35
C TYR A 140 11.00 -62.40 -10.43
N VAL A 141 10.47 -61.23 -10.07
CA VAL A 141 9.75 -60.38 -11.01
C VAL A 141 10.47 -59.05 -11.20
N TRP A 142 10.94 -58.82 -12.43
CA TRP A 142 11.65 -57.60 -12.79
C TRP A 142 10.95 -56.98 -13.96
N ASN A 143 10.77 -55.65 -13.90
CA ASN A 143 10.04 -54.91 -14.94
C ASN A 143 8.77 -55.61 -15.42
N ASN A 144 7.99 -56.11 -14.46
CA ASN A 144 6.70 -56.76 -14.72
C ASN A 144 6.81 -58.09 -15.49
N ASP A 145 8.00 -58.67 -15.50
CA ASP A 145 8.23 -59.96 -16.14
C ASP A 145 8.77 -60.97 -15.14
N ILE A 146 8.45 -62.24 -15.36
CA ILE A 146 8.86 -63.32 -14.45
C ILE A 146 10.13 -64.02 -14.94
N TYR A 147 11.05 -64.25 -14.01
CA TYR A 147 12.32 -64.91 -14.28
C TYR A 147 12.51 -66.07 -13.30
N VAL A 148 13.17 -67.13 -13.74
CA VAL A 148 13.41 -68.31 -12.93
C VAL A 148 14.88 -68.74 -12.94
N LYS A 149 15.42 -68.96 -11.75
CA LYS A 149 16.76 -69.51 -11.57
C LYS A 149 16.66 -70.89 -10.94
N ILE A 150 17.08 -71.91 -11.68
CA ILE A 150 17.14 -73.28 -11.16
C ILE A 150 18.22 -73.34 -10.09
N GLU A 151 19.37 -72.75 -10.41
CA GLU A 151 20.47 -72.62 -9.47
C GLU A 151 20.75 -71.13 -9.26
N PRO A 152 21.22 -70.75 -8.05
CA PRO A 152 21.49 -69.34 -7.76
C PRO A 152 22.65 -68.73 -8.56
N ASN A 153 23.54 -69.57 -9.06
CA ASN A 153 24.68 -69.10 -9.86
C ASN A 153 24.44 -69.06 -11.37
N LEU A 154 23.60 -69.98 -11.86
CA LEU A 154 23.24 -70.05 -13.28
C LEU A 154 22.30 -68.92 -13.71
N PRO A 155 22.40 -68.50 -14.99
CA PRO A 155 21.53 -67.44 -15.55
C PRO A 155 20.05 -67.81 -15.51
N SER A 156 19.20 -66.79 -15.40
CA SER A 156 17.75 -66.99 -15.29
C SER A 156 17.03 -67.09 -16.63
N TYR A 157 15.98 -67.92 -16.66
CA TYR A 157 15.14 -68.06 -17.84
C TYR A 157 13.99 -67.05 -17.75
N ARG A 158 13.84 -66.23 -18.79
CA ARG A 158 12.75 -65.26 -18.83
C ARG A 158 11.45 -65.95 -19.23
N ILE A 159 10.46 -65.88 -18.35
CA ILE A 159 9.19 -66.58 -18.51
C ILE A 159 8.20 -65.80 -19.37
N THR A 160 8.03 -64.52 -19.06
CA THR A 160 7.09 -63.66 -19.77
C THR A 160 7.80 -62.49 -20.46
N TRP A 161 7.27 -62.09 -21.61
CA TRP A 161 7.85 -61.03 -22.41
C TRP A 161 6.85 -59.93 -22.66
N THR A 162 5.70 -60.04 -22.00
CA THR A 162 4.58 -59.13 -22.19
C THR A 162 4.59 -57.97 -21.20
N GLY A 163 5.33 -58.12 -20.10
CA GLY A 163 5.39 -57.12 -19.05
C GLY A 163 5.65 -55.70 -19.51
N LYS A 164 4.78 -54.79 -19.08
CA LYS A 164 4.90 -53.37 -19.39
C LYS A 164 4.50 -52.55 -18.18
N GLU A 165 5.32 -51.56 -17.84
CA GLU A 165 5.11 -50.70 -16.67
C GLU A 165 3.73 -50.05 -16.70
N ASP A 166 3.03 -50.12 -15.57
CA ASP A 166 1.67 -49.57 -15.39
C ASP A 166 0.60 -50.26 -16.23
N ILE A 167 0.99 -51.17 -17.12
CA ILE A 167 0.04 -51.75 -18.06
C ILE A 167 -0.11 -53.27 -17.94
N ILE A 168 0.99 -54.01 -18.03
CA ILE A 168 0.97 -55.48 -17.96
C ILE A 168 1.74 -55.98 -16.75
N TYR A 169 1.06 -56.70 -15.87
CA TYR A 169 1.66 -57.23 -14.64
C TYR A 169 1.75 -58.75 -14.68
N ASN A 170 2.98 -59.27 -14.69
CA ASN A 170 3.20 -60.73 -14.68
C ASN A 170 3.77 -61.21 -13.36
N GLY A 171 2.99 -62.02 -12.64
CA GLY A 171 3.41 -62.58 -11.36
C GLY A 171 3.44 -61.57 -10.24
N ILE A 172 3.01 -60.35 -10.54
CA ILE A 172 2.81 -59.29 -9.54
C ILE A 172 1.45 -58.64 -9.77
N THR A 173 0.86 -58.14 -8.69
CA THR A 173 -0.48 -57.57 -8.74
C THR A 173 -0.46 -56.07 -9.04
N ASP A 174 -1.49 -55.60 -9.76
CA ASP A 174 -1.69 -54.18 -9.98
C ASP A 174 -2.19 -53.56 -8.68
N TRP A 175 -2.43 -52.25 -8.66
CA TRP A 175 -2.85 -51.58 -7.43
C TRP A 175 -3.99 -52.27 -6.74
N VAL A 176 -5.07 -52.50 -7.48
CA VAL A 176 -6.33 -52.94 -6.89
C VAL A 176 -6.31 -54.37 -6.34
N TYR A 177 -5.60 -55.26 -7.03
CA TYR A 177 -5.48 -56.65 -6.58
C TYR A 177 -4.64 -56.74 -5.33
N GLU A 178 -3.61 -55.90 -5.27
CA GLU A 178 -2.71 -55.85 -4.13
C GLU A 178 -3.44 -55.45 -2.85
N GLU A 179 -4.25 -54.40 -2.95
CA GLU A 179 -4.95 -53.85 -1.79
C GLU A 179 -6.17 -54.68 -1.41
N GLU A 180 -7.04 -54.92 -2.39
CA GLU A 180 -8.38 -55.47 -2.13
C GLU A 180 -8.55 -56.98 -2.27
N VAL A 181 -7.78 -57.61 -3.17
CA VAL A 181 -7.96 -59.02 -3.46
C VAL A 181 -6.96 -59.94 -2.75
N PHE A 182 -5.67 -59.74 -3.04
CA PHE A 182 -4.64 -60.67 -2.59
C PHE A 182 -3.84 -60.28 -1.34
N SER A 183 -4.08 -59.08 -0.80
CA SER A 183 -3.35 -58.59 0.36
C SER A 183 -1.85 -58.87 0.25
N ALA A 184 -1.36 -58.80 -1.00
CA ALA A 184 0.04 -59.10 -1.33
C ALA A 184 0.35 -58.59 -2.72
N TYR A 185 1.63 -58.37 -2.99
CA TYR A 185 2.11 -57.91 -4.28
C TYR A 185 2.32 -59.06 -5.25
N SER A 186 2.75 -60.20 -4.71
CA SER A 186 3.08 -61.37 -5.52
C SER A 186 1.87 -62.08 -6.08
N ALA A 187 1.98 -62.47 -7.35
CA ALA A 187 0.98 -63.31 -8.01
C ALA A 187 1.66 -64.55 -8.57
N LEU A 188 2.59 -65.10 -7.80
CA LEU A 188 3.29 -66.34 -8.16
C LEU A 188 2.97 -67.43 -7.15
N TRP A 189 2.81 -68.66 -7.64
CA TRP A 189 2.50 -69.79 -6.78
C TRP A 189 3.17 -71.05 -7.24
N TRP A 190 4.22 -71.43 -6.53
CA TRP A 190 4.91 -72.69 -6.77
C TRP A 190 4.02 -73.85 -6.39
N SER A 191 4.17 -74.97 -7.09
CA SER A 191 3.52 -76.22 -6.69
C SER A 191 4.25 -76.78 -5.47
N PRO A 192 3.56 -77.57 -4.62
CA PRO A 192 4.13 -78.09 -3.38
C PRO A 192 5.59 -78.58 -3.47
N ASN A 193 6.00 -79.14 -4.60
CA ASN A 193 7.41 -79.55 -4.77
C ASN A 193 8.22 -78.73 -5.78
N GLY A 194 7.68 -77.58 -6.17
CA GLY A 194 8.40 -76.61 -7.00
C GLY A 194 8.56 -76.94 -8.48
N THR A 195 7.85 -77.97 -8.95
CA THR A 195 7.88 -78.36 -10.37
C THR A 195 7.25 -77.26 -11.23
N PHE A 196 6.01 -76.89 -10.89
CA PHE A 196 5.28 -75.89 -11.63
C PHE A 196 5.32 -74.52 -10.96
N LEU A 197 5.18 -73.47 -11.76
CA LEU A 197 5.06 -72.12 -11.25
C LEU A 197 3.80 -71.47 -11.82
N ALA A 198 2.79 -71.34 -10.97
CA ALA A 198 1.51 -70.77 -11.34
C ALA A 198 1.56 -69.27 -11.17
N TYR A 199 1.10 -68.53 -12.18
CA TYR A 199 1.08 -67.07 -12.10
C TYR A 199 -0.10 -66.42 -12.81
N ALA A 200 -0.48 -65.25 -12.30
CA ALA A 200 -1.53 -64.44 -12.91
C ALA A 200 -0.92 -63.31 -13.72
N GLN A 201 -1.71 -62.81 -14.68
CA GLN A 201 -1.29 -61.67 -15.49
C GLN A 201 -2.40 -60.64 -15.56
N PHE A 202 -2.10 -59.46 -15.06
CA PHE A 202 -3.08 -58.36 -15.01
C PHE A 202 -2.87 -57.38 -16.15
N ASN A 203 -3.98 -56.85 -16.64
CA ASN A 203 -3.99 -55.98 -17.80
C ASN A 203 -4.76 -54.70 -17.47
N ASP A 204 -4.01 -53.62 -17.27
CA ASP A 204 -4.57 -52.33 -16.90
C ASP A 204 -4.66 -51.32 -18.05
N THR A 205 -4.60 -51.81 -19.28
CA THR A 205 -4.55 -50.94 -20.46
C THR A 205 -5.62 -49.84 -20.43
N GLU A 206 -6.86 -50.22 -20.11
CA GLU A 206 -8.00 -49.29 -20.15
C GLU A 206 -8.46 -48.78 -18.78
N VAL A 207 -7.77 -49.22 -17.73
CA VAL A 207 -8.06 -48.76 -16.38
C VAL A 207 -7.57 -47.32 -16.25
N PRO A 208 -8.48 -46.40 -15.84
CA PRO A 208 -8.10 -44.99 -15.71
C PRO A 208 -7.05 -44.77 -14.63
N LEU A 209 -6.29 -43.68 -14.77
CA LEU A 209 -5.21 -43.34 -13.87
C LEU A 209 -5.68 -42.33 -12.85
N ILE A 210 -5.33 -42.55 -11.58
CA ILE A 210 -5.50 -41.52 -10.56
C ILE A 210 -4.22 -40.69 -10.56
N GLU A 211 -4.39 -39.38 -10.61
CA GLU A 211 -3.26 -38.47 -10.66
C GLU A 211 -3.27 -37.49 -9.49
N TYR A 212 -2.13 -37.36 -8.84
CA TYR A 212 -1.96 -36.44 -7.73
C TYR A 212 -0.52 -35.91 -7.71
N SER A 213 -0.34 -34.73 -7.14
CA SER A 213 0.97 -34.09 -7.08
C SER A 213 1.85 -34.70 -5.98
N PHE A 214 3.11 -34.93 -6.33
CA PHE A 214 4.13 -35.30 -5.35
C PHE A 214 5.15 -34.17 -5.31
N TYR A 215 5.26 -33.50 -4.16
CA TYR A 215 6.08 -32.31 -4.03
C TYR A 215 7.53 -32.65 -3.72
N SER A 216 7.74 -33.81 -3.10
CA SER A 216 9.07 -34.35 -2.80
C SER A 216 9.92 -33.40 -1.94
N ASP A 217 11.24 -33.57 -2.00
CA ASP A 217 12.17 -32.72 -1.26
C ASP A 217 12.07 -31.26 -1.69
N GLU A 218 12.42 -30.38 -0.75
CA GLU A 218 12.48 -28.95 -0.99
C GLU A 218 13.24 -28.66 -2.28
N SER A 219 14.23 -29.50 -2.59
CA SER A 219 15.11 -29.32 -3.77
C SER A 219 14.38 -29.42 -5.11
N LEU A 220 13.28 -30.16 -5.13
CA LEU A 220 12.50 -30.37 -6.36
C LEU A 220 11.75 -29.09 -6.74
N GLN A 221 12.16 -28.49 -7.86
CA GLN A 221 11.59 -27.22 -8.33
C GLN A 221 10.15 -27.33 -8.82
N TYR A 222 9.88 -28.33 -9.65
CA TYR A 222 8.55 -28.59 -10.20
C TYR A 222 7.98 -29.90 -9.67
N PRO A 223 6.83 -29.83 -8.95
CA PRO A 223 6.21 -31.03 -8.37
C PRO A 223 5.99 -32.14 -9.39
N LYS A 224 6.11 -33.37 -8.93
CA LYS A 224 5.93 -34.56 -9.76
C LYS A 224 4.45 -34.92 -9.79
N THR A 225 3.96 -35.37 -10.96
CA THR A 225 2.59 -35.87 -11.05
C THR A 225 2.60 -37.39 -11.03
N VAL A 226 2.14 -37.96 -9.91
CA VAL A 226 2.06 -39.41 -9.78
C VAL A 226 0.80 -39.87 -10.49
N ARG A 227 0.96 -40.86 -11.37
CA ARG A 227 -0.15 -41.38 -12.17
C ARG A 227 -0.27 -42.89 -11.96
N VAL A 228 -1.32 -43.32 -11.25
CA VAL A 228 -1.50 -44.73 -10.89
C VAL A 228 -2.77 -45.33 -11.53
N PRO A 229 -2.63 -46.47 -12.25
CA PRO A 229 -3.81 -47.16 -12.75
C PRO A 229 -4.64 -47.64 -11.58
N TYR A 230 -5.80 -47.03 -11.40
CA TYR A 230 -6.64 -47.25 -10.22
C TYR A 230 -8.11 -47.21 -10.65
N PRO A 231 -8.82 -48.34 -10.53
CA PRO A 231 -10.21 -48.42 -10.95
C PRO A 231 -11.19 -48.00 -9.85
N LYS A 232 -11.77 -46.81 -10.01
CA LYS A 232 -12.79 -46.32 -9.07
C LYS A 232 -14.13 -46.99 -9.32
N ALA A 233 -15.01 -46.97 -8.33
CA ALA A 233 -16.31 -47.64 -8.42
C ALA A 233 -16.97 -47.48 -9.78
N GLY A 234 -17.19 -48.60 -10.46
CA GLY A 234 -17.89 -48.61 -11.75
C GLY A 234 -17.02 -48.35 -12.96
N ALA A 235 -15.74 -48.03 -12.74
CA ALA A 235 -14.81 -47.76 -13.84
C ALA A 235 -14.32 -49.05 -14.49
N VAL A 236 -13.58 -48.91 -15.59
CA VAL A 236 -13.02 -50.05 -16.31
C VAL A 236 -12.00 -50.76 -15.43
N ASN A 237 -12.30 -52.01 -15.09
CA ASN A 237 -11.43 -52.81 -14.23
C ASN A 237 -10.28 -53.45 -14.98
N PRO A 238 -9.26 -53.90 -14.23
CA PRO A 238 -8.22 -54.74 -14.82
C PRO A 238 -8.82 -56.08 -15.22
N THR A 239 -8.16 -56.77 -16.13
CA THR A 239 -8.55 -58.10 -16.53
C THR A 239 -7.44 -59.05 -16.13
N VAL A 240 -7.80 -60.28 -15.79
CA VAL A 240 -6.83 -61.26 -15.30
C VAL A 240 -6.77 -62.52 -16.17
N LYS A 241 -5.54 -62.98 -16.42
CA LYS A 241 -5.31 -64.25 -17.11
C LYS A 241 -4.39 -65.09 -16.25
N PHE A 242 -4.66 -66.39 -16.17
CA PHE A 242 -3.84 -67.29 -15.36
C PHE A 242 -2.97 -68.17 -16.24
N PHE A 243 -1.77 -68.49 -15.74
CA PHE A 243 -0.84 -69.36 -16.46
C PHE A 243 -0.11 -70.31 -15.51
N VAL A 244 0.30 -71.47 -16.02
CA VAL A 244 1.15 -72.40 -15.28
C VAL A 244 2.29 -72.87 -16.19
N VAL A 245 3.52 -72.66 -15.73
CA VAL A 245 4.70 -73.06 -16.50
C VAL A 245 5.47 -74.18 -15.79
N ASN A 246 6.03 -75.09 -16.58
CA ASN A 246 6.80 -76.21 -16.05
C ASN A 246 8.29 -75.87 -15.94
N THR A 247 8.73 -75.56 -14.71
CA THR A 247 10.10 -75.13 -14.46
C THR A 247 11.15 -76.26 -14.57
N ASP A 248 10.68 -77.50 -14.48
CA ASP A 248 11.58 -78.65 -14.62
C ASP A 248 11.98 -78.94 -16.06
N SER A 249 11.15 -78.50 -17.01
CA SER A 249 11.41 -78.72 -18.43
C SER A 249 11.74 -77.42 -19.18
N LEU A 250 12.35 -76.47 -18.48
CA LEU A 250 12.74 -75.20 -19.08
C LEU A 250 13.98 -75.34 -19.97
N SER A 251 13.97 -74.62 -21.08
CA SER A 251 15.09 -74.60 -22.02
C SER A 251 15.78 -73.25 -22.03
N SER A 252 17.07 -73.26 -22.37
CA SER A 252 17.85 -72.03 -22.51
C SER A 252 18.05 -71.71 -23.99
N VAL A 253 17.34 -72.45 -24.85
CA VAL A 253 17.41 -72.28 -26.30
C VAL A 253 16.10 -71.69 -26.84
N THR A 254 14.97 -72.31 -26.46
CA THR A 254 13.65 -71.87 -26.90
C THR A 254 12.88 -71.21 -25.75
N ASN A 255 11.89 -70.39 -26.11
CA ASN A 255 11.07 -69.68 -25.13
C ASN A 255 10.16 -70.58 -24.29
N ALA A 256 10.10 -70.28 -23.00
CA ALA A 256 9.28 -71.01 -22.04
C ALA A 256 7.84 -71.12 -22.49
N THR A 257 7.28 -72.33 -22.39
CA THR A 257 5.88 -72.56 -22.75
C THR A 257 4.98 -72.44 -21.52
N SER A 258 4.04 -71.50 -21.57
CA SER A 258 3.14 -71.24 -20.44
C SER A 258 1.70 -71.62 -20.75
N ILE A 259 1.22 -72.66 -20.07
CA ILE A 259 -0.13 -73.19 -20.27
C ILE A 259 -1.16 -72.29 -19.58
N GLN A 260 -2.13 -71.82 -20.35
CA GLN A 260 -3.18 -70.96 -19.81
C GLN A 260 -4.33 -71.79 -19.24
N ILE A 261 -4.84 -71.34 -18.10
CA ILE A 261 -6.07 -71.89 -17.53
C ILE A 261 -7.11 -70.78 -17.57
N THR A 262 -7.96 -70.81 -18.60
CA THR A 262 -9.01 -69.81 -18.77
C THR A 262 -10.09 -69.96 -17.72
N ALA A 263 -10.59 -68.84 -17.22
CA ALA A 263 -11.67 -68.81 -16.25
C ALA A 263 -12.88 -69.56 -16.79
N PRO A 264 -13.70 -70.16 -15.89
CA PRO A 264 -14.93 -70.87 -16.26
C PRO A 264 -15.89 -70.03 -17.09
N ALA A 265 -16.74 -70.71 -17.87
CA ALA A 265 -17.73 -70.05 -18.71
C ALA A 265 -18.64 -69.08 -17.95
N SER A 266 -18.96 -69.43 -16.70
CA SER A 266 -19.84 -68.63 -15.85
C SER A 266 -19.21 -67.31 -15.38
N MET A 267 -17.93 -67.14 -15.68
CA MET A 267 -17.18 -65.95 -15.29
C MET A 267 -16.81 -65.09 -16.50
N LEU A 268 -16.59 -65.75 -17.64
CA LEU A 268 -16.21 -65.07 -18.88
C LEU A 268 -17.39 -64.34 -19.52
N ILE A 269 -18.60 -64.58 -18.98
CA ILE A 269 -19.83 -63.93 -19.45
C ILE A 269 -19.76 -62.41 -19.22
N GLY A 270 -18.88 -61.98 -18.30
CA GLY A 270 -18.68 -60.57 -17.99
C GLY A 270 -17.40 -60.30 -17.19
N ASP A 271 -17.34 -59.13 -16.56
CA ASP A 271 -16.22 -58.77 -15.70
C ASP A 271 -16.07 -59.74 -14.55
N HIS A 272 -14.83 -60.06 -14.19
CA HIS A 272 -14.56 -61.00 -13.11
C HIS A 272 -13.23 -60.74 -12.44
N TYR A 273 -12.98 -61.50 -11.37
CA TYR A 273 -11.74 -61.41 -10.62
C TYR A 273 -11.18 -62.81 -10.40
N LEU A 274 -9.86 -62.90 -10.28
CA LEU A 274 -9.21 -64.10 -9.75
C LEU A 274 -9.05 -63.82 -8.27
N CYS A 275 -9.72 -64.59 -7.41
CA CYS A 275 -9.68 -64.28 -5.98
C CYS A 275 -8.95 -65.27 -5.08
N ASP A 276 -8.63 -66.47 -5.57
CA ASP A 276 -7.89 -67.44 -4.76
C ASP A 276 -7.09 -68.41 -5.61
N VAL A 277 -5.85 -68.66 -5.21
CA VAL A 277 -5.00 -69.66 -5.86
C VAL A 277 -4.38 -70.57 -4.80
N THR A 278 -4.81 -71.83 -4.81
CA THR A 278 -4.37 -72.81 -3.82
C THR A 278 -4.04 -74.13 -4.53
N TRP A 279 -2.83 -74.63 -4.28
CA TRP A 279 -2.42 -75.92 -4.84
C TRP A 279 -2.97 -77.07 -4.03
N ALA A 280 -3.59 -78.02 -4.71
CA ALA A 280 -4.18 -79.19 -4.06
C ALA A 280 -3.10 -80.24 -3.81
N THR A 281 -2.51 -80.74 -4.89
CA THR A 281 -1.40 -81.68 -4.83
C THR A 281 -0.32 -81.21 -5.80
N GLN A 282 0.54 -82.14 -6.23
CA GLN A 282 1.65 -81.83 -7.13
C GLN A 282 1.18 -81.50 -8.54
N GLU A 283 0.11 -82.17 -8.97
CA GLU A 283 -0.41 -82.02 -10.33
C GLU A 283 -1.85 -81.50 -10.34
N ARG A 284 -2.28 -80.93 -9.21
CA ARG A 284 -3.64 -80.40 -9.09
C ARG A 284 -3.66 -79.02 -8.44
N ILE A 285 -4.34 -78.09 -9.10
CA ILE A 285 -4.48 -76.71 -8.61
C ILE A 285 -5.94 -76.29 -8.51
N SER A 286 -6.28 -75.51 -7.49
CA SER A 286 -7.62 -74.96 -7.36
C SER A 286 -7.59 -73.44 -7.56
N LEU A 287 -8.50 -72.96 -8.40
CA LEU A 287 -8.62 -71.53 -8.66
C LEU A 287 -10.02 -71.06 -8.33
N GLN A 288 -10.12 -69.94 -7.62
CA GLN A 288 -11.42 -69.35 -7.33
C GLN A 288 -11.61 -68.05 -8.09
N TRP A 289 -12.72 -67.98 -8.81
CA TRP A 289 -13.05 -66.78 -9.57
C TRP A 289 -14.28 -66.13 -9.00
N LEU A 290 -14.40 -64.82 -9.23
CA LEU A 290 -15.47 -64.03 -8.64
C LEU A 290 -16.00 -63.05 -9.69
N ARG A 291 -17.31 -63.03 -9.89
CA ARG A 291 -17.94 -62.07 -10.79
C ARG A 291 -17.80 -60.66 -10.24
N ARG A 292 -17.81 -59.66 -11.12
CA ARG A 292 -17.72 -58.26 -10.67
C ARG A 292 -18.82 -57.94 -9.65
N ILE A 293 -20.02 -58.45 -9.88
CA ILE A 293 -21.05 -58.47 -8.86
C ILE A 293 -20.64 -59.65 -7.97
N GLN A 294 -20.10 -59.33 -6.81
CA GLN A 294 -19.40 -60.31 -5.98
C GLN A 294 -20.27 -61.18 -5.08
N ASN A 295 -21.41 -61.63 -5.60
CA ASN A 295 -22.27 -62.56 -4.88
C ASN A 295 -22.33 -63.95 -5.51
N TYR A 296 -21.38 -64.20 -6.41
CA TYR A 296 -21.28 -65.48 -7.09
C TYR A 296 -19.80 -65.78 -7.40
N SER A 297 -19.31 -66.89 -6.87
CA SER A 297 -17.93 -67.30 -7.09
C SER A 297 -17.88 -68.78 -7.41
N VAL A 298 -16.89 -69.18 -8.21
CA VAL A 298 -16.75 -70.57 -8.59
C VAL A 298 -15.29 -71.04 -8.44
N MET A 299 -15.13 -72.26 -7.92
CA MET A 299 -13.81 -72.87 -7.79
C MET A 299 -13.58 -73.94 -8.86
N ASP A 300 -12.55 -73.74 -9.67
CA ASP A 300 -12.11 -74.73 -10.65
C ASP A 300 -11.01 -75.60 -10.08
N ILE A 301 -11.22 -76.91 -10.10
CA ILE A 301 -10.16 -77.85 -9.77
C ILE A 301 -9.56 -78.31 -11.09
N CYS A 302 -8.30 -78.00 -11.29
CA CYS A 302 -7.61 -78.29 -12.55
C CYS A 302 -6.42 -79.22 -12.36
N ASP A 303 -6.47 -80.35 -13.05
CA ASP A 303 -5.39 -81.34 -13.00
C ASP A 303 -4.50 -81.25 -14.23
N TYR A 304 -3.23 -81.61 -14.06
CA TYR A 304 -2.26 -81.61 -15.15
C TYR A 304 -2.40 -82.87 -16.01
N ASP A 305 -2.30 -82.71 -17.32
CA ASP A 305 -2.43 -83.82 -18.28
C ASP A 305 -1.05 -84.27 -18.76
N GLU A 306 -0.93 -85.57 -19.07
CA GLU A 306 0.37 -86.16 -19.42
C GLU A 306 0.85 -85.90 -20.86
N SER A 307 0.24 -86.57 -21.82
CA SER A 307 0.67 -86.51 -23.22
C SER A 307 0.34 -85.19 -23.92
N SER A 308 -0.75 -84.54 -23.50
CA SER A 308 -1.13 -83.24 -24.06
C SER A 308 -0.32 -82.13 -23.39
N GLY A 309 0.04 -82.33 -22.12
CA GLY A 309 0.84 -81.37 -21.38
C GLY A 309 0.11 -80.09 -21.04
N ARG A 310 -1.22 -80.19 -20.93
CA ARG A 310 -2.05 -79.04 -20.60
C ARG A 310 -2.78 -79.22 -19.27
N TRP A 311 -3.58 -78.22 -18.90
CA TRP A 311 -4.34 -78.24 -17.65
C TRP A 311 -5.82 -78.24 -17.93
N ASN A 312 -6.51 -79.23 -17.37
CA ASN A 312 -7.95 -79.36 -17.58
C ASN A 312 -8.73 -79.18 -16.28
N CYS A 313 -9.82 -78.43 -16.39
CA CYS A 313 -10.70 -78.17 -15.26
C CYS A 313 -12.08 -78.73 -15.59
N LEU A 314 -12.30 -80.00 -15.23
CA LEU A 314 -13.57 -80.67 -15.49
C LEU A 314 -14.73 -79.87 -14.91
N VAL A 315 -15.73 -79.59 -15.74
CA VAL A 315 -16.88 -78.78 -15.36
C VAL A 315 -17.65 -79.39 -14.16
N ALA A 316 -17.56 -80.72 -14.04
CA ALA A 316 -18.16 -81.44 -12.93
C ALA A 316 -17.39 -81.25 -11.61
N ARG A 317 -16.18 -80.71 -11.73
CA ARG A 317 -15.33 -80.41 -10.57
C ARG A 317 -15.57 -79.00 -10.03
N GLN A 318 -16.47 -78.26 -10.67
CA GLN A 318 -16.76 -76.87 -10.27
C GLN A 318 -17.64 -76.79 -9.04
N HIS A 319 -17.16 -76.04 -8.05
CA HIS A 319 -17.89 -75.83 -6.80
C HIS A 319 -18.24 -74.38 -6.69
N ILE A 320 -19.53 -74.11 -6.55
CA ILE A 320 -20.03 -72.74 -6.51
C ILE A 320 -20.28 -72.25 -5.09
N GLU A 321 -19.86 -71.02 -4.82
CA GLU A 321 -20.12 -70.36 -3.56
C GLU A 321 -20.80 -69.02 -3.84
N MET A 322 -22.02 -68.88 -3.33
CA MET A 322 -22.83 -67.69 -3.61
C MET A 322 -23.60 -67.20 -2.39
N SER A 323 -24.13 -65.99 -2.49
CA SER A 323 -24.94 -65.40 -1.43
C SER A 323 -26.12 -64.64 -2.02
N THR A 324 -27.31 -64.89 -1.48
CA THR A 324 -28.53 -64.22 -1.94
C THR A 324 -28.74 -62.94 -1.14
N THR A 325 -28.14 -62.89 0.05
CA THR A 325 -28.34 -61.77 0.98
C THR A 325 -27.17 -60.80 1.05
N GLY A 326 -26.08 -61.11 0.36
CA GLY A 326 -24.92 -60.23 0.36
C GLY A 326 -23.83 -60.66 -0.60
N TRP A 327 -22.58 -60.48 -0.16
CA TRP A 327 -21.41 -60.82 -0.96
C TRP A 327 -20.83 -62.14 -0.53
N VAL A 328 -20.10 -62.78 -1.43
CA VAL A 328 -19.47 -64.07 -1.12
C VAL A 328 -18.17 -63.86 -0.32
N GLY A 329 -18.01 -64.66 0.74
CA GLY A 329 -16.85 -64.58 1.64
C GLY A 329 -16.95 -63.38 2.58
N ARG A 330 -15.96 -63.24 3.46
CA ARG A 330 -15.89 -62.08 4.35
C ARG A 330 -15.44 -60.85 3.59
N PHE A 331 -14.25 -60.94 2.99
CA PHE A 331 -13.75 -59.93 2.05
C PHE A 331 -13.52 -60.60 0.70
N ARG A 332 -13.28 -61.91 0.74
CA ARG A 332 -13.18 -62.74 -0.45
C ARG A 332 -13.59 -64.16 -0.05
N PRO A 333 -13.89 -65.02 -1.03
CA PRO A 333 -14.17 -66.42 -0.68
C PRO A 333 -12.98 -67.03 0.06
N SER A 334 -13.26 -67.79 1.12
CA SER A 334 -12.22 -68.41 1.93
C SER A 334 -11.41 -69.40 1.11
N GLU A 335 -10.17 -69.64 1.52
CA GLU A 335 -9.30 -70.60 0.84
C GLU A 335 -9.63 -72.05 1.22
N PRO A 336 -9.42 -72.99 0.28
CA PRO A 336 -9.59 -74.41 0.59
C PRO A 336 -8.34 -75.02 1.19
N HIS A 337 -8.53 -75.99 2.07
CA HIS A 337 -7.44 -76.74 2.67
C HIS A 337 -7.58 -78.19 2.33
N PHE A 338 -6.75 -78.64 1.39
CA PHE A 338 -6.87 -79.97 0.80
C PHE A 338 -6.26 -81.07 1.64
N THR A 339 -6.90 -82.24 1.65
CA THR A 339 -6.35 -83.44 2.27
C THR A 339 -5.13 -83.87 1.46
N LEU A 340 -4.25 -84.65 2.07
CA LEU A 340 -2.99 -85.07 1.44
C LEU A 340 -3.14 -85.55 -0.01
N ASP A 341 -4.10 -86.45 -0.25
CA ASP A 341 -4.35 -87.00 -1.59
C ASP A 341 -5.05 -86.02 -2.54
N GLY A 342 -5.61 -84.94 -1.97
CA GLY A 342 -6.24 -83.88 -2.76
C GLY A 342 -7.63 -84.17 -3.31
N ASN A 343 -8.23 -85.26 -2.87
CA ASN A 343 -9.58 -85.64 -3.32
C ASN A 343 -10.68 -85.04 -2.47
N SER A 344 -10.28 -84.37 -1.40
CA SER A 344 -11.20 -83.69 -0.49
C SER A 344 -10.54 -82.45 0.06
N PHE A 345 -11.35 -81.46 0.42
CA PHE A 345 -10.85 -80.23 1.01
C PHE A 345 -11.84 -79.64 2.01
N TYR A 346 -11.32 -78.81 2.91
CA TYR A 346 -12.14 -78.11 3.88
C TYR A 346 -12.02 -76.62 3.62
N LYS A 347 -13.15 -75.91 3.66
CA LYS A 347 -13.13 -74.46 3.59
C LYS A 347 -14.28 -73.86 4.39
N ILE A 348 -14.14 -72.58 4.74
CA ILE A 348 -15.15 -71.88 5.54
C ILE A 348 -16.19 -71.23 4.63
N ILE A 349 -17.42 -71.66 4.78
CA ILE A 349 -18.55 -71.06 4.08
C ILE A 349 -19.66 -70.75 5.10
N SER A 350 -20.51 -69.78 4.79
CA SER A 350 -21.62 -69.48 5.69
C SER A 350 -22.71 -70.54 5.53
N ASN A 351 -23.18 -71.07 6.65
CA ASN A 351 -24.20 -72.11 6.64
C ASN A 351 -25.61 -71.58 6.36
N GLU A 352 -26.60 -72.44 6.51
CA GLU A 352 -27.99 -72.10 6.21
C GLU A 352 -28.57 -71.03 7.14
N GLU A 353 -28.06 -70.97 8.38
CA GLU A 353 -28.54 -69.99 9.36
C GLU A 353 -27.68 -68.72 9.38
N GLY A 354 -26.78 -68.60 8.41
CA GLY A 354 -25.99 -67.38 8.21
C GLY A 354 -24.62 -67.33 8.85
N TYR A 355 -24.30 -68.33 9.69
CA TYR A 355 -23.03 -68.39 10.40
C TYR A 355 -21.95 -69.13 9.62
N ARG A 356 -20.73 -68.61 9.67
CA ARG A 356 -19.61 -69.17 8.90
C ARG A 356 -18.94 -70.34 9.60
N HIS A 357 -18.94 -71.50 8.94
CA HIS A 357 -18.39 -72.71 9.51
C HIS A 357 -17.64 -73.52 8.49
N ILE A 358 -16.88 -74.49 8.98
CA ILE A 358 -16.05 -75.33 8.12
C ILE A 358 -16.90 -76.39 7.43
N CYS A 359 -16.84 -76.41 6.10
CA CYS A 359 -17.54 -77.42 5.32
C CYS A 359 -16.54 -78.37 4.69
N TYR A 360 -16.84 -79.66 4.77
CA TYR A 360 -16.00 -80.71 4.18
C TYR A 360 -16.54 -81.06 2.80
N PHE A 361 -15.77 -80.69 1.77
CA PHE A 361 -16.16 -80.94 0.38
C PHE A 361 -15.48 -82.18 -0.18
N GLN A 362 -16.18 -82.83 -1.11
CA GLN A 362 -15.60 -83.91 -1.90
C GLN A 362 -15.39 -83.36 -3.32
N ILE A 363 -14.20 -83.55 -3.85
CA ILE A 363 -13.80 -83.04 -5.18
C ILE A 363 -14.84 -83.32 -6.28
N ASP A 364 -15.44 -84.49 -6.25
CA ASP A 364 -16.41 -84.91 -7.27
C ASP A 364 -17.87 -84.62 -6.91
N LYS A 365 -18.17 -84.55 -5.62
CA LYS A 365 -19.53 -84.27 -5.13
C LYS A 365 -19.85 -82.78 -5.05
N LYS A 366 -21.13 -82.45 -5.24
CA LYS A 366 -21.60 -81.06 -5.25
C LYS A 366 -21.90 -80.55 -3.84
N ASP A 367 -22.46 -81.41 -2.99
CA ASP A 367 -22.80 -81.06 -1.62
C ASP A 367 -21.61 -81.19 -0.68
N CYS A 368 -21.62 -80.41 0.40
CA CYS A 368 -20.63 -80.54 1.46
C CYS A 368 -21.32 -80.72 2.80
N THR A 369 -20.62 -81.37 3.74
CA THR A 369 -21.14 -81.56 5.08
C THR A 369 -20.40 -80.65 6.05
N PHE A 370 -21.17 -79.86 6.80
CA PHE A 370 -20.61 -78.97 7.80
C PHE A 370 -20.10 -79.77 8.99
N ILE A 371 -18.85 -79.54 9.35
CA ILE A 371 -18.21 -80.26 10.45
C ILE A 371 -18.28 -79.46 11.77
N THR A 372 -18.67 -78.19 11.66
CA THR A 372 -18.88 -77.32 12.81
C THR A 372 -20.25 -76.64 12.73
N LYS A 373 -20.85 -76.41 13.90
CA LYS A 373 -22.17 -75.78 13.98
C LYS A 373 -22.29 -74.88 15.21
N GLY A 374 -23.12 -73.85 15.10
CA GLY A 374 -23.43 -72.99 16.23
C GLY A 374 -23.61 -71.52 15.89
N THR A 375 -24.02 -70.74 16.87
CA THR A 375 -24.18 -69.30 16.73
C THR A 375 -22.87 -68.63 17.14
N TRP A 376 -21.89 -68.78 16.26
CA TRP A 376 -20.55 -68.23 16.37
C TRP A 376 -19.88 -68.59 15.08
N GLU A 377 -18.73 -68.01 14.80
CA GLU A 377 -18.07 -68.26 13.51
C GLU A 377 -16.67 -68.83 13.64
N VAL A 378 -16.24 -69.53 12.60
CA VAL A 378 -14.86 -69.96 12.47
C VAL A 378 -14.10 -68.83 11.76
N ILE A 379 -12.94 -68.48 12.29
CA ILE A 379 -12.15 -67.40 11.70
C ILE A 379 -11.27 -67.94 10.57
N GLY A 380 -10.67 -69.11 10.80
CA GLY A 380 -9.79 -69.71 9.81
C GLY A 380 -9.38 -71.12 10.14
N ILE A 381 -9.05 -71.88 9.10
CA ILE A 381 -8.48 -73.21 9.24
C ILE A 381 -6.97 -73.02 9.34
N GLU A 382 -6.40 -73.51 10.44
CA GLU A 382 -4.99 -73.28 10.74
C GLU A 382 -4.05 -74.36 10.23
N ALA A 383 -4.40 -75.61 10.51
CA ALA A 383 -3.63 -76.76 10.05
C ALA A 383 -4.53 -77.94 9.79
N LEU A 384 -4.18 -78.73 8.78
CA LEU A 384 -4.89 -79.98 8.49
C LEU A 384 -3.88 -81.12 8.52
N THR A 385 -4.20 -82.16 9.29
CA THR A 385 -3.34 -83.33 9.40
C THR A 385 -4.07 -84.59 8.95
N SER A 386 -3.42 -85.73 9.16
CA SER A 386 -3.99 -87.04 8.88
C SER A 386 -5.12 -87.37 9.85
N ASP A 387 -5.01 -86.87 11.08
CA ASP A 387 -5.98 -87.16 12.14
C ASP A 387 -6.88 -85.98 12.51
N TYR A 388 -6.28 -84.78 12.63
CA TYR A 388 -7.00 -83.62 13.14
C TYR A 388 -7.00 -82.38 12.25
N LEU A 389 -8.07 -81.59 12.39
CA LEU A 389 -8.19 -80.29 11.74
C LEU A 389 -8.11 -79.23 12.82
N TYR A 390 -7.21 -78.27 12.64
CA TYR A 390 -7.03 -77.20 13.60
C TYR A 390 -7.61 -75.88 13.09
N TYR A 391 -8.39 -75.21 13.92
CA TYR A 391 -9.02 -73.96 13.53
C TYR A 391 -9.09 -72.94 14.66
N ILE A 392 -9.37 -71.70 14.31
CA ILE A 392 -9.57 -70.62 15.28
C ILE A 392 -11.00 -70.12 15.16
N SER A 393 -11.68 -69.98 16.30
CA SER A 393 -13.06 -69.50 16.33
C SER A 393 -13.28 -68.60 17.54
N ASN A 394 -14.43 -67.93 17.56
CA ASN A 394 -14.80 -67.09 18.70
C ASN A 394 -15.88 -67.74 19.55
N GLU A 395 -15.87 -69.07 19.61
CA GLU A 395 -16.93 -69.82 20.30
C GLU A 395 -16.91 -69.68 21.81
N TYR A 396 -15.72 -69.59 22.39
CA TYR A 396 -15.56 -69.61 23.84
C TYR A 396 -16.41 -68.55 24.53
N LYS A 397 -17.37 -69.02 25.33
CA LYS A 397 -18.29 -68.19 26.10
C LYS A 397 -19.15 -67.23 25.26
N GLY A 398 -19.27 -67.52 23.97
CA GLY A 398 -20.09 -66.72 23.05
C GLY A 398 -19.61 -65.30 22.87
N MET A 399 -18.29 -65.11 22.90
CA MET A 399 -17.67 -63.80 22.72
C MET A 399 -17.08 -63.66 21.32
N PRO A 400 -17.77 -62.91 20.44
CA PRO A 400 -17.32 -62.72 19.05
C PRO A 400 -15.91 -62.15 18.94
N GLY A 401 -15.48 -61.42 19.97
CA GLY A 401 -14.17 -60.77 20.00
C GLY A 401 -13.07 -61.58 20.64
N GLY A 402 -13.36 -62.85 20.94
CA GLY A 402 -12.36 -63.77 21.46
C GLY A 402 -11.81 -64.61 20.32
N ARG A 403 -10.66 -65.23 20.54
CA ARG A 403 -10.05 -66.12 19.56
C ARG A 403 -9.39 -67.29 20.28
N ASN A 404 -9.79 -68.51 19.92
CA ASN A 404 -9.24 -69.70 20.52
C ASN A 404 -8.93 -70.77 19.49
N LEU A 405 -7.84 -71.48 19.73
CA LEU A 405 -7.44 -72.59 18.88
C LEU A 405 -8.21 -73.83 19.27
N TYR A 406 -8.78 -74.49 18.27
CA TYR A 406 -9.55 -75.70 18.49
C TYR A 406 -9.04 -76.86 17.65
N LYS A 407 -9.11 -78.05 18.23
CA LYS A 407 -8.77 -79.29 17.55
C LYS A 407 -10.09 -80.02 17.29
N ILE A 408 -10.28 -80.51 16.07
CA ILE A 408 -11.46 -81.34 15.76
C ILE A 408 -11.03 -82.67 15.16
N GLN A 409 -11.61 -83.75 15.70
CA GLN A 409 -11.30 -85.11 15.24
C GLN A 409 -12.04 -85.43 13.95
N LEU A 410 -11.30 -85.94 12.96
CA LEU A 410 -11.86 -86.22 11.64
C LEU A 410 -12.79 -87.43 11.58
N SER A 411 -12.49 -88.45 12.39
CA SER A 411 -13.33 -89.65 12.44
C SER A 411 -14.65 -89.41 13.19
N ASP A 412 -14.67 -88.37 14.03
CA ASP A 412 -15.86 -87.99 14.79
C ASP A 412 -15.84 -86.48 15.06
N TYR A 413 -16.79 -85.77 14.44
CA TYR A 413 -16.84 -84.31 14.49
C TYR A 413 -17.32 -83.75 15.83
N THR A 414 -17.96 -84.58 16.64
CA THR A 414 -18.42 -84.19 17.98
C THR A 414 -17.23 -84.11 18.94
N LYS A 415 -16.11 -84.72 18.57
CA LYS A 415 -14.90 -84.73 19.37
C LYS A 415 -14.09 -83.46 19.09
N VAL A 416 -14.44 -82.38 19.77
CA VAL A 416 -13.77 -81.08 19.61
C VAL A 416 -13.12 -80.66 20.94
N THR A 417 -11.82 -80.41 20.88
CA THR A 417 -11.05 -79.96 22.04
C THR A 417 -10.62 -78.51 21.85
N CYS A 418 -10.60 -77.76 22.94
CA CYS A 418 -10.03 -76.41 22.89
C CYS A 418 -8.62 -76.46 23.45
N LEU A 419 -7.66 -76.05 22.62
CA LEU A 419 -6.25 -76.14 22.95
C LEU A 419 -5.71 -74.89 23.63
N SER A 420 -6.53 -73.85 23.74
CA SER A 420 -6.06 -72.58 24.29
C SER A 420 -7.03 -71.94 25.29
N CYS A 421 -8.27 -72.43 25.32
CA CYS A 421 -9.32 -71.89 26.19
C CYS A 421 -8.91 -71.76 27.64
N GLU A 422 -8.50 -72.88 28.24
CA GLU A 422 -8.26 -72.94 29.68
C GLU A 422 -6.78 -72.82 30.07
N LEU A 423 -5.95 -72.32 29.15
CA LEU A 423 -4.53 -72.10 29.42
C LEU A 423 -4.35 -70.97 30.43
N ASN A 424 -4.97 -69.83 30.14
CA ASN A 424 -4.97 -68.69 31.03
C ASN A 424 -6.19 -67.81 30.73
N PRO A 425 -7.37 -68.22 31.23
CA PRO A 425 -8.64 -67.54 30.96
C PRO A 425 -8.64 -66.07 31.35
N GLU A 426 -7.79 -65.71 32.30
CA GLU A 426 -7.71 -64.34 32.82
C GLU A 426 -7.01 -63.41 31.84
N ARG A 427 -5.76 -63.74 31.50
CA ARG A 427 -4.94 -62.85 30.65
C ARG A 427 -4.99 -63.20 29.15
N CYS A 428 -5.50 -64.37 28.82
CA CYS A 428 -5.54 -64.83 27.43
C CYS A 428 -6.92 -65.21 26.91
N GLN A 429 -7.37 -64.47 25.90
CA GLN A 429 -8.66 -64.69 25.26
C GLN A 429 -8.60 -64.45 23.76
N TYR A 430 -7.44 -64.04 23.27
CA TYR A 430 -7.26 -63.74 21.84
C TYR A 430 -6.01 -64.43 21.30
N TYR A 431 -6.20 -65.61 20.70
CA TYR A 431 -5.10 -66.42 20.22
C TYR A 431 -4.94 -66.46 18.72
N SER A 432 -3.68 -66.46 18.27
CA SER A 432 -3.34 -66.84 16.90
C SER A 432 -2.26 -67.92 17.00
N VAL A 433 -2.03 -68.66 15.93
CA VAL A 433 -1.16 -69.83 16.00
C VAL A 433 -0.26 -70.01 14.77
N SER A 434 0.91 -70.60 15.00
CA SER A 434 1.88 -70.88 13.93
C SER A 434 2.37 -72.33 14.02
N PHE A 435 1.82 -73.19 13.16
CA PHE A 435 2.19 -74.60 13.14
C PHE A 435 3.48 -74.85 12.36
N SER A 436 4.21 -75.89 12.78
CA SER A 436 5.41 -76.33 12.08
C SER A 436 5.06 -76.98 10.74
N LYS A 437 6.07 -77.22 9.90
CA LYS A 437 5.89 -77.74 8.54
C LYS A 437 4.78 -78.80 8.42
N GLU A 438 4.86 -79.87 9.23
CA GLU A 438 3.84 -80.91 9.25
C GLU A 438 2.92 -80.85 10.47
N ALA A 439 2.84 -79.65 11.07
CA ALA A 439 1.98 -79.37 12.23
C ALA A 439 2.27 -80.23 13.48
N LYS A 440 3.53 -80.59 13.66
CA LYS A 440 3.93 -81.42 14.79
C LYS A 440 4.05 -80.59 16.08
N TYR A 441 4.35 -79.31 15.91
CA TYR A 441 4.42 -78.35 17.02
C TYR A 441 3.77 -77.05 16.59
N TYR A 442 3.29 -76.29 17.56
CA TYR A 442 2.67 -74.99 17.25
C TYR A 442 3.00 -73.91 18.28
N GLN A 443 3.17 -72.68 17.80
CA GLN A 443 3.41 -71.54 18.66
C GLN A 443 2.12 -70.75 18.88
N LEU A 444 1.62 -70.77 20.11
CA LEU A 444 0.43 -69.98 20.44
C LEU A 444 0.78 -68.53 20.69
N ARG A 445 -0.05 -67.64 20.15
CA ARG A 445 0.17 -66.20 20.26
C ARG A 445 -1.02 -65.52 20.91
N CYS A 446 -0.86 -65.18 22.18
CA CYS A 446 -1.89 -64.54 22.97
C CYS A 446 -1.74 -63.03 22.80
N SER A 447 -2.83 -62.33 22.52
CA SER A 447 -2.78 -60.89 22.24
C SER A 447 -3.54 -60.02 23.24
N GLY A 448 -4.30 -60.65 24.12
CA GLY A 448 -5.07 -59.95 25.16
C GLY A 448 -5.98 -60.90 25.91
N PRO A 449 -6.71 -60.39 26.93
CA PRO A 449 -6.74 -58.99 27.39
C PRO A 449 -5.53 -58.59 28.22
N GLY A 450 -4.84 -59.57 28.78
CA GLY A 450 -3.60 -59.33 29.52
C GLY A 450 -2.46 -59.10 28.55
N LEU A 451 -1.26 -58.89 29.08
CA LEU A 451 -0.07 -58.68 28.26
C LEU A 451 0.20 -59.88 27.35
N PRO A 452 0.63 -59.64 26.10
CA PRO A 452 0.88 -60.70 25.12
C PRO A 452 1.79 -61.83 25.63
N LEU A 453 1.34 -63.06 25.42
CA LEU A 453 2.02 -64.26 25.92
C LEU A 453 2.29 -65.26 24.80
N TYR A 454 3.57 -65.36 24.43
CA TYR A 454 4.00 -66.27 23.38
C TYR A 454 4.47 -67.59 23.97
N THR A 455 3.80 -68.68 23.61
CA THR A 455 4.11 -70.02 24.13
C THR A 455 4.31 -71.02 23.00
N LEU A 456 5.05 -72.09 23.27
CA LEU A 456 5.34 -73.12 22.28
C LEU A 456 4.80 -74.47 22.76
N HIS A 457 4.01 -75.13 21.91
CA HIS A 457 3.34 -76.38 22.28
C HIS A 457 3.65 -77.53 21.37
N SER A 458 3.58 -78.73 21.93
CA SER A 458 3.72 -79.97 21.16
C SER A 458 2.33 -80.48 20.82
N SER A 459 2.06 -80.65 19.53
CA SER A 459 0.71 -81.00 19.07
C SER A 459 0.32 -82.46 19.29
N VAL A 460 1.29 -83.31 19.59
CA VAL A 460 1.03 -84.74 19.81
C VAL A 460 0.26 -85.01 21.11
N ASN A 461 0.78 -84.51 22.22
CA ASN A 461 0.14 -84.68 23.53
C ASN A 461 -0.47 -83.39 24.09
N ASP A 462 -0.36 -82.30 23.30
CA ASP A 462 -0.90 -80.98 23.64
C ASP A 462 -0.30 -80.31 24.89
N LYS A 463 0.79 -80.87 25.41
CA LYS A 463 1.48 -80.28 26.56
C LYS A 463 2.16 -78.95 26.19
N GLY A 464 2.35 -78.10 27.20
CA GLY A 464 3.06 -76.83 27.00
C GLY A 464 4.54 -77.06 27.18
N LEU A 465 5.31 -76.85 26.12
CA LEU A 465 6.75 -77.05 26.16
C LEU A 465 7.48 -75.95 26.94
N ARG A 466 7.29 -74.70 26.54
CA ARG A 466 7.92 -73.58 27.23
C ARG A 466 7.28 -72.23 26.89
N VAL A 467 7.45 -71.28 27.80
CA VAL A 467 7.05 -69.89 27.58
C VAL A 467 8.18 -69.22 26.80
N LEU A 468 7.85 -68.72 25.60
CA LEU A 468 8.83 -68.08 24.73
C LEU A 468 9.04 -66.61 25.05
N GLU A 469 7.94 -65.93 25.41
CA GLU A 469 7.96 -64.51 25.77
C GLU A 469 6.71 -64.17 26.58
N ASP A 470 6.89 -63.71 27.81
CA ASP A 470 5.76 -63.37 28.68
C ASP A 470 5.54 -61.88 28.90
N ASN A 471 6.46 -61.06 28.35
CA ASN A 471 6.41 -59.60 28.50
C ASN A 471 6.47 -59.12 29.95
N SER A 472 7.27 -59.80 30.76
CA SER A 472 7.46 -59.42 32.16
C SER A 472 8.21 -58.10 32.28
N ALA A 473 9.09 -57.82 31.32
CA ALA A 473 9.86 -56.58 31.25
C ALA A 473 8.91 -55.39 31.13
N LEU A 474 7.89 -55.54 30.30
CA LEU A 474 6.85 -54.54 30.16
C LEU A 474 5.96 -54.51 31.40
N ASP A 475 5.64 -55.70 31.91
CA ASP A 475 4.74 -55.86 33.06
C ASP A 475 5.20 -55.07 34.29
N LYS A 476 6.51 -55.11 34.55
CA LYS A 476 7.06 -54.41 35.71
C LYS A 476 7.09 -52.89 35.51
N MET A 477 7.34 -52.46 34.27
CA MET A 477 7.31 -51.04 33.92
C MET A 477 5.91 -50.46 34.11
N LEU A 478 4.90 -51.21 33.66
CA LEU A 478 3.51 -50.77 33.71
C LEU A 478 2.89 -50.82 35.10
N GLN A 479 3.53 -51.55 36.01
CA GLN A 479 3.06 -51.65 37.39
C GLN A 479 3.19 -50.28 38.07
N ASN A 480 4.14 -49.48 37.59
CA ASN A 480 4.42 -48.16 38.14
C ASN A 480 3.54 -47.06 37.55
N VAL A 481 3.07 -47.26 36.32
CA VAL A 481 2.23 -46.26 35.63
C VAL A 481 0.74 -46.56 35.74
N GLN A 482 -0.05 -45.51 36.02
CA GLN A 482 -1.51 -45.59 36.10
C GLN A 482 -2.10 -45.98 34.73
N MET A 483 -2.48 -47.23 34.61
CA MET A 483 -2.96 -47.77 33.34
C MET A 483 -4.48 -47.84 33.25
N PRO A 484 -5.03 -47.60 32.04
CA PRO A 484 -6.45 -47.77 31.82
C PRO A 484 -6.83 -49.26 31.70
N SER A 485 -8.08 -49.57 32.00
CA SER A 485 -8.60 -50.92 31.83
C SER A 485 -9.56 -50.96 30.62
N LYS A 486 -9.93 -52.18 30.20
CA LYS A 486 -10.89 -52.35 29.12
C LYS A 486 -12.12 -53.10 29.59
N LYS A 487 -13.29 -52.55 29.29
CA LYS A 487 -14.55 -53.25 29.52
C LYS A 487 -15.04 -53.75 28.16
N LEU A 488 -15.28 -55.06 28.06
CA LEU A 488 -15.78 -55.66 26.84
C LEU A 488 -17.14 -56.28 27.11
N ASP A 489 -18.19 -55.55 26.79
CA ASP A 489 -19.55 -56.02 27.03
C ASP A 489 -20.44 -55.82 25.80
N PHE A 490 -21.72 -56.14 25.93
CA PHE A 490 -22.66 -56.05 24.83
C PHE A 490 -23.93 -55.33 25.27
N ILE A 491 -24.57 -54.65 24.31
CA ILE A 491 -25.88 -54.06 24.51
C ILE A 491 -26.90 -54.79 23.63
N ILE A 492 -28.19 -54.64 23.95
CA ILE A 492 -29.25 -55.29 23.19
C ILE A 492 -30.03 -54.28 22.35
N LEU A 493 -29.91 -54.41 21.03
CA LEU A 493 -30.68 -53.59 20.09
C LEU A 493 -31.57 -54.49 19.24
N ASN A 494 -32.86 -54.17 19.22
CA ASN A 494 -33.87 -54.97 18.52
C ASN A 494 -33.71 -56.47 18.80
N GLU A 495 -33.53 -56.81 20.08
CA GLU A 495 -33.37 -58.19 20.57
C GLU A 495 -32.12 -58.92 20.06
N THR A 496 -31.09 -58.17 19.68
CA THR A 496 -29.81 -58.71 19.20
C THR A 496 -28.63 -58.14 19.98
N LYS A 497 -27.66 -59.00 20.30
CA LYS A 497 -26.46 -58.59 21.04
C LYS A 497 -25.49 -57.84 20.13
N PHE A 498 -25.11 -56.64 20.57
CA PHE A 498 -24.09 -55.83 19.89
C PHE A 498 -22.98 -55.49 20.85
N TRP A 499 -21.76 -55.89 20.50
CA TRP A 499 -20.62 -55.78 21.40
C TRP A 499 -19.91 -54.46 21.33
N TYR A 500 -19.62 -53.91 22.50
CA TYR A 500 -18.86 -52.67 22.63
C TYR A 500 -17.66 -52.90 23.55
N GLN A 501 -16.74 -51.94 23.55
CA GLN A 501 -15.60 -51.98 24.45
C GLN A 501 -15.27 -50.56 24.90
N MET A 502 -14.73 -50.44 26.10
CA MET A 502 -14.37 -49.13 26.64
C MET A 502 -12.97 -49.14 27.24
N ILE A 503 -12.15 -48.18 26.82
CA ILE A 503 -10.84 -47.98 27.41
C ILE A 503 -11.06 -46.99 28.57
N LEU A 504 -11.31 -47.55 29.75
CA LEU A 504 -11.66 -46.76 30.93
C LEU A 504 -10.43 -46.11 31.58
N PRO A 505 -10.54 -44.81 31.92
CA PRO A 505 -9.46 -44.11 32.64
C PRO A 505 -9.11 -44.79 33.97
N PRO A 506 -7.88 -44.61 34.47
CA PRO A 506 -7.47 -45.20 35.75
C PRO A 506 -8.33 -44.70 36.91
N HIS A 507 -8.47 -45.53 37.95
CA HIS A 507 -9.28 -45.21 39.14
C HIS A 507 -10.65 -44.74 38.77
N PHE A 508 -11.26 -45.46 37.83
CA PHE A 508 -12.54 -45.12 37.23
C PHE A 508 -13.70 -45.01 38.23
N ASP A 509 -14.31 -43.83 38.27
CA ASP A 509 -15.40 -43.53 39.18
C ASP A 509 -16.72 -43.51 38.42
N LYS A 510 -17.68 -44.30 38.89
CA LYS A 510 -18.99 -44.40 38.24
C LYS A 510 -19.85 -43.15 38.41
N SER A 511 -19.72 -42.47 39.55
CA SER A 511 -20.52 -41.28 39.82
C SER A 511 -20.01 -40.02 39.10
N LYS A 512 -18.73 -40.00 38.77
CA LYS A 512 -18.16 -38.87 38.04
C LYS A 512 -18.45 -39.01 36.55
N LYS A 513 -18.82 -37.89 35.91
CA LYS A 513 -19.12 -37.86 34.49
C LYS A 513 -17.83 -37.72 33.68
N TYR A 514 -17.74 -38.47 32.58
CA TYR A 514 -16.54 -38.46 31.73
C TYR A 514 -16.83 -38.07 30.29
N PRO A 515 -15.90 -37.35 29.64
CA PRO A 515 -16.03 -37.13 28.20
C PRO A 515 -15.78 -38.46 27.49
N LEU A 516 -16.55 -38.73 26.43
CA LEU A 516 -16.42 -39.99 25.72
C LEU A 516 -16.08 -39.80 24.25
N LEU A 517 -14.94 -40.32 23.84
CA LEU A 517 -14.55 -40.34 22.44
C LEU A 517 -14.91 -41.69 21.85
N LEU A 518 -15.73 -41.68 20.81
CA LEU A 518 -16.14 -42.90 20.13
C LEU A 518 -15.21 -43.19 18.96
N ASP A 519 -14.34 -44.18 19.15
CA ASP A 519 -13.40 -44.68 18.16
C ASP A 519 -14.20 -45.53 17.17
N VAL A 520 -14.09 -45.21 15.88
CA VAL A 520 -14.92 -45.87 14.87
C VAL A 520 -14.18 -46.39 13.65
N TYR A 521 -14.62 -47.55 13.19
CA TYR A 521 -14.22 -48.14 11.92
C TYR A 521 -15.52 -48.52 11.21
N ALA A 522 -16.31 -49.38 11.87
CA ALA A 522 -17.69 -49.69 11.45
C ALA A 522 -17.88 -50.16 10.00
N GLY A 523 -16.77 -50.46 9.31
CA GLY A 523 -16.82 -50.99 7.96
C GLY A 523 -17.47 -52.37 7.93
N PRO A 524 -17.85 -52.83 6.73
CA PRO A 524 -18.38 -54.18 6.61
C PRO A 524 -17.35 -55.21 7.07
N CYS A 525 -17.77 -56.12 7.94
CA CYS A 525 -16.92 -57.15 8.55
C CYS A 525 -15.90 -56.60 9.55
N SER A 526 -16.14 -55.39 10.06
CA SER A 526 -15.25 -54.78 11.05
C SER A 526 -15.44 -55.38 12.44
N GLN A 527 -14.39 -55.36 13.25
CA GLN A 527 -14.48 -55.71 14.66
C GLN A 527 -13.57 -54.81 15.47
N LYS A 528 -14.18 -53.86 16.17
CA LYS A 528 -13.46 -52.89 16.97
C LYS A 528 -13.61 -53.15 18.47
N ALA A 529 -14.52 -54.06 18.81
CA ALA A 529 -14.73 -54.48 20.21
C ALA A 529 -14.21 -55.90 20.40
N ASP A 530 -13.00 -56.03 20.94
CA ASP A 530 -12.36 -57.33 21.10
C ASP A 530 -11.59 -57.48 22.41
N THR A 531 -10.91 -58.61 22.57
CA THR A 531 -10.15 -58.90 23.79
C THR A 531 -8.66 -58.59 23.65
N VAL A 532 -8.24 -58.02 22.52
CA VAL A 532 -6.83 -57.68 22.30
C VAL A 532 -6.34 -56.60 23.28
N PHE A 533 -5.09 -56.72 23.71
CA PHE A 533 -4.44 -55.66 24.49
C PHE A 533 -3.66 -54.77 23.52
N ARG A 534 -3.82 -53.46 23.68
CA ARG A 534 -3.17 -52.50 22.80
C ARG A 534 -2.66 -51.29 23.57
N LEU A 535 -1.48 -50.82 23.18
CA LEU A 535 -0.95 -49.56 23.69
C LEU A 535 -1.01 -48.57 22.52
N ASN A 536 -2.02 -47.71 22.54
CA ASN A 536 -2.22 -46.77 21.45
C ASN A 536 -2.68 -45.38 21.89
N TRP A 537 -3.24 -44.63 20.95
CA TRP A 537 -3.72 -43.28 21.21
C TRP A 537 -4.81 -43.25 22.24
N ALA A 538 -5.68 -44.25 22.22
CA ALA A 538 -6.76 -44.39 23.18
C ALA A 538 -6.22 -44.60 24.60
N THR A 539 -5.15 -45.37 24.73
CA THR A 539 -4.50 -45.60 26.01
C THR A 539 -4.10 -44.28 26.68
N TYR A 540 -3.43 -43.40 25.92
CA TYR A 540 -3.07 -42.06 26.41
C TYR A 540 -4.28 -41.23 26.85
N LEU A 541 -5.31 -41.19 26.00
CA LEU A 541 -6.50 -40.40 26.28
C LEU A 541 -7.19 -40.81 27.58
N ALA A 542 -7.28 -42.11 27.81
CA ALA A 542 -7.84 -42.65 29.04
C ALA A 542 -6.89 -42.41 30.21
N SER A 543 -5.63 -42.78 30.03
CA SER A 543 -4.62 -42.67 31.09
C SER A 543 -4.33 -41.23 31.52
N THR A 544 -3.95 -40.39 30.56
CA THR A 544 -3.53 -39.01 30.87
C THR A 544 -4.67 -37.99 30.85
N GLU A 545 -5.55 -38.09 29.85
CA GLU A 545 -6.61 -37.09 29.68
C GLU A 545 -7.97 -37.47 30.30
N ASN A 546 -8.01 -38.63 30.94
CA ASN A 546 -9.24 -39.16 31.55
C ASN A 546 -10.48 -39.13 30.65
N ILE A 547 -10.30 -39.65 29.43
CA ILE A 547 -11.37 -39.72 28.44
C ILE A 547 -11.70 -41.18 28.18
N ILE A 548 -12.98 -41.55 28.30
CA ILE A 548 -13.41 -42.89 27.94
C ILE A 548 -13.40 -42.99 26.42
N VAL A 549 -12.53 -43.83 25.89
CA VAL A 549 -12.51 -44.07 24.45
C VAL A 549 -13.23 -45.39 24.20
N ALA A 550 -14.31 -45.34 23.43
CA ALA A 550 -15.17 -46.50 23.22
C ALA A 550 -15.28 -46.90 21.75
N SER A 551 -15.40 -48.20 21.51
CA SER A 551 -15.64 -48.74 20.17
C SER A 551 -16.88 -49.61 20.16
N PHE A 552 -17.59 -49.62 19.04
CA PHE A 552 -18.85 -50.34 18.93
C PHE A 552 -19.02 -51.06 17.60
N ASP A 553 -19.33 -52.35 17.69
CA ASP A 553 -19.62 -53.17 16.52
C ASP A 553 -21.12 -53.32 16.34
N GLY A 554 -21.65 -52.58 15.38
CA GLY A 554 -23.09 -52.63 15.07
C GLY A 554 -23.36 -53.45 13.84
N ARG A 555 -24.48 -53.17 13.19
CA ARG A 555 -24.82 -53.85 11.94
C ARG A 555 -23.73 -53.59 10.90
N GLY A 556 -23.35 -54.65 10.19
CA GLY A 556 -22.25 -54.56 9.25
C GLY A 556 -20.97 -55.17 9.79
N SER A 557 -20.85 -55.22 11.12
CA SER A 557 -19.67 -55.82 11.76
C SER A 557 -19.61 -57.33 11.49
N GLY A 558 -18.40 -57.88 11.57
CA GLY A 558 -18.19 -59.28 11.23
C GLY A 558 -18.20 -60.24 12.40
N TYR A 559 -17.97 -61.52 12.07
CA TYR A 559 -17.80 -62.62 13.04
C TYR A 559 -19.01 -62.91 13.94
N GLN A 560 -20.20 -62.49 13.50
CA GLN A 560 -21.44 -62.70 14.27
C GLN A 560 -22.59 -63.22 13.40
N GLY A 561 -22.27 -63.65 12.18
CA GLY A 561 -23.28 -64.14 11.26
C GLY A 561 -23.54 -63.14 10.14
N ASP A 562 -24.12 -63.63 9.06
CA ASP A 562 -24.45 -62.81 7.90
C ASP A 562 -25.66 -61.91 8.17
N LYS A 563 -26.51 -62.35 9.09
CA LYS A 563 -27.67 -61.56 9.53
C LYS A 563 -27.21 -60.17 9.94
N ILE A 564 -26.17 -60.12 10.77
CA ILE A 564 -25.59 -58.86 11.22
C ILE A 564 -24.66 -58.24 10.17
N MET A 565 -23.82 -59.06 9.53
CA MET A 565 -22.84 -58.56 8.56
C MET A 565 -23.45 -58.01 7.27
N HIS A 566 -24.39 -58.72 6.68
CA HIS A 566 -25.02 -58.27 5.43
C HIS A 566 -26.08 -57.23 5.62
N ALA A 567 -26.33 -56.84 6.88
CA ALA A 567 -27.37 -55.85 7.19
C ALA A 567 -27.18 -54.53 6.44
N ILE A 568 -25.93 -54.22 6.08
CA ILE A 568 -25.59 -53.01 5.33
C ILE A 568 -25.28 -53.27 3.85
N ASN A 569 -25.61 -54.47 3.36
CA ASN A 569 -25.39 -54.77 1.95
C ASN A 569 -26.15 -53.77 1.08
N ARG A 570 -25.49 -53.30 0.02
CA ARG A 570 -26.04 -52.31 -0.91
C ARG A 570 -26.52 -51.03 -0.20
N ARG A 571 -26.14 -50.86 1.06
CA ARG A 571 -26.60 -49.75 1.87
C ARG A 571 -25.51 -49.21 2.80
N LEU A 572 -24.32 -48.96 2.25
CA LEU A 572 -23.23 -48.40 3.05
C LEU A 572 -23.56 -46.97 3.46
N GLY A 573 -23.19 -46.61 4.69
CA GLY A 573 -23.49 -45.29 5.21
C GLY A 573 -24.92 -45.15 5.69
N THR A 574 -25.51 -46.26 6.15
CA THR A 574 -26.85 -46.24 6.71
C THR A 574 -26.88 -46.86 8.10
N PHE A 575 -27.04 -48.19 8.16
CA PHE A 575 -27.23 -48.89 9.44
C PHE A 575 -26.00 -48.88 10.34
N GLU A 576 -24.80 -48.91 9.75
CA GLU A 576 -23.59 -48.86 10.58
C GLU A 576 -23.38 -47.47 11.16
N VAL A 577 -23.86 -46.45 10.45
CA VAL A 577 -23.76 -45.05 10.87
C VAL A 577 -24.78 -44.72 11.96
N GLU A 578 -26.02 -45.19 11.79
CA GLU A 578 -27.07 -45.02 12.78
C GLU A 578 -26.72 -45.74 14.07
N ASP A 579 -25.98 -46.83 13.94
CA ASP A 579 -25.62 -47.66 15.10
C ASP A 579 -24.50 -47.05 15.96
N GLN A 580 -23.63 -46.24 15.35
CA GLN A 580 -22.60 -45.54 16.13
C GLN A 580 -23.28 -44.44 16.93
N ILE A 581 -24.27 -43.78 16.31
CA ILE A 581 -25.06 -42.76 16.98
C ILE A 581 -25.87 -43.37 18.11
N GLU A 582 -26.44 -44.55 17.86
CA GLU A 582 -27.23 -45.26 18.87
C GLU A 582 -26.36 -45.78 20.01
N ALA A 583 -25.15 -46.23 19.69
CA ALA A 583 -24.21 -46.67 20.71
C ALA A 583 -23.89 -45.55 21.67
N ALA A 584 -23.54 -44.39 21.13
CA ALA A 584 -23.24 -43.19 21.93
C ALA A 584 -24.45 -42.77 22.76
N ARG A 585 -25.64 -42.92 22.18
CA ARG A 585 -26.89 -42.69 22.91
C ARG A 585 -27.05 -43.68 24.07
N GLN A 586 -26.74 -44.95 23.82
CA GLN A 586 -26.82 -45.99 24.85
C GLN A 586 -25.80 -45.74 25.96
N PHE A 587 -24.64 -45.22 25.59
CA PHE A 587 -23.57 -44.92 26.55
C PHE A 587 -23.93 -43.76 27.45
N SER A 588 -24.74 -42.81 26.94
CA SER A 588 -25.20 -41.66 27.73
C SER A 588 -26.11 -42.09 28.87
N LYS A 589 -26.90 -43.13 28.61
CA LYS A 589 -27.82 -43.67 29.60
C LYS A 589 -27.09 -44.52 30.65
N MET A 590 -25.78 -44.67 30.49
CA MET A 590 -24.95 -45.45 31.42
C MET A 590 -24.56 -44.67 32.69
N GLY A 591 -24.75 -43.35 32.68
CA GLY A 591 -24.59 -42.53 33.88
C GLY A 591 -23.24 -41.87 34.10
N PHE A 592 -22.18 -42.53 33.68
CA PHE A 592 -20.81 -42.02 33.88
C PHE A 592 -20.24 -41.28 32.66
N VAL A 593 -21.11 -40.92 31.72
CA VAL A 593 -20.69 -40.23 30.50
C VAL A 593 -21.26 -38.81 30.44
N ASP A 594 -20.39 -37.83 30.18
CA ASP A 594 -20.81 -36.44 30.04
C ASP A 594 -21.40 -36.26 28.65
N ASN A 595 -22.73 -36.07 28.60
CA ASN A 595 -23.44 -35.95 27.33
C ASN A 595 -23.22 -34.62 26.60
N LYS A 596 -22.58 -33.68 27.28
CA LYS A 596 -22.18 -32.40 26.67
C LYS A 596 -20.81 -32.52 25.96
N ARG A 597 -20.08 -33.59 26.28
CA ARG A 597 -18.77 -33.84 25.71
C ARG A 597 -18.66 -35.25 25.16
N ILE A 598 -19.28 -35.50 24.02
CA ILE A 598 -19.12 -36.76 23.31
C ILE A 598 -18.53 -36.48 21.94
N ALA A 599 -17.45 -37.17 21.59
CA ALA A 599 -16.80 -36.95 20.31
C ALA A 599 -16.63 -38.25 19.55
N ILE A 600 -16.28 -38.14 18.27
CA ILE A 600 -16.15 -39.31 17.40
C ILE A 600 -15.00 -39.10 16.42
N TRP A 601 -14.20 -40.14 16.22
CA TRP A 601 -13.10 -40.07 15.29
C TRP A 601 -12.88 -41.39 14.63
N GLY A 602 -12.36 -41.34 13.41
CA GLY A 602 -12.10 -42.54 12.63
C GLY A 602 -11.11 -42.31 11.50
N TRP A 603 -10.50 -43.41 11.07
CA TRP A 603 -9.54 -43.41 9.97
C TRP A 603 -10.14 -44.21 8.85
N SER A 604 -9.85 -43.81 7.61
CA SER A 604 -10.26 -44.56 6.43
C SER A 604 -11.78 -44.69 6.38
N TYR A 605 -12.28 -45.92 6.52
CA TYR A 605 -13.73 -46.15 6.57
C TYR A 605 -14.32 -45.47 7.79
N GLY A 606 -13.59 -45.55 8.91
CA GLY A 606 -13.97 -44.88 10.16
C GLY A 606 -14.17 -43.41 9.93
N GLY A 607 -13.27 -42.81 9.14
CA GLY A 607 -13.35 -41.40 8.78
C GLY A 607 -14.66 -41.07 8.07
N TYR A 608 -15.07 -41.94 7.16
CA TYR A 608 -16.34 -41.81 6.47
C TYR A 608 -17.51 -41.86 7.45
N VAL A 609 -17.55 -42.88 8.31
CA VAL A 609 -18.61 -43.00 9.32
C VAL A 609 -18.63 -41.77 10.24
N THR A 610 -17.46 -41.40 10.75
CA THR A 610 -17.31 -40.19 11.56
C THR A 610 -17.99 -39.02 10.88
N SER A 611 -17.59 -38.76 9.63
CA SER A 611 -18.14 -37.67 8.85
C SER A 611 -19.66 -37.77 8.76
N MET A 612 -20.13 -38.95 8.37
CA MET A 612 -21.56 -39.21 8.22
C MET A 612 -22.33 -39.00 9.52
N VAL A 613 -21.75 -39.44 10.63
CA VAL A 613 -22.35 -39.29 11.96
C VAL A 613 -22.46 -37.82 12.34
N LEU A 614 -21.39 -37.07 12.11
CA LEU A 614 -21.36 -35.62 12.38
C LEU A 614 -22.28 -34.86 11.44
N GLY A 615 -22.48 -35.41 10.25
CA GLY A 615 -23.35 -34.79 9.24
C GLY A 615 -24.81 -35.20 9.36
N SER A 616 -25.14 -36.00 10.38
CA SER A 616 -26.50 -36.50 10.58
C SER A 616 -27.39 -35.51 11.30
N GLY A 617 -26.79 -34.52 11.96
CA GLY A 617 -27.53 -33.54 12.74
C GLY A 617 -28.33 -34.19 13.86
N SER A 618 -27.75 -35.22 14.48
CA SER A 618 -28.40 -35.94 15.57
C SER A 618 -28.38 -35.09 16.85
N GLY A 619 -27.23 -34.49 17.13
CA GLY A 619 -27.06 -33.65 18.31
C GLY A 619 -26.22 -34.28 19.40
N VAL A 620 -25.93 -35.58 19.25
CA VAL A 620 -25.20 -36.35 20.26
C VAL A 620 -23.73 -35.91 20.39
N PHE A 621 -23.07 -35.75 19.25
CA PHE A 621 -21.63 -35.51 19.20
C PHE A 621 -21.30 -34.03 19.08
N LYS A 622 -20.42 -33.55 19.97
CA LYS A 622 -20.00 -32.15 19.97
C LYS A 622 -18.97 -31.89 18.88
N CYS A 623 -18.05 -32.83 18.70
CA CYS A 623 -16.98 -32.68 17.74
C CYS A 623 -16.50 -34.01 17.21
N GLY A 624 -15.67 -33.97 16.18
CA GLY A 624 -15.17 -35.19 15.58
C GLY A 624 -13.93 -34.99 14.72
N ILE A 625 -13.27 -36.10 14.42
CA ILE A 625 -12.08 -36.09 13.57
C ILE A 625 -12.21 -37.18 12.53
N ALA A 626 -12.13 -36.79 11.26
CA ALA A 626 -12.11 -37.74 10.17
C ALA A 626 -10.73 -37.72 9.55
N VAL A 627 -10.09 -38.89 9.48
CA VAL A 627 -8.76 -39.00 8.88
C VAL A 627 -8.80 -39.81 7.60
N ALA A 628 -8.34 -39.21 6.51
CA ALA A 628 -8.32 -39.83 5.19
C ALA A 628 -9.64 -40.58 4.94
N PRO A 629 -10.77 -39.85 5.02
CA PRO A 629 -12.06 -40.50 4.93
C PRO A 629 -12.53 -40.68 3.50
N VAL A 630 -13.34 -41.70 3.26
CA VAL A 630 -14.09 -41.78 2.02
C VAL A 630 -15.18 -40.72 2.11
N SER A 631 -15.24 -39.83 1.13
CA SER A 631 -16.30 -38.81 1.09
C SER A 631 -17.52 -39.32 0.32
N ARG A 632 -17.27 -39.97 -0.81
CA ARG A 632 -18.33 -40.65 -1.55
C ARG A 632 -17.81 -41.82 -2.37
N TRP A 633 -18.63 -42.86 -2.49
CA TRP A 633 -18.19 -44.16 -2.95
C TRP A 633 -17.73 -44.29 -4.38
N GLU A 634 -18.14 -43.37 -5.24
CA GLU A 634 -17.65 -43.38 -6.62
C GLU A 634 -16.16 -43.06 -6.70
N TYR A 635 -15.60 -42.49 -5.62
CA TYR A 635 -14.17 -42.19 -5.59
C TYR A 635 -13.32 -43.36 -5.14
N TYR A 636 -13.90 -44.27 -4.36
CA TYR A 636 -13.12 -45.40 -3.86
C TYR A 636 -13.01 -46.50 -4.90
N ASP A 637 -12.07 -47.43 -4.71
CA ASP A 637 -11.79 -48.47 -5.71
C ASP A 637 -12.95 -49.41 -5.95
N SER A 638 -12.95 -50.02 -7.13
CA SER A 638 -14.03 -50.91 -7.58
C SER A 638 -14.26 -52.12 -6.69
N VAL A 639 -13.21 -52.93 -6.50
CA VAL A 639 -13.32 -54.21 -5.80
C VAL A 639 -14.04 -54.11 -4.45
N TYR A 640 -13.49 -53.30 -3.54
CA TYR A 640 -14.08 -53.11 -2.22
C TYR A 640 -15.48 -52.51 -2.31
N THR A 641 -15.59 -51.39 -3.03
CA THR A 641 -16.84 -50.63 -3.11
C THR A 641 -18.00 -51.44 -3.67
N GLU A 642 -17.78 -52.07 -4.83
CA GLU A 642 -18.83 -52.81 -5.52
C GLU A 642 -19.17 -54.13 -4.82
N ARG A 643 -18.31 -54.57 -3.92
CA ARG A 643 -18.58 -55.77 -3.14
C ARG A 643 -19.78 -55.54 -2.23
N TYR A 644 -19.98 -54.28 -1.82
CA TYR A 644 -21.04 -53.92 -0.90
C TYR A 644 -22.09 -53.00 -1.53
N MET A 645 -21.68 -52.23 -2.54
CA MET A 645 -22.55 -51.22 -3.14
C MET A 645 -23.09 -51.62 -4.49
N GLY A 646 -22.33 -52.44 -5.22
CA GLY A 646 -22.65 -52.73 -6.61
C GLY A 646 -22.20 -51.58 -7.50
N LEU A 647 -22.68 -51.57 -8.73
CA LEU A 647 -22.31 -50.51 -9.68
C LEU A 647 -23.12 -49.24 -9.49
N PRO A 648 -22.47 -48.07 -9.68
CA PRO A 648 -23.13 -46.76 -9.60
C PRO A 648 -23.83 -46.38 -10.92
N THR A 649 -24.77 -47.22 -11.35
CA THR A 649 -25.50 -47.01 -12.59
C THR A 649 -27.00 -46.99 -12.28
N PRO A 650 -27.79 -46.23 -13.07
CA PRO A 650 -29.24 -46.12 -12.83
C PRO A 650 -29.95 -47.46 -12.67
N GLU A 651 -29.48 -48.49 -13.37
CA GLU A 651 -30.12 -49.81 -13.34
C GLU A 651 -29.63 -50.71 -12.20
N ASP A 652 -28.72 -50.19 -11.37
CA ASP A 652 -28.27 -50.93 -10.19
C ASP A 652 -28.50 -50.17 -8.88
N ASN A 653 -27.48 -49.46 -8.41
CA ASN A 653 -27.49 -48.84 -7.10
C ASN A 653 -26.96 -47.40 -7.10
N LEU A 654 -27.18 -46.67 -8.19
CA LEU A 654 -26.75 -45.27 -8.28
C LEU A 654 -27.47 -44.37 -7.28
N ASP A 655 -28.76 -44.64 -7.04
CA ASP A 655 -29.56 -43.89 -6.09
C ASP A 655 -28.91 -43.81 -4.71
N HIS A 656 -28.36 -44.92 -4.24
CA HIS A 656 -27.74 -44.95 -2.93
C HIS A 656 -26.34 -44.40 -2.93
N TYR A 657 -25.66 -44.51 -4.06
CA TYR A 657 -24.35 -43.86 -4.22
C TYR A 657 -24.48 -42.36 -4.00
N ARG A 658 -25.52 -41.77 -4.59
CA ARG A 658 -25.80 -40.34 -4.48
C ARG A 658 -26.30 -39.94 -3.10
N ASN A 659 -27.06 -40.83 -2.46
CA ASN A 659 -27.64 -40.56 -1.16
C ASN A 659 -26.71 -40.76 0.04
N SER A 660 -25.61 -41.48 -0.17
CA SER A 660 -24.72 -41.83 0.93
C SER A 660 -23.44 -40.99 1.01
N THR A 661 -23.45 -39.84 0.36
CA THR A 661 -22.25 -38.99 0.33
C THR A 661 -22.23 -38.08 1.56
N VAL A 662 -21.04 -37.77 2.06
CA VAL A 662 -20.90 -36.85 3.19
C VAL A 662 -21.17 -35.40 2.77
N MET A 663 -20.77 -35.04 1.54
CA MET A 663 -21.04 -33.72 0.96
C MET A 663 -22.52 -33.31 1.06
N SER A 664 -23.42 -34.27 0.88
CA SER A 664 -24.86 -34.01 0.95
C SER A 664 -25.34 -33.80 2.39
N ARG A 665 -24.42 -33.86 3.34
CA ARG A 665 -24.74 -33.62 4.74
C ARG A 665 -24.02 -32.38 5.26
N ALA A 666 -23.31 -31.69 4.35
CA ALA A 666 -22.48 -30.53 4.69
C ALA A 666 -23.17 -29.51 5.61
N GLU A 667 -24.40 -29.16 5.27
CA GLU A 667 -25.20 -28.21 6.04
C GLU A 667 -25.24 -28.52 7.54
N ASN A 668 -25.31 -29.82 7.88
CA ASN A 668 -25.42 -30.27 9.27
C ASN A 668 -24.20 -30.06 10.15
N PHE A 669 -23.04 -29.84 9.52
CA PHE A 669 -21.79 -29.62 10.25
C PHE A 669 -21.78 -28.32 11.08
N LYS A 670 -22.78 -27.47 10.86
CA LYS A 670 -22.95 -26.24 11.65
C LYS A 670 -23.22 -26.54 13.12
N GLN A 671 -23.65 -27.77 13.42
CA GLN A 671 -23.95 -28.17 14.79
C GLN A 671 -22.75 -28.80 15.49
N VAL A 672 -21.69 -29.11 14.75
CA VAL A 672 -20.55 -29.85 15.29
C VAL A 672 -19.20 -29.22 14.92
N GLU A 673 -18.16 -29.60 15.65
CA GLU A 673 -16.81 -29.11 15.40
C GLU A 673 -16.01 -30.21 14.70
N TYR A 674 -15.48 -29.89 13.53
CA TYR A 674 -14.91 -30.89 12.64
C TYR A 674 -13.42 -30.68 12.40
N LEU A 675 -12.66 -31.75 12.50
CA LEU A 675 -11.27 -31.74 12.07
C LEU A 675 -11.08 -32.79 10.99
N LEU A 676 -10.84 -32.30 9.77
CA LEU A 676 -10.61 -33.12 8.60
C LEU A 676 -9.11 -33.21 8.34
N ILE A 677 -8.59 -34.43 8.29
CA ILE A 677 -7.16 -34.65 8.06
C ILE A 677 -6.94 -35.64 6.90
N HIS A 678 -5.98 -35.33 6.02
CA HIS A 678 -5.70 -36.17 4.86
C HIS A 678 -4.29 -35.97 4.35
N GLY A 679 -3.67 -37.05 3.87
CA GLY A 679 -2.35 -36.95 3.24
C GLY A 679 -2.50 -36.63 1.76
N THR A 680 -1.57 -35.85 1.21
CA THR A 680 -1.67 -35.42 -0.20
C THR A 680 -1.27 -36.50 -1.20
N ALA A 681 -0.45 -37.46 -0.78
CA ALA A 681 -0.01 -38.55 -1.64
C ALA A 681 -0.70 -39.85 -1.26
N ASP A 682 -1.95 -39.74 -0.81
CA ASP A 682 -2.73 -40.90 -0.44
C ASP A 682 -3.17 -41.61 -1.71
N ASP A 683 -2.58 -42.77 -1.94
CA ASP A 683 -2.91 -43.60 -3.10
C ASP A 683 -4.21 -44.39 -2.89
N ASN A 684 -4.55 -44.63 -1.62
CA ASN A 684 -5.69 -45.46 -1.25
C ASN A 684 -7.01 -44.67 -1.31
N VAL A 685 -7.21 -43.77 -0.35
CA VAL A 685 -8.33 -42.84 -0.39
C VAL A 685 -7.76 -41.50 -0.85
N HIS A 686 -7.97 -41.16 -2.11
CA HIS A 686 -7.30 -39.99 -2.68
C HIS A 686 -7.70 -38.73 -1.99
N PHE A 687 -6.73 -37.82 -1.84
CA PHE A 687 -6.98 -36.51 -1.24
C PHE A 687 -8.23 -35.87 -1.84
N GLN A 688 -8.51 -36.21 -3.10
CA GLN A 688 -9.76 -35.81 -3.76
C GLN A 688 -10.94 -35.83 -2.81
N GLN A 689 -11.07 -36.94 -2.07
CA GLN A 689 -12.23 -37.18 -1.21
C GLN A 689 -12.43 -36.12 -0.14
N SER A 690 -11.35 -35.75 0.56
CA SER A 690 -11.41 -34.66 1.53
C SER A 690 -11.57 -33.30 0.85
N ALA A 691 -10.95 -33.15 -0.33
CA ALA A 691 -11.05 -31.93 -1.11
C ALA A 691 -12.50 -31.60 -1.43
N GLN A 692 -13.30 -32.64 -1.65
CA GLN A 692 -14.72 -32.48 -1.94
C GLN A 692 -15.56 -32.19 -0.69
N ILE A 693 -15.12 -32.71 0.47
CA ILE A 693 -15.77 -32.41 1.74
C ILE A 693 -15.54 -30.95 2.12
N SER A 694 -14.27 -30.54 2.04
CA SER A 694 -13.90 -29.18 2.40
C SER A 694 -14.67 -28.19 1.53
N LYS A 695 -14.69 -28.43 0.21
CA LYS A 695 -15.41 -27.57 -0.72
C LYS A 695 -16.89 -27.48 -0.36
N ALA A 696 -17.48 -28.63 -0.05
CA ALA A 696 -18.89 -28.71 0.35
C ALA A 696 -19.17 -27.90 1.62
N LEU A 697 -18.33 -28.07 2.63
CA LEU A 697 -18.49 -27.31 3.87
C LEU A 697 -18.32 -25.83 3.63
N VAL A 698 -17.39 -25.48 2.73
CA VAL A 698 -17.11 -24.10 2.35
C VAL A 698 -18.31 -23.45 1.67
N ASP A 699 -18.95 -24.19 0.76
CA ASP A 699 -20.11 -23.71 0.01
C ASP A 699 -21.31 -23.39 0.91
N VAL A 700 -21.51 -24.19 1.96
CA VAL A 700 -22.63 -23.96 2.87
C VAL A 700 -22.26 -23.12 4.10
N GLY A 701 -21.09 -22.51 4.07
CA GLY A 701 -20.63 -21.61 5.13
C GLY A 701 -20.41 -22.24 6.49
N VAL A 702 -19.84 -23.44 6.49
CA VAL A 702 -19.52 -24.16 7.72
C VAL A 702 -18.06 -23.96 8.10
N ASP A 703 -17.80 -23.43 9.30
CA ASP A 703 -16.43 -23.33 9.79
C ASP A 703 -15.98 -24.67 10.36
N PHE A 704 -14.81 -25.11 9.91
CA PHE A 704 -14.24 -26.37 10.34
C PHE A 704 -12.73 -26.24 10.33
N GLN A 705 -12.06 -27.32 10.71
CA GLN A 705 -10.60 -27.34 10.72
C GLN A 705 -10.08 -28.42 9.81
N ALA A 706 -9.00 -28.11 9.12
CA ALA A 706 -8.39 -29.05 8.19
C ALA A 706 -6.91 -29.19 8.47
N MET A 707 -6.31 -30.19 7.82
CA MET A 707 -4.88 -30.44 7.88
C MET A 707 -4.53 -31.42 6.79
N TRP A 708 -3.67 -31.00 5.87
CA TRP A 708 -3.11 -31.90 4.87
C TRP A 708 -1.77 -32.36 5.37
N TYR A 709 -1.31 -33.50 4.87
CA TYR A 709 0.05 -33.94 5.16
C TYR A 709 0.78 -34.20 3.84
N THR A 710 1.65 -33.26 3.48
CA THR A 710 2.39 -33.31 2.23
C THR A 710 3.09 -34.64 2.02
N ASP A 711 2.86 -35.23 0.85
CA ASP A 711 3.53 -36.47 0.43
C ASP A 711 3.26 -37.69 1.33
N GLU A 712 2.42 -37.52 2.36
CA GLU A 712 1.99 -38.64 3.21
C GLU A 712 0.88 -39.43 2.54
N ASP A 713 0.96 -40.76 2.63
CA ASP A 713 -0.09 -41.61 2.06
C ASP A 713 -1.18 -41.93 3.09
N HIS A 714 -1.93 -43.01 2.86
CA HIS A 714 -3.09 -43.34 3.69
C HIS A 714 -2.75 -43.71 5.11
N GLY A 715 -1.59 -44.31 5.28
CA GLY A 715 -1.13 -44.70 6.61
C GLY A 715 -0.68 -43.51 7.42
N ILE A 716 -0.30 -42.42 6.75
CA ILE A 716 0.36 -41.25 7.38
C ILE A 716 1.37 -41.81 8.39
N ALA A 717 2.25 -42.66 7.89
CA ALA A 717 3.09 -43.51 8.72
C ALA A 717 4.53 -43.05 8.86
N SER A 718 4.86 -41.87 8.33
CA SER A 718 6.18 -41.28 8.54
C SER A 718 6.35 -41.02 10.03
N SER A 719 7.57 -41.14 10.52
CA SER A 719 7.86 -40.94 11.94
C SER A 719 7.42 -39.55 12.41
N THR A 720 7.80 -38.53 11.65
CA THR A 720 7.50 -37.14 12.01
C THR A 720 6.03 -36.79 11.81
N ALA A 721 5.42 -37.36 10.77
CA ALA A 721 4.02 -37.10 10.45
C ALA A 721 3.10 -37.78 11.43
N HIS A 722 3.43 -39.03 11.77
CA HIS A 722 2.71 -39.80 12.78
C HIS A 722 2.64 -39.01 14.05
N GLN A 723 3.79 -38.54 14.51
CA GLN A 723 3.87 -37.74 15.72
C GLN A 723 3.02 -36.50 15.57
N HIS A 724 3.12 -35.84 14.43
CA HIS A 724 2.43 -34.58 14.21
C HIS A 724 0.94 -34.73 14.28
N ILE A 725 0.40 -35.71 13.55
CA ILE A 725 -1.05 -35.89 13.48
C ILE A 725 -1.67 -36.15 14.86
N TYR A 726 -1.11 -37.11 15.60
CA TYR A 726 -1.65 -37.45 16.91
C TYR A 726 -1.59 -36.30 17.89
N THR A 727 -0.52 -35.52 17.84
CA THR A 727 -0.38 -34.33 18.67
C THR A 727 -1.44 -33.32 18.29
N HIS A 728 -1.66 -33.18 16.98
CA HIS A 728 -2.64 -32.22 16.46
C HIS A 728 -4.02 -32.63 16.84
N MET A 729 -4.29 -33.93 16.80
CA MET A 729 -5.59 -34.47 17.19
C MET A 729 -5.82 -34.30 18.69
N SER A 730 -4.77 -34.55 19.47
CA SER A 730 -4.83 -34.41 20.92
C SER A 730 -5.26 -33.01 21.32
N HIS A 731 -4.69 -32.00 20.66
CA HIS A 731 -5.06 -30.62 20.91
C HIS A 731 -6.51 -30.40 20.59
N PHE A 732 -6.93 -30.81 19.39
CA PHE A 732 -8.33 -30.69 18.99
C PHE A 732 -9.29 -31.30 20.02
N ILE A 733 -9.02 -32.55 20.41
CA ILE A 733 -9.84 -33.26 21.39
C ILE A 733 -9.87 -32.56 22.75
N LYS A 734 -8.70 -32.16 23.23
CA LYS A 734 -8.59 -31.45 24.50
C LYS A 734 -9.30 -30.11 24.44
N GLN A 735 -9.11 -29.39 23.34
CA GLN A 735 -9.75 -28.09 23.13
C GLN A 735 -11.27 -28.25 23.15
N CYS A 736 -11.74 -29.31 22.49
CA CYS A 736 -13.16 -29.62 22.43
C CYS A 736 -13.71 -30.03 23.80
N PHE A 737 -12.93 -30.78 24.56
CA PHE A 737 -13.36 -31.28 25.86
C PHE A 737 -13.06 -30.36 27.04
N SER A 738 -12.65 -29.12 26.77
CA SER A 738 -12.25 -28.15 27.80
C SER A 738 -11.18 -28.69 28.75
N LEU A 739 -10.14 -29.28 28.17
CA LEU A 739 -9.01 -29.82 28.92
C LEU A 739 -7.75 -29.02 28.61
N PRO A 740 -7.04 -28.56 29.65
CA PRO A 740 -5.87 -27.68 29.49
C PRO A 740 -4.64 -28.38 28.92
N HIS B 12 -26.15 8.27 20.40
CA HIS B 12 -24.73 7.82 20.54
C HIS B 12 -24.52 6.52 19.77
N SER B 13 -23.45 6.49 18.96
CA SER B 13 -23.14 5.35 18.08
C SER B 13 -22.91 4.04 18.85
N ARG B 14 -23.76 3.05 18.58
CA ARG B 14 -23.67 1.73 19.23
C ARG B 14 -23.29 0.64 18.23
N LYS B 15 -23.65 0.83 16.97
CA LYS B 15 -23.28 -0.08 15.87
C LYS B 15 -21.78 -0.19 15.71
N THR B 16 -21.33 -1.37 15.30
CA THR B 16 -19.93 -1.59 14.92
C THR B 16 -19.90 -2.26 13.54
N TYR B 17 -18.76 -2.15 12.87
CA TYR B 17 -18.59 -2.79 11.57
C TYR B 17 -18.25 -4.27 11.80
N THR B 18 -19.28 -5.10 11.75
CA THR B 18 -19.16 -6.54 12.05
C THR B 18 -18.55 -7.32 10.88
N LEU B 19 -18.16 -8.57 11.14
CA LEU B 19 -17.63 -9.45 10.10
C LEU B 19 -18.66 -9.70 8.99
N THR B 20 -19.92 -9.86 9.40
CA THR B 20 -21.03 -10.02 8.47
C THR B 20 -21.15 -8.80 7.55
N ASP B 21 -21.05 -7.61 8.14
CA ASP B 21 -21.09 -6.37 7.37
C ASP B 21 -20.09 -6.42 6.22
N TYR B 22 -18.89 -6.92 6.52
CA TYR B 22 -17.84 -7.03 5.53
C TYR B 22 -18.18 -8.05 4.46
N LEU B 23 -18.56 -9.25 4.88
CA LEU B 23 -18.79 -10.38 3.98
C LEU B 23 -20.06 -10.26 3.13
N LYS B 24 -21.08 -9.58 3.66
CA LYS B 24 -22.35 -9.43 2.95
C LYS B 24 -22.50 -8.05 2.29
N ASN B 25 -21.41 -7.28 2.27
CA ASN B 25 -21.38 -5.92 1.69
C ASN B 25 -22.51 -5.01 2.17
N THR B 26 -22.77 -5.04 3.47
CA THR B 26 -23.82 -4.22 4.09
C THR B 26 -23.61 -2.73 3.80
N TYR B 27 -22.36 -2.28 3.92
CA TYR B 27 -22.00 -0.91 3.63
C TYR B 27 -21.18 -0.88 2.35
N ARG B 28 -21.83 -0.52 1.26
CA ARG B 28 -21.24 -0.59 -0.06
C ARG B 28 -20.71 0.76 -0.54
N LEU B 29 -19.48 0.75 -1.05
CA LEU B 29 -18.86 1.92 -1.67
C LEU B 29 -19.34 2.08 -3.11
N LYS B 30 -20.07 3.15 -3.39
CA LYS B 30 -20.51 3.42 -4.75
C LYS B 30 -19.37 4.04 -5.55
N LEU B 31 -19.10 3.49 -6.72
CA LEU B 31 -18.10 4.04 -7.63
C LEU B 31 -18.84 4.75 -8.76
N TYR B 32 -18.08 5.35 -9.68
CA TYR B 32 -18.67 5.96 -10.86
C TYR B 32 -17.80 5.63 -12.05
N SER B 33 -17.87 4.37 -12.48
CA SER B 33 -17.09 3.92 -13.62
C SER B 33 -17.74 4.42 -14.91
N LEU B 34 -16.96 5.11 -15.71
CA LEU B 34 -17.38 5.60 -17.00
C LEU B 34 -16.36 5.19 -18.05
N ARG B 35 -16.68 5.45 -19.31
CA ARG B 35 -15.79 5.15 -20.42
C ARG B 35 -16.00 6.17 -21.54
N TRP B 36 -14.94 6.89 -21.87
CA TRP B 36 -15.00 7.95 -22.86
C TRP B 36 -15.08 7.42 -24.26
N ILE B 37 -15.97 8.00 -25.06
CA ILE B 37 -16.11 7.64 -26.47
C ILE B 37 -15.42 8.71 -27.33
N SER B 38 -15.85 9.95 -27.14
CA SER B 38 -15.29 11.09 -27.87
C SER B 38 -14.55 12.01 -26.91
N ASP B 39 -14.39 13.26 -27.31
CA ASP B 39 -13.69 14.25 -26.49
C ASP B 39 -14.63 14.97 -25.52
N HIS B 40 -15.91 14.61 -25.53
CA HIS B 40 -16.92 15.30 -24.71
C HIS B 40 -18.08 14.43 -24.31
N GLU B 41 -17.96 13.12 -24.55
CA GLU B 41 -19.02 12.17 -24.23
C GLU B 41 -18.47 10.93 -23.54
N TYR B 42 -19.23 10.41 -22.59
CA TYR B 42 -18.91 9.14 -21.93
C TYR B 42 -20.15 8.29 -21.64
N LEU B 43 -19.94 7.00 -21.43
CA LEU B 43 -21.04 6.08 -21.11
C LEU B 43 -21.16 5.84 -19.61
N TYR B 44 -22.38 5.67 -19.13
CA TYR B 44 -22.64 5.42 -17.71
C TYR B 44 -23.77 4.39 -17.52
N LYS B 45 -23.66 3.61 -16.46
CA LYS B 45 -24.59 2.50 -16.21
C LYS B 45 -25.44 2.68 -14.95
N GLN B 46 -26.76 2.65 -15.12
CA GLN B 46 -27.72 2.80 -14.01
C GLN B 46 -27.82 1.49 -13.21
N ASN B 49 -29.12 -0.47 -18.02
CA ASN B 49 -29.37 0.83 -18.62
C ASN B 49 -28.06 1.53 -18.94
N ILE B 50 -27.94 2.04 -20.16
CA ILE B 50 -26.71 2.70 -20.61
C ILE B 50 -27.04 4.03 -21.28
N LEU B 51 -26.48 5.11 -20.75
CA LEU B 51 -26.70 6.45 -21.30
C LEU B 51 -25.38 7.08 -21.77
N VAL B 52 -25.45 7.90 -22.81
CA VAL B 52 -24.31 8.73 -23.20
C VAL B 52 -24.48 10.05 -22.48
N PHE B 53 -23.55 10.34 -21.56
CA PHE B 53 -23.59 11.59 -20.82
C PHE B 53 -22.77 12.66 -21.52
N ASN B 54 -23.30 13.88 -21.50
CA ASN B 54 -22.59 15.04 -22.03
C ASN B 54 -21.68 15.62 -20.95
N ALA B 55 -20.52 16.12 -21.37
CA ALA B 55 -19.52 16.62 -20.45
C ALA B 55 -19.81 18.06 -19.99
N GLU B 56 -20.05 18.95 -20.95
CA GLU B 56 -20.20 20.37 -20.65
C GLU B 56 -21.53 20.72 -19.98
N TYR B 57 -22.64 20.39 -20.64
CA TYR B 57 -23.97 20.71 -20.12
C TYR B 57 -24.48 19.70 -19.09
N GLY B 58 -24.63 18.45 -19.51
CA GLY B 58 -25.07 17.38 -18.62
C GLY B 58 -26.24 16.55 -19.13
N ASN B 59 -26.80 16.93 -20.28
CA ASN B 59 -27.92 16.18 -20.85
C ASN B 59 -27.50 14.78 -21.33
N SER B 60 -28.13 13.77 -20.72
CA SER B 60 -27.83 12.38 -21.03
C SER B 60 -28.99 11.68 -21.72
N SER B 61 -28.78 11.38 -23.00
CA SER B 61 -29.74 10.61 -23.80
C SER B 61 -29.40 9.14 -23.72
N VAL B 62 -30.42 8.28 -23.67
CA VAL B 62 -30.25 6.84 -23.57
C VAL B 62 -29.59 6.26 -24.82
N PHE B 63 -28.56 5.44 -24.62
CA PHE B 63 -27.80 4.83 -25.70
C PHE B 63 -28.24 3.39 -25.94
N LEU B 64 -28.66 2.72 -24.87
CA LEU B 64 -29.03 1.32 -24.92
C LEU B 64 -29.84 0.93 -23.68
N GLU B 65 -31.13 0.65 -23.90
CA GLU B 65 -32.01 0.19 -22.82
C GLU B 65 -31.60 -1.20 -22.34
N ASN B 66 -31.80 -1.46 -21.05
CA ASN B 66 -31.45 -2.75 -20.45
C ASN B 66 -32.19 -3.96 -21.04
N SER B 67 -33.29 -3.69 -21.74
CA SER B 67 -34.14 -4.71 -22.34
C SER B 67 -33.67 -5.14 -23.73
N THR B 68 -32.86 -4.31 -24.37
CA THR B 68 -32.37 -4.56 -25.73
C THR B 68 -31.75 -5.94 -25.89
N PHE B 69 -31.01 -6.38 -24.88
CA PHE B 69 -30.34 -7.68 -24.92
C PHE B 69 -30.82 -8.65 -23.85
N ASP B 70 -32.13 -8.74 -23.71
CA ASP B 70 -32.78 -9.75 -22.89
C ASP B 70 -33.32 -10.81 -23.84
N GLU B 71 -33.73 -10.36 -25.02
CA GLU B 71 -34.19 -11.22 -26.10
C GLU B 71 -33.02 -12.03 -26.67
N PHE B 72 -31.82 -11.64 -26.26
CA PHE B 72 -30.57 -12.25 -26.71
C PHE B 72 -30.48 -13.76 -26.45
N GLY B 73 -30.90 -14.19 -25.26
CA GLY B 73 -30.84 -15.60 -24.89
C GLY B 73 -29.78 -15.87 -23.84
N HIS B 74 -28.53 -15.53 -24.16
CA HIS B 74 -27.41 -15.69 -23.23
C HIS B 74 -27.31 -14.50 -22.33
N SER B 75 -26.69 -14.70 -21.16
CA SER B 75 -26.47 -13.60 -20.23
C SER B 75 -25.21 -12.80 -20.61
N ILE B 76 -25.38 -11.49 -20.79
CA ILE B 76 -24.29 -10.60 -21.20
C ILE B 76 -23.35 -10.27 -20.05
N ASN B 77 -22.06 -10.49 -20.27
CA ASN B 77 -21.03 -10.24 -19.27
C ASN B 77 -20.49 -8.81 -19.34
N ASP B 78 -20.09 -8.37 -20.54
CA ASP B 78 -19.49 -7.05 -20.73
C ASP B 78 -19.70 -6.58 -22.17
N TYR B 79 -19.75 -5.26 -22.37
CA TYR B 79 -19.90 -4.69 -23.70
C TYR B 79 -18.67 -3.90 -24.14
N SER B 80 -18.59 -3.60 -25.43
CA SER B 80 -17.51 -2.80 -26.00
C SER B 80 -18.01 -2.08 -27.24
N ILE B 81 -18.14 -0.77 -27.16
CA ILE B 81 -18.62 0.04 -28.27
C ILE B 81 -17.47 0.37 -29.22
N SER B 82 -17.68 0.11 -30.51
CA SER B 82 -16.71 0.46 -31.54
C SER B 82 -16.47 1.98 -31.53
N PRO B 83 -15.24 2.42 -31.82
CA PRO B 83 -14.84 3.84 -31.79
C PRO B 83 -15.76 4.78 -32.55
N ASP B 84 -16.34 4.32 -33.65
CA ASP B 84 -17.26 5.14 -34.44
C ASP B 84 -18.72 5.03 -33.95
N GLY B 85 -18.94 4.21 -32.93
CA GLY B 85 -20.27 4.03 -32.33
C GLY B 85 -21.28 3.35 -33.24
N GLN B 86 -20.79 2.64 -34.25
CA GLN B 86 -21.65 1.98 -35.22
C GLN B 86 -22.01 0.55 -34.82
N PHE B 87 -21.09 -0.10 -34.12
CA PHE B 87 -21.28 -1.49 -33.70
C PHE B 87 -20.98 -1.68 -32.21
N ILE B 88 -21.64 -2.66 -31.61
CA ILE B 88 -21.43 -2.99 -30.21
C ILE B 88 -21.05 -4.46 -30.05
N LEU B 89 -19.93 -4.70 -29.37
CA LEU B 89 -19.43 -6.04 -29.12
C LEU B 89 -19.99 -6.55 -27.80
N LEU B 90 -20.77 -7.63 -27.85
CA LEU B 90 -21.39 -8.22 -26.67
C LEU B 90 -20.63 -9.45 -26.23
N GLU B 91 -20.10 -9.41 -25.00
CA GLU B 91 -19.32 -10.49 -24.44
C GLU B 91 -20.21 -11.34 -23.54
N TYR B 92 -20.28 -12.63 -23.85
CA TYR B 92 -21.02 -13.59 -23.03
C TYR B 92 -20.22 -14.88 -22.90
N ASN B 93 -20.73 -15.83 -22.11
CA ASN B 93 -20.03 -17.08 -21.78
C ASN B 93 -18.61 -16.83 -21.25
N TYR B 94 -18.50 -15.90 -20.32
CA TYR B 94 -17.24 -15.56 -19.70
C TYR B 94 -16.75 -16.72 -18.84
N VAL B 95 -15.65 -17.32 -19.27
CA VAL B 95 -14.99 -18.37 -18.50
C VAL B 95 -13.60 -17.85 -18.15
N LYS B 96 -13.40 -17.50 -16.88
CA LYS B 96 -12.14 -16.94 -16.38
C LYS B 96 -10.98 -17.92 -16.49
N GLN B 97 -9.80 -17.39 -16.79
CA GLN B 97 -8.57 -18.16 -16.71
C GLN B 97 -7.73 -17.61 -15.57
N TRP B 98 -6.65 -16.89 -15.89
CA TRP B 98 -5.76 -16.33 -14.86
C TRP B 98 -6.22 -14.96 -14.45
N ARG B 99 -5.30 -14.12 -13.97
CA ARG B 99 -5.65 -12.79 -13.45
C ARG B 99 -6.36 -11.89 -14.48
N HIS B 100 -5.93 -11.98 -15.74
CA HIS B 100 -6.47 -11.15 -16.81
C HIS B 100 -7.09 -11.93 -17.93
N SER B 101 -6.56 -13.12 -18.20
CA SER B 101 -7.02 -13.96 -19.30
C SER B 101 -8.38 -14.62 -19.03
N TYR B 102 -9.12 -14.85 -20.11
CA TYR B 102 -10.41 -15.54 -20.04
C TYR B 102 -10.93 -15.96 -21.40
N THR B 103 -11.85 -16.91 -21.38
CA THR B 103 -12.56 -17.41 -22.56
C THR B 103 -13.93 -16.73 -22.61
N ALA B 104 -14.36 -16.34 -23.81
CA ALA B 104 -15.69 -15.75 -23.97
C ALA B 104 -16.24 -15.92 -25.39
N SER B 105 -17.56 -15.96 -25.49
CA SER B 105 -18.24 -15.94 -26.77
C SER B 105 -18.60 -14.49 -27.08
N TYR B 106 -18.68 -14.17 -28.37
CA TYR B 106 -18.92 -12.80 -28.80
C TYR B 106 -19.95 -12.71 -29.92
N ASP B 107 -20.72 -11.63 -29.89
CA ASP B 107 -21.68 -11.29 -30.92
C ASP B 107 -21.65 -9.80 -31.14
N ILE B 108 -21.60 -9.40 -32.41
CA ILE B 108 -21.58 -8.00 -32.79
C ILE B 108 -23.03 -7.57 -33.07
N TYR B 109 -23.37 -6.36 -32.64
CA TYR B 109 -24.70 -5.82 -32.86
C TYR B 109 -24.62 -4.50 -33.61
N ASP B 110 -25.39 -4.39 -34.68
CA ASP B 110 -25.42 -3.19 -35.50
C ASP B 110 -26.33 -2.16 -34.84
N LEU B 111 -25.76 -1.00 -34.48
CA LEU B 111 -26.52 0.07 -33.82
C LEU B 111 -27.27 0.95 -34.82
N ASN B 112 -26.78 0.99 -36.06
CA ASN B 112 -27.41 1.77 -37.13
C ASN B 112 -28.46 0.96 -37.89
N LYS B 113 -28.58 -0.31 -37.55
CA LYS B 113 -29.52 -1.22 -38.18
C LYS B 113 -30.39 -1.88 -37.11
N ARG B 114 -29.99 -1.70 -35.86
CA ARG B 114 -30.69 -2.19 -34.67
C ARG B 114 -30.98 -3.71 -34.69
N GLN B 115 -29.99 -4.50 -35.12
CA GLN B 115 -30.09 -5.97 -35.11
C GLN B 115 -28.72 -6.66 -35.08
N LEU B 116 -28.71 -7.90 -34.57
CA LEU B 116 -27.49 -8.70 -34.45
C LEU B 116 -26.87 -9.05 -35.80
N ILE B 117 -25.57 -9.30 -35.79
CA ILE B 117 -24.88 -9.84 -36.96
C ILE B 117 -24.83 -11.35 -36.76
N THR B 118 -25.44 -12.09 -37.69
CA THR B 118 -25.54 -13.55 -37.59
C THR B 118 -24.58 -14.27 -38.54
N GLU B 119 -24.17 -13.57 -39.59
CA GLU B 119 -23.24 -14.14 -40.58
C GLU B 119 -21.80 -13.80 -40.23
N GLU B 120 -20.91 -14.78 -40.41
CA GLU B 120 -19.48 -14.65 -40.10
C GLU B 120 -19.27 -14.12 -38.68
N ARG B 121 -19.77 -14.86 -37.70
CA ARG B 121 -19.67 -14.47 -36.30
C ARG B 121 -18.27 -14.73 -35.75
N ILE B 122 -17.98 -14.14 -34.59
CA ILE B 122 -16.76 -14.44 -33.85
C ILE B 122 -16.96 -15.82 -33.20
N PRO B 123 -16.00 -16.74 -33.40
CA PRO B 123 -16.18 -18.10 -32.88
C PRO B 123 -16.26 -18.17 -31.36
N ASN B 124 -16.83 -19.25 -30.85
CA ASN B 124 -16.83 -19.53 -29.43
C ASN B 124 -15.40 -19.80 -28.99
N ASN B 125 -15.12 -19.60 -27.70
CA ASN B 125 -13.79 -19.83 -27.14
C ASN B 125 -12.74 -18.84 -27.65
N THR B 126 -13.17 -17.61 -27.92
CA THR B 126 -12.27 -16.54 -28.31
C THR B 126 -11.52 -16.04 -27.07
N GLN B 127 -10.22 -15.89 -27.24
CA GLN B 127 -9.31 -15.54 -26.16
C GLN B 127 -9.16 -14.03 -25.99
N TRP B 128 -9.33 -13.28 -27.07
CA TRP B 128 -9.31 -11.81 -27.01
C TRP B 128 -9.93 -11.17 -28.22
N VAL B 129 -10.62 -10.06 -28.00
CA VAL B 129 -11.22 -9.27 -29.08
C VAL B 129 -10.94 -7.79 -28.84
N THR B 130 -10.51 -7.09 -29.89
CA THR B 130 -10.20 -5.67 -29.77
C THR B 130 -10.53 -4.86 -31.03
N TRP B 131 -11.17 -3.71 -30.81
CA TRP B 131 -11.47 -2.76 -31.88
C TRP B 131 -10.24 -1.99 -32.24
N SER B 132 -10.17 -1.52 -33.47
CA SER B 132 -9.15 -0.56 -33.87
C SER B 132 -9.48 0.75 -33.16
N PRO B 133 -8.50 1.68 -33.03
CA PRO B 133 -8.79 2.92 -32.31
C PRO B 133 -9.77 3.83 -33.05
N VAL B 134 -9.87 3.69 -34.37
CA VAL B 134 -10.85 4.44 -35.16
C VAL B 134 -11.59 3.48 -36.08
N GLY B 135 -12.83 3.84 -36.44
CA GLY B 135 -13.67 3.00 -37.27
C GLY B 135 -14.17 1.78 -36.52
N HIS B 136 -14.31 0.66 -37.23
CA HIS B 136 -14.84 -0.57 -36.64
C HIS B 136 -14.13 -1.82 -37.09
N LYS B 137 -12.82 -1.73 -37.29
CA LYS B 137 -12.00 -2.90 -37.58
C LYS B 137 -11.90 -3.74 -36.31
N LEU B 138 -11.71 -5.05 -36.48
CA LEU B 138 -11.76 -5.96 -35.37
C LEU B 138 -10.63 -6.99 -35.44
N ALA B 139 -9.88 -7.11 -34.36
CA ALA B 139 -8.84 -8.12 -34.25
C ALA B 139 -9.16 -9.04 -33.07
N TYR B 140 -9.10 -10.35 -33.33
CA TYR B 140 -9.39 -11.33 -32.28
C TYR B 140 -8.47 -12.55 -32.32
N VAL B 141 -8.24 -13.12 -31.14
CA VAL B 141 -7.42 -14.33 -31.00
C VAL B 141 -8.29 -15.54 -30.70
N TRP B 142 -8.11 -16.60 -31.48
CA TRP B 142 -8.83 -17.84 -31.31
C TRP B 142 -7.92 -18.99 -31.60
N ASN B 143 -7.85 -19.94 -30.66
CA ASN B 143 -6.91 -21.07 -30.71
C ASN B 143 -5.48 -20.61 -31.00
N ASN B 144 -5.04 -19.63 -30.22
CA ASN B 144 -3.69 -19.05 -30.27
C ASN B 144 -3.30 -18.38 -31.60
N ASP B 145 -4.29 -18.12 -32.44
CA ASP B 145 -4.07 -17.46 -33.73
C ASP B 145 -4.84 -16.15 -33.86
N ILE B 146 -4.27 -15.20 -34.60
CA ILE B 146 -4.86 -13.88 -34.78
C ILE B 146 -5.68 -13.80 -36.07
N TYR B 147 -6.88 -13.25 -35.94
CA TYR B 147 -7.79 -13.04 -37.05
C TYR B 147 -8.20 -11.57 -37.07
N VAL B 148 -8.41 -11.02 -38.26
CA VAL B 148 -8.82 -9.63 -38.40
C VAL B 148 -10.05 -9.48 -39.29
N LYS B 149 -11.05 -8.76 -38.78
CA LYS B 149 -12.26 -8.45 -39.53
C LYS B 149 -12.28 -6.98 -39.89
N ILE B 150 -12.15 -6.70 -41.20
CA ILE B 150 -12.23 -5.34 -41.71
C ILE B 150 -13.65 -4.79 -41.51
N GLU B 151 -14.63 -5.66 -41.70
CA GLU B 151 -16.04 -5.36 -41.41
C GLU B 151 -16.63 -6.48 -40.53
N PRO B 152 -17.55 -6.14 -39.60
CA PRO B 152 -18.07 -7.12 -38.64
C PRO B 152 -18.74 -8.35 -39.26
N ASN B 153 -19.54 -8.14 -40.32
CA ASN B 153 -20.30 -9.22 -40.97
C ASN B 153 -19.55 -9.99 -42.06
N LEU B 154 -18.41 -9.48 -42.48
CA LEU B 154 -17.59 -10.13 -43.50
C LEU B 154 -16.69 -11.21 -42.89
N PRO B 155 -16.11 -12.09 -43.72
CA PRO B 155 -15.22 -13.13 -43.19
C PRO B 155 -13.93 -12.53 -42.62
N SER B 156 -13.38 -13.17 -41.59
CA SER B 156 -12.15 -12.71 -40.99
C SER B 156 -10.93 -13.21 -41.77
N TYR B 157 -9.87 -12.40 -41.76
CA TYR B 157 -8.60 -12.75 -42.38
C TYR B 157 -7.72 -13.40 -41.34
N ARG B 158 -7.26 -14.61 -41.60
CA ARG B 158 -6.36 -15.29 -40.69
C ARG B 158 -4.95 -14.73 -40.82
N ILE B 159 -4.48 -14.08 -39.76
CA ILE B 159 -3.17 -13.44 -39.75
C ILE B 159 -2.05 -14.44 -39.51
N THR B 160 -2.21 -15.29 -38.50
CA THR B 160 -1.19 -16.26 -38.11
C THR B 160 -1.67 -17.70 -38.26
N TRP B 161 -0.72 -18.60 -38.47
CA TRP B 161 -1.01 -20.02 -38.68
C TRP B 161 -0.18 -20.91 -37.80
N THR B 162 0.75 -20.29 -37.07
CA THR B 162 1.70 -21.01 -36.22
C THR B 162 1.14 -21.31 -34.84
N GLY B 163 0.03 -20.66 -34.48
CA GLY B 163 -0.59 -20.78 -33.17
C GLY B 163 -0.86 -22.21 -32.73
N LYS B 164 -0.42 -22.53 -31.51
CA LYS B 164 -0.60 -23.85 -30.91
C LYS B 164 -0.78 -23.71 -29.40
N GLU B 165 -1.82 -24.36 -28.86
CA GLU B 165 -2.12 -24.33 -27.42
C GLU B 165 -0.92 -24.73 -26.57
N ASP B 166 -0.61 -23.90 -25.58
CA ASP B 166 0.49 -24.11 -24.61
C ASP B 166 1.90 -24.07 -25.18
N ILE B 167 2.04 -23.67 -26.45
CA ILE B 167 3.35 -23.57 -27.08
C ILE B 167 3.55 -22.23 -27.80
N ILE B 168 2.72 -21.96 -28.79
CA ILE B 168 2.83 -20.73 -29.59
C ILE B 168 1.68 -19.77 -29.29
N TYR B 169 2.02 -18.58 -28.79
CA TYR B 169 1.02 -17.56 -28.44
C TYR B 169 1.08 -16.36 -29.37
N ASN B 170 0.07 -16.24 -30.25
CA ASN B 170 -0.03 -15.11 -31.15
C ASN B 170 -1.05 -14.09 -30.68
N GLY B 171 -0.61 -12.86 -30.43
CA GLY B 171 -1.50 -11.79 -30.01
C GLY B 171 -2.03 -11.90 -28.59
N ILE B 172 -1.64 -12.98 -27.92
CA ILE B 172 -1.96 -13.18 -26.51
C ILE B 172 -0.69 -13.55 -25.75
N THR B 173 -0.67 -13.25 -24.46
CA THR B 173 0.48 -13.53 -23.61
C THR B 173 0.38 -14.94 -23.06
N ASP B 174 1.51 -15.52 -22.68
CA ASP B 174 1.51 -16.80 -21.96
C ASP B 174 1.20 -16.51 -20.48
N TRP B 175 1.52 -17.44 -19.58
CA TRP B 175 1.22 -17.19 -18.17
C TRP B 175 2.07 -16.09 -17.58
N VAL B 176 3.38 -16.18 -17.77
CA VAL B 176 4.32 -15.27 -17.12
C VAL B 176 4.25 -13.82 -17.63
N TYR B 177 4.12 -13.63 -18.94
CA TYR B 177 4.00 -12.28 -19.50
C TYR B 177 2.71 -11.62 -19.06
N GLU B 178 1.66 -12.43 -18.88
CA GLU B 178 0.37 -11.95 -18.39
C GLU B 178 0.50 -11.38 -16.97
N GLU B 179 1.09 -12.15 -16.07
CA GLU B 179 1.15 -11.77 -14.66
C GLU B 179 2.23 -10.73 -14.36
N GLU B 180 3.40 -10.87 -14.98
CA GLU B 180 4.57 -10.09 -14.58
C GLU B 180 5.05 -9.03 -15.57
N VAL B 181 4.61 -9.10 -16.82
CA VAL B 181 5.10 -8.16 -17.83
C VAL B 181 4.02 -7.18 -18.32
N PHE B 182 2.90 -7.68 -18.83
CA PHE B 182 1.88 -6.82 -19.44
C PHE B 182 0.63 -6.55 -18.59
N SER B 183 0.46 -7.26 -17.48
CA SER B 183 -0.76 -7.15 -16.65
C SER B 183 -2.02 -7.24 -17.50
N ALA B 184 -1.95 -8.09 -18.53
CA ALA B 184 -3.03 -8.23 -19.50
C ALA B 184 -2.83 -9.50 -20.31
N TYR B 185 -3.92 -10.02 -20.84
CA TYR B 185 -3.88 -11.19 -21.70
C TYR B 185 -3.44 -10.86 -23.12
N SER B 186 -3.92 -9.73 -23.66
CA SER B 186 -3.64 -9.39 -25.04
C SER B 186 -2.19 -9.01 -25.31
N ALA B 187 -1.71 -9.39 -26.49
CA ALA B 187 -0.43 -8.96 -27.01
C ALA B 187 -0.67 -8.44 -28.43
N LEU B 188 -1.71 -7.63 -28.57
CA LEU B 188 -2.06 -6.97 -29.84
C LEU B 188 -2.02 -5.47 -29.63
N TRP B 189 -1.54 -4.75 -30.64
CA TRP B 189 -1.48 -3.29 -30.57
C TRP B 189 -1.80 -2.66 -31.88
N TRP B 190 -3.01 -2.10 -31.98
CA TRP B 190 -3.43 -1.36 -33.18
C TRP B 190 -2.64 -0.09 -33.30
N SER B 191 -2.34 0.31 -34.53
CA SER B 191 -1.72 1.61 -34.77
C SER B 191 -2.78 2.69 -34.57
N PRO B 192 -2.39 3.92 -34.21
CA PRO B 192 -3.35 4.97 -33.86
C PRO B 192 -4.58 5.08 -34.78
N ASN B 193 -4.41 4.93 -36.09
CA ASN B 193 -5.56 4.98 -37.01
C ASN B 193 -6.02 3.62 -37.56
N GLY B 194 -5.58 2.54 -36.92
CA GLY B 194 -6.01 1.19 -37.27
C GLY B 194 -5.44 0.63 -38.57
N THR B 195 -4.39 1.28 -39.08
CA THR B 195 -3.71 0.80 -40.29
C THR B 195 -2.92 -0.48 -40.01
N PHE B 196 -2.02 -0.41 -39.03
CA PHE B 196 -1.15 -1.53 -38.69
C PHE B 196 -1.61 -2.24 -37.43
N LEU B 197 -1.40 -3.55 -37.39
CA LEU B 197 -1.64 -4.32 -36.18
C LEU B 197 -0.35 -4.96 -35.74
N ALA B 198 0.24 -4.39 -34.69
CA ALA B 198 1.44 -4.95 -34.10
C ALA B 198 1.03 -6.04 -33.12
N TYR B 199 1.82 -7.10 -33.07
CA TYR B 199 1.60 -8.16 -32.10
C TYR B 199 2.89 -8.83 -31.65
N ALA B 200 2.81 -9.53 -30.53
CA ALA B 200 3.92 -10.28 -29.99
C ALA B 200 3.63 -11.76 -30.13
N GLN B 201 4.67 -12.55 -30.39
CA GLN B 201 4.52 -13.99 -30.44
C GLN B 201 5.39 -14.63 -29.37
N PHE B 202 4.77 -15.45 -28.53
CA PHE B 202 5.48 -16.13 -27.45
C PHE B 202 5.61 -17.61 -27.76
N ASN B 203 6.79 -18.15 -27.46
CA ASN B 203 7.12 -19.54 -27.73
C ASN B 203 7.52 -20.23 -26.43
N ASP B 204 6.59 -21.03 -25.88
CA ASP B 204 6.81 -21.73 -24.62
C ASP B 204 7.33 -23.17 -24.76
N THR B 205 7.72 -23.55 -25.97
CA THR B 205 8.14 -24.93 -26.27
C THR B 205 8.81 -25.65 -25.09
N GLU B 206 9.93 -25.12 -24.62
CA GLU B 206 10.75 -25.78 -23.60
C GLU B 206 10.58 -25.26 -22.18
N VAL B 207 9.53 -24.48 -21.97
CA VAL B 207 9.18 -24.00 -20.63
C VAL B 207 8.53 -25.17 -19.90
N PRO B 208 9.00 -25.48 -18.68
CA PRO B 208 8.40 -26.56 -17.90
C PRO B 208 6.96 -26.25 -17.49
N LEU B 209 6.21 -27.30 -17.18
CA LEU B 209 4.80 -27.18 -16.85
C LEU B 209 4.57 -27.42 -15.37
N ILE B 210 3.80 -26.55 -14.72
CA ILE B 210 3.37 -26.79 -13.35
C ILE B 210 2.15 -27.71 -13.39
N GLU B 211 2.14 -28.73 -12.54
CA GLU B 211 1.06 -29.68 -12.56
C GLU B 211 0.36 -29.78 -11.22
N TYR B 212 -0.90 -29.37 -11.18
CA TYR B 212 -1.69 -29.42 -9.97
C TYR B 212 -3.05 -30.06 -10.21
N SER B 213 -3.56 -30.71 -9.17
CA SER B 213 -4.86 -31.37 -9.25
C SER B 213 -6.01 -30.38 -9.21
N PHE B 214 -6.94 -30.54 -10.15
CA PHE B 214 -8.20 -29.84 -10.10
C PHE B 214 -9.30 -30.86 -9.87
N TYR B 215 -10.08 -30.63 -8.82
CA TYR B 215 -11.05 -31.62 -8.34
C TYR B 215 -12.45 -31.43 -8.91
N SER B 216 -12.72 -30.21 -9.37
CA SER B 216 -13.97 -29.85 -10.03
C SER B 216 -15.21 -30.13 -9.16
N ASP B 217 -16.37 -30.14 -9.79
CA ASP B 217 -17.62 -30.49 -9.13
C ASP B 217 -17.51 -31.92 -8.58
N GLU B 218 -18.21 -32.21 -7.48
CA GLU B 218 -18.13 -33.52 -6.85
C GLU B 218 -18.54 -34.67 -7.79
N SER B 219 -19.13 -34.32 -8.93
CA SER B 219 -19.53 -35.29 -9.94
C SER B 219 -18.34 -35.83 -10.75
N LEU B 220 -17.21 -35.12 -10.70
CA LEU B 220 -16.00 -35.55 -11.39
C LEU B 220 -15.34 -36.69 -10.60
N GLN B 221 -15.45 -37.89 -11.13
CA GLN B 221 -14.94 -39.10 -10.46
C GLN B 221 -13.41 -39.11 -10.33
N TYR B 222 -12.72 -38.89 -11.44
CA TYR B 222 -11.27 -38.79 -11.42
C TYR B 222 -10.88 -37.32 -11.46
N PRO B 223 -9.94 -36.91 -10.58
CA PRO B 223 -9.49 -35.52 -10.61
C PRO B 223 -8.71 -35.21 -11.87
N LYS B 224 -8.78 -33.95 -12.29
CA LYS B 224 -8.13 -33.48 -13.51
C LYS B 224 -6.73 -32.97 -13.14
N THR B 225 -5.79 -33.11 -14.07
CA THR B 225 -4.46 -32.56 -13.86
C THR B 225 -4.22 -31.37 -14.78
N VAL B 226 -4.18 -30.18 -14.19
CA VAL B 226 -3.93 -28.94 -14.91
C VAL B 226 -2.44 -28.83 -15.20
N ARG B 227 -2.10 -28.49 -16.44
CA ARG B 227 -0.71 -28.31 -16.87
C ARG B 227 -0.52 -26.94 -17.50
N VAL B 228 0.26 -26.09 -16.83
CA VAL B 228 0.47 -24.72 -17.27
C VAL B 228 1.95 -24.46 -17.53
N PRO B 229 2.31 -23.99 -18.75
CA PRO B 229 3.68 -23.58 -19.05
C PRO B 229 4.08 -22.41 -18.16
N TYR B 230 4.87 -22.71 -17.13
CA TYR B 230 5.20 -21.77 -16.07
C TYR B 230 6.70 -21.81 -15.81
N PRO B 231 7.40 -20.70 -16.05
CA PRO B 231 8.83 -20.72 -15.77
C PRO B 231 9.15 -20.31 -14.33
N LYS B 232 9.63 -21.26 -13.53
CA LYS B 232 10.07 -20.95 -12.18
C LYS B 232 11.48 -20.37 -12.21
N ALA B 233 11.79 -19.53 -11.23
CA ALA B 233 13.09 -18.85 -11.13
C ALA B 233 14.22 -19.75 -11.63
N GLY B 234 14.87 -19.33 -12.70
CA GLY B 234 16.03 -20.02 -13.24
C GLY B 234 15.75 -21.00 -14.37
N ALA B 235 14.49 -21.42 -14.50
CA ALA B 235 14.10 -22.38 -15.54
C ALA B 235 14.09 -21.75 -16.94
N VAL B 236 13.79 -22.55 -17.95
CA VAL B 236 13.72 -22.07 -19.32
C VAL B 236 12.53 -21.12 -19.46
N ASN B 237 12.80 -19.94 -20.03
CA ASN B 237 11.79 -18.90 -20.23
C ASN B 237 11.14 -18.95 -21.61
N PRO B 238 9.97 -18.28 -21.75
CA PRO B 238 9.37 -18.11 -23.07
C PRO B 238 10.18 -17.12 -23.91
N THR B 239 10.27 -17.38 -25.20
CA THR B 239 10.97 -16.47 -26.10
C THR B 239 9.93 -15.64 -26.86
N VAL B 240 10.34 -14.45 -27.30
CA VAL B 240 9.41 -13.52 -27.95
C VAL B 240 9.91 -12.96 -29.29
N LYS B 241 9.03 -13.04 -30.28
CA LYS B 241 9.23 -12.42 -31.58
C LYS B 241 8.15 -11.36 -31.77
N PHE B 242 8.51 -10.21 -32.33
CA PHE B 242 7.56 -9.12 -32.50
C PHE B 242 7.28 -8.86 -33.98
N PHE B 243 6.01 -8.66 -34.29
CA PHE B 243 5.59 -8.43 -35.66
C PHE B 243 4.65 -7.22 -35.80
N VAL B 244 4.58 -6.69 -37.03
CA VAL B 244 3.62 -5.66 -37.40
C VAL B 244 3.06 -6.05 -38.76
N VAL B 245 1.73 -6.05 -38.87
CA VAL B 245 1.07 -6.43 -40.11
C VAL B 245 0.17 -5.29 -40.61
N ASN B 246 0.18 -5.05 -41.91
CA ASN B 246 -0.64 -4.02 -42.53
C ASN B 246 -2.03 -4.55 -42.86
N THR B 247 -3.02 -4.16 -42.05
CA THR B 247 -4.40 -4.63 -42.23
C THR B 247 -5.07 -4.08 -43.50
N ASP B 248 -4.53 -3.00 -44.05
CA ASP B 248 -5.04 -2.39 -45.27
C ASP B 248 -4.72 -3.18 -46.54
N SER B 249 -3.57 -3.84 -46.55
CA SER B 249 -3.15 -4.63 -47.71
C SER B 249 -3.50 -6.13 -47.58
N LEU B 250 -4.38 -6.45 -46.64
CA LEU B 250 -4.86 -7.82 -46.47
C LEU B 250 -5.75 -8.19 -47.64
N SER B 251 -5.70 -9.47 -48.02
CA SER B 251 -6.57 -10.00 -49.05
C SER B 251 -6.96 -11.44 -48.72
N SER B 252 -8.09 -11.89 -49.27
CA SER B 252 -8.54 -13.27 -49.11
C SER B 252 -7.93 -14.16 -50.18
N VAL B 253 -6.98 -13.60 -50.93
CA VAL B 253 -6.28 -14.30 -52.00
C VAL B 253 -4.94 -14.88 -51.51
N THR B 254 -4.19 -14.09 -50.76
CA THR B 254 -2.90 -14.52 -50.22
C THR B 254 -2.83 -14.31 -48.71
N ASN B 255 -2.04 -15.16 -48.03
CA ASN B 255 -1.84 -15.07 -46.59
C ASN B 255 -1.26 -13.72 -46.14
N ALA B 256 -1.58 -13.34 -44.91
CA ALA B 256 -1.10 -12.09 -44.33
C ALA B 256 0.41 -12.11 -44.16
N THR B 257 1.08 -11.08 -44.67
CA THR B 257 2.53 -10.97 -44.57
C THR B 257 2.96 -10.11 -43.36
N SER B 258 3.47 -10.79 -42.32
CA SER B 258 3.88 -10.13 -41.07
C SER B 258 5.34 -9.70 -41.07
N ILE B 259 5.56 -8.41 -40.89
CA ILE B 259 6.91 -7.85 -40.83
C ILE B 259 7.46 -7.98 -39.41
N GLN B 260 8.56 -8.75 -39.27
CA GLN B 260 9.19 -8.94 -37.97
C GLN B 260 10.11 -7.78 -37.61
N ILE B 261 10.00 -7.33 -36.36
CA ILE B 261 10.89 -6.33 -35.81
C ILE B 261 11.81 -7.00 -34.80
N THR B 262 12.99 -7.42 -35.24
CA THR B 262 13.94 -8.11 -34.38
C THR B 262 14.47 -7.20 -33.27
N ALA B 263 14.72 -7.79 -32.11
CA ALA B 263 15.28 -7.08 -30.96
C ALA B 263 16.73 -6.69 -31.23
N PRO B 264 17.23 -5.62 -30.55
CA PRO B 264 18.61 -5.17 -30.73
C PRO B 264 19.67 -6.26 -30.43
N ALA B 265 20.86 -6.10 -31.00
CA ALA B 265 21.96 -7.04 -30.80
C ALA B 265 22.29 -7.28 -29.33
N SER B 266 22.11 -6.23 -28.52
CA SER B 266 22.36 -6.28 -27.09
C SER B 266 21.31 -7.10 -26.33
N MET B 267 20.24 -7.47 -27.02
CA MET B 267 19.18 -8.28 -26.42
C MET B 267 19.23 -9.72 -26.91
N LEU B 268 19.62 -9.91 -28.16
CA LEU B 268 19.66 -11.23 -28.78
C LEU B 268 20.76 -12.10 -28.19
N ILE B 269 21.83 -11.46 -27.72
CA ILE B 269 22.98 -12.15 -27.12
C ILE B 269 22.56 -13.17 -26.05
N GLY B 270 21.68 -12.75 -25.13
CA GLY B 270 21.18 -13.63 -24.08
C GLY B 270 19.66 -13.67 -24.02
N ASP B 271 19.13 -14.31 -22.99
CA ASP B 271 17.68 -14.35 -22.75
C ASP B 271 17.14 -12.95 -22.46
N HIS B 272 16.06 -12.59 -23.14
CA HIS B 272 15.46 -11.27 -22.98
C HIS B 272 13.96 -11.29 -22.79
N TYR B 273 13.37 -10.10 -22.69
CA TYR B 273 11.92 -9.94 -22.61
C TYR B 273 11.48 -8.76 -23.47
N LEU B 274 10.24 -8.81 -23.92
CA LEU B 274 9.58 -7.66 -24.51
C LEU B 274 8.71 -7.06 -23.41
N CYS B 275 9.11 -5.90 -22.89
CA CYS B 275 8.44 -5.33 -21.73
C CYS B 275 7.43 -4.20 -22.03
N ASP B 276 7.56 -3.56 -23.18
CA ASP B 276 6.63 -2.47 -23.54
C ASP B 276 6.54 -2.21 -25.04
N VAL B 277 5.30 -2.04 -25.51
CA VAL B 277 5.00 -1.66 -26.88
C VAL B 277 4.20 -0.36 -26.83
N THR B 278 4.63 0.64 -27.59
CA THR B 278 3.93 1.92 -27.63
C THR B 278 4.03 2.56 -29.01
N TRP B 279 2.88 2.86 -29.60
CA TRP B 279 2.82 3.55 -30.88
C TRP B 279 3.06 5.02 -30.70
N ALA B 280 3.93 5.58 -31.54
CA ALA B 280 4.21 7.01 -31.53
C ALA B 280 3.33 7.74 -32.54
N THR B 281 3.41 7.33 -33.81
CA THR B 281 2.59 7.89 -34.88
C THR B 281 1.92 6.74 -35.61
N GLN B 282 1.32 7.03 -36.75
CA GLN B 282 0.72 6.02 -37.62
C GLN B 282 1.80 5.12 -38.22
N GLU B 283 3.02 5.64 -38.27
CA GLU B 283 4.15 4.95 -38.89
C GLU B 283 5.40 4.93 -37.99
N ARG B 284 5.20 5.07 -36.69
CA ARG B 284 6.29 5.02 -35.72
C ARG B 284 5.89 4.24 -34.48
N ILE B 285 6.62 3.17 -34.21
CA ILE B 285 6.35 2.31 -33.07
C ILE B 285 7.58 2.19 -32.18
N SER B 286 7.38 2.33 -30.87
CA SER B 286 8.47 2.22 -29.92
C SER B 286 8.37 0.93 -29.12
N LEU B 287 9.42 0.14 -29.19
CA LEU B 287 9.50 -1.11 -28.44
C LEU B 287 10.47 -0.94 -27.30
N GLN B 288 10.12 -1.50 -26.14
CA GLN B 288 11.06 -1.56 -25.02
C GLN B 288 11.40 -3.02 -24.74
N TRP B 289 12.69 -3.31 -24.78
CA TRP B 289 13.19 -4.65 -24.51
C TRP B 289 13.92 -4.69 -23.20
N LEU B 290 13.86 -5.85 -22.55
CA LEU B 290 14.43 -6.03 -21.23
C LEU B 290 15.32 -7.26 -21.26
N ARG B 291 16.48 -7.19 -20.62
CA ARG B 291 17.33 -8.37 -20.47
C ARG B 291 16.84 -9.22 -19.31
N ARG B 292 17.08 -10.53 -19.36
CA ARG B 292 16.61 -11.43 -18.31
C ARG B 292 17.11 -10.95 -16.95
N ILE B 293 18.41 -10.61 -16.90
CA ILE B 293 18.95 -9.86 -15.77
C ILE B 293 18.41 -8.44 -16.00
N GLN B 294 17.43 -8.07 -15.19
CA GLN B 294 16.62 -6.88 -15.46
C GLN B 294 17.19 -5.55 -14.96
N ASN B 295 18.49 -5.35 -15.18
CA ASN B 295 19.15 -4.08 -14.86
C ASN B 295 19.46 -3.26 -16.10
N TYR B 296 19.25 -3.85 -17.27
CA TYR B 296 19.57 -3.21 -18.55
C TYR B 296 18.39 -3.37 -19.49
N SER B 297 17.90 -2.24 -20.02
CA SER B 297 16.79 -2.25 -20.97
C SER B 297 17.07 -1.33 -22.15
N VAL B 298 16.50 -1.67 -23.31
CA VAL B 298 16.74 -0.93 -24.55
C VAL B 298 15.42 -0.69 -25.29
N MET B 299 15.09 0.59 -25.50
CA MET B 299 13.91 0.93 -26.31
C MET B 299 14.33 1.25 -27.74
N ASP B 300 13.61 0.64 -28.68
CA ASP B 300 13.81 0.87 -30.10
C ASP B 300 12.66 1.62 -30.71
N ILE B 301 12.97 2.74 -31.36
CA ILE B 301 11.97 3.53 -32.07
C ILE B 301 12.04 3.15 -33.53
N CYS B 302 10.95 2.57 -34.03
CA CYS B 302 10.93 2.00 -35.38
C CYS B 302 9.97 2.71 -36.31
N ASP B 303 10.50 3.19 -37.43
CA ASP B 303 9.72 3.88 -38.46
C ASP B 303 9.34 2.92 -39.59
N TYR B 304 8.23 3.23 -40.24
CA TYR B 304 7.75 2.45 -41.38
C TYR B 304 8.35 3.00 -42.66
N ASP B 305 8.91 2.11 -43.48
CA ASP B 305 9.49 2.50 -44.77
C ASP B 305 8.52 2.20 -45.91
N GLU B 306 8.09 3.24 -46.61
CA GLU B 306 7.09 3.13 -47.68
C GLU B 306 7.47 2.18 -48.82
N SER B 307 8.65 2.38 -49.40
CA SER B 307 9.10 1.55 -50.52
C SER B 307 9.30 0.09 -50.12
N SER B 308 9.82 -0.14 -48.91
CA SER B 308 10.09 -1.48 -48.40
C SER B 308 8.82 -2.20 -47.97
N GLY B 309 7.95 -1.49 -47.28
CA GLY B 309 6.78 -2.09 -46.65
C GLY B 309 7.21 -2.74 -45.35
N ARG B 310 8.44 -2.43 -44.91
CA ARG B 310 9.02 -3.02 -43.71
C ARG B 310 9.42 -1.94 -42.69
N TRP B 311 9.79 -2.39 -41.48
CA TRP B 311 10.06 -1.48 -40.36
C TRP B 311 11.52 -1.34 -40.02
N ASN B 312 11.96 -0.10 -39.85
CA ASN B 312 13.35 0.22 -39.55
C ASN B 312 13.54 0.90 -38.19
N CYS B 313 14.32 0.25 -37.33
CA CYS B 313 14.66 0.82 -36.04
C CYS B 313 16.10 1.30 -36.09
N LEU B 314 16.27 2.61 -36.19
CA LEU B 314 17.60 3.20 -36.24
C LEU B 314 18.28 3.13 -34.89
N VAL B 315 19.55 2.72 -34.89
CA VAL B 315 20.36 2.60 -33.68
C VAL B 315 20.66 3.99 -33.08
N ALA B 316 20.55 5.03 -33.90
CA ALA B 316 20.67 6.41 -33.44
C ALA B 316 19.49 6.78 -32.52
N ARG B 317 18.29 6.33 -32.89
CA ARG B 317 17.06 6.60 -32.12
C ARG B 317 16.96 5.74 -30.87
N GLN B 318 17.78 4.69 -30.81
CA GLN B 318 17.76 3.73 -29.71
C GLN B 318 18.07 4.39 -28.37
N HIS B 319 17.25 4.09 -27.35
CA HIS B 319 17.45 4.63 -26.01
C HIS B 319 17.70 3.57 -24.98
N ILE B 320 18.78 3.73 -24.24
CA ILE B 320 19.13 2.78 -23.17
C ILE B 320 18.64 3.30 -21.82
N GLU B 321 18.05 2.40 -21.04
CA GLU B 321 17.66 2.71 -19.67
C GLU B 321 18.19 1.58 -18.82
N MET B 322 18.96 1.93 -17.80
CA MET B 322 19.60 0.94 -16.94
C MET B 322 19.61 1.33 -15.46
N SER B 323 20.11 0.43 -14.62
CA SER B 323 20.24 0.69 -13.20
C SER B 323 21.42 -0.09 -12.64
N THR B 324 22.25 0.58 -11.85
CA THR B 324 23.36 -0.05 -11.16
C THR B 324 22.95 -0.44 -9.75
N THR B 325 22.01 0.32 -9.18
CA THR B 325 21.53 0.09 -7.81
C THR B 325 20.50 -1.05 -7.70
N GLY B 326 19.87 -1.39 -8.82
CA GLY B 326 18.88 -2.46 -8.84
C GLY B 326 18.33 -2.78 -10.21
N TRP B 327 17.02 -2.94 -10.29
CA TRP B 327 16.33 -3.29 -11.52
C TRP B 327 15.73 -2.07 -12.18
N VAL B 328 15.55 -2.12 -13.50
CA VAL B 328 15.01 -0.99 -14.26
C VAL B 328 13.48 -0.89 -14.14
N GLY B 329 13.00 0.27 -13.71
CA GLY B 329 11.56 0.52 -13.54
C GLY B 329 11.04 0.07 -12.20
N ARG B 330 9.81 0.45 -11.87
CA ARG B 330 9.18 0.00 -10.63
C ARG B 330 8.92 -1.50 -10.70
N PHE B 331 8.37 -1.94 -11.83
CA PHE B 331 8.14 -3.36 -12.11
C PHE B 331 8.56 -3.68 -13.55
N ARG B 332 8.57 -2.64 -14.38
CA ARG B 332 9.05 -2.72 -15.75
C ARG B 332 9.42 -1.31 -16.22
N PRO B 333 10.30 -1.19 -17.24
CA PRO B 333 10.59 0.12 -17.81
C PRO B 333 9.32 0.87 -18.18
N SER B 334 9.20 2.11 -17.70
CA SER B 334 8.01 2.93 -17.87
C SER B 334 7.69 3.19 -19.34
N GLU B 335 6.40 3.42 -19.63
CA GLU B 335 5.93 3.62 -21.00
C GLU B 335 6.11 5.06 -21.47
N PRO B 336 6.57 5.25 -22.71
CA PRO B 336 6.76 6.59 -23.24
C PRO B 336 5.43 7.23 -23.66
N HIS B 337 5.37 8.56 -23.57
CA HIS B 337 4.23 9.31 -24.06
C HIS B 337 4.74 10.25 -25.10
N PHE B 338 4.48 9.92 -26.37
CA PHE B 338 4.99 10.70 -27.48
C PHE B 338 4.17 11.94 -27.77
N THR B 339 4.84 12.95 -28.31
CA THR B 339 4.18 14.16 -28.79
C THR B 339 3.52 13.83 -30.13
N LEU B 340 2.61 14.70 -30.58
CA LEU B 340 1.85 14.47 -31.81
C LEU B 340 2.74 14.12 -33.00
N ASP B 341 3.84 14.84 -33.17
CA ASP B 341 4.76 14.60 -34.30
C ASP B 341 5.67 13.38 -34.09
N GLY B 342 5.61 12.81 -32.88
CA GLY B 342 6.40 11.62 -32.54
C GLY B 342 7.90 11.80 -32.53
N ASN B 343 8.36 13.07 -32.60
CA ASN B 343 9.79 13.39 -32.56
C ASN B 343 10.34 13.46 -31.13
N SER B 344 9.44 13.51 -30.17
CA SER B 344 9.80 13.59 -28.76
C SER B 344 8.86 12.75 -27.92
N PHE B 345 9.30 12.41 -26.71
CA PHE B 345 8.45 11.69 -25.78
C PHE B 345 8.81 12.00 -24.34
N TYR B 346 7.82 11.91 -23.46
CA TYR B 346 8.01 12.07 -22.02
C TYR B 346 7.95 10.69 -21.39
N LYS B 347 8.82 10.45 -20.43
CA LYS B 347 8.97 9.13 -19.83
C LYS B 347 9.45 9.23 -18.39
N ILE B 348 8.85 8.43 -17.52
CA ILE B 348 9.25 8.35 -16.12
C ILE B 348 10.51 7.50 -15.98
N ILE B 349 11.60 8.14 -15.54
CA ILE B 349 12.84 7.45 -15.20
C ILE B 349 13.36 7.99 -13.87
N SER B 350 14.19 7.22 -13.18
CA SER B 350 14.80 7.70 -11.93
C SER B 350 15.95 8.67 -12.21
N ASN B 351 15.95 9.79 -11.48
CA ASN B 351 16.95 10.83 -11.68
C ASN B 351 18.32 10.48 -11.08
N GLU B 352 19.26 11.41 -11.19
CA GLU B 352 20.63 11.22 -10.70
C GLU B 352 20.72 10.88 -9.21
N GLU B 353 19.59 10.98 -8.51
CA GLU B 353 19.56 10.64 -7.08
C GLU B 353 18.41 9.71 -6.66
N GLY B 354 18.05 8.78 -7.53
CA GLY B 354 17.12 7.70 -7.20
C GLY B 354 15.63 7.95 -7.28
N TYR B 355 15.23 9.21 -7.45
CA TYR B 355 13.81 9.57 -7.51
C TYR B 355 13.26 9.53 -8.94
N ARG B 356 12.13 8.87 -9.11
CA ARG B 356 11.52 8.73 -10.42
C ARG B 356 10.75 9.98 -10.84
N HIS B 357 11.21 10.59 -11.93
CA HIS B 357 10.63 11.82 -12.45
C HIS B 357 10.46 11.80 -13.95
N ILE B 358 9.65 12.72 -14.46
CA ILE B 358 9.34 12.80 -15.89
C ILE B 358 10.50 13.42 -16.66
N CYS B 359 11.08 12.64 -17.58
CA CYS B 359 12.18 13.14 -18.40
C CYS B 359 11.73 13.37 -19.83
N TYR B 360 12.13 14.52 -20.39
CA TYR B 360 11.79 14.87 -21.76
C TYR B 360 12.91 14.45 -22.71
N PHE B 361 12.65 13.38 -23.47
CA PHE B 361 13.61 12.84 -24.42
C PHE B 361 13.34 13.39 -25.81
N GLN B 362 14.40 13.50 -26.61
CA GLN B 362 14.28 13.81 -28.02
C GLN B 362 14.65 12.53 -28.75
N ILE B 363 13.88 12.17 -29.77
CA ILE B 363 14.10 10.92 -30.51
C ILE B 363 15.53 10.72 -31.02
N ASP B 364 16.10 11.80 -31.56
CA ASP B 364 17.45 11.76 -32.14
C ASP B 364 18.55 12.05 -31.12
N LYS B 365 18.16 12.31 -29.87
CA LYS B 365 19.13 12.68 -28.83
C LYS B 365 19.24 11.64 -27.72
N LYS B 366 20.42 11.57 -27.11
CA LYS B 366 20.72 10.61 -26.05
C LYS B 366 20.27 11.10 -24.68
N ASP B 367 20.70 12.30 -24.32
CA ASP B 367 20.42 12.89 -23.00
C ASP B 367 19.05 13.56 -22.95
N CYS B 368 18.28 13.21 -21.92
CA CYS B 368 17.00 13.85 -21.69
C CYS B 368 17.12 14.91 -20.61
N THR B 369 16.16 15.82 -20.56
CA THR B 369 16.09 16.81 -19.50
C THR B 369 14.86 16.56 -18.60
N PHE B 370 15.10 16.49 -17.29
CA PHE B 370 14.05 16.22 -16.31
C PHE B 370 13.15 17.43 -16.15
N ILE B 371 11.86 17.25 -16.44
CA ILE B 371 10.89 18.33 -16.31
C ILE B 371 10.32 18.42 -14.89
N THR B 372 10.57 17.39 -14.09
CA THR B 372 10.19 17.37 -12.68
C THR B 372 11.38 16.99 -11.79
N LYS B 373 11.48 17.66 -10.64
CA LYS B 373 12.55 17.43 -9.67
C LYS B 373 11.94 17.33 -8.29
N GLY B 374 12.65 16.67 -7.37
CA GLY B 374 12.23 16.65 -5.98
C GLY B 374 12.42 15.35 -5.25
N THR B 375 12.32 15.42 -3.93
CA THR B 375 12.36 14.23 -3.07
C THR B 375 10.94 13.66 -2.92
N TRP B 376 10.37 13.37 -4.08
CA TRP B 376 9.05 12.77 -4.23
C TRP B 376 9.09 12.13 -5.58
N GLU B 377 8.08 11.33 -5.91
CA GLU B 377 8.10 10.61 -7.18
C GLU B 377 6.85 10.84 -8.01
N VAL B 378 7.02 10.77 -9.33
CA VAL B 378 5.90 10.83 -10.26
C VAL B 378 5.39 9.40 -10.51
N ILE B 379 4.14 9.16 -10.13
CA ILE B 379 3.54 7.82 -10.25
C ILE B 379 3.33 7.45 -11.70
N GLY B 380 2.70 8.33 -12.47
CA GLY B 380 2.41 8.09 -13.87
C GLY B 380 2.01 9.33 -14.65
N ILE B 381 2.21 9.28 -15.96
CA ILE B 381 1.75 10.32 -16.87
C ILE B 381 0.36 9.91 -17.36
N GLU B 382 -0.60 10.84 -17.27
CA GLU B 382 -2.00 10.53 -17.57
C GLU B 382 -2.47 11.02 -18.94
N ALA B 383 -1.97 12.18 -19.37
CA ALA B 383 -2.32 12.76 -20.65
C ALA B 383 -1.32 13.85 -21.01
N LEU B 384 -0.98 13.94 -22.28
CA LEU B 384 -0.20 15.08 -22.75
C LEU B 384 -0.90 15.74 -23.94
N THR B 385 -1.00 17.06 -23.86
CA THR B 385 -1.53 17.88 -24.94
C THR B 385 -0.37 18.65 -25.57
N SER B 386 -0.68 19.64 -26.40
CA SER B 386 0.34 20.45 -27.06
C SER B 386 1.00 21.41 -26.08
N ASP B 387 0.28 21.76 -25.02
CA ASP B 387 0.74 22.77 -24.06
C ASP B 387 0.98 22.23 -22.66
N TYR B 388 0.30 21.15 -22.30
CA TYR B 388 0.37 20.64 -20.94
C TYR B 388 0.61 19.13 -20.82
N LEU B 389 1.29 18.74 -19.75
CA LEU B 389 1.54 17.35 -19.39
C LEU B 389 0.82 17.10 -18.06
N TYR B 390 -0.08 16.13 -18.06
CA TYR B 390 -0.84 15.81 -16.85
C TYR B 390 -0.27 14.57 -16.19
N TYR B 391 -0.02 14.64 -14.88
CA TYR B 391 0.58 13.52 -14.16
C TYR B 391 0.12 13.40 -12.71
N ILE B 392 0.18 12.18 -12.17
CA ILE B 392 -0.11 11.91 -10.75
C ILE B 392 1.21 11.77 -10.00
N SER B 393 1.32 12.46 -8.87
CA SER B 393 2.50 12.34 -8.01
C SER B 393 2.13 12.38 -6.54
N ASN B 394 3.10 12.08 -5.68
CA ASN B 394 2.93 12.12 -4.24
C ASN B 394 3.70 13.29 -3.63
N GLU B 395 3.69 14.43 -4.33
CA GLU B 395 4.44 15.60 -3.91
C GLU B 395 3.77 16.34 -2.78
N TYR B 396 2.44 16.45 -2.85
CA TYR B 396 1.68 17.24 -1.90
C TYR B 396 1.99 16.85 -0.46
N LYS B 397 2.36 17.85 0.34
CA LYS B 397 2.65 17.68 1.76
C LYS B 397 3.71 16.62 2.06
N GLY B 398 4.57 16.34 1.07
CA GLY B 398 5.64 15.34 1.19
C GLY B 398 5.17 14.03 1.81
N MET B 399 3.96 13.61 1.45
CA MET B 399 3.38 12.35 1.90
C MET B 399 3.40 11.36 0.74
N PRO B 400 4.39 10.44 0.75
CA PRO B 400 4.57 9.47 -0.34
C PRO B 400 3.37 8.52 -0.54
N GLY B 401 2.41 8.57 0.39
CA GLY B 401 1.23 7.72 0.34
C GLY B 401 -0.03 8.42 -0.16
N GLY B 402 0.10 9.69 -0.52
CA GLY B 402 -1.00 10.45 -1.10
C GLY B 402 -0.84 10.52 -2.61
N ARG B 403 -1.91 10.88 -3.30
CA ARG B 403 -1.89 11.00 -4.77
C ARG B 403 -2.67 12.22 -5.21
N ASN B 404 -2.06 13.02 -6.08
CA ASN B 404 -2.74 14.19 -6.64
C ASN B 404 -2.43 14.40 -8.12
N LEU B 405 -3.39 14.97 -8.83
CA LEU B 405 -3.23 15.28 -10.24
C LEU B 405 -2.52 16.62 -10.40
N TYR B 406 -1.52 16.65 -11.27
CA TYR B 406 -0.75 17.86 -11.51
C TYR B 406 -0.74 18.26 -12.98
N LYS B 407 -0.53 19.55 -13.21
CA LYS B 407 -0.52 20.13 -14.54
C LYS B 407 0.79 20.88 -14.74
N ILE B 408 1.64 20.38 -15.64
CA ILE B 408 2.91 21.05 -15.95
C ILE B 408 2.95 21.58 -17.37
N GLN B 409 3.37 22.83 -17.51
CA GLN B 409 3.46 23.51 -18.79
C GLN B 409 4.70 23.06 -19.57
N LEU B 410 4.50 22.66 -20.82
CA LEU B 410 5.56 22.15 -21.68
C LEU B 410 6.61 23.20 -22.04
N SER B 411 6.21 24.46 -22.09
CA SER B 411 7.12 25.54 -22.44
C SER B 411 7.77 26.19 -21.21
N ASP B 412 7.26 25.86 -20.03
CA ASP B 412 7.81 26.41 -18.78
C ASP B 412 7.60 25.44 -17.62
N TYR B 413 8.67 24.74 -17.24
CA TYR B 413 8.58 23.72 -16.19
C TYR B 413 8.39 24.27 -14.78
N THR B 414 8.62 25.57 -14.63
CA THR B 414 8.43 26.25 -13.34
C THR B 414 6.95 26.48 -13.06
N LYS B 415 6.13 26.45 -14.11
CA LYS B 415 4.70 26.61 -13.97
C LYS B 415 4.00 25.27 -13.74
N VAL B 416 4.04 24.80 -12.50
CA VAL B 416 3.38 23.56 -12.11
C VAL B 416 2.14 23.91 -11.31
N THR B 417 1.00 23.36 -11.72
CA THR B 417 -0.27 23.58 -11.03
C THR B 417 -0.80 22.25 -10.52
N CYS B 418 -1.27 22.24 -9.27
CA CYS B 418 -1.93 21.07 -8.74
C CYS B 418 -3.43 21.17 -9.00
N LEU B 419 -3.97 20.20 -9.70
CA LEU B 419 -5.36 20.24 -10.12
C LEU B 419 -6.35 19.64 -9.12
N SER B 420 -5.84 18.87 -8.17
CA SER B 420 -6.69 18.18 -7.20
C SER B 420 -6.43 18.53 -5.74
N CYS B 421 -5.18 18.84 -5.41
CA CYS B 421 -4.74 19.14 -4.04
C CYS B 421 -5.78 19.83 -3.18
N GLU B 422 -6.24 20.99 -3.63
CA GLU B 422 -7.05 21.88 -2.80
C GLU B 422 -8.55 21.77 -3.03
N LEU B 423 -8.98 20.79 -3.81
CA LEU B 423 -10.40 20.58 -4.10
C LEU B 423 -11.20 20.30 -2.83
N ASN B 424 -10.73 19.34 -2.05
CA ASN B 424 -11.24 19.08 -0.71
C ASN B 424 -10.10 18.47 0.09
N PRO B 425 -9.30 19.32 0.74
CA PRO B 425 -8.09 18.84 1.42
C PRO B 425 -8.36 17.85 2.55
N GLU B 426 -9.46 18.04 3.27
CA GLU B 426 -9.75 17.23 4.46
C GLU B 426 -10.11 15.78 4.14
N ARG B 427 -10.97 15.55 3.15
CA ARG B 427 -11.39 14.18 2.83
C ARG B 427 -10.66 13.57 1.62
N CYS B 428 -10.04 14.41 0.79
CA CYS B 428 -9.44 13.95 -0.45
C CYS B 428 -7.94 14.13 -0.57
N GLN B 429 -7.21 13.01 -0.56
CA GLN B 429 -5.75 13.01 -0.62
C GLN B 429 -5.19 11.96 -1.57
N TYR B 430 -6.04 11.06 -2.04
CA TYR B 430 -5.63 9.99 -2.95
C TYR B 430 -6.44 10.04 -4.23
N TYR B 431 -5.83 10.55 -5.29
CA TYR B 431 -6.54 10.77 -6.55
C TYR B 431 -6.10 9.86 -7.70
N SER B 432 -7.02 9.65 -8.63
CA SER B 432 -6.74 9.01 -9.91
C SER B 432 -7.66 9.66 -10.92
N VAL B 433 -7.22 9.76 -12.16
CA VAL B 433 -7.96 10.53 -13.16
C VAL B 433 -8.29 9.73 -14.41
N SER B 434 -9.42 10.08 -15.04
CA SER B 434 -9.83 9.50 -16.32
C SER B 434 -10.04 10.66 -17.31
N PHE B 435 -9.15 10.76 -18.30
CA PHE B 435 -9.19 11.83 -19.29
C PHE B 435 -10.03 11.47 -20.52
N SER B 436 -10.67 12.49 -21.09
CA SER B 436 -11.41 12.32 -22.34
C SER B 436 -10.44 12.05 -23.50
N LYS B 437 -10.98 11.52 -24.59
CA LYS B 437 -10.19 11.12 -25.77
C LYS B 437 -9.07 12.11 -26.15
N GLU B 438 -9.36 13.41 -26.07
CA GLU B 438 -8.34 14.41 -26.38
C GLU B 438 -8.13 15.38 -25.22
N ALA B 439 -8.31 14.86 -24.01
CA ALA B 439 -8.00 15.55 -22.74
C ALA B 439 -8.72 16.87 -22.45
N LYS B 440 -9.85 17.13 -23.12
CA LYS B 440 -10.61 18.35 -22.84
C LYS B 440 -11.34 18.28 -21.49
N TYR B 441 -11.84 17.11 -21.15
CA TYR B 441 -12.51 16.91 -19.86
C TYR B 441 -11.86 15.77 -19.11
N TYR B 442 -12.03 15.75 -17.79
CA TYR B 442 -11.50 14.66 -16.96
C TYR B 442 -12.32 14.39 -15.72
N GLN B 443 -12.42 13.10 -15.39
CA GLN B 443 -13.08 12.67 -14.18
C GLN B 443 -12.01 12.36 -13.14
N LEU B 444 -12.20 12.90 -11.94
CA LEU B 444 -11.28 12.62 -10.84
C LEU B 444 -11.93 11.65 -9.86
N ARG B 445 -11.18 10.62 -9.49
CA ARG B 445 -11.60 9.67 -8.46
C ARG B 445 -10.78 9.87 -7.19
N CYS B 446 -11.45 10.34 -6.15
CA CYS B 446 -10.86 10.51 -4.84
C CYS B 446 -11.13 9.23 -4.05
N SER B 447 -10.08 8.69 -3.44
CA SER B 447 -10.19 7.39 -2.76
C SER B 447 -10.13 7.47 -1.24
N GLY B 448 -9.57 8.56 -0.72
CA GLY B 448 -9.42 8.72 0.72
C GLY B 448 -8.72 10.01 1.10
N PRO B 449 -8.57 10.26 2.42
CA PRO B 449 -8.95 9.40 3.54
C PRO B 449 -10.45 9.33 3.78
N GLY B 450 -11.19 10.34 3.31
CA GLY B 450 -12.64 10.37 3.42
C GLY B 450 -13.29 9.42 2.43
N LEU B 451 -14.62 9.38 2.43
CA LEU B 451 -15.38 8.54 1.49
C LEU B 451 -15.07 8.94 0.04
N PRO B 452 -14.86 7.93 -0.82
CA PRO B 452 -14.62 8.16 -2.25
C PRO B 452 -15.50 9.24 -2.87
N LEU B 453 -14.89 10.07 -3.71
CA LEU B 453 -15.58 11.16 -4.36
C LEU B 453 -15.25 11.15 -5.85
N TYR B 454 -16.28 11.29 -6.67
CA TYR B 454 -16.13 11.27 -8.12
C TYR B 454 -16.63 12.58 -8.68
N THR B 455 -15.78 13.28 -9.41
CA THR B 455 -16.08 14.60 -9.96
C THR B 455 -15.61 14.76 -11.39
N LEU B 456 -16.33 15.58 -12.16
CA LEU B 456 -16.00 15.83 -13.56
C LEU B 456 -15.54 17.27 -13.74
N HIS B 457 -14.51 17.46 -14.56
CA HIS B 457 -13.90 18.77 -14.76
C HIS B 457 -13.54 19.01 -16.19
N SER B 458 -13.58 20.27 -16.59
CA SER B 458 -13.05 20.67 -17.90
C SER B 458 -11.63 21.17 -17.69
N SER B 459 -10.71 20.71 -18.54
CA SER B 459 -9.31 21.06 -18.40
C SER B 459 -8.92 22.40 -19.04
N VAL B 460 -9.87 23.03 -19.73
CA VAL B 460 -9.64 24.35 -20.35
C VAL B 460 -9.43 25.42 -19.28
N ASN B 461 -10.27 25.41 -18.25
CA ASN B 461 -10.20 26.35 -17.14
C ASN B 461 -9.95 25.64 -15.81
N ASP B 462 -9.86 24.31 -15.87
CA ASP B 462 -9.60 23.44 -14.71
C ASP B 462 -10.67 23.46 -13.62
N LYS B 463 -11.74 24.22 -13.85
CA LYS B 463 -12.83 24.32 -12.87
C LYS B 463 -13.68 23.04 -12.84
N GLY B 464 -14.36 22.82 -11.72
CA GLY B 464 -15.23 21.67 -11.54
C GLY B 464 -16.56 21.88 -12.24
N LEU B 465 -17.08 20.82 -12.83
CA LEU B 465 -18.37 20.87 -13.52
C LEU B 465 -19.47 20.33 -12.61
N ARG B 466 -19.43 19.03 -12.31
CA ARG B 466 -20.44 18.40 -11.46
C ARG B 466 -19.89 17.25 -10.61
N VAL B 467 -20.51 17.07 -9.45
CA VAL B 467 -20.21 15.94 -8.56
C VAL B 467 -20.94 14.71 -9.11
N LEU B 468 -20.16 13.71 -9.53
CA LEU B 468 -20.72 12.49 -10.12
C LEU B 468 -21.25 11.53 -9.06
N GLU B 469 -20.42 11.23 -8.07
CA GLU B 469 -20.82 10.35 -6.96
C GLU B 469 -20.10 10.76 -5.69
N ASP B 470 -20.86 11.04 -4.64
CA ASP B 470 -20.29 11.53 -3.39
C ASP B 470 -20.47 10.58 -2.21
N ASN B 471 -21.00 9.39 -2.49
CA ASN B 471 -21.27 8.36 -1.47
C ASN B 471 -22.01 8.89 -0.24
N SER B 472 -23.09 9.63 -0.50
CA SER B 472 -23.89 10.20 0.57
C SER B 472 -24.75 9.14 1.26
N ALA B 473 -25.22 8.16 0.50
CA ALA B 473 -25.99 7.04 1.04
C ALA B 473 -25.15 6.25 2.06
N LEU B 474 -23.88 6.04 1.72
CA LEU B 474 -22.93 5.39 2.63
C LEU B 474 -22.65 6.27 3.84
N ASP B 475 -22.60 7.58 3.60
CA ASP B 475 -22.32 8.55 4.66
C ASP B 475 -23.45 8.61 5.69
N LYS B 476 -24.69 8.47 5.20
CA LYS B 476 -25.86 8.46 6.07
C LYS B 476 -25.87 7.21 6.94
N MET B 477 -25.51 6.08 6.34
CA MET B 477 -25.50 4.78 7.02
C MET B 477 -24.41 4.65 8.09
N LEU B 478 -23.30 5.36 7.91
CA LEU B 478 -22.16 5.25 8.83
C LEU B 478 -22.25 6.17 10.04
N GLN B 479 -23.24 7.06 10.04
CA GLN B 479 -23.42 8.07 11.09
C GLN B 479 -23.71 7.45 12.46
N ASN B 480 -24.18 6.20 12.46
CA ASN B 480 -24.60 5.51 13.67
C ASN B 480 -23.63 4.39 14.07
N VAL B 481 -22.62 4.15 13.23
CA VAL B 481 -21.67 3.07 13.49
C VAL B 481 -20.30 3.58 13.95
N GLN B 482 -19.79 2.97 15.02
CA GLN B 482 -18.47 3.28 15.55
C GLN B 482 -17.38 2.82 14.59
N MET B 483 -17.11 3.65 13.61
CA MET B 483 -16.13 3.33 12.56
C MET B 483 -14.71 3.57 13.02
N PRO B 484 -13.75 2.82 12.46
CA PRO B 484 -12.35 3.05 12.79
C PRO B 484 -11.78 4.26 12.06
N SER B 485 -10.75 4.87 12.65
CA SER B 485 -10.04 5.99 12.05
C SER B 485 -8.62 5.57 11.69
N LYS B 486 -8.03 6.21 10.68
CA LYS B 486 -6.68 5.87 10.25
C LYS B 486 -5.65 6.92 10.67
N LYS B 487 -4.50 6.45 11.14
CA LYS B 487 -3.38 7.33 11.42
C LYS B 487 -2.28 7.06 10.42
N LEU B 488 -1.98 8.06 9.59
CA LEU B 488 -0.91 7.98 8.61
C LEU B 488 0.23 8.85 9.11
N ASP B 489 1.38 8.22 9.38
CA ASP B 489 2.53 8.93 9.91
C ASP B 489 3.82 8.17 9.61
N PHE B 490 4.95 8.76 9.99
CA PHE B 490 6.26 8.16 9.75
C PHE B 490 7.07 8.00 11.03
N ILE B 491 8.14 7.22 10.95
CA ILE B 491 9.13 7.11 12.03
C ILE B 491 10.54 7.21 11.44
N ILE B 492 11.44 7.88 12.14
CA ILE B 492 12.81 8.05 11.67
C ILE B 492 13.68 6.86 12.07
N LEU B 493 14.19 6.15 11.07
CA LEU B 493 15.13 5.06 11.29
C LEU B 493 16.31 5.25 10.32
N ASN B 494 17.52 5.28 10.87
CA ASN B 494 18.74 5.58 10.11
C ASN B 494 18.64 6.90 9.36
N GLU B 495 18.07 7.89 10.04
CA GLU B 495 17.84 9.24 9.49
C GLU B 495 16.96 9.28 8.23
N THR B 496 16.17 8.23 8.06
CA THR B 496 15.27 8.10 6.92
C THR B 496 13.83 7.92 7.40
N LYS B 497 12.90 8.62 6.76
CA LYS B 497 11.48 8.55 7.10
C LYS B 497 10.88 7.24 6.59
N PHE B 498 10.25 6.49 7.50
CA PHE B 498 9.53 5.29 7.12
C PHE B 498 8.08 5.38 7.57
N TRP B 499 7.17 5.35 6.61
CA TRP B 499 5.75 5.56 6.85
C TRP B 499 5.02 4.30 7.21
N TYR B 500 4.24 4.40 8.27
CA TYR B 500 3.35 3.34 8.69
C TYR B 500 1.93 3.87 8.61
N GLN B 501 0.95 2.97 8.73
CA GLN B 501 -0.43 3.39 8.93
C GLN B 501 -1.07 2.53 10.02
N MET B 502 -2.09 3.09 10.67
CA MET B 502 -2.80 2.36 11.71
C MET B 502 -4.30 2.53 11.57
N ILE B 503 -4.99 1.41 11.41
CA ILE B 503 -6.44 1.40 11.45
C ILE B 503 -6.81 1.29 12.93
N LEU B 504 -7.15 2.42 13.52
CA LEU B 504 -7.40 2.51 14.96
C LEU B 504 -8.87 2.24 15.30
N PRO B 505 -9.11 1.46 16.38
CA PRO B 505 -10.46 1.17 16.89
C PRO B 505 -11.18 2.45 17.34
N PRO B 506 -12.52 2.49 17.19
CA PRO B 506 -13.32 3.65 17.58
C PRO B 506 -13.10 4.01 19.05
N HIS B 507 -13.13 5.31 19.36
CA HIS B 507 -12.88 5.83 20.71
C HIS B 507 -11.51 5.45 21.19
N PHE B 508 -10.52 5.53 20.29
CA PHE B 508 -9.15 5.13 20.57
C PHE B 508 -8.56 5.84 21.78
N ASP B 509 -7.96 5.05 22.68
CA ASP B 509 -7.35 5.56 23.90
C ASP B 509 -5.84 5.32 23.87
N LYS B 510 -5.09 6.40 23.88
CA LYS B 510 -3.62 6.36 23.80
C LYS B 510 -2.97 5.63 24.98
N SER B 511 -3.71 5.51 26.09
CA SER B 511 -3.15 4.94 27.32
C SER B 511 -3.40 3.44 27.49
N LYS B 512 -4.55 2.95 27.03
CA LYS B 512 -4.86 1.54 27.14
C LYS B 512 -4.07 0.71 26.11
N LYS B 513 -3.74 -0.53 26.47
CA LYS B 513 -2.97 -1.44 25.62
C LYS B 513 -3.90 -2.25 24.70
N TYR B 514 -3.70 -2.10 23.40
CA TYR B 514 -4.48 -2.80 22.39
C TYR B 514 -3.69 -3.97 21.80
N PRO B 515 -4.39 -5.05 21.39
CA PRO B 515 -3.71 -6.07 20.60
C PRO B 515 -3.44 -5.51 19.20
N LEU B 516 -2.39 -5.97 18.55
CA LEU B 516 -2.01 -5.45 17.25
C LEU B 516 -1.83 -6.53 16.20
N LEU B 517 -2.39 -6.29 15.01
CA LEU B 517 -2.15 -7.16 13.87
C LEU B 517 -1.39 -6.39 12.82
N LEU B 518 -0.24 -6.91 12.41
CA LEU B 518 0.57 -6.28 11.39
C LEU B 518 0.15 -6.77 10.01
N ASP B 519 -0.49 -5.89 9.25
CA ASP B 519 -0.92 -6.18 7.88
C ASP B 519 0.28 -5.94 6.98
N VAL B 520 0.74 -7.00 6.32
CA VAL B 520 2.00 -6.94 5.59
C VAL B 520 1.96 -7.41 4.15
N TYR B 521 2.57 -6.60 3.28
CA TYR B 521 2.87 -6.95 1.91
C TYR B 521 4.40 -6.88 1.80
N ALA B 522 4.93 -5.68 2.02
CA ALA B 522 6.38 -5.44 2.10
C ALA B 522 7.22 -5.96 0.93
N GLY B 523 6.59 -6.18 -0.22
CA GLY B 523 7.31 -6.60 -1.40
C GLY B 523 8.07 -5.46 -2.02
N PRO B 524 8.87 -5.74 -3.06
CA PRO B 524 9.56 -4.67 -3.78
C PRO B 524 8.54 -3.70 -4.37
N CYS B 525 8.79 -2.41 -4.18
CA CYS B 525 7.91 -1.32 -4.63
C CYS B 525 6.50 -1.36 -4.01
N SER B 526 6.37 -2.00 -2.85
CA SER B 526 5.09 -2.06 -2.16
C SER B 526 4.77 -0.73 -1.51
N GLN B 527 3.51 -0.54 -1.16
CA GLN B 527 3.08 0.57 -0.33
C GLN B 527 1.78 0.14 0.34
N LYS B 528 1.83 -0.03 1.65
CA LYS B 528 0.67 -0.42 2.44
C LYS B 528 0.23 0.72 3.34
N ALA B 529 1.03 1.79 3.36
CA ALA B 529 0.68 2.99 4.10
C ALA B 529 0.30 4.08 3.11
N ASP B 530 -0.98 4.43 3.10
CA ASP B 530 -1.51 5.42 2.16
C ASP B 530 -2.73 6.14 2.73
N THR B 531 -3.34 6.99 1.92
CA THR B 531 -4.48 7.79 2.35
C THR B 531 -5.84 7.19 1.97
N VAL B 532 -5.82 6.13 1.17
CA VAL B 532 -7.06 5.47 0.67
C VAL B 532 -7.98 5.00 1.79
N PHE B 533 -9.28 5.31 1.66
CA PHE B 533 -10.30 4.81 2.58
C PHE B 533 -10.66 3.38 2.19
N ARG B 534 -10.77 2.50 3.17
CA ARG B 534 -11.05 1.09 2.93
C ARG B 534 -12.07 0.49 3.88
N LEU B 535 -13.03 -0.23 3.32
CA LEU B 535 -13.96 -1.02 4.09
C LEU B 535 -13.57 -2.48 3.88
N ASN B 536 -12.69 -2.97 4.74
CA ASN B 536 -12.18 -4.33 4.63
C ASN B 536 -12.16 -5.08 5.97
N TRP B 537 -11.41 -6.19 6.00
CA TRP B 537 -11.29 -7.02 7.19
C TRP B 537 -10.65 -6.26 8.32
N ALA B 538 -9.74 -5.35 7.97
CA ALA B 538 -9.10 -4.48 8.95
C ALA B 538 -10.11 -3.56 9.61
N THR B 539 -11.08 -3.10 8.84
CA THR B 539 -12.16 -2.25 9.37
C THR B 539 -12.91 -3.01 10.46
N TYR B 540 -13.31 -4.24 10.16
CA TYR B 540 -13.98 -5.10 11.14
C TYR B 540 -13.16 -5.29 12.42
N LEU B 541 -11.92 -5.70 12.28
CA LEU B 541 -11.07 -6.06 13.42
C LEU B 541 -10.86 -4.89 14.39
N ALA B 542 -10.74 -3.69 13.85
CA ALA B 542 -10.61 -2.48 14.65
C ALA B 542 -11.96 -2.07 15.23
N SER B 543 -12.98 -2.02 14.37
CA SER B 543 -14.31 -1.55 14.75
C SER B 543 -15.02 -2.44 15.78
N THR B 544 -14.97 -3.76 15.55
CA THR B 544 -15.72 -4.72 16.38
C THR B 544 -14.85 -5.41 17.42
N GLU B 545 -13.62 -5.75 17.06
CA GLU B 545 -12.76 -6.51 17.96
C GLU B 545 -11.71 -5.66 18.71
N ASN B 546 -11.72 -4.36 18.44
CA ASN B 546 -10.77 -3.41 19.06
C ASN B 546 -9.30 -3.81 18.89
N ILE B 547 -8.96 -4.22 17.67
CA ILE B 547 -7.60 -4.60 17.31
C ILE B 547 -7.00 -3.53 16.42
N ILE B 548 -5.86 -2.97 16.84
CA ILE B 548 -5.14 -2.04 15.97
C ILE B 548 -4.48 -2.85 14.88
N VAL B 549 -4.88 -2.61 13.64
CA VAL B 549 -4.22 -3.28 12.52
C VAL B 549 -3.38 -2.28 11.74
N ALA B 550 -2.08 -2.48 11.80
CA ALA B 550 -1.12 -1.54 11.25
C ALA B 550 -0.36 -2.14 10.07
N SER B 551 0.10 -1.26 9.19
CA SER B 551 0.93 -1.64 8.07
C SER B 551 2.15 -0.73 8.06
N PHE B 552 3.26 -1.25 7.57
CA PHE B 552 4.52 -0.50 7.57
C PHE B 552 5.26 -0.67 6.25
N ASP B 553 5.82 0.43 5.77
CA ASP B 553 6.66 0.42 4.57
C ASP B 553 8.11 0.57 5.00
N GLY B 554 8.87 -0.52 4.85
CA GLY B 554 10.29 -0.53 5.21
C GLY B 554 11.17 -0.41 3.99
N ARG B 555 12.38 -0.95 4.10
CA ARG B 555 13.32 -0.93 2.98
C ARG B 555 12.82 -1.81 1.86
N GLY B 556 12.66 -1.23 0.68
CA GLY B 556 12.13 -1.95 -0.47
C GLY B 556 10.87 -1.33 -1.03
N SER B 557 10.09 -0.68 -0.16
CA SER B 557 8.84 -0.02 -0.57
C SER B 557 9.08 1.06 -1.62
N GLY B 558 8.04 1.33 -2.41
CA GLY B 558 8.17 2.25 -3.53
C GLY B 558 7.62 3.64 -3.32
N TYR B 559 7.71 4.45 -4.38
CA TYR B 559 7.18 5.81 -4.43
C TYR B 559 7.95 6.74 -3.46
N GLN B 560 9.14 6.30 -3.07
CA GLN B 560 9.96 6.99 -2.07
C GLN B 560 11.40 7.19 -2.51
N GLY B 561 11.78 6.58 -3.63
CA GLY B 561 13.13 6.68 -4.16
C GLY B 561 13.89 5.38 -4.11
N ASP B 562 14.85 5.23 -5.04
CA ASP B 562 15.67 4.03 -5.17
C ASP B 562 16.49 3.69 -3.92
N LYS B 563 16.86 4.73 -3.16
CA LYS B 563 17.55 4.57 -1.88
C LYS B 563 16.79 3.56 -1.02
N ILE B 564 15.49 3.79 -0.86
CA ILE B 564 14.62 2.89 -0.11
C ILE B 564 14.25 1.64 -0.92
N MET B 565 13.86 1.81 -2.18
CA MET B 565 13.33 0.71 -3.00
C MET B 565 14.35 -0.38 -3.35
N HIS B 566 15.57 0.02 -3.72
CA HIS B 566 16.59 -0.95 -4.12
C HIS B 566 17.36 -1.55 -2.97
N ALA B 567 16.94 -1.25 -1.74
CA ALA B 567 17.61 -1.73 -0.54
C ALA B 567 17.66 -3.25 -0.44
N ILE B 568 16.59 -3.91 -0.89
CA ILE B 568 16.53 -5.38 -0.86
C ILE B 568 16.90 -6.05 -2.19
N ASN B 569 17.55 -5.30 -3.08
CA ASN B 569 18.02 -5.86 -4.34
C ASN B 569 18.94 -7.05 -4.09
N ARG B 570 18.62 -8.17 -4.74
CA ARG B 570 19.36 -9.43 -4.57
C ARG B 570 19.33 -9.94 -3.13
N ARG B 571 18.44 -9.35 -2.33
CA ARG B 571 18.31 -9.66 -0.91
C ARG B 571 16.85 -9.75 -0.47
N LEU B 572 16.06 -10.61 -1.13
CA LEU B 572 14.67 -10.79 -0.71
C LEU B 572 14.62 -11.63 0.58
N GLY B 573 13.70 -11.28 1.46
CA GLY B 573 13.56 -11.94 2.75
C GLY B 573 14.56 -11.43 3.78
N THR B 574 15.11 -10.25 3.53
CA THR B 574 16.08 -9.64 4.43
C THR B 574 15.54 -8.38 5.10
N PHE B 575 15.88 -7.22 4.55
CA PHE B 575 15.57 -5.94 5.18
C PHE B 575 14.08 -5.67 5.33
N GLU B 576 13.28 -6.11 4.35
CA GLU B 576 11.83 -5.95 4.41
C GLU B 576 11.25 -6.74 5.57
N VAL B 577 11.78 -7.95 5.79
CA VAL B 577 11.39 -8.78 6.92
C VAL B 577 11.78 -8.10 8.22
N GLU B 578 13.02 -7.66 8.31
CA GLU B 578 13.55 -7.04 9.52
C GLU B 578 12.83 -5.76 9.89
N ASP B 579 12.54 -4.92 8.91
CA ASP B 579 11.85 -3.65 9.15
C ASP B 579 10.41 -3.83 9.59
N GLN B 580 9.82 -4.98 9.27
CA GLN B 580 8.48 -5.35 9.76
C GLN B 580 8.53 -5.72 11.24
N ILE B 581 9.57 -6.45 11.62
CA ILE B 581 9.80 -6.81 13.02
C ILE B 581 10.10 -5.53 13.80
N GLU B 582 10.95 -4.69 13.23
CA GLU B 582 11.32 -3.41 13.84
C GLU B 582 10.09 -2.54 14.02
N ALA B 583 9.22 -2.53 13.01
CA ALA B 583 7.96 -1.80 13.07
C ALA B 583 7.16 -2.15 14.33
N ALA B 584 7.04 -3.44 14.62
CA ALA B 584 6.30 -3.93 15.80
C ALA B 584 6.90 -3.42 17.11
N ARG B 585 8.23 -3.44 17.20
CA ARG B 585 8.94 -2.89 18.36
C ARG B 585 8.61 -1.41 18.51
N GLN B 586 8.66 -0.68 17.41
CA GLN B 586 8.37 0.76 17.38
C GLN B 586 6.94 1.03 17.80
N PHE B 587 6.00 0.27 17.27
CA PHE B 587 4.59 0.41 17.62
C PHE B 587 4.38 0.09 19.09
N SER B 588 5.01 -0.98 19.58
CA SER B 588 4.88 -1.37 20.99
C SER B 588 5.48 -0.30 21.90
N LYS B 589 6.59 0.31 21.47
CA LYS B 589 7.20 1.40 22.22
C LYS B 589 6.57 2.77 21.94
N MET B 590 5.32 2.74 21.50
CA MET B 590 4.51 3.96 21.39
C MET B 590 3.53 4.02 22.57
N GLY B 591 3.46 2.93 23.34
CA GLY B 591 2.76 2.91 24.61
C GLY B 591 1.31 2.48 24.65
N PHE B 592 0.74 2.10 23.50
CA PHE B 592 -0.66 1.67 23.44
C PHE B 592 -0.83 0.28 22.82
N VAL B 593 0.26 -0.48 22.77
CA VAL B 593 0.25 -1.82 22.20
C VAL B 593 0.62 -2.85 23.26
N ASP B 594 -0.25 -3.86 23.41
CA ASP B 594 -0.01 -4.99 24.29
C ASP B 594 0.89 -5.99 23.55
N ASN B 595 2.16 -6.05 23.95
CA ASN B 595 3.13 -6.94 23.28
C ASN B 595 2.98 -8.43 23.56
N LYS B 596 2.14 -8.79 24.54
CA LYS B 596 1.71 -10.17 24.71
C LYS B 596 0.91 -10.60 23.49
N ARG B 597 0.21 -9.65 22.88
CA ARG B 597 -0.70 -9.90 21.76
C ARG B 597 -0.38 -9.07 20.51
N ILE B 598 0.75 -9.37 19.87
CA ILE B 598 1.08 -8.77 18.58
C ILE B 598 1.09 -9.87 17.53
N ALA B 599 0.26 -9.70 16.50
CA ALA B 599 0.16 -10.66 15.41
C ALA B 599 0.61 -10.05 14.09
N ILE B 600 0.73 -10.90 13.07
CA ILE B 600 1.18 -10.49 11.74
C ILE B 600 0.53 -11.41 10.69
N TRP B 601 0.04 -10.83 9.61
CA TRP B 601 -0.53 -11.62 8.52
C TRP B 601 -0.33 -10.99 7.19
N GLY B 602 -0.31 -11.81 6.15
CA GLY B 602 -0.13 -11.33 4.80
C GLY B 602 -0.55 -12.34 3.76
N TRP B 603 -0.75 -11.84 2.54
CA TRP B 603 -1.15 -12.64 1.39
C TRP B 603 -0.06 -12.53 0.37
N SER B 604 0.15 -13.60 -0.38
CA SER B 604 1.15 -13.65 -1.46
C SER B 604 2.55 -13.36 -0.90
N TYR B 605 3.14 -12.24 -1.31
CA TYR B 605 4.44 -11.83 -0.80
C TYR B 605 4.34 -11.55 0.69
N GLY B 606 3.21 -11.00 1.09
CA GLY B 606 2.93 -10.71 2.49
C GLY B 606 2.93 -11.95 3.35
N GLY B 607 2.52 -13.07 2.75
CA GLY B 607 2.58 -14.37 3.41
C GLY B 607 4.03 -14.81 3.60
N TYR B 608 4.84 -14.64 2.56
CA TYR B 608 6.27 -14.94 2.61
C TYR B 608 6.91 -14.22 3.78
N VAL B 609 6.73 -12.90 3.82
CA VAL B 609 7.25 -12.08 4.92
C VAL B 609 6.70 -12.57 6.26
N THR B 610 5.39 -12.78 6.36
CA THR B 610 4.78 -13.28 7.59
C THR B 610 5.42 -14.59 8.07
N SER B 611 5.74 -15.45 7.11
CA SER B 611 6.38 -16.73 7.41
C SER B 611 7.83 -16.53 7.84
N MET B 612 8.52 -15.60 7.19
CA MET B 612 9.91 -15.29 7.53
C MET B 612 10.00 -14.65 8.91
N VAL B 613 9.04 -13.76 9.21
CA VAL B 613 8.97 -13.08 10.50
C VAL B 613 8.70 -14.07 11.65
N LEU B 614 7.71 -14.93 11.46
CA LEU B 614 7.37 -15.96 12.46
C LEU B 614 8.50 -16.98 12.65
N GLY B 615 9.30 -17.18 11.61
CA GLY B 615 10.44 -18.08 11.67
C GLY B 615 11.75 -17.38 11.98
N SER B 616 11.70 -16.06 12.20
CA SER B 616 12.89 -15.27 12.50
C SER B 616 13.39 -15.50 13.92
N GLY B 617 12.48 -15.93 14.80
CA GLY B 617 12.79 -16.17 16.20
C GLY B 617 12.97 -14.90 17.01
N SER B 618 12.26 -13.84 16.63
CA SER B 618 12.37 -12.56 17.32
C SER B 618 11.66 -12.56 18.67
N GLY B 619 10.61 -13.38 18.80
CA GLY B 619 9.83 -13.46 20.03
C GLY B 619 8.92 -12.28 20.25
N VAL B 620 8.78 -11.45 19.21
CA VAL B 620 7.93 -10.27 19.25
C VAL B 620 6.46 -10.64 18.97
N PHE B 621 6.27 -11.42 17.92
CA PHE B 621 4.95 -11.80 17.42
C PHE B 621 4.47 -13.11 18.03
N LYS B 622 3.23 -13.10 18.52
CA LYS B 622 2.63 -14.27 19.17
C LYS B 622 2.07 -15.25 18.16
N CYS B 623 1.43 -14.73 17.11
CA CYS B 623 0.81 -15.54 16.08
C CYS B 623 0.80 -14.84 14.73
N GLY B 624 0.57 -15.62 13.67
CA GLY B 624 0.49 -15.07 12.32
C GLY B 624 -0.32 -15.93 11.38
N ILE B 625 -0.81 -15.31 10.29
CA ILE B 625 -1.55 -16.03 9.26
C ILE B 625 -0.87 -15.82 7.91
N ALA B 626 -0.43 -16.92 7.29
CA ALA B 626 0.15 -16.85 5.96
C ALA B 626 -0.83 -17.41 4.93
N VAL B 627 -1.34 -16.53 4.07
CA VAL B 627 -2.28 -16.92 3.04
C VAL B 627 -1.54 -17.01 1.71
N ALA B 628 -1.58 -18.18 1.10
CA ALA B 628 -0.90 -18.46 -0.17
C ALA B 628 0.50 -17.85 -0.24
N PRO B 629 1.36 -18.15 0.74
CA PRO B 629 2.68 -17.53 0.79
C PRO B 629 3.70 -18.16 -0.15
N VAL B 630 4.67 -17.36 -0.56
CA VAL B 630 5.87 -17.88 -1.21
C VAL B 630 6.70 -18.50 -0.09
N SER B 631 7.22 -19.69 -0.34
CA SER B 631 8.06 -20.37 0.65
C SER B 631 9.53 -20.33 0.25
N ARG B 632 9.79 -20.32 -1.05
CA ARG B 632 11.15 -20.40 -1.57
C ARG B 632 11.10 -19.91 -3.00
N TRP B 633 12.03 -19.03 -3.34
CA TRP B 633 12.02 -18.33 -4.63
C TRP B 633 12.22 -19.18 -5.85
N GLU B 634 12.90 -20.31 -5.72
CA GLU B 634 13.03 -21.25 -6.83
C GLU B 634 11.66 -21.77 -7.25
N TYR B 635 10.66 -21.57 -6.38
CA TYR B 635 9.29 -22.01 -6.65
C TYR B 635 8.44 -20.97 -7.37
N TYR B 636 8.79 -19.69 -7.23
CA TYR B 636 8.01 -18.64 -7.88
C TYR B 636 8.51 -18.38 -9.32
N ASP B 637 7.75 -17.60 -10.08
CA ASP B 637 8.05 -17.38 -11.50
C ASP B 637 9.36 -16.63 -11.73
N SER B 638 9.92 -16.84 -12.92
CA SER B 638 11.20 -16.27 -13.30
C SER B 638 11.19 -14.74 -13.38
N VAL B 639 10.26 -14.19 -14.15
CA VAL B 639 10.23 -12.74 -14.41
C VAL B 639 10.19 -11.89 -13.14
N TYR B 640 9.32 -12.24 -12.20
CA TYR B 640 9.23 -11.49 -10.96
C TYR B 640 10.44 -11.71 -10.06
N THR B 641 10.74 -12.97 -9.79
CA THR B 641 11.81 -13.34 -8.87
C THR B 641 13.20 -12.87 -9.31
N GLU B 642 13.55 -13.15 -10.57
CA GLU B 642 14.87 -12.77 -11.10
C GLU B 642 15.08 -11.26 -11.12
N ARG B 643 13.99 -10.51 -11.22
CA ARG B 643 14.04 -9.06 -11.17
C ARG B 643 14.73 -8.57 -9.90
N TYR B 644 14.49 -9.28 -8.79
CA TYR B 644 15.05 -8.90 -7.50
C TYR B 644 16.12 -9.85 -7.01
N MET B 645 16.11 -11.09 -7.51
CA MET B 645 17.05 -12.12 -7.03
C MET B 645 18.21 -12.47 -7.96
N GLY B 646 17.98 -12.37 -9.26
CA GLY B 646 18.95 -12.87 -10.25
C GLY B 646 18.74 -14.35 -10.42
N LEU B 647 19.71 -15.04 -11.02
CA LEU B 647 19.58 -16.47 -11.27
C LEU B 647 20.04 -17.32 -10.08
N PRO B 648 19.32 -18.42 -9.78
CA PRO B 648 19.68 -19.32 -8.69
C PRO B 648 20.85 -20.24 -9.06
N THR B 649 21.93 -19.65 -9.57
CA THR B 649 23.12 -20.40 -9.96
C THR B 649 24.26 -20.05 -9.02
N PRO B 650 25.25 -20.95 -8.86
CA PRO B 650 26.39 -20.65 -7.98
C PRO B 650 27.15 -19.39 -8.40
N GLU B 651 27.29 -19.16 -9.70
CA GLU B 651 27.99 -17.99 -10.22
C GLU B 651 27.14 -16.71 -10.27
N ASP B 652 25.99 -16.73 -9.58
CA ASP B 652 25.14 -15.55 -9.50
C ASP B 652 24.67 -15.31 -8.06
N ASN B 653 23.59 -15.96 -7.64
CA ASN B 653 22.95 -15.67 -6.35
C ASN B 653 22.24 -16.83 -5.67
N LEU B 654 22.63 -18.06 -6.00
CA LEU B 654 22.03 -19.25 -5.40
C LEU B 654 22.17 -19.25 -3.88
N ASP B 655 23.29 -18.70 -3.40
CA ASP B 655 23.56 -18.61 -1.97
C ASP B 655 22.45 -17.93 -1.20
N HIS B 656 21.84 -16.91 -1.79
CA HIS B 656 20.74 -16.21 -1.13
C HIS B 656 19.41 -16.84 -1.40
N TYR B 657 19.27 -17.48 -2.57
CA TYR B 657 18.08 -18.27 -2.87
C TYR B 657 17.91 -19.34 -1.78
N ARG B 658 18.98 -20.10 -1.56
CA ARG B 658 19.00 -21.18 -0.57
C ARG B 658 18.88 -20.66 0.86
N ASN B 659 19.38 -19.45 1.07
CA ASN B 659 19.43 -18.86 2.39
C ASN B 659 18.12 -18.19 2.81
N SER B 660 17.25 -17.91 1.85
CA SER B 660 16.05 -17.10 2.11
C SER B 660 14.72 -17.87 2.21
N THR B 661 14.79 -19.19 2.38
CA THR B 661 13.58 -20.03 2.46
C THR B 661 12.97 -19.95 3.85
N VAL B 662 11.65 -20.05 3.94
CA VAL B 662 10.99 -20.16 5.24
C VAL B 662 11.20 -21.55 5.85
N MET B 663 11.33 -22.55 4.97
CA MET B 663 11.61 -23.94 5.37
C MET B 663 12.78 -24.05 6.35
N SER B 664 13.86 -23.32 6.09
CA SER B 664 15.05 -23.36 6.95
C SER B 664 14.81 -22.72 8.31
N ARG B 665 13.75 -21.93 8.41
CA ARG B 665 13.40 -21.24 9.65
C ARG B 665 12.34 -22.00 10.45
N ALA B 666 12.10 -23.25 10.05
CA ALA B 666 11.04 -24.09 10.61
C ALA B 666 11.11 -24.29 12.14
N GLU B 667 12.32 -24.53 12.63
CA GLU B 667 12.54 -24.75 14.07
C GLU B 667 11.96 -23.61 14.92
N ASN B 668 12.11 -22.38 14.45
CA ASN B 668 11.69 -21.18 15.17
C ASN B 668 10.18 -21.01 15.34
N PHE B 669 9.40 -21.81 14.60
CA PHE B 669 7.94 -21.73 14.66
C PHE B 669 7.37 -22.31 15.96
N LYS B 670 8.22 -22.93 16.78
CA LYS B 670 7.82 -23.48 18.07
C LYS B 670 7.40 -22.40 19.08
N GLN B 671 7.79 -21.17 18.78
CA GLN B 671 7.52 -20.02 19.65
C GLN B 671 6.23 -19.28 19.30
N VAL B 672 5.69 -19.57 18.11
CA VAL B 672 4.54 -18.84 17.58
C VAL B 672 3.39 -19.75 17.14
N GLU B 673 2.18 -19.20 17.13
CA GLU B 673 1.00 -19.90 16.62
C GLU B 673 0.82 -19.53 15.16
N TYR B 674 0.76 -20.53 14.29
CA TYR B 674 0.85 -20.28 12.86
C TYR B 674 -0.32 -20.88 12.09
N LEU B 675 -0.98 -20.02 11.30
CA LEU B 675 -2.07 -20.44 10.40
C LEU B 675 -1.64 -20.35 8.93
N LEU B 676 -1.50 -21.52 8.30
CA LEU B 676 -1.06 -21.62 6.91
C LEU B 676 -2.25 -21.93 6.01
N ILE B 677 -2.54 -21.03 5.07
CA ILE B 677 -3.70 -21.16 4.19
C ILE B 677 -3.25 -21.14 2.73
N HIS B 678 -3.85 -21.99 1.89
CA HIS B 678 -3.50 -22.05 0.47
C HIS B 678 -4.54 -22.75 -0.34
N GLY B 679 -4.92 -22.14 -1.47
CA GLY B 679 -5.89 -22.74 -2.40
C GLY B 679 -5.20 -23.73 -3.32
N THR B 680 -5.82 -24.91 -3.47
CA THR B 680 -5.23 -26.02 -4.23
C THR B 680 -4.99 -25.75 -5.72
N ALA B 681 -5.77 -24.84 -6.30
CA ALA B 681 -5.66 -24.52 -7.72
C ALA B 681 -5.01 -23.15 -7.94
N ASP B 682 -4.03 -22.84 -7.11
CA ASP B 682 -3.32 -21.59 -7.24
C ASP B 682 -2.27 -21.75 -8.34
N ASP B 683 -2.52 -21.07 -9.45
CA ASP B 683 -1.62 -21.10 -10.61
C ASP B 683 -0.43 -20.16 -10.43
N ASN B 684 -0.57 -19.22 -9.49
CA ASN B 684 0.39 -18.14 -9.25
C ASN B 684 1.49 -18.60 -8.29
N VAL B 685 1.16 -18.59 -6.99
CA VAL B 685 2.00 -19.14 -5.94
C VAL B 685 1.43 -20.53 -5.69
N HIS B 686 2.05 -21.54 -6.29
CA HIS B 686 1.48 -22.88 -6.26
C HIS B 686 1.34 -23.45 -4.88
N PHE B 687 0.36 -24.33 -4.71
CA PHE B 687 0.13 -25.02 -3.44
C PHE B 687 1.42 -25.68 -2.94
N GLN B 688 2.26 -26.08 -3.89
CA GLN B 688 3.58 -26.64 -3.60
C GLN B 688 4.31 -25.88 -2.50
N GLN B 689 4.25 -24.55 -2.57
CA GLN B 689 4.98 -23.70 -1.64
C GLN B 689 4.53 -23.87 -0.20
N SER B 690 3.21 -23.95 0.02
CA SER B 690 2.67 -24.22 1.35
C SER B 690 2.83 -25.68 1.73
N ALA B 691 2.86 -26.55 0.72
CA ALA B 691 3.11 -27.97 0.97
C ALA B 691 4.51 -28.20 1.55
N GLN B 692 5.49 -27.44 1.08
CA GLN B 692 6.85 -27.52 1.59
C GLN B 692 7.00 -26.89 2.98
N ILE B 693 6.27 -25.80 3.24
CA ILE B 693 6.26 -25.19 4.57
C ILE B 693 5.72 -26.16 5.62
N SER B 694 4.56 -26.75 5.32
CA SER B 694 3.91 -27.71 6.22
C SER B 694 4.81 -28.92 6.47
N LYS B 695 5.46 -29.41 5.42
CA LYS B 695 6.34 -30.57 5.54
C LYS B 695 7.53 -30.25 6.44
N ALA B 696 8.15 -29.11 6.22
CA ALA B 696 9.27 -28.65 7.04
C ALA B 696 8.87 -28.45 8.51
N LEU B 697 7.65 -27.99 8.73
CA LEU B 697 7.12 -27.78 10.08
C LEU B 697 6.86 -29.11 10.80
N VAL B 698 6.38 -30.10 10.05
CA VAL B 698 6.11 -31.44 10.56
C VAL B 698 7.42 -32.17 10.88
N ASP B 699 8.43 -31.98 10.03
CA ASP B 699 9.74 -32.62 10.20
C ASP B 699 10.48 -32.19 11.46
N VAL B 700 10.26 -30.95 11.89
CA VAL B 700 10.90 -30.43 13.10
C VAL B 700 9.97 -30.48 14.33
N GLY B 701 8.80 -31.12 14.16
CA GLY B 701 7.83 -31.32 15.23
C GLY B 701 7.18 -30.05 15.74
N VAL B 702 6.56 -29.29 14.84
CA VAL B 702 5.90 -28.04 15.18
C VAL B 702 4.40 -28.15 14.94
N ASP B 703 3.59 -27.90 15.96
CA ASP B 703 2.15 -27.81 15.76
C ASP B 703 1.82 -26.47 15.13
N PHE B 704 0.92 -26.51 14.15
CA PHE B 704 0.44 -25.32 13.46
C PHE B 704 -0.92 -25.65 12.89
N GLN B 705 -1.57 -24.65 12.31
CA GLN B 705 -2.89 -24.85 11.73
C GLN B 705 -2.89 -24.60 10.22
N ALA B 706 -3.38 -25.58 9.48
CA ALA B 706 -3.45 -25.48 8.03
C ALA B 706 -4.91 -25.43 7.58
N MET B 707 -5.10 -24.91 6.37
CA MET B 707 -6.40 -24.86 5.72
C MET B 707 -6.18 -24.71 4.22
N TRP B 708 -6.44 -25.77 3.48
CA TRP B 708 -6.37 -25.70 2.03
C TRP B 708 -7.70 -25.22 1.54
N TYR B 709 -7.74 -24.73 0.29
CA TYR B 709 -8.99 -24.38 -0.35
C TYR B 709 -9.12 -25.04 -1.71
N THR B 710 -9.99 -26.05 -1.76
CA THR B 710 -10.19 -26.84 -2.95
C THR B 710 -10.60 -25.98 -4.14
N ASP B 711 -9.80 -26.09 -5.21
CA ASP B 711 -10.04 -25.47 -6.50
C ASP B 711 -9.97 -23.94 -6.52
N GLU B 712 -9.67 -23.34 -5.38
CA GLU B 712 -9.46 -21.90 -5.29
C GLU B 712 -8.09 -21.54 -5.83
N ASP B 713 -7.99 -20.37 -6.47
CA ASP B 713 -6.70 -19.92 -6.98
C ASP B 713 -6.03 -18.93 -6.04
N HIS B 714 -5.14 -18.09 -6.57
CA HIS B 714 -4.36 -17.20 -5.71
C HIS B 714 -5.19 -16.21 -4.94
N GLY B 715 -6.29 -15.76 -5.54
CA GLY B 715 -7.14 -14.77 -4.93
C GLY B 715 -8.15 -15.31 -3.92
N ILE B 716 -8.36 -16.63 -3.93
CA ILE B 716 -9.42 -17.26 -3.13
C ILE B 716 -10.65 -16.34 -3.17
N ALA B 717 -11.13 -16.12 -4.40
CA ALA B 717 -12.13 -15.11 -4.71
C ALA B 717 -13.58 -15.61 -4.69
N SER B 718 -13.79 -16.91 -4.87
CA SER B 718 -15.14 -17.48 -4.81
C SER B 718 -15.88 -16.90 -3.63
N SER B 719 -17.09 -16.41 -3.87
CA SER B 719 -17.90 -15.80 -2.81
C SER B 719 -17.89 -16.60 -1.50
N THR B 720 -18.12 -17.91 -1.59
CA THR B 720 -18.17 -18.78 -0.42
C THR B 720 -16.79 -19.03 0.17
N ALA B 721 -15.77 -19.10 -0.69
CA ALA B 721 -14.39 -19.32 -0.25
C ALA B 721 -13.81 -18.10 0.41
N HIS B 722 -14.18 -16.93 -0.09
CA HIS B 722 -13.78 -15.64 0.48
C HIS B 722 -14.36 -15.46 1.85
N GLN B 723 -15.64 -15.78 2.01
CA GLN B 723 -16.32 -15.67 3.30
C GLN B 723 -15.78 -16.66 4.32
N HIS B 724 -15.44 -17.86 3.85
CA HIS B 724 -14.95 -18.92 4.72
C HIS B 724 -13.59 -18.62 5.29
N ILE B 725 -12.69 -18.10 4.48
CA ILE B 725 -11.33 -17.84 4.92
C ILE B 725 -11.26 -16.71 5.96
N TYR B 726 -12.04 -15.65 5.76
CA TYR B 726 -12.04 -14.54 6.71
C TYR B 726 -12.70 -14.91 8.03
N THR B 727 -13.76 -15.71 7.96
CA THR B 727 -14.40 -16.28 9.16
C THR B 727 -13.40 -17.15 9.91
N HIS B 728 -12.63 -17.94 9.15
CA HIS B 728 -11.59 -18.77 9.73
C HIS B 728 -10.48 -17.96 10.34
N MET B 729 -9.95 -16.99 9.58
CA MET B 729 -8.89 -16.13 10.06
C MET B 729 -9.32 -15.33 11.29
N SER B 730 -10.56 -14.85 11.27
CA SER B 730 -11.13 -14.10 12.39
C SER B 730 -11.16 -14.94 13.67
N HIS B 731 -11.53 -16.23 13.54
CA HIS B 731 -11.55 -17.13 14.67
C HIS B 731 -10.17 -17.36 15.23
N PHE B 732 -9.21 -17.58 14.33
CA PHE B 732 -7.82 -17.83 14.69
C PHE B 732 -7.18 -16.65 15.44
N ILE B 733 -7.43 -15.44 14.95
CA ILE B 733 -6.93 -14.21 15.56
C ILE B 733 -7.60 -13.96 16.91
N LYS B 734 -8.93 -14.04 16.94
CA LYS B 734 -9.68 -13.83 18.17
C LYS B 734 -9.22 -14.74 19.30
N GLN B 735 -9.01 -16.02 19.00
CA GLN B 735 -8.56 -16.97 20.03
C GLN B 735 -7.09 -16.74 20.42
N CYS B 736 -6.27 -16.34 19.45
CA CYS B 736 -4.87 -15.97 19.70
C CYS B 736 -4.80 -14.74 20.63
N PHE B 737 -5.73 -13.81 20.44
CA PHE B 737 -5.77 -12.58 21.23
C PHE B 737 -6.64 -12.68 22.49
N SER B 738 -7.11 -13.90 22.80
CA SER B 738 -7.99 -14.15 23.96
C SER B 738 -9.32 -13.38 23.91
N LEU B 739 -9.75 -13.04 22.70
CA LEU B 739 -11.01 -12.33 22.49
C LEU B 739 -12.16 -13.34 22.37
N PRO B 740 -13.13 -13.28 23.30
CA PRO B 740 -14.24 -14.23 23.37
C PRO B 740 -15.10 -14.27 22.10
N LYS C 15 -62.66 29.85 -22.76
CA LYS C 15 -62.48 31.07 -21.91
C LYS C 15 -61.26 30.96 -20.99
N THR C 16 -60.76 32.11 -20.54
CA THR C 16 -59.55 32.20 -19.72
C THR C 16 -59.85 32.52 -18.26
N TYR C 17 -58.84 32.43 -17.40
CA TYR C 17 -58.96 32.79 -15.99
C TYR C 17 -58.86 34.30 -15.87
N THR C 18 -60.01 34.96 -15.77
CA THR C 18 -60.07 36.42 -15.80
C THR C 18 -59.74 37.05 -14.45
N LEU C 19 -59.62 38.37 -14.43
CA LEU C 19 -59.42 39.12 -13.20
C LEU C 19 -60.66 38.99 -12.31
N THR C 20 -61.83 39.03 -12.94
CA THR C 20 -63.11 38.88 -12.24
C THR C 20 -63.19 37.51 -11.56
N ASP C 21 -62.68 36.48 -12.24
CA ASP C 21 -62.58 35.13 -11.65
C ASP C 21 -61.88 35.18 -10.30
N TYR C 22 -60.68 35.75 -10.30
CA TYR C 22 -59.86 35.86 -9.11
C TYR C 22 -60.54 36.68 -8.02
N LEU C 23 -60.96 37.90 -8.38
CA LEU C 23 -61.53 38.84 -7.42
C LEU C 23 -62.81 38.34 -6.75
N LYS C 24 -63.64 37.63 -7.50
CA LYS C 24 -64.93 37.17 -6.99
C LYS C 24 -64.91 35.75 -6.43
N ASN C 25 -63.84 35.00 -6.70
CA ASN C 25 -63.72 33.58 -6.31
C ASN C 25 -64.61 32.65 -7.11
N THR C 26 -64.50 32.73 -8.43
CA THR C 26 -65.26 31.85 -9.31
C THR C 26 -64.83 30.40 -9.10
N TYR C 27 -63.51 30.17 -9.14
CA TYR C 27 -62.94 28.85 -8.94
C TYR C 27 -62.34 28.78 -7.53
N ARG C 28 -63.01 28.03 -6.65
CA ARG C 28 -62.67 27.99 -5.23
C ARG C 28 -61.88 26.77 -4.80
N LEU C 29 -60.76 27.00 -4.12
CA LEU C 29 -59.98 25.92 -3.51
C LEU C 29 -60.70 25.44 -2.25
N LYS C 30 -60.96 24.15 -2.19
CA LYS C 30 -61.66 23.56 -1.05
C LYS C 30 -60.67 23.01 -0.02
N LEU C 31 -60.85 23.41 1.23
CA LEU C 31 -59.99 22.98 2.34
C LEU C 31 -60.65 21.81 3.07
N TYR C 32 -59.88 21.15 3.94
CA TYR C 32 -60.44 20.17 4.85
C TYR C 32 -59.97 20.49 6.26
N SER C 33 -60.61 21.50 6.86
CA SER C 33 -60.24 22.00 8.18
C SER C 33 -60.76 21.10 9.31
N LEU C 34 -59.87 20.26 9.84
CA LEU C 34 -60.20 19.36 10.94
C LEU C 34 -59.40 19.69 12.20
N ARG C 35 -60.05 19.57 13.36
CA ARG C 35 -59.40 19.82 14.65
C ARG C 35 -59.46 18.58 15.52
N TRP C 36 -58.29 18.06 15.89
CA TRP C 36 -58.17 16.84 16.70
C TRP C 36 -58.66 17.04 18.12
N ILE C 37 -59.67 16.26 18.51
CA ILE C 37 -60.20 16.32 19.87
C ILE C 37 -59.48 15.34 20.79
N SER C 38 -58.92 14.28 20.21
CA SER C 38 -58.19 13.26 20.95
C SER C 38 -57.16 12.57 20.04
N ASP C 39 -56.88 11.30 20.32
CA ASP C 39 -55.93 10.52 19.54
C ASP C 39 -56.62 9.71 18.43
N HIS C 40 -57.92 9.50 18.59
CA HIS C 40 -58.70 8.70 17.64
C HIS C 40 -59.67 9.52 16.86
N GLU C 41 -60.05 10.68 17.40
CA GLU C 41 -61.15 11.45 16.86
C GLU C 41 -60.79 12.90 16.51
N TYR C 42 -61.43 13.42 15.48
CA TYR C 42 -61.28 14.82 15.08
C TYR C 42 -62.61 15.46 14.72
N LEU C 43 -62.66 16.79 14.77
CA LEU C 43 -63.88 17.55 14.47
C LEU C 43 -63.80 18.19 13.09
N TYR C 44 -64.91 18.15 12.36
CA TYR C 44 -64.97 18.75 11.02
C TYR C 44 -66.28 19.51 10.77
N LYS C 45 -66.17 20.65 10.10
CA LYS C 45 -67.30 21.55 9.83
C LYS C 45 -68.06 21.17 8.56
N GLN C 46 -69.38 21.14 8.65
CA GLN C 46 -70.26 20.76 7.54
C GLN C 46 -71.14 21.92 7.08
N ASN C 49 -72.81 22.46 10.61
CA ASN C 49 -72.73 21.38 11.58
C ASN C 49 -71.31 21.09 12.04
N ILE C 50 -71.19 20.42 13.19
CA ILE C 50 -69.91 19.95 13.70
C ILE C 50 -70.01 18.44 13.92
N LEU C 51 -69.19 17.70 13.19
CA LEU C 51 -69.18 16.25 13.27
C LEU C 51 -67.89 15.78 13.95
N VAL C 52 -67.96 14.62 14.60
CA VAL C 52 -66.77 14.00 15.19
C VAL C 52 -66.45 12.69 14.46
N PHE C 53 -65.53 12.78 13.50
CA PHE C 53 -65.12 11.64 12.69
C PHE C 53 -64.23 10.68 13.46
N ASN C 54 -64.19 9.43 13.02
CA ASN C 54 -63.40 8.40 13.67
C ASN C 54 -62.37 7.78 12.73
N ALA C 55 -61.11 7.81 13.17
CA ALA C 55 -60.01 7.25 12.38
C ALA C 55 -59.95 5.72 12.49
N GLU C 56 -60.58 5.18 13.54
CA GLU C 56 -60.68 3.74 13.74
C GLU C 56 -61.64 3.13 12.72
N ASN C 59 -67.46 6.17 10.63
CA ASN C 59 -68.67 6.79 11.24
C ASN C 59 -68.39 8.14 11.88
N SER C 60 -69.39 9.02 11.86
CA SER C 60 -69.27 10.36 12.43
C SER C 60 -70.62 10.90 12.91
N SER C 61 -70.92 10.69 14.19
CA SER C 61 -72.13 11.21 14.79
C SER C 61 -72.01 12.72 15.07
N VAL C 62 -73.06 13.46 14.78
CA VAL C 62 -73.08 14.92 14.88
C VAL C 62 -72.87 15.37 16.34
N PHE C 63 -71.93 16.30 16.53
CA PHE C 63 -71.62 16.86 17.84
C PHE C 63 -72.43 18.13 18.10
N LEU C 64 -72.53 18.98 17.08
CA LEU C 64 -73.39 20.17 17.10
C LEU C 64 -74.10 20.33 15.77
N GLU C 65 -75.43 20.49 15.81
CA GLU C 65 -76.22 20.69 14.61
C GLU C 65 -76.12 22.15 14.13
N ASN C 66 -76.25 22.34 12.82
CA ASN C 66 -76.14 23.67 12.19
C ASN C 66 -77.12 24.73 12.72
N SER C 67 -78.25 24.29 13.27
CA SER C 67 -79.28 25.19 13.78
C SER C 67 -79.39 25.18 15.31
N THR C 68 -78.35 24.70 16.00
CA THR C 68 -78.32 24.67 17.46
C THR C 68 -78.24 26.09 18.04
N PHE C 69 -77.41 26.93 17.41
CA PHE C 69 -77.24 28.32 17.83
C PHE C 69 -77.99 29.28 16.92
N ASP C 70 -79.17 28.86 16.47
CA ASP C 70 -80.01 29.66 15.58
C ASP C 70 -80.71 30.77 16.36
N GLU C 71 -81.04 30.49 17.62
CA GLU C 71 -81.70 31.45 18.50
C GLU C 71 -80.72 32.03 19.54
N PHE C 72 -79.44 32.09 19.16
CA PHE C 72 -78.39 32.62 20.04
C PHE C 72 -78.52 34.13 20.23
N GLY C 73 -78.70 34.85 19.12
CA GLY C 73 -78.84 36.31 19.15
C GLY C 73 -77.67 37.06 18.57
N HIS C 74 -76.53 36.36 18.41
CA HIS C 74 -75.30 36.96 17.87
C HIS C 74 -74.66 36.05 16.86
N SER C 75 -73.97 36.65 15.88
CA SER C 75 -73.24 35.91 14.84
C SER C 75 -71.99 35.26 15.42
N ILE C 76 -71.92 33.93 15.34
CA ILE C 76 -70.75 33.20 15.85
C ILE C 76 -69.60 33.28 14.85
N ASN C 77 -68.45 33.75 15.32
CA ASN C 77 -67.25 33.85 14.51
C ASN C 77 -66.45 32.55 14.53
N ASP C 78 -66.20 32.03 15.74
CA ASP C 78 -65.45 30.80 15.93
C ASP C 78 -65.94 30.07 17.19
N TYR C 79 -65.64 28.77 17.26
CA TYR C 79 -65.97 27.97 18.43
C TYR C 79 -64.70 27.32 18.98
N SER C 80 -64.73 26.99 20.27
CA SER C 80 -63.60 26.36 20.93
C SER C 80 -64.09 25.35 21.95
N ILE C 81 -63.82 24.07 21.68
CA ILE C 81 -64.23 22.99 22.57
C ILE C 81 -63.21 22.81 23.69
N SER C 82 -63.70 22.67 24.92
CA SER C 82 -62.85 22.35 26.05
C SER C 82 -62.29 20.94 25.85
N PRO C 83 -61.00 20.72 26.15
CA PRO C 83 -60.32 19.43 25.95
C PRO C 83 -61.01 18.21 26.55
N ASP C 84 -61.68 18.38 27.69
CA ASP C 84 -62.44 17.29 28.32
C ASP C 84 -63.79 17.03 27.61
N GLY C 85 -64.13 17.91 26.68
CA GLY C 85 -65.28 17.74 25.80
C GLY C 85 -66.65 18.07 26.37
N GLN C 86 -66.68 18.77 27.49
CA GLN C 86 -67.96 19.10 28.15
C GLN C 86 -68.48 20.52 27.91
N PHE C 87 -67.57 21.43 27.50
CA PHE C 87 -67.94 22.82 27.23
C PHE C 87 -67.51 23.29 25.85
N ILE C 88 -68.28 24.20 25.28
CA ILE C 88 -67.90 24.87 24.03
C ILE C 88 -67.92 26.37 24.21
N LEU C 89 -66.77 26.99 23.88
CA LEU C 89 -66.61 28.43 23.95
C LEU C 89 -67.04 29.05 22.62
N LEU C 90 -68.00 29.95 22.68
CA LEU C 90 -68.50 30.63 21.48
C LEU C 90 -67.91 32.02 21.37
N GLU C 91 -67.46 32.37 20.17
CA GLU C 91 -66.83 33.65 19.91
C GLU C 91 -67.72 34.54 19.05
N TYR C 92 -68.10 35.69 19.59
CA TYR C 92 -68.88 36.68 18.85
C TYR C 92 -68.32 38.09 19.05
N ASN C 93 -68.85 39.04 18.29
CA ASN C 93 -68.38 40.43 18.31
C ASN C 93 -66.90 40.56 17.94
N TYR C 94 -66.48 39.80 16.92
CA TYR C 94 -65.10 39.83 16.45
C TYR C 94 -64.74 41.19 15.91
N VAL C 95 -63.81 41.87 16.58
CA VAL C 95 -63.26 43.14 16.10
C VAL C 95 -61.75 43.01 16.02
N LYS C 96 -61.26 42.94 14.79
CA LYS C 96 -59.83 42.75 14.49
C LYS C 96 -58.99 43.92 14.97
N GLN C 97 -57.80 43.64 15.46
CA GLN C 97 -56.83 44.68 15.74
C GLN C 97 -55.71 44.57 14.70
N TRP C 98 -54.64 43.83 15.02
CA TRP C 98 -53.53 43.65 14.07
C TRP C 98 -53.56 42.30 13.39
N ARG C 99 -52.41 41.87 12.86
CA ARG C 99 -52.33 40.63 12.05
C ARG C 99 -52.94 39.41 12.74
N HIS C 100 -52.74 39.31 14.06
CA HIS C 100 -53.26 38.20 14.83
C HIS C 100 -54.22 38.63 15.90
N SER C 101 -53.98 39.80 16.48
CA SER C 101 -54.77 40.32 17.60
C SER C 101 -56.17 40.73 17.21
N TYR C 102 -57.09 40.54 18.16
CA TYR C 102 -58.48 40.95 18.02
C TYR C 102 -59.15 40.98 19.38
N THR C 103 -60.26 41.71 19.45
CA THR C 103 -61.07 41.81 20.66
C THR C 103 -62.45 41.21 20.38
N ALA C 104 -62.88 40.30 21.26
CA ALA C 104 -64.15 39.59 21.07
C ALA C 104 -64.91 39.36 22.37
N SER C 105 -66.22 39.14 22.26
CA SER C 105 -67.06 38.74 23.39
C SER C 105 -67.25 37.23 23.38
N TYR C 106 -67.27 36.62 24.57
CA TYR C 106 -67.29 35.17 24.68
C TYR C 106 -68.40 34.64 25.59
N ASP C 107 -69.05 33.58 25.15
CA ASP C 107 -70.02 32.87 25.96
C ASP C 107 -69.71 31.38 25.96
N ILE C 108 -69.79 30.78 27.14
CA ILE C 108 -69.53 29.35 27.31
C ILE C 108 -70.85 28.59 27.32
N TYR C 109 -70.84 27.43 26.67
CA TYR C 109 -72.03 26.59 26.52
C TYR C 109 -71.73 25.18 27.04
N ASP C 110 -72.50 24.76 28.05
CA ASP C 110 -72.34 23.42 28.61
C ASP C 110 -73.09 22.39 27.75
N LEU C 111 -72.36 21.36 27.33
CA LEU C 111 -72.91 20.31 26.47
C LEU C 111 -73.70 19.27 27.26
N ASN C 112 -73.35 19.11 28.53
CA ASN C 112 -74.03 18.16 29.42
C ASN C 112 -75.42 18.64 29.80
N LYS C 113 -75.61 19.96 29.84
CA LYS C 113 -76.88 20.57 30.23
C LYS C 113 -77.54 21.37 29.09
N ARG C 114 -76.97 21.24 27.88
CA ARG C 114 -77.50 21.88 26.66
C ARG C 114 -77.70 23.40 26.75
N GLN C 115 -77.10 24.05 27.74
CA GLN C 115 -77.38 25.48 27.97
C GLN C 115 -76.13 26.37 28.09
N LEU C 116 -76.37 27.68 28.06
CA LEU C 116 -75.32 28.69 28.24
C LEU C 116 -75.20 29.09 29.70
N ILE C 117 -73.99 29.47 30.10
CA ILE C 117 -73.73 29.94 31.46
C ILE C 117 -73.97 31.45 31.51
N THR C 118 -74.83 31.90 32.43
CA THR C 118 -75.22 33.31 32.51
C THR C 118 -74.57 34.10 33.65
N GLU C 119 -74.00 33.39 34.63
CA GLU C 119 -73.30 34.07 35.74
C GLU C 119 -71.79 33.98 35.59
N GLU C 120 -71.11 35.05 36.01
CA GLU C 120 -69.65 35.21 35.90
C GLU C 120 -69.16 34.95 34.47
N ARG C 121 -69.77 35.67 33.52
CA ARG C 121 -69.47 35.53 32.10
C ARG C 121 -68.17 36.23 31.72
N ILE C 122 -67.56 35.76 30.63
CA ILE C 122 -66.37 36.40 30.07
C ILE C 122 -66.75 37.78 29.53
N PRO C 123 -66.10 38.84 30.03
CA PRO C 123 -66.50 40.22 29.75
C PRO C 123 -66.37 40.60 28.28
N ASN C 124 -67.21 41.54 27.85
CA ASN C 124 -67.10 42.16 26.53
C ASN C 124 -65.70 42.72 26.33
N ASN C 125 -65.25 42.74 25.07
CA ASN C 125 -63.93 43.29 24.71
C ASN C 125 -62.75 42.54 25.31
N THR C 126 -62.84 41.21 25.35
CA THR C 126 -61.76 40.36 25.85
C THR C 126 -60.69 40.16 24.77
N GLN C 127 -59.43 40.32 25.18
CA GLN C 127 -58.29 40.32 24.26
C GLN C 127 -57.85 38.93 23.80
N TRP C 128 -57.85 37.97 24.71
CA TRP C 128 -57.53 36.57 24.38
C TRP C 128 -58.07 35.62 25.41
N VAL C 129 -58.54 34.47 24.94
CA VAL C 129 -59.01 33.42 25.83
C VAL C 129 -58.49 32.06 25.37
N THR C 130 -58.13 31.21 26.33
CA THR C 130 -57.60 29.88 26.03
C THR C 130 -57.93 28.88 27.13
N TRP C 131 -58.32 27.66 26.71
CA TRP C 131 -58.57 26.55 27.62
C TRP C 131 -57.28 26.00 28.14
N SER C 132 -57.37 25.27 29.25
CA SER C 132 -56.26 24.44 29.71
C SER C 132 -56.14 23.26 28.74
N PRO C 133 -54.95 22.64 28.63
CA PRO C 133 -54.76 21.51 27.72
C PRO C 133 -55.60 20.27 28.08
N VAL C 134 -55.95 20.15 29.36
CA VAL C 134 -56.87 19.11 29.84
C VAL C 134 -57.87 19.73 30.81
N GLY C 135 -59.08 19.16 30.87
CA GLY C 135 -60.12 19.68 31.74
C GLY C 135 -60.83 20.89 31.15
N HIS C 136 -61.34 21.75 32.03
CA HIS C 136 -62.14 22.91 31.63
C HIS C 136 -61.68 24.20 32.26
N LYS C 137 -60.43 24.24 32.71
CA LYS C 137 -59.85 25.48 33.23
C LYS C 137 -59.77 26.51 32.12
N LEU C 138 -59.96 27.76 32.49
CA LEU C 138 -60.05 28.83 31.51
C LEU C 138 -59.20 30.03 31.94
N ALA C 139 -58.45 30.57 30.97
CA ALA C 139 -57.66 31.78 31.20
C ALA C 139 -57.96 32.79 30.10
N TYR C 140 -58.14 34.04 30.51
CA TYR C 140 -58.43 35.11 29.56
C TYR C 140 -57.77 36.42 29.95
N VAL C 141 -57.51 37.26 28.94
CA VAL C 141 -56.91 38.57 29.15
C VAL C 141 -57.94 39.67 28.87
N TRP C 142 -58.19 40.51 29.86
CA TRP C 142 -59.13 41.62 29.74
C TRP C 142 -58.57 42.87 30.37
N ASN C 143 -58.50 43.93 29.56
CA ASN C 143 -57.86 45.19 29.94
C ASN C 143 -56.39 45.02 30.26
N ASN C 144 -55.73 44.14 29.48
CA ASN C 144 -54.31 43.85 29.61
C ASN C 144 -53.96 43.08 30.90
N ASP C 145 -54.97 42.50 31.54
CA ASP C 145 -54.79 41.73 32.77
C ASP C 145 -55.26 40.28 32.61
N ILE C 146 -54.64 39.37 33.35
CA ILE C 146 -54.97 37.94 33.25
C ILE C 146 -55.91 37.46 34.35
N TYR C 147 -56.95 36.76 33.94
CA TYR C 147 -57.94 36.20 34.85
C TYR C 147 -58.07 34.70 34.57
N VAL C 148 -58.36 33.92 35.61
CA VAL C 148 -58.52 32.47 35.47
C VAL C 148 -59.85 31.95 36.04
N LYS C 149 -60.42 30.97 35.34
CA LYS C 149 -61.66 30.33 35.74
C LYS C 149 -61.44 28.83 35.88
N ILE C 150 -61.40 28.35 37.13
CA ILE C 150 -61.23 26.93 37.42
C ILE C 150 -62.46 26.17 36.93
N GLU C 151 -63.62 26.79 37.13
CA GLU C 151 -64.88 26.32 36.59
C GLU C 151 -65.46 27.49 35.81
N PRO C 152 -66.05 27.23 34.63
CA PRO C 152 -66.64 28.27 33.78
C PRO C 152 -67.70 29.14 34.47
N ASN C 153 -68.36 28.57 35.48
CA ASN C 153 -69.41 29.27 36.21
C ASN C 153 -68.95 30.03 37.47
N LEU C 154 -67.73 29.72 37.92
CA LEU C 154 -67.17 30.37 39.11
C LEU C 154 -66.54 31.73 38.80
N PRO C 155 -66.58 32.67 39.77
CA PRO C 155 -65.94 33.99 39.59
C PRO C 155 -64.44 33.85 39.33
N SER C 156 -63.92 34.70 38.44
CA SER C 156 -62.52 34.65 38.01
C SER C 156 -61.54 35.04 39.12
N TYR C 157 -60.32 34.51 39.00
CA TYR C 157 -59.21 34.90 39.86
C TYR C 157 -58.34 35.87 39.07
N ARG C 158 -58.28 37.12 39.54
CA ARG C 158 -57.46 38.12 38.90
C ARG C 158 -55.99 37.87 39.28
N ILE C 159 -55.18 37.60 38.27
CA ILE C 159 -53.77 37.26 38.46
C ILE C 159 -52.89 38.50 38.48
N THR C 160 -53.14 39.41 37.53
CA THR C 160 -52.38 40.65 37.44
C THR C 160 -53.25 41.87 37.68
N TRP C 161 -52.68 42.87 38.34
CA TRP C 161 -53.37 44.13 38.60
C TRP C 161 -52.54 45.26 38.05
N THR C 162 -51.73 44.95 37.05
CA THR C 162 -50.75 45.90 36.50
C THR C 162 -51.04 46.34 35.07
N GLY C 163 -51.96 45.65 34.40
CA GLY C 163 -52.33 45.96 33.02
C GLY C 163 -52.73 47.40 32.79
N LYS C 164 -52.20 47.98 31.70
CA LYS C 164 -52.44 49.38 31.36
C LYS C 164 -52.38 49.52 29.85
N GLU C 165 -53.46 50.04 29.27
CA GLU C 165 -53.58 50.21 27.82
C GLU C 165 -52.35 50.86 27.21
N ASP C 166 -51.79 50.19 26.20
CA ASP C 166 -50.61 50.66 25.45
C ASP C 166 -49.33 50.83 26.26
N ILE C 167 -49.27 50.22 27.44
CA ILE C 167 -48.10 50.33 28.31
C ILE C 167 -47.71 48.97 28.93
N ILE C 168 -48.62 48.40 29.70
CA ILE C 168 -48.37 47.11 30.35
C ILE C 168 -49.30 46.03 29.79
N TYR C 169 -48.70 45.00 29.21
CA TYR C 169 -49.44 43.90 28.61
C TYR C 169 -49.17 42.65 29.44
N ASN C 170 -50.25 42.06 29.96
CA ASN C 170 -50.14 40.81 30.72
C ASN C 170 -50.84 39.67 29.99
N GLY C 171 -50.06 38.68 29.56
CA GLY C 171 -50.61 37.51 28.88
C GLY C 171 -51.04 37.78 27.45
N ILE C 172 -50.65 38.95 26.94
CA ILE C 172 -50.81 39.32 25.54
C ILE C 172 -49.58 40.07 25.07
N THR C 173 -49.26 39.95 23.78
CA THR C 173 -48.10 40.61 23.23
C THR C 173 -48.43 42.03 22.79
N ASP C 174 -47.42 42.90 22.75
CA ASP C 174 -47.56 44.21 22.16
C ASP C 174 -47.40 44.09 20.63
N TRP C 175 -47.44 45.22 19.93
CA TRP C 175 -47.41 45.21 18.47
C TRP C 175 -46.27 44.43 17.89
N VAL C 176 -45.04 44.78 18.29
CA VAL C 176 -43.83 44.20 17.70
C VAL C 176 -43.61 42.73 18.04
N TYR C 177 -43.98 42.33 19.26
CA TYR C 177 -43.90 40.93 19.69
C TYR C 177 -44.94 40.06 18.97
N GLU C 178 -46.11 40.64 18.74
CA GLU C 178 -47.18 39.97 18.01
C GLU C 178 -46.76 39.69 16.57
N GLU C 179 -46.21 40.71 15.93
CA GLU C 179 -45.84 40.64 14.53
C GLU C 179 -44.55 39.88 14.28
N GLU C 180 -43.49 40.25 15.00
CA GLU C 180 -42.14 39.80 14.68
C GLU C 180 -41.54 38.69 15.55
N VAL C 181 -42.04 38.54 16.78
CA VAL C 181 -41.47 37.56 17.69
C VAL C 181 -42.30 36.30 17.85
N PHE C 182 -43.56 36.46 18.26
CA PHE C 182 -44.41 35.31 18.59
C PHE C 182 -45.41 34.89 17.51
N SER C 183 -45.63 35.76 16.52
CA SER C 183 -46.61 35.52 15.45
C SER C 183 -48.00 35.21 16.00
N ALA C 184 -48.31 35.79 17.17
CA ALA C 184 -49.59 35.61 17.82
C ALA C 184 -49.80 36.71 18.86
N TYR C 185 -51.05 36.90 19.25
CA TYR C 185 -51.43 37.88 20.27
C TYR C 185 -51.24 37.29 21.66
N SER C 186 -51.54 36.01 21.79
CA SER C 186 -51.44 35.30 23.06
C SER C 186 -50.02 35.24 23.62
N ALA C 187 -49.91 35.43 24.94
CA ALA C 187 -48.66 35.27 25.67
C ALA C 187 -48.93 34.51 26.96
N LEU C 188 -49.70 33.44 26.85
CA LEU C 188 -50.01 32.54 27.96
C LEU C 188 -49.63 31.13 27.58
N TRP C 189 -48.99 30.41 28.50
CA TRP C 189 -48.60 29.02 28.28
C TRP C 189 -48.92 28.16 29.45
N TRP C 190 -49.87 27.25 29.26
CA TRP C 190 -50.26 26.31 30.30
C TRP C 190 -49.26 25.20 30.42
N SER C 191 -49.13 24.65 31.62
CA SER C 191 -48.36 23.43 31.82
C SER C 191 -49.19 22.25 31.25
N PRO C 192 -48.52 21.16 30.83
CA PRO C 192 -49.19 20.02 30.21
C PRO C 192 -50.47 19.54 30.89
N ASN C 193 -50.46 19.44 32.23
CA ASN C 193 -51.67 19.01 32.95
C ASN C 193 -52.58 20.14 33.46
N GLY C 194 -52.30 21.36 33.00
CA GLY C 194 -53.13 22.52 33.30
C GLY C 194 -52.96 23.12 34.69
N THR C 195 -51.94 22.67 35.42
CA THR C 195 -51.69 23.17 36.78
C THR C 195 -51.09 24.57 36.80
N PHE C 196 -49.99 24.75 36.07
CA PHE C 196 -49.30 26.03 36.04
C PHE C 196 -49.69 26.85 34.82
N LEU C 197 -49.81 28.16 35.01
CA LEU C 197 -50.02 29.09 33.93
C LEU C 197 -48.82 30.04 33.87
N ALA C 198 -48.08 29.95 32.78
CA ALA C 198 -46.90 30.79 32.57
C ALA C 198 -47.24 31.91 31.59
N TYR C 199 -46.88 33.13 31.95
CA TYR C 199 -47.18 34.28 31.11
C TYR C 199 -46.03 35.27 30.97
N ALA C 200 -46.11 36.11 29.95
CA ALA C 200 -45.14 37.17 29.73
C ALA C 200 -45.80 38.51 29.98
N GLN C 201 -45.02 39.46 30.49
CA GLN C 201 -45.49 40.83 30.67
C GLN C 201 -44.63 41.78 29.84
N PHE C 202 -45.29 42.52 28.94
CA PHE C 202 -44.59 43.45 28.07
C PHE C 202 -44.80 44.89 28.51
N ASN C 203 -43.70 45.62 28.58
CA ASN C 203 -43.68 46.99 29.06
C ASN C 203 -43.31 47.95 27.92
N ASP C 204 -44.28 48.80 27.56
CA ASP C 204 -44.11 49.74 26.44
C ASP C 204 -44.02 51.21 26.84
N THR C 205 -43.53 51.48 28.05
CA THR C 205 -43.53 52.86 28.58
C THR C 205 -42.76 53.84 27.69
N GLU C 206 -41.52 53.49 27.34
CA GLU C 206 -40.66 54.41 26.58
C GLU C 206 -40.59 54.15 25.08
N VAL C 207 -41.43 53.23 24.62
CA VAL C 207 -41.55 52.92 23.19
C VAL C 207 -42.31 54.07 22.51
N PRO C 208 -41.70 54.69 21.49
CA PRO C 208 -42.33 55.81 20.77
C PRO C 208 -43.60 55.38 20.05
N LEU C 209 -44.56 56.29 19.91
CA LEU C 209 -45.83 55.98 19.27
C LEU C 209 -45.80 56.33 17.80
N ILE C 210 -46.26 55.41 16.95
CA ILE C 210 -46.52 55.73 15.54
C ILE C 210 -47.91 56.36 15.47
N GLU C 211 -47.96 57.56 14.94
CA GLU C 211 -49.22 58.28 14.84
C GLU C 211 -49.63 58.41 13.39
N TYR C 212 -50.88 58.05 13.11
CA TYR C 212 -51.43 58.18 11.77
C TYR C 212 -52.93 58.46 11.86
N SER C 213 -53.50 58.97 10.78
CA SER C 213 -54.90 59.35 10.76
C SER C 213 -55.80 58.22 10.32
N PHE C 214 -56.90 58.03 11.04
CA PHE C 214 -57.96 57.12 10.62
C PHE C 214 -59.18 57.96 10.30
N TYR C 215 -59.67 57.82 9.07
CA TYR C 215 -60.73 58.69 8.56
C TYR C 215 -62.13 58.17 8.87
N SER C 216 -62.23 56.86 9.13
CA SER C 216 -63.48 56.18 9.52
C SER C 216 -64.60 56.33 8.49
N ASP C 217 -65.84 56.10 8.93
CA ASP C 217 -67.01 56.32 8.08
C ASP C 217 -67.12 57.79 7.69
N GLU C 218 -67.62 58.01 6.49
CA GLU C 218 -67.95 59.34 5.98
C GLU C 218 -68.53 60.24 7.08
N SER C 219 -69.27 59.63 8.01
CA SER C 219 -69.95 60.34 9.11
C SER C 219 -69.02 60.99 10.14
N LEU C 220 -67.78 60.50 10.25
CA LEU C 220 -66.80 61.04 11.19
C LEU C 220 -66.29 62.41 10.70
N GLN C 221 -66.75 63.48 11.34
CA GLN C 221 -66.40 64.86 10.95
C GLN C 221 -64.91 65.14 11.10
N TYR C 222 -64.36 64.83 12.27
CA TYR C 222 -62.95 65.03 12.56
C TYR C 222 -62.20 63.71 12.61
N PRO C 223 -61.25 63.49 11.67
CA PRO C 223 -60.51 62.22 11.62
C PRO C 223 -59.78 61.90 12.92
N LYS C 224 -59.79 60.62 13.27
CA LYS C 224 -59.17 60.11 14.48
C LYS C 224 -57.67 59.92 14.25
N THR C 225 -56.88 60.10 15.31
CA THR C 225 -55.43 59.88 15.25
C THR C 225 -55.04 58.63 16.03
N VAL C 226 -54.82 57.55 15.31
CA VAL C 226 -54.41 56.28 15.91
C VAL C 226 -52.97 56.42 16.37
N ARG C 227 -52.71 56.03 17.61
CA ARG C 227 -51.39 56.11 18.21
C ARG C 227 -51.00 54.73 18.75
N VAL C 228 -49.99 54.10 18.14
CA VAL C 228 -49.60 52.73 18.48
C VAL C 228 -48.13 52.67 18.90
N PRO C 229 -47.83 52.06 20.08
CA PRO C 229 -46.43 51.88 20.48
C PRO C 229 -45.71 51.00 19.48
N TYR C 230 -44.79 51.58 18.72
CA TYR C 230 -44.09 50.90 17.64
C TYR C 230 -42.59 51.23 17.68
N PRO C 231 -41.76 50.25 18.09
CA PRO C 231 -40.34 50.50 18.12
C PRO C 231 -39.72 50.38 16.72
N LYS C 232 -39.44 51.53 16.10
CA LYS C 232 -38.70 51.57 14.84
C LYS C 232 -37.23 51.26 15.09
N ALA C 233 -36.50 50.90 14.03
CA ALA C 233 -35.10 50.49 14.12
C ALA C 233 -34.24 51.49 14.89
N GLY C 234 -33.65 51.02 15.99
CA GLY C 234 -32.80 51.87 16.82
C GLY C 234 -33.50 52.46 18.02
N ALA C 235 -34.81 52.65 17.93
CA ALA C 235 -35.57 53.25 19.02
C ALA C 235 -35.65 52.35 20.26
N VAL C 236 -36.21 52.92 21.33
CA VAL C 236 -36.39 52.23 22.59
C VAL C 236 -37.33 51.04 22.46
N ASN C 237 -36.80 49.84 22.70
CA ASN C 237 -37.58 48.61 22.67
C ASN C 237 -38.45 48.41 23.91
N PRO C 238 -39.49 47.57 23.80
CA PRO C 238 -40.23 47.15 24.98
C PRO C 238 -39.40 46.18 25.80
N THR C 239 -39.66 46.14 27.12
CA THR C 239 -38.98 45.19 28.00
C THR C 239 -39.92 44.04 28.33
N VAL C 240 -39.33 42.92 28.76
CA VAL C 240 -40.11 41.70 29.02
C VAL C 240 -39.68 41.00 30.30
N LYS C 241 -40.67 40.71 31.14
CA LYS C 241 -40.48 39.94 32.37
C LYS C 241 -41.36 38.71 32.27
N PHE C 242 -40.88 37.58 32.78
CA PHE C 242 -41.63 36.32 32.68
C PHE C 242 -42.06 35.77 34.03
N PHE C 243 -43.33 35.36 34.13
CA PHE C 243 -43.93 34.89 35.39
C PHE C 243 -44.66 33.56 35.23
N VAL C 244 -44.67 32.77 36.28
CA VAL C 244 -45.44 31.53 36.34
C VAL C 244 -46.27 31.52 37.63
N VAL C 245 -47.56 31.21 37.50
CA VAL C 245 -48.44 31.16 38.66
C VAL C 245 -49.14 29.80 38.75
N ASN C 246 -49.36 29.33 39.98
CA ASN C 246 -50.05 28.08 40.23
C ASN C 246 -51.56 28.32 40.27
N THR C 247 -52.29 27.62 39.40
CA THR C 247 -53.74 27.79 39.30
C THR C 247 -54.52 26.87 40.25
N ASP C 248 -53.88 25.80 40.70
CA ASP C 248 -54.51 24.85 41.63
C ASP C 248 -54.56 25.38 43.06
N SER C 249 -53.85 26.47 43.33
CA SER C 249 -53.81 27.09 44.65
C SER C 249 -54.16 28.58 44.58
N LEU C 250 -55.34 28.88 44.04
CA LEU C 250 -55.82 30.25 43.96
C LEU C 250 -56.85 30.51 45.06
N SER C 251 -56.68 31.63 45.76
CA SER C 251 -57.55 31.98 46.88
C SER C 251 -58.37 33.24 46.60
N SER C 252 -59.60 33.26 47.10
CA SER C 252 -60.48 34.42 46.96
C SER C 252 -60.07 35.53 47.92
N VAL C 253 -59.60 35.13 49.10
CA VAL C 253 -59.22 36.07 50.16
C VAL C 253 -57.91 36.80 49.82
N THR C 254 -56.91 36.06 49.35
CA THR C 254 -55.61 36.65 49.01
C THR C 254 -55.33 36.61 47.51
N ASN C 255 -54.68 37.65 47.00
CA ASN C 255 -54.33 37.75 45.58
C ASN C 255 -53.43 36.61 45.09
N ALA C 256 -53.39 36.43 43.77
CA ALA C 256 -52.53 35.43 43.14
C ALA C 256 -51.08 35.81 43.33
N THR C 257 -50.25 34.84 43.71
CA THR C 257 -48.85 35.08 44.00
C THR C 257 -47.93 34.54 42.88
N SER C 258 -47.56 35.44 41.96
CA SER C 258 -46.83 35.06 40.74
C SER C 258 -45.31 35.02 40.92
N ILE C 259 -44.72 33.86 40.62
CA ILE C 259 -43.27 33.69 40.69
C ILE C 259 -42.64 34.14 39.38
N GLN C 260 -41.68 35.05 39.47
CA GLN C 260 -40.98 35.54 38.29
C GLN C 260 -39.74 34.70 37.99
N ILE C 261 -39.60 34.34 36.71
CA ILE C 261 -38.37 33.73 36.22
C ILE C 261 -37.62 34.81 35.45
N THR C 262 -36.43 35.15 35.94
CA THR C 262 -35.64 36.21 35.32
C THR C 262 -34.74 35.66 34.22
N ALA C 263 -34.46 36.51 33.22
CA ALA C 263 -33.56 36.17 32.13
C ALA C 263 -32.13 35.98 32.64
N PRO C 264 -31.32 35.15 31.96
CA PRO C 264 -29.94 34.91 32.41
C PRO C 264 -29.07 36.16 32.33
N ALA C 265 -27.97 36.14 33.08
CA ALA C 265 -27.05 37.28 33.14
C ALA C 265 -26.68 37.78 31.75
N SER C 266 -26.25 36.85 30.90
CA SER C 266 -25.80 37.17 29.54
C SER C 266 -26.87 37.91 28.71
N MET C 267 -28.10 37.89 29.20
CA MET C 267 -29.21 38.56 28.51
C MET C 267 -29.58 39.89 29.15
N LEU C 268 -29.39 40.00 30.47
CA LEU C 268 -29.72 41.21 31.21
C LEU C 268 -28.66 42.31 31.03
N ILE C 269 -27.54 41.96 30.40
CA ILE C 269 -26.43 42.89 30.17
C ILE C 269 -26.85 44.08 29.29
N GLY C 270 -27.88 43.85 28.47
CA GLY C 270 -28.44 44.90 27.60
C GLY C 270 -29.89 44.61 27.22
N ASP C 271 -30.31 45.10 26.07
CA ASP C 271 -31.66 44.84 25.58
C ASP C 271 -31.79 43.39 25.10
N HIS C 272 -32.91 42.75 25.43
CA HIS C 272 -33.16 41.36 25.09
C HIS C 272 -34.57 41.12 24.64
N TYR C 273 -34.89 39.87 24.31
CA TYR C 273 -36.24 39.46 23.99
C TYR C 273 -36.51 38.09 24.57
N LEU C 274 -37.79 37.80 24.82
CA LEU C 274 -38.23 36.45 25.13
C LEU C 274 -38.74 35.89 23.81
N CYS C 275 -37.97 35.00 23.19
CA CYS C 275 -38.29 34.56 21.83
C CYS C 275 -38.98 33.20 21.73
N ASP C 276 -39.12 32.50 22.85
CA ASP C 276 -39.80 31.20 22.85
C ASP C 276 -40.12 30.73 24.27
N VAL C 277 -41.27 30.08 24.42
CA VAL C 277 -41.69 29.48 25.69
C VAL C 277 -42.26 28.09 25.42
N THR C 278 -41.61 27.06 25.96
CA THR C 278 -42.04 25.67 25.76
C THR C 278 -42.04 24.91 27.09
N TRP C 279 -43.09 24.14 27.34
CA TRP C 279 -43.18 23.30 28.52
C TRP C 279 -42.58 21.94 28.25
N ALA C 280 -41.60 21.56 29.06
CA ALA C 280 -40.93 20.26 28.94
C ALA C 280 -41.75 19.14 29.58
N THR C 281 -42.09 19.33 30.85
CA THR C 281 -42.93 18.39 31.59
C THR C 281 -43.94 19.17 32.45
N GLN C 282 -44.47 18.48 33.47
CA GLN C 282 -45.46 19.07 34.38
C GLN C 282 -44.87 20.11 35.31
N GLU C 283 -43.58 19.98 35.59
CA GLU C 283 -42.86 20.88 36.49
C GLU C 283 -41.63 21.52 35.84
N ARG C 284 -41.46 21.29 34.53
CA ARG C 284 -40.29 21.80 33.82
C ARG C 284 -40.66 22.69 32.63
N ILE C 285 -40.15 23.92 32.65
CA ILE C 285 -40.36 24.87 31.54
C ILE C 285 -39.02 25.39 30.99
N SER C 286 -38.93 25.48 29.66
CA SER C 286 -37.76 26.03 29.00
C SER C 286 -38.09 27.37 28.33
N LEU C 287 -37.25 28.37 28.57
CA LEU C 287 -37.40 29.68 27.96
C LEU C 287 -36.16 30.00 27.15
N GLN C 288 -36.36 30.44 25.91
CA GLN C 288 -35.26 30.91 25.09
C GLN C 288 -35.30 32.43 25.04
N TRP C 289 -34.18 33.04 25.36
CA TRP C 289 -34.04 34.49 25.28
C TRP C 289 -33.17 34.85 24.11
N LEU C 290 -33.29 36.08 23.63
CA LEU C 290 -32.55 36.53 22.46
C LEU C 290 -32.03 37.96 22.68
N ARG C 291 -30.72 38.15 22.55
CA ARG C 291 -30.12 39.48 22.67
C ARG C 291 -30.61 40.38 21.55
N ARG C 292 -30.67 41.69 21.80
CA ARG C 292 -31.11 42.66 20.78
C ARG C 292 -30.32 42.51 19.48
N ILE C 293 -29.00 42.42 19.59
CA ILE C 293 -28.18 42.00 18.45
C ILE C 293 -28.46 40.51 18.37
N GLN C 294 -29.28 40.13 17.38
CA GLN C 294 -29.90 38.81 17.36
C GLN C 294 -29.00 37.65 16.90
N ASN C 295 -27.73 37.70 17.27
CA ASN C 295 -26.79 36.61 16.96
C ASN C 295 -26.39 35.78 18.19
N TYR C 296 -26.99 36.08 19.34
CA TYR C 296 -26.73 35.33 20.58
C TYR C 296 -28.06 35.02 21.28
N SER C 297 -28.36 33.73 21.43
CA SER C 297 -29.56 33.30 22.15
C SER C 297 -29.25 32.17 23.12
N VAL C 298 -29.76 32.30 24.34
CA VAL C 298 -29.55 31.28 25.36
C VAL C 298 -30.90 30.71 25.82
N MET C 299 -30.89 29.41 26.12
CA MET C 299 -32.07 28.73 26.63
C MET C 299 -31.86 28.32 28.07
N ASP C 300 -32.74 28.81 28.94
CA ASP C 300 -32.80 28.39 30.33
C ASP C 300 -33.77 27.24 30.46
N ILE C 301 -33.41 26.24 31.25
CA ILE C 301 -34.32 25.13 31.54
C ILE C 301 -34.61 25.15 33.03
N CYS C 302 -35.75 25.74 33.37
CA CYS C 302 -36.10 26.04 34.75
C CYS C 302 -37.03 25.00 35.36
N ASP C 303 -36.57 24.40 36.46
CA ASP C 303 -37.34 23.39 37.19
C ASP C 303 -38.06 23.99 38.39
N TYR C 304 -39.18 23.39 38.75
CA TYR C 304 -39.97 23.81 39.91
C TYR C 304 -39.31 23.34 41.21
N ASP C 305 -39.57 24.08 42.29
CA ASP C 305 -39.09 23.72 43.62
C ASP C 305 -40.28 23.64 44.56
N GLU C 306 -40.64 22.41 44.95
CA GLU C 306 -41.85 22.15 45.75
C GLU C 306 -41.74 22.67 47.19
N SER C 307 -40.51 22.86 47.67
CA SER C 307 -40.25 23.40 49.00
C SER C 307 -40.22 24.93 49.01
N SER C 308 -39.68 25.51 47.94
CA SER C 308 -39.60 26.97 47.81
C SER C 308 -40.91 27.56 47.30
N GLY C 309 -41.37 27.03 46.16
CA GLY C 309 -42.50 27.58 45.43
C GLY C 309 -41.99 28.28 44.19
N ARG C 310 -40.69 28.60 44.21
CA ARG C 310 -40.03 29.32 43.11
C ARG C 310 -39.56 28.37 42.00
N TRP C 311 -38.89 28.94 41.00
CA TRP C 311 -38.38 28.18 39.86
C TRP C 311 -36.89 28.34 39.70
N ASN C 312 -36.17 27.23 39.70
CA ASN C 312 -34.72 27.24 39.59
C ASN C 312 -34.20 26.93 38.20
N CYS C 313 -33.50 27.89 37.61
CA CYS C 313 -32.88 27.73 36.30
C CYS C 313 -31.39 27.49 36.51
N LEU C 314 -30.98 26.22 36.45
CA LEU C 314 -29.59 25.84 36.63
C LEU C 314 -28.70 26.26 35.47
N VAL C 315 -27.64 27.02 35.78
CA VAL C 315 -26.69 27.55 34.80
C VAL C 315 -26.01 26.43 34.02
N ALA C 316 -25.74 25.31 34.70
CA ALA C 316 -25.16 24.13 34.07
C ALA C 316 -26.11 23.49 33.05
N ARG C 317 -27.37 23.94 33.04
CA ARG C 317 -28.37 23.43 32.10
C ARG C 317 -28.79 24.47 31.05
N GLN C 318 -27.92 25.47 30.84
CA GLN C 318 -28.15 26.48 29.80
C GLN C 318 -27.56 26.06 28.48
N HIS C 319 -28.27 26.36 27.40
CA HIS C 319 -27.80 26.06 26.05
C HIS C 319 -27.75 27.31 25.23
N ILE C 320 -26.59 27.56 24.66
CA ILE C 320 -26.35 28.76 23.86
C ILE C 320 -26.44 28.44 22.39
N GLU C 321 -27.35 29.14 21.70
CA GLU C 321 -27.43 29.06 20.25
C GLU C 321 -27.04 30.42 19.69
N MET C 322 -25.89 30.45 19.02
CA MET C 322 -25.37 31.68 18.45
C MET C 322 -24.99 31.51 16.98
N SER C 323 -24.64 32.61 16.34
CA SER C 323 -24.21 32.61 14.94
C SER C 323 -23.23 33.73 14.72
N THR C 324 -22.23 33.49 13.88
CA THR C 324 -21.24 34.51 13.57
C THR C 324 -21.43 35.08 12.16
N THR C 325 -21.94 34.26 11.26
CA THR C 325 -22.16 34.67 9.87
C THR C 325 -23.46 35.46 9.68
N GLY C 326 -24.40 35.29 10.61
CA GLY C 326 -25.70 35.97 10.54
C GLY C 326 -26.43 36.06 11.87
N TRP C 327 -27.72 35.74 11.85
CA TRP C 327 -28.58 35.78 13.03
C TRP C 327 -28.92 34.39 13.49
N VAL C 328 -29.80 34.27 14.47
CA VAL C 328 -30.13 32.97 15.06
C VAL C 328 -31.53 32.50 14.68
N GLY C 329 -31.60 31.34 14.04
CA GLY C 329 -32.85 30.79 13.52
C GLY C 329 -33.22 31.43 12.20
N ARG C 330 -34.29 30.95 11.58
CA ARG C 330 -34.77 31.52 10.32
C ARG C 330 -35.33 32.92 10.59
N PHE C 331 -36.22 33.02 11.56
CA PHE C 331 -36.75 34.30 12.02
C PHE C 331 -36.53 34.41 13.52
N ARG C 332 -36.60 33.25 14.18
CA ARG C 332 -36.28 33.12 15.60
C ARG C 332 -35.71 31.72 15.81
N PRO C 333 -34.99 31.52 16.94
CA PRO C 333 -34.50 30.17 17.25
C PRO C 333 -35.61 29.14 17.23
N SER C 334 -35.27 27.91 16.86
CA SER C 334 -36.25 26.81 16.80
C SER C 334 -36.74 26.42 18.19
N GLU C 335 -37.96 25.88 18.26
CA GLU C 335 -38.53 25.41 19.51
C GLU C 335 -38.06 23.97 19.84
N PRO C 336 -37.76 23.71 21.12
CA PRO C 336 -37.33 22.37 21.54
C PRO C 336 -38.48 21.39 21.60
N HIS C 337 -38.22 20.15 21.21
CA HIS C 337 -39.21 19.09 21.31
C HIS C 337 -38.75 18.11 22.33
N PHE C 338 -39.38 18.18 23.50
CA PHE C 338 -38.97 17.36 24.63
C PHE C 338 -39.58 15.97 24.58
N THR C 339 -38.84 15.02 25.16
CA THR C 339 -39.30 13.66 25.33
C THR C 339 -40.22 13.65 26.56
N LEU C 340 -40.97 12.55 26.74
CA LEU C 340 -41.89 12.43 27.87
C LEU C 340 -41.22 12.77 29.20
N ASP C 341 -40.06 12.16 29.43
CA ASP C 341 -39.28 12.36 30.66
C ASP C 341 -38.77 13.79 30.82
N GLY C 342 -38.62 14.48 29.69
CA GLY C 342 -38.16 15.87 29.69
C GLY C 342 -36.69 16.03 30.04
N ASN C 343 -35.93 14.94 29.90
CA ASN C 343 -34.49 14.95 30.17
C ASN C 343 -33.68 15.16 28.89
N SER C 344 -34.38 15.29 27.77
CA SER C 344 -33.77 15.57 26.48
C SER C 344 -34.74 16.32 25.57
N PHE C 345 -34.20 16.90 24.49
CA PHE C 345 -35.02 17.56 23.49
C PHE C 345 -34.40 17.58 22.09
N TYR C 346 -35.27 17.58 21.08
CA TYR C 346 -34.89 17.71 19.68
C TYR C 346 -35.14 19.14 19.24
N LYS C 347 -34.17 19.72 18.54
CA LYS C 347 -34.24 21.12 18.13
C LYS C 347 -33.51 21.29 16.81
N ILE C 348 -34.10 22.09 15.92
CA ILE C 348 -33.50 22.36 14.61
C ILE C 348 -32.49 23.49 14.74
N ILE C 349 -31.23 23.17 14.50
CA ILE C 349 -30.18 24.16 14.51
C ILE C 349 -29.31 24.05 13.27
N SER C 350 -28.77 25.17 12.82
CA SER C 350 -27.85 25.21 11.70
C SER C 350 -26.60 24.40 12.06
N ASN C 351 -26.17 23.52 11.17
CA ASN C 351 -24.97 22.72 11.43
C ASN C 351 -23.67 23.40 10.99
N GLU C 352 -22.57 22.66 11.04
CA GLU C 352 -21.24 23.19 10.72
C GLU C 352 -21.08 23.67 9.27
N GLU C 353 -21.84 23.10 8.35
CA GLU C 353 -21.79 23.55 6.94
C GLU C 353 -22.97 24.45 6.52
N GLY C 354 -23.67 25.01 7.51
CA GLY C 354 -24.69 26.03 7.27
C GLY C 354 -26.11 25.54 7.07
N TYR C 355 -26.33 24.24 7.19
CA TYR C 355 -27.65 23.66 6.96
C TYR C 355 -28.38 23.32 8.26
N ARG C 356 -29.69 23.53 8.26
CA ARG C 356 -30.51 23.36 9.46
C ARG C 356 -31.07 21.94 9.60
N HIS C 357 -30.63 21.28 10.66
CA HIS C 357 -31.00 19.89 10.92
C HIS C 357 -31.36 19.65 12.35
N ILE C 358 -32.02 18.52 12.62
CA ILE C 358 -32.45 18.18 13.95
C ILE C 358 -31.26 17.72 14.79
N CYS C 359 -31.06 18.38 15.92
CA CYS C 359 -30.01 18.00 16.85
C CYS C 359 -30.64 17.47 18.13
N TYR C 360 -30.08 16.37 18.63
CA TYR C 360 -30.54 15.76 19.88
C TYR C 360 -29.78 16.32 21.05
N PHE C 361 -30.49 16.92 21.98
CA PHE C 361 -29.88 17.53 23.16
C PHE C 361 -30.23 16.77 24.44
N GLN C 362 -29.27 16.73 25.35
CA GLN C 362 -29.52 16.29 26.72
C GLN C 362 -29.39 17.52 27.60
N ILE C 363 -30.32 17.69 28.54
CA ILE C 363 -30.37 18.86 29.42
C ILE C 363 -29.03 19.11 30.12
N ASP C 364 -28.36 18.04 30.53
CA ASP C 364 -27.10 18.12 31.27
C ASP C 364 -25.89 18.56 30.44
N LYS C 365 -25.65 17.88 29.31
CA LYS C 365 -24.48 18.18 28.48
C LYS C 365 -24.68 19.38 27.54
N LYS C 366 -23.56 19.94 27.09
CA LYS C 366 -23.56 21.13 26.22
C LYS C 366 -23.73 20.75 24.74
N ASP C 367 -22.91 19.80 24.28
CA ASP C 367 -22.93 19.35 22.89
C ASP C 367 -24.17 18.55 22.52
N CYS C 368 -24.51 18.55 21.22
CA CYS C 368 -25.63 17.75 20.71
C CYS C 368 -25.19 16.90 19.51
N THR C 369 -25.83 15.74 19.35
CA THR C 369 -25.59 14.90 18.18
C THR C 369 -26.67 15.15 17.13
N PHE C 370 -26.25 15.40 15.89
CA PHE C 370 -27.18 15.61 14.78
C PHE C 370 -27.74 14.29 14.25
N ILE C 371 -29.06 14.24 14.06
CA ILE C 371 -29.72 13.02 13.61
C ILE C 371 -30.25 13.10 12.17
N THR C 372 -30.11 14.26 11.54
CA THR C 372 -30.31 14.43 10.11
C THR C 372 -29.12 15.22 9.54
N LYS C 373 -28.88 15.09 8.22
CA LYS C 373 -27.78 15.82 7.58
C LYS C 373 -27.93 15.90 6.05
N GLY C 374 -27.10 16.72 5.42
CA GLY C 374 -27.09 16.83 3.97
C GLY C 374 -27.27 18.25 3.46
N THR C 375 -27.13 18.42 2.15
CA THR C 375 -27.34 19.73 1.52
C THR C 375 -28.84 19.96 1.27
N TRP C 376 -29.57 20.07 2.38
CA TRP C 376 -31.00 20.37 2.41
C TRP C 376 -31.33 20.73 3.83
N GLU C 377 -32.57 21.13 4.09
CA GLU C 377 -32.94 21.59 5.43
C GLU C 377 -34.20 20.95 5.99
N VAL C 378 -34.20 20.75 7.30
CA VAL C 378 -35.40 20.34 8.02
C VAL C 378 -36.22 21.61 8.24
N ILE C 379 -37.47 21.58 7.78
CA ILE C 379 -38.35 22.73 7.87
C ILE C 379 -38.95 22.85 9.26
N GLY C 380 -39.53 21.76 9.75
CA GLY C 380 -40.14 21.74 11.09
C GLY C 380 -40.32 20.35 11.63
N ILE C 381 -40.15 20.20 12.94
CA ILE C 381 -40.43 18.95 13.65
C ILE C 381 -41.93 18.92 13.93
N GLU C 382 -42.60 17.83 13.53
CA GLU C 382 -44.06 17.78 13.58
C GLU C 382 -44.64 16.91 14.69
N ALA C 383 -43.95 15.82 15.05
CA ALA C 383 -44.40 14.91 16.10
C ALA C 383 -43.25 14.10 16.67
N LEU C 384 -43.29 13.85 17.98
CA LEU C 384 -42.29 13.04 18.66
C LEU C 384 -42.96 11.99 19.53
N THR C 385 -42.89 10.73 19.10
CA THR C 385 -43.35 9.62 19.92
C THR C 385 -42.15 9.05 20.69
N SER C 386 -42.35 7.95 21.40
CA SER C 386 -41.23 7.28 22.08
C SER C 386 -40.45 6.37 21.12
N ASP C 387 -40.91 6.27 19.87
CA ASP C 387 -40.31 5.38 18.89
C ASP C 387 -39.86 6.08 17.60
N TYR C 388 -40.60 7.11 17.18
CA TYR C 388 -40.32 7.81 15.93
C TYR C 388 -40.36 9.32 16.07
N LEU C 389 -39.51 10.00 15.30
CA LEU C 389 -39.56 11.45 15.18
C LEU C 389 -40.10 11.82 13.80
N TYR C 390 -41.08 12.72 13.79
CA TYR C 390 -41.69 13.16 12.55
C TYR C 390 -41.32 14.60 12.23
N TYR C 391 -40.94 14.82 10.97
CA TYR C 391 -40.50 16.14 10.51
C TYR C 391 -40.78 16.35 9.03
N ILE C 392 -40.84 17.63 8.63
CA ILE C 392 -41.01 18.02 7.24
C ILE C 392 -39.69 18.64 6.75
N SER C 393 -39.26 18.25 5.55
CA SER C 393 -38.05 18.80 4.95
C SER C 393 -38.19 19.02 3.45
N ASN C 394 -37.12 19.53 2.83
CA ASN C 394 -37.07 19.70 1.39
C ASN C 394 -35.97 18.84 0.77
N GLU C 395 -35.86 17.61 1.26
CA GLU C 395 -34.82 16.68 0.82
C GLU C 395 -35.14 16.06 -0.53
N TYR C 396 -36.39 15.64 -0.71
CA TYR C 396 -36.81 14.90 -1.89
C TYR C 396 -36.26 15.48 -3.21
N LYS C 397 -35.43 14.68 -3.86
CA LYS C 397 -34.67 15.06 -5.08
C LYS C 397 -34.18 16.50 -5.13
N GLY C 398 -33.66 16.96 -3.98
CA GLY C 398 -32.97 18.25 -3.86
C GLY C 398 -33.75 19.49 -4.24
N MET C 399 -35.08 19.41 -4.16
CA MET C 399 -35.93 20.57 -4.45
C MET C 399 -36.20 21.34 -3.17
N PRO C 400 -35.55 22.51 -3.01
CA PRO C 400 -35.68 23.34 -1.82
C PRO C 400 -37.09 23.88 -1.64
N GLY C 401 -37.83 23.98 -2.74
CA GLY C 401 -39.20 24.48 -2.72
C GLY C 401 -40.25 23.39 -2.61
N GLY C 402 -39.80 22.19 -2.24
CA GLY C 402 -40.71 21.06 -2.01
C GLY C 402 -40.79 20.74 -0.53
N ARG C 403 -41.88 20.09 -0.12
CA ARG C 403 -42.06 19.68 1.27
C ARG C 403 -42.52 18.23 1.34
N ASN C 404 -41.91 17.46 2.24
CA ASN C 404 -42.31 16.08 2.48
C ASN C 404 -42.19 15.69 3.94
N LEU C 405 -43.06 14.78 4.37
CA LEU C 405 -43.04 14.27 5.73
C LEU C 405 -42.12 13.06 5.80
N TYR C 406 -41.24 13.05 6.79
CA TYR C 406 -40.32 11.94 7.00
C TYR C 406 -40.45 11.42 8.43
N LYS C 407 -40.02 10.18 8.62
CA LYS C 407 -40.10 9.50 9.91
C LYS C 407 -38.72 8.94 10.27
N ILE C 408 -38.21 9.36 11.43
CA ILE C 408 -36.93 8.86 11.94
C ILE C 408 -37.17 7.80 13.02
N GLN C 409 -36.68 6.59 12.77
CA GLN C 409 -36.73 5.52 13.76
C GLN C 409 -35.73 5.84 14.87
N LEU C 410 -36.23 6.16 16.06
CA LEU C 410 -35.39 6.58 17.19
C LEU C 410 -34.34 5.57 17.64
N SER C 411 -34.65 4.28 17.54
CA SER C 411 -33.72 3.22 17.93
C SER C 411 -32.52 3.09 16.97
N ASP C 412 -32.59 3.74 15.82
CA ASP C 412 -31.50 3.81 14.83
C ASP C 412 -31.82 4.93 13.85
N TYR C 413 -31.36 6.14 14.17
CA TYR C 413 -31.70 7.34 13.40
C TYR C 413 -31.29 7.34 11.91
N THR C 414 -30.49 6.37 11.49
CA THR C 414 -30.12 6.24 10.08
C THR C 414 -31.29 5.76 9.23
N LYS C 415 -32.14 4.94 9.81
CA LYS C 415 -33.34 4.43 9.14
C LYS C 415 -34.43 5.50 9.13
N VAL C 416 -34.58 6.17 7.99
CA VAL C 416 -35.56 7.23 7.80
C VAL C 416 -36.50 6.88 6.64
N THR C 417 -37.80 6.89 6.92
CA THR C 417 -38.82 6.61 5.89
C THR C 417 -39.48 7.91 5.44
N CYS C 418 -39.74 8.02 4.14
CA CYS C 418 -40.53 9.15 3.66
C CYS C 418 -41.99 8.72 3.50
N LEU C 419 -42.87 9.45 4.17
CA LEU C 419 -44.29 9.09 4.24
C LEU C 419 -45.12 9.74 3.14
N SER C 420 -44.57 10.75 2.48
CA SER C 420 -45.34 11.53 1.50
C SER C 420 -44.71 11.62 0.12
N CYS C 421 -43.42 11.31 0.02
CA CYS C 421 -42.67 11.40 -1.23
C CYS C 421 -43.39 10.72 -2.41
N GLU C 422 -43.55 9.40 -2.31
CA GLU C 422 -44.08 8.60 -3.42
C GLU C 422 -45.60 8.43 -3.47
N LEU C 423 -46.32 9.00 -2.50
CA LEU C 423 -47.79 8.91 -2.46
C LEU C 423 -48.44 9.35 -3.78
N ASN C 424 -47.99 10.48 -4.31
CA ASN C 424 -48.44 10.97 -5.61
C ASN C 424 -47.44 12.00 -6.15
N PRO C 425 -46.25 11.52 -6.61
CA PRO C 425 -45.14 12.40 -6.99
C PRO C 425 -45.47 13.44 -8.07
N GLU C 426 -46.41 13.11 -8.94
CA GLU C 426 -46.81 14.00 -10.03
C GLU C 426 -47.54 15.25 -9.54
N ARG C 427 -48.63 15.07 -8.80
CA ARG C 427 -49.43 16.20 -8.33
C ARG C 427 -49.03 16.70 -6.94
N CYS C 428 -48.26 15.91 -6.22
CA CYS C 428 -47.91 16.22 -4.82
C CYS C 428 -46.41 16.28 -4.53
N GLN C 429 -45.94 17.49 -4.22
CA GLN C 429 -44.55 17.73 -3.87
C GLN C 429 -44.44 18.70 -2.69
N TYR C 430 -45.58 19.23 -2.25
CA TYR C 430 -45.63 20.14 -1.12
C TYR C 430 -46.63 19.59 -0.09
N TYR C 431 -46.14 19.30 1.11
CA TYR C 431 -46.95 18.70 2.15
C TYR C 431 -46.86 19.45 3.48
N SER C 432 -47.91 19.31 4.28
CA SER C 432 -47.93 19.73 5.68
C SER C 432 -48.79 18.72 6.40
N VAL C 433 -48.56 18.57 7.70
CA VAL C 433 -49.21 17.49 8.45
C VAL C 433 -49.86 17.97 9.75
N SER C 434 -50.88 17.24 10.19
CA SER C 434 -51.55 17.48 11.44
C SER C 434 -51.75 16.13 12.15
N PHE C 435 -50.98 15.91 13.22
CA PHE C 435 -51.02 14.66 13.97
C PHE C 435 -52.10 14.63 15.06
N SER C 436 -52.52 13.42 15.42
CA SER C 436 -53.47 13.23 16.52
C SER C 436 -52.73 13.35 17.86
N LYS C 437 -53.48 13.33 18.96
CA LYS C 437 -52.95 13.55 20.32
C LYS C 437 -51.66 12.77 20.61
N GLU C 438 -51.72 11.45 20.42
CA GLU C 438 -50.57 10.56 20.67
C GLU C 438 -49.79 10.33 19.36
N ALA C 439 -50.21 11.01 18.30
CA ALA C 439 -49.63 10.89 16.95
C ALA C 439 -49.90 9.52 16.31
N LYS C 440 -50.99 8.89 16.73
CA LYS C 440 -51.40 7.58 16.21
C LYS C 440 -51.93 7.70 14.78
N TYR C 441 -52.47 8.87 14.46
CA TYR C 441 -52.99 9.17 13.12
C TYR C 441 -52.49 10.53 12.65
N TYR C 442 -52.49 10.74 11.34
CA TYR C 442 -52.09 12.02 10.77
C TYR C 442 -52.79 12.37 9.45
N GLN C 443 -53.12 13.66 9.30
CA GLN C 443 -53.71 14.17 8.08
C GLN C 443 -52.65 14.86 7.22
N LEU C 444 -52.60 14.51 5.94
CA LEU C 444 -51.67 15.13 5.00
C LEU C 444 -52.35 16.19 4.13
N ARG C 445 -51.86 17.42 4.19
CA ARG C 445 -52.29 18.46 3.28
C ARG C 445 -51.28 18.63 2.16
N CYS C 446 -51.69 18.29 0.94
CA CYS C 446 -50.91 18.52 -0.25
C CYS C 446 -51.26 19.90 -0.80
N SER C 447 -50.24 20.71 -1.10
CA SER C 447 -50.47 22.08 -1.56
C SER C 447 -50.09 22.31 -3.03
N GLY C 448 -49.56 21.28 -3.69
CA GLY C 448 -49.18 21.38 -5.10
C GLY C 448 -48.15 20.34 -5.51
N PRO C 449 -47.70 20.36 -6.79
CA PRO C 449 -48.05 21.29 -7.87
C PRO C 449 -49.46 21.15 -8.45
N GLY C 450 -50.05 19.95 -8.34
CA GLY C 450 -51.43 19.74 -8.77
C GLY C 450 -52.40 20.30 -7.74
N LEU C 451 -53.69 20.08 -7.96
CA LEU C 451 -54.73 20.56 -7.04
C LEU C 451 -54.54 19.96 -5.64
N PRO C 452 -54.77 20.78 -4.59
CA PRO C 452 -54.62 20.30 -3.22
C PRO C 452 -55.34 18.97 -2.95
N LEU C 453 -54.66 18.11 -2.18
CA LEU C 453 -55.17 16.78 -1.87
C LEU C 453 -55.06 16.52 -0.37
N TYR C 454 -56.20 16.39 0.28
CA TYR C 454 -56.24 16.14 1.72
C TYR C 454 -56.50 14.67 1.99
N THR C 455 -55.54 14.01 2.63
CA THR C 455 -55.61 12.58 2.92
C THR C 455 -55.44 12.28 4.41
N LEU C 456 -56.07 11.21 4.87
CA LEU C 456 -55.95 10.76 6.26
C LEU C 456 -55.21 9.43 6.32
N HIS C 457 -54.23 9.34 7.22
CA HIS C 457 -53.39 8.16 7.34
C HIS C 457 -53.31 7.65 8.75
N SER C 458 -52.87 6.39 8.89
CA SER C 458 -52.59 5.81 10.20
C SER C 458 -51.08 5.60 10.32
N SER C 459 -50.51 6.03 11.45
CA SER C 459 -49.06 5.95 11.65
C SER C 459 -48.58 4.62 12.25
N VAL C 460 -49.52 3.69 12.44
CA VAL C 460 -49.18 2.36 12.96
C VAL C 460 -48.46 1.53 11.89
N ASN C 461 -48.72 1.85 10.63
CA ASN C 461 -48.05 1.20 9.48
C ASN C 461 -47.95 2.14 8.27
N ASP C 462 -48.45 3.35 8.43
CA ASP C 462 -48.44 4.41 7.39
C ASP C 462 -49.21 4.03 6.13
N LYS C 463 -50.46 3.60 6.32
CA LYS C 463 -51.35 3.27 5.21
C LYS C 463 -52.42 4.34 5.06
N GLY C 464 -52.68 4.73 3.82
CA GLY C 464 -53.71 5.73 3.51
C GLY C 464 -55.09 5.20 3.80
N LEU C 465 -55.75 5.78 4.80
CA LEU C 465 -57.07 5.33 5.21
C LEU C 465 -58.17 5.79 4.25
N ARG C 466 -58.24 7.10 4.00
CA ARG C 466 -59.24 7.65 3.07
C ARG C 466 -58.80 8.99 2.47
N VAL C 467 -59.50 9.41 1.43
CA VAL C 467 -59.27 10.69 0.78
C VAL C 467 -60.34 11.67 1.26
N LEU C 468 -59.91 12.66 2.04
CA LEU C 468 -60.80 13.63 2.68
C LEU C 468 -61.34 14.69 1.71
N GLU C 469 -60.46 15.16 0.82
CA GLU C 469 -60.80 16.17 -0.18
C GLU C 469 -59.77 16.16 -1.31
N ASP C 470 -60.21 15.75 -2.51
CA ASP C 470 -59.31 15.67 -3.67
C ASP C 470 -59.54 16.79 -4.67
N ASN C 471 -60.37 17.76 -4.28
CA ASN C 471 -60.70 18.93 -5.11
C ASN C 471 -61.18 18.62 -6.53
N SER C 472 -61.86 17.49 -6.67
CA SER C 472 -62.45 17.09 -7.95
C SER C 472 -63.40 18.16 -8.48
N ALA C 473 -64.22 18.73 -7.58
CA ALA C 473 -65.18 19.78 -7.91
C ALA C 473 -64.54 20.94 -8.67
N LEU C 474 -63.31 21.28 -8.27
CA LEU C 474 -62.52 22.31 -8.94
C LEU C 474 -61.92 21.80 -10.25
N ASP C 475 -61.45 20.55 -10.24
CA ASP C 475 -60.81 19.95 -11.39
C ASP C 475 -61.74 19.85 -12.60
N LYS C 476 -63.03 19.68 -12.33
CA LYS C 476 -64.05 19.62 -13.38
C LYS C 476 -64.10 20.95 -14.13
N MET C 477 -64.12 22.03 -13.36
CA MET C 477 -64.24 23.38 -13.90
C MET C 477 -62.98 23.85 -14.62
N LEU C 478 -61.82 23.48 -14.07
CA LEU C 478 -60.52 23.89 -14.61
C LEU C 478 -60.11 23.25 -15.93
N GLN C 479 -60.83 22.20 -16.34
CA GLN C 479 -60.55 21.57 -17.63
C GLN C 479 -61.21 22.33 -18.79
N ASN C 480 -62.23 23.11 -18.46
CA ASN C 480 -62.90 23.97 -19.44
C ASN C 480 -62.06 25.22 -19.73
N VAL C 481 -61.58 25.86 -18.66
CA VAL C 481 -60.77 27.08 -18.75
C VAL C 481 -59.30 26.74 -19.01
N GLN C 482 -58.68 27.44 -19.97
CA GLN C 482 -57.26 27.23 -20.26
C GLN C 482 -56.38 27.89 -19.22
N MET C 483 -55.70 27.04 -18.44
CA MET C 483 -54.90 27.45 -17.29
C MET C 483 -53.43 27.60 -17.63
N PRO C 484 -52.71 28.48 -16.91
CA PRO C 484 -51.27 28.59 -17.12
C PRO C 484 -50.53 27.40 -16.49
N SER C 485 -49.34 27.11 -16.99
CA SER C 485 -48.51 26.05 -16.43
C SER C 485 -47.49 26.67 -15.47
N LYS C 486 -46.72 25.80 -14.81
CA LYS C 486 -45.71 26.24 -13.85
C LYS C 486 -44.36 25.57 -14.11
N LYS C 487 -43.33 26.39 -14.30
CA LYS C 487 -41.97 25.89 -14.52
C LYS C 487 -41.15 26.20 -13.29
N LEU C 488 -40.76 25.16 -12.56
CA LEU C 488 -39.94 25.30 -11.37
C LEU C 488 -38.56 24.73 -11.66
N ASP C 489 -37.60 25.62 -11.90
CA ASP C 489 -36.26 25.21 -12.29
C ASP C 489 -35.21 26.08 -11.61
N PHE C 490 -33.93 25.83 -11.92
CA PHE C 490 -32.83 26.59 -11.35
C PHE C 490 -31.87 27.09 -12.42
N ILE C 491 -31.21 28.21 -12.12
CA ILE C 491 -30.12 28.73 -12.94
C ILE C 491 -28.85 28.78 -12.08
N ILE C 492 -27.69 28.70 -12.72
CA ILE C 492 -26.42 28.68 -11.98
C ILE C 492 -25.69 30.02 -12.00
N LEU C 493 -25.48 30.56 -10.80
CA LEU C 493 -24.71 31.78 -10.57
C LEU C 493 -23.55 31.46 -9.63
N ASN C 494 -22.32 31.67 -10.11
CA ASN C 494 -21.10 31.39 -9.34
C ASN C 494 -21.06 29.97 -8.76
N GLU C 495 -21.42 28.99 -9.58
CA GLU C 495 -21.43 27.57 -9.19
C GLU C 495 -22.41 27.23 -8.06
N THR C 496 -23.45 28.06 -7.92
CA THR C 496 -24.51 27.87 -6.92
C THR C 496 -25.87 27.82 -7.60
N LYS C 497 -26.67 26.81 -7.26
CA LYS C 497 -28.03 26.67 -7.80
C LYS C 497 -28.93 27.74 -7.22
N PHE C 498 -29.68 28.41 -8.08
CA PHE C 498 -30.65 29.42 -7.66
C PHE C 498 -31.97 29.16 -8.33
N TRP C 499 -32.99 28.88 -7.52
CA TRP C 499 -34.28 28.46 -8.01
C TRP C 499 -35.22 29.57 -8.37
N TYR C 500 -35.95 29.37 -9.46
CA TYR C 500 -36.98 30.30 -9.91
C TYR C 500 -38.22 29.52 -10.31
N GLN C 501 -39.37 30.18 -10.27
CA GLN C 501 -40.58 29.62 -10.83
C GLN C 501 -41.14 30.56 -11.88
N MET C 502 -41.88 30.00 -12.84
CA MET C 502 -42.51 30.79 -13.88
C MET C 502 -43.96 30.36 -14.07
N ILE C 503 -44.87 31.32 -13.99
CA ILE C 503 -46.25 31.06 -14.35
C ILE C 503 -46.33 31.37 -15.84
N LEU C 504 -46.26 30.31 -16.64
CA LEU C 504 -46.26 30.40 -18.10
C LEU C 504 -47.69 30.32 -18.63
N PRO C 505 -48.05 31.20 -19.58
CA PRO C 505 -49.38 31.22 -20.16
C PRO C 505 -49.77 29.88 -20.80
N PRO C 506 -51.08 29.65 -21.04
CA PRO C 506 -51.49 28.48 -21.82
C PRO C 506 -50.92 28.59 -23.23
N HIS C 507 -50.74 27.45 -23.89
CA HIS C 507 -50.21 27.42 -25.26
C HIS C 507 -48.89 28.12 -25.36
N PHE C 508 -48.02 27.88 -24.37
CA PHE C 508 -46.74 28.56 -24.28
C PHE C 508 -45.77 28.19 -25.40
N ASP C 509 -45.50 29.15 -26.27
CA ASP C 509 -44.54 28.99 -27.35
C ASP C 509 -43.19 29.57 -26.94
N LYS C 510 -42.15 28.75 -27.02
CA LYS C 510 -40.79 29.15 -26.62
C LYS C 510 -40.09 30.04 -27.65
N SER C 511 -40.65 30.10 -28.86
CA SER C 511 -40.07 30.91 -29.94
C SER C 511 -40.71 32.29 -30.05
N LYS C 512 -41.77 32.52 -29.29
CA LYS C 512 -42.44 33.81 -29.25
C LYS C 512 -41.86 34.70 -28.13
N LYS C 513 -41.96 36.01 -28.30
CA LYS C 513 -41.43 36.97 -27.33
C LYS C 513 -42.50 37.43 -26.34
N TYR C 514 -42.50 36.82 -25.15
CA TYR C 514 -43.48 37.14 -24.11
C TYR C 514 -43.01 38.27 -23.20
N PRO C 515 -43.96 39.11 -22.74
CA PRO C 515 -43.63 40.09 -21.71
C PRO C 515 -43.52 39.39 -20.35
N LEU C 516 -42.64 39.89 -19.50
CA LEU C 516 -42.40 39.27 -18.21
C LEU C 516 -42.65 40.21 -17.02
N LEU C 517 -43.33 39.70 -16.01
CA LEU C 517 -43.50 40.40 -14.74
C LEU C 517 -42.76 39.63 -13.67
N LEU C 518 -41.95 40.33 -12.88
CA LEU C 518 -41.21 39.69 -11.80
C LEU C 518 -41.91 39.91 -10.46
N ASP C 519 -42.45 38.83 -9.92
CA ASP C 519 -43.13 38.82 -8.62
C ASP C 519 -42.07 38.60 -7.56
N VAL C 520 -41.80 39.63 -6.78
CA VAL C 520 -40.66 39.60 -5.85
C VAL C 520 -41.03 39.69 -4.36
N TYR C 521 -40.25 39.00 -3.55
CA TYR C 521 -40.26 39.12 -2.10
C TYR C 521 -38.79 39.27 -1.69
N ALA C 522 -37.98 38.27 -1.99
CA ALA C 522 -36.51 38.33 -1.86
C ALA C 522 -35.96 38.72 -0.49
N GLY C 523 -36.83 38.74 0.52
CA GLY C 523 -36.43 39.04 1.89
C GLY C 523 -35.56 37.94 2.50
N PRO C 524 -34.99 38.19 3.69
CA PRO C 524 -34.21 37.18 4.38
C PRO C 524 -35.07 35.97 4.73
N CYS C 525 -34.67 34.82 4.20
CA CYS C 525 -35.37 33.54 4.38
C CYS C 525 -36.67 33.43 3.56
N SER C 526 -36.76 34.22 2.49
CA SER C 526 -37.92 34.18 1.62
C SER C 526 -37.86 32.95 0.72
N GLN C 527 -39.01 32.52 0.22
CA GLN C 527 -39.09 31.46 -0.78
C GLN C 527 -40.28 31.69 -1.68
N LYS C 528 -39.99 32.12 -2.92
CA LYS C 528 -41.02 32.39 -3.90
C LYS C 528 -41.05 31.34 -5.01
N ALA C 529 -39.98 30.56 -5.10
CA ALA C 529 -39.90 29.47 -6.09
C ALA C 529 -40.18 28.14 -5.40
N ASP C 530 -41.45 27.78 -5.32
CA ASP C 530 -41.88 26.55 -4.66
C ASP C 530 -42.72 25.69 -5.59
N THR C 531 -43.47 24.75 -5.03
CA THR C 531 -44.29 23.83 -5.80
C THR C 531 -45.75 23.87 -5.37
N VAL C 532 -46.18 25.00 -4.81
CA VAL C 532 -47.56 25.18 -4.37
C VAL C 532 -48.43 25.58 -5.55
N PHE C 533 -49.61 24.97 -5.66
CA PHE C 533 -50.59 25.39 -6.65
C PHE C 533 -51.30 26.65 -6.15
N ARG C 534 -51.40 27.65 -7.02
CA ARG C 534 -51.99 28.93 -6.62
C ARG C 534 -52.97 29.52 -7.64
N LEU C 535 -54.11 29.96 -7.13
CA LEU C 535 -55.06 30.73 -7.92
C LEU C 535 -54.96 32.18 -7.44
N ASN C 536 -54.21 32.98 -8.20
CA ASN C 536 -53.96 34.37 -7.83
C ASN C 536 -53.90 35.30 -9.03
N TRP C 537 -53.53 36.55 -8.76
CA TRP C 537 -53.36 37.57 -9.78
C TRP C 537 -52.46 37.13 -10.90
N ALA C 538 -51.40 36.39 -10.57
CA ALA C 538 -50.44 35.86 -11.54
C ALA C 538 -51.11 34.88 -12.51
N THR C 539 -51.99 34.03 -11.97
CA THR C 539 -52.76 33.09 -12.78
C THR C 539 -53.49 33.86 -13.89
N TYR C 540 -54.11 34.99 -13.53
CA TYR C 540 -54.82 35.85 -14.48
C TYR C 540 -53.89 36.48 -15.51
N LEU C 541 -52.74 36.98 -15.07
CA LEU C 541 -51.78 37.63 -15.97
C LEU C 541 -51.22 36.66 -17.01
N ALA C 542 -51.08 35.40 -16.63
CA ALA C 542 -50.59 34.38 -17.53
C ALA C 542 -51.72 33.83 -18.40
N SER C 543 -52.85 33.49 -17.78
CA SER C 543 -54.00 32.92 -18.48
C SER C 543 -54.68 33.89 -19.45
N THR C 544 -54.97 35.09 -18.96
CA THR C 544 -55.71 36.09 -19.72
C THR C 544 -54.81 37.06 -20.50
N GLU C 545 -53.81 37.63 -19.83
CA GLU C 545 -53.00 38.69 -20.44
C GLU C 545 -51.77 38.18 -21.21
N ASN C 546 -51.55 36.88 -21.17
CA ASN C 546 -50.36 36.26 -21.77
C ASN C 546 -49.05 36.91 -21.34
N ILE C 547 -48.87 36.98 -20.02
CA ILE C 547 -47.67 37.53 -19.40
C ILE C 547 -46.98 36.44 -18.60
N ILE C 548 -45.68 36.26 -18.81
CA ILE C 548 -44.92 35.36 -17.94
C ILE C 548 -44.64 36.09 -16.64
N VAL C 549 -45.32 35.66 -15.59
CA VAL C 549 -45.03 36.20 -14.27
C VAL C 549 -44.15 35.20 -13.52
N ALA C 550 -42.95 35.65 -13.19
CA ALA C 550 -41.94 34.81 -12.56
C ALA C 550 -41.57 35.29 -11.15
N SER C 551 -40.99 34.38 -10.38
CA SER C 551 -40.40 34.70 -9.09
C SER C 551 -39.00 34.09 -9.06
N PHE C 552 -38.15 34.59 -8.17
CA PHE C 552 -36.77 34.11 -8.11
C PHE C 552 -36.20 34.15 -6.70
N ASP C 553 -35.59 33.03 -6.31
CA ASP C 553 -34.95 32.92 -5.00
C ASP C 553 -33.44 33.05 -5.13
N GLY C 554 -32.95 34.28 -4.95
CA GLY C 554 -31.51 34.59 -5.00
C GLY C 554 -30.88 34.61 -3.62
N ARG C 555 -29.85 35.43 -3.45
CA ARG C 555 -29.17 35.52 -2.16
C ARG C 555 -30.08 36.15 -1.12
N GLY C 556 -30.06 35.58 0.08
CA GLY C 556 -30.98 35.97 1.13
C GLY C 556 -32.08 34.96 1.35
N SER C 557 -32.51 34.31 0.25
CA SER C 557 -33.58 33.31 0.29
C SER C 557 -33.29 32.17 1.26
N GLY C 558 -34.37 31.59 1.81
CA GLY C 558 -34.24 30.57 2.85
C GLY C 558 -34.27 29.13 2.40
N TYR C 559 -34.13 28.23 3.38
CA TYR C 559 -34.24 26.79 3.20
C TYR C 559 -33.20 26.16 2.26
N GLN C 560 -32.10 26.87 2.02
CA GLN C 560 -31.04 26.40 1.12
C GLN C 560 -29.66 26.43 1.77
N GLY C 561 -29.64 26.73 3.07
CA GLY C 561 -28.38 26.89 3.81
C GLY C 561 -28.11 28.32 4.25
N ASP C 562 -27.13 28.48 5.13
CA ASP C 562 -26.77 29.80 5.65
C ASP C 562 -25.81 30.54 4.73
N LYS C 563 -25.18 29.83 3.81
CA LYS C 563 -24.34 30.46 2.78
C LYS C 563 -25.19 31.38 1.92
N ILE C 564 -26.41 30.93 1.63
CA ILE C 564 -27.35 31.71 0.83
C ILE C 564 -28.15 32.68 1.69
N MET C 565 -28.63 32.21 2.84
CA MET C 565 -29.51 33.02 3.70
C MET C 565 -28.80 34.19 4.35
N HIS C 566 -27.59 33.97 4.85
CA HIS C 566 -26.82 35.03 5.49
C HIS C 566 -26.02 35.87 4.51
N ALA C 567 -26.23 35.64 3.22
CA ALA C 567 -25.52 36.38 2.17
C ALA C 567 -25.89 37.86 2.11
N ILE C 568 -27.01 38.22 2.75
CA ILE C 568 -27.44 39.62 2.86
C ILE C 568 -27.40 40.16 4.29
N ASN C 569 -26.70 39.44 5.17
CA ASN C 569 -26.55 39.87 6.56
C ASN C 569 -25.87 41.24 6.64
N ARG C 570 -26.53 42.17 7.33
CA ARG C 570 -26.06 43.55 7.49
C ARG C 570 -26.10 44.37 6.19
N ARG C 571 -26.38 43.68 5.08
CA ARG C 571 -26.40 44.31 3.76
C ARG C 571 -27.76 44.14 3.08
N LEU C 572 -28.85 44.53 3.74
CA LEU C 572 -30.17 44.48 3.10
C LEU C 572 -30.26 45.53 1.99
N GLY C 573 -30.91 45.17 0.90
CA GLY C 573 -31.04 46.06 -0.24
C GLY C 573 -29.77 46.13 -1.08
N THR C 574 -29.11 44.99 -1.23
CA THR C 574 -27.93 44.88 -2.08
C THR C 574 -27.99 43.60 -2.92
N PHE C 575 -27.56 42.49 -2.35
CA PHE C 575 -27.50 41.22 -3.09
C PHE C 575 -28.87 40.70 -3.51
N GLU C 576 -29.85 40.77 -2.62
CA GLU C 576 -31.21 40.32 -2.95
C GLU C 576 -31.84 41.19 -4.04
N VAL C 577 -31.35 42.42 -4.17
CA VAL C 577 -31.78 43.35 -5.20
C VAL C 577 -31.07 43.00 -6.51
N GLU C 578 -29.73 43.00 -6.47
CA GLU C 578 -28.88 42.71 -7.62
C GLU C 578 -29.23 41.37 -8.28
N ASP C 579 -29.61 40.39 -7.47
CA ASP C 579 -29.97 39.06 -7.96
C ASP C 579 -31.33 39.04 -8.68
N GLN C 580 -32.23 39.92 -8.29
CA GLN C 580 -33.52 40.03 -8.99
C GLN C 580 -33.31 40.63 -10.37
N ILE C 581 -32.37 41.57 -10.46
CA ILE C 581 -31.97 42.16 -11.74
C ILE C 581 -31.33 41.08 -12.61
N GLU C 582 -30.43 40.30 -12.01
CA GLU C 582 -29.73 39.24 -12.72
C GLU C 582 -30.65 38.14 -13.21
N ALA C 583 -31.64 37.78 -12.39
CA ALA C 583 -32.64 36.80 -12.76
C ALA C 583 -33.34 37.20 -14.05
N ALA C 584 -33.69 38.49 -14.14
CA ALA C 584 -34.33 39.03 -15.34
C ALA C 584 -33.40 39.00 -16.55
N ARG C 585 -32.14 39.37 -16.35
CA ARG C 585 -31.12 39.29 -17.39
C ARG C 585 -30.99 37.84 -17.86
N GLN C 586 -31.05 36.91 -16.92
CA GLN C 586 -30.98 35.47 -17.21
C GLN C 586 -32.23 34.99 -17.93
N PHE C 587 -33.41 35.42 -17.46
CA PHE C 587 -34.67 35.10 -18.13
C PHE C 587 -34.69 35.66 -19.55
N SER C 588 -34.11 36.85 -19.73
CA SER C 588 -34.06 37.53 -21.02
C SER C 588 -33.16 36.82 -22.02
N LYS C 589 -32.05 36.26 -21.53
CA LYS C 589 -31.10 35.54 -22.39
C LYS C 589 -31.63 34.17 -22.78
N MET C 590 -32.75 33.77 -22.17
CA MET C 590 -33.40 32.49 -22.48
C MET C 590 -34.11 32.50 -23.83
N GLY C 591 -34.49 33.68 -24.32
CA GLY C 591 -35.05 33.82 -25.66
C GLY C 591 -36.54 34.09 -25.79
N PHE C 592 -37.33 33.63 -24.83
CA PHE C 592 -38.79 33.80 -24.88
C PHE C 592 -39.31 35.03 -24.14
N VAL C 593 -38.44 36.00 -23.88
CA VAL C 593 -38.81 37.23 -23.17
C VAL C 593 -38.59 38.45 -24.05
N ASP C 594 -39.65 39.24 -24.22
CA ASP C 594 -39.55 40.53 -24.89
C ASP C 594 -38.95 41.50 -23.88
N ASN C 595 -37.64 41.74 -23.99
CA ASN C 595 -36.95 42.59 -23.02
C ASN C 595 -37.32 44.07 -23.09
N LYS C 596 -38.14 44.44 -24.07
CA LYS C 596 -38.71 45.77 -24.15
C LYS C 596 -39.88 45.89 -23.17
N ARG C 597 -40.38 44.74 -22.72
CA ARG C 597 -41.52 44.68 -21.81
C ARG C 597 -41.26 43.79 -20.59
N ILE C 598 -40.41 44.25 -19.69
CA ILE C 598 -40.16 43.53 -18.43
C ILE C 598 -40.54 44.42 -17.26
N ALA C 599 -41.45 43.93 -16.43
CA ALA C 599 -41.88 44.66 -15.24
C ALA C 599 -41.45 43.93 -13.98
N ILE C 600 -41.74 44.56 -12.84
CA ILE C 600 -41.42 44.01 -11.53
C ILE C 600 -42.43 44.57 -10.53
N TRP C 601 -42.97 43.71 -9.68
CA TRP C 601 -43.89 44.18 -8.64
C TRP C 601 -43.70 43.40 -7.37
N GLY C 602 -44.03 44.04 -6.26
CA GLY C 602 -43.85 43.44 -4.93
C GLY C 602 -44.61 44.14 -3.84
N TRP C 603 -44.86 43.38 -2.77
CA TRP C 603 -45.58 43.84 -1.60
C TRP C 603 -44.66 43.74 -0.42
N SER C 604 -44.76 44.70 0.49
CA SER C 604 -43.95 44.73 1.72
C SER C 604 -42.46 44.77 1.40
N TYR C 605 -41.71 43.76 1.85
CA TYR C 605 -40.28 43.70 1.54
C TYR C 605 -40.09 43.64 0.03
N GLY C 606 -40.97 42.91 -0.63
CA GLY C 606 -40.98 42.81 -2.09
C GLY C 606 -41.17 44.17 -2.74
N GLY C 607 -41.93 45.04 -2.07
CA GLY C 607 -42.15 46.40 -2.55
C GLY C 607 -40.88 47.22 -2.49
N TYR C 608 -40.08 46.96 -1.44
CA TYR C 608 -38.79 47.64 -1.26
C TYR C 608 -37.82 47.20 -2.37
N VAL C 609 -37.64 45.90 -2.53
CA VAL C 609 -36.78 45.38 -3.59
C VAL C 609 -37.23 45.92 -4.95
N THR C 610 -38.53 45.85 -5.22
CA THR C 610 -39.12 46.44 -6.42
C THR C 610 -38.62 47.86 -6.63
N SER C 611 -38.83 48.70 -5.61
CA SER C 611 -38.45 50.11 -5.66
C SER C 611 -36.94 50.28 -5.88
N MET C 612 -36.17 49.46 -5.18
CA MET C 612 -34.71 49.47 -5.29
C MET C 612 -34.23 49.05 -6.69
N VAL C 613 -34.91 48.08 -7.28
CA VAL C 613 -34.59 47.60 -8.62
C VAL C 613 -34.94 48.67 -9.65
N LEU C 614 -36.06 49.34 -9.43
CA LEU C 614 -36.51 50.39 -10.35
C LEU C 614 -35.60 51.60 -10.34
N GLY C 615 -35.06 51.91 -9.15
CA GLY C 615 -34.12 53.01 -9.01
C GLY C 615 -32.66 52.60 -9.11
N SER C 616 -32.43 51.38 -9.61
CA SER C 616 -31.08 50.83 -9.72
C SER C 616 -30.37 51.29 -10.98
N GLY C 617 -31.14 51.80 -11.95
CA GLY C 617 -30.59 52.21 -13.23
C GLY C 617 -30.02 51.06 -14.02
N SER C 618 -30.64 49.89 -13.92
CA SER C 618 -30.19 48.69 -14.64
C SER C 618 -30.56 48.74 -16.12
N GLY C 619 -31.71 49.35 -16.41
CA GLY C 619 -32.25 49.40 -17.76
C GLY C 619 -33.15 48.22 -18.04
N VAL C 620 -32.96 47.15 -17.27
CA VAL C 620 -33.66 45.89 -17.47
C VAL C 620 -35.19 46.04 -17.40
N PHE C 621 -35.67 46.79 -16.40
CA PHE C 621 -37.11 46.88 -16.13
C PHE C 621 -37.76 48.14 -16.68
N LYS C 622 -38.85 47.95 -17.41
CA LYS C 622 -39.58 49.06 -18.00
C LYS C 622 -40.45 49.77 -16.96
N CYS C 623 -41.17 48.98 -16.17
CA CYS C 623 -42.05 49.51 -15.15
C CYS C 623 -42.11 48.61 -13.92
N GLY C 624 -42.81 49.08 -12.89
CA GLY C 624 -42.92 48.33 -11.66
C GLY C 624 -43.97 48.87 -10.72
N ILE C 625 -44.47 48.00 -9.84
CA ILE C 625 -45.49 48.37 -8.86
C ILE C 625 -45.01 48.04 -7.44
N ALA C 626 -44.99 49.04 -6.57
CA ALA C 626 -44.61 48.84 -5.19
C ALA C 626 -45.83 49.02 -4.30
N VAL C 627 -46.20 47.94 -3.61
CA VAL C 627 -47.33 47.99 -2.68
C VAL C 627 -46.82 47.96 -1.25
N ALA C 628 -47.18 48.99 -0.48
CA ALA C 628 -46.75 49.15 0.91
C ALA C 628 -45.27 48.80 1.13
N PRO C 629 -44.37 49.48 0.41
CA PRO C 629 -42.96 49.11 0.51
C PRO C 629 -42.23 49.78 1.67
N VAL C 630 -41.16 49.15 2.12
CA VAL C 630 -40.19 49.79 3.01
C VAL C 630 -39.37 50.73 2.13
N SER C 631 -39.16 51.96 2.60
CA SER C 631 -38.38 52.94 1.84
C SER C 631 -37.01 53.17 2.47
N ARG C 632 -36.99 53.16 3.80
CA ARG C 632 -35.80 53.41 4.59
C ARG C 632 -35.96 52.56 5.83
N TRP C 633 -34.92 51.82 6.18
CA TRP C 633 -35.01 50.84 7.26
C TRP C 633 -35.20 51.39 8.64
N GLU C 634 -34.83 52.65 8.83
CA GLU C 634 -35.07 53.33 10.12
C GLU C 634 -36.56 53.45 10.41
N TYR C 635 -37.39 53.38 9.36
CA TYR C 635 -38.83 53.47 9.50
C TYR C 635 -39.49 52.16 9.86
N TYR C 636 -38.82 51.04 9.61
CA TYR C 636 -39.44 49.75 9.93
C TYR C 636 -39.13 49.30 11.35
N ASP C 637 -39.89 48.32 11.86
CA ASP C 637 -39.77 47.91 13.26
C ASP C 637 -38.40 47.35 13.64
N SER C 638 -38.09 47.42 14.93
CA SER C 638 -36.78 47.07 15.47
C SER C 638 -36.45 45.57 15.37
N VAL C 639 -37.38 44.72 15.80
CA VAL C 639 -37.15 43.26 15.87
C VAL C 639 -36.74 42.64 14.53
N TYR C 640 -37.45 43.01 13.47
CA TYR C 640 -37.16 42.50 12.14
C TYR C 640 -35.92 43.18 11.56
N THR C 641 -35.96 44.51 11.48
CA THR C 641 -34.92 45.29 10.84
C THR C 641 -33.53 45.03 11.44
N GLU C 642 -33.44 45.09 12.77
CA GLU C 642 -32.15 44.92 13.45
C GLU C 642 -31.65 43.49 13.39
N ARG C 643 -32.55 42.55 13.11
CA ARG C 643 -32.17 41.15 12.98
C ARG C 643 -31.16 40.98 11.87
N TYR C 644 -31.36 41.72 10.78
CA TYR C 644 -30.51 41.60 9.60
C TYR C 644 -29.63 42.83 9.40
N MET C 645 -30.05 43.96 9.96
CA MET C 645 -29.37 45.23 9.72
C MET C 645 -28.45 45.69 10.83
N GLY C 646 -28.71 45.25 12.05
CA GLY C 646 -28.00 45.78 13.21
C GLY C 646 -28.61 47.12 13.59
N LEU C 647 -27.85 47.95 14.31
CA LEU C 647 -28.35 49.24 14.76
C LEU C 647 -27.98 50.40 13.83
N PRO C 648 -28.93 51.36 13.63
CA PRO C 648 -28.68 52.56 12.83
C PRO C 648 -27.87 53.61 13.56
N THR C 649 -26.71 53.21 14.07
CA THR C 649 -25.80 54.09 14.80
C THR C 649 -24.43 54.09 14.10
N PRO C 650 -23.65 55.20 14.23
CA PRO C 650 -22.32 55.29 13.62
C PRO C 650 -21.39 54.15 13.98
N GLU C 651 -21.51 53.61 15.20
CA GLU C 651 -20.63 52.52 15.64
C GLU C 651 -21.22 51.12 15.41
N ASP C 652 -22.18 51.03 14.50
CA ASP C 652 -22.75 49.74 14.11
C ASP C 652 -22.99 49.66 12.60
N ASN C 653 -24.15 50.14 12.12
CA ASN C 653 -24.51 49.99 10.72
C ASN C 653 -25.21 51.18 10.06
N LEU C 654 -25.01 52.39 10.60
CA LEU C 654 -25.65 53.59 10.06
C LEU C 654 -25.36 53.81 8.57
N ASP C 655 -24.09 53.72 8.18
CA ASP C 655 -23.67 53.90 6.78
C ASP C 655 -24.55 53.15 5.78
N HIS C 656 -24.87 51.90 6.09
CA HIS C 656 -25.66 51.08 5.17
C HIS C 656 -27.13 51.41 5.22
N TYR C 657 -27.65 51.73 6.41
CA TYR C 657 -29.00 52.24 6.55
C TYR C 657 -29.17 53.45 5.62
N ARG C 658 -28.17 54.32 5.62
CA ARG C 658 -28.12 55.51 4.76
C ARG C 658 -28.01 55.15 3.29
N ASN C 659 -27.15 54.18 2.98
CA ASN C 659 -26.93 53.72 1.61
C ASN C 659 -28.10 52.92 1.01
N SER C 660 -28.96 52.36 1.87
CA SER C 660 -30.02 51.45 1.41
C SER C 660 -31.43 52.04 1.35
N THR C 661 -31.54 53.36 1.35
CA THR C 661 -32.86 54.01 1.22
C THR C 661 -33.24 54.06 -0.25
N VAL C 662 -34.54 54.00 -0.54
CA VAL C 662 -34.98 54.11 -1.92
C VAL C 662 -34.96 55.58 -2.36
N MET C 663 -35.14 56.48 -1.40
CA MET C 663 -35.09 57.94 -1.62
C MET C 663 -33.77 58.38 -2.22
N SER C 664 -32.70 57.66 -1.90
CA SER C 664 -31.37 57.99 -2.42
C SER C 664 -31.24 57.58 -3.89
N ARG C 665 -32.22 56.83 -4.38
CA ARG C 665 -32.23 56.32 -5.75
C ARG C 665 -33.30 56.99 -6.59
N ALA C 666 -33.83 58.11 -6.09
CA ALA C 666 -34.99 58.79 -6.69
C ALA C 666 -34.77 59.33 -8.10
N GLU C 667 -33.57 59.86 -8.37
CA GLU C 667 -33.22 60.43 -9.67
C GLU C 667 -33.29 59.38 -10.79
N ASN C 668 -33.06 58.12 -10.45
CA ASN C 668 -33.07 57.02 -11.42
C ASN C 668 -34.46 56.51 -11.83
N PHE C 669 -35.50 56.97 -11.13
CA PHE C 669 -36.88 56.60 -11.47
C PHE C 669 -37.38 57.27 -12.75
N LYS C 670 -36.57 58.18 -13.30
CA LYS C 670 -36.85 58.81 -14.59
C LYS C 670 -36.71 57.79 -15.72
N GLN C 671 -36.14 56.64 -15.38
CA GLN C 671 -35.86 55.59 -16.34
C GLN C 671 -36.91 54.48 -16.34
N VAL C 672 -37.91 54.61 -15.46
CA VAL C 672 -38.95 53.59 -15.31
C VAL C 672 -40.33 54.21 -15.13
N GLU C 673 -41.38 53.39 -15.26
CA GLU C 673 -42.73 53.79 -14.93
C GLU C 673 -43.15 53.15 -13.62
N TYR C 674 -43.31 53.99 -12.60
CA TYR C 674 -43.49 53.54 -11.22
C TYR C 674 -44.92 53.71 -10.76
N LEU C 675 -45.44 52.67 -10.12
CA LEU C 675 -46.73 52.77 -9.44
C LEU C 675 -46.52 52.50 -7.96
N LEU C 676 -46.79 53.51 -7.14
CA LEU C 676 -46.63 53.40 -5.69
C LEU C 676 -47.99 53.38 -5.01
N ILE C 677 -48.24 52.30 -4.26
CA ILE C 677 -49.53 52.09 -3.60
C ILE C 677 -49.35 51.84 -2.11
N HIS C 678 -50.15 52.51 -1.28
CA HIS C 678 -50.06 52.36 0.18
C HIS C 678 -51.36 52.62 0.89
N GLY C 679 -51.69 51.76 1.84
CA GLY C 679 -52.87 51.95 2.68
C GLY C 679 -52.54 52.98 3.73
N THR C 680 -53.47 53.91 4.00
CA THR C 680 -53.19 55.00 4.94
C THR C 680 -53.17 54.57 6.41
N ALA C 681 -53.99 53.58 6.77
CA ALA C 681 -54.01 53.07 8.13
C ALA C 681 -53.10 51.85 8.28
N ASP C 682 -52.03 51.83 7.49
CA ASP C 682 -51.06 50.76 7.54
C ASP C 682 -50.26 50.89 8.82
N ASP C 683 -50.50 49.98 9.75
CA ASP C 683 -49.83 49.96 11.04
C ASP C 683 -48.51 49.22 11.00
N ASN C 684 -48.34 48.38 9.99
CA ASN C 684 -47.12 47.59 9.85
C ASN C 684 -46.01 48.42 9.19
N VAL C 685 -46.12 48.61 7.89
CA VAL C 685 -45.23 49.47 7.13
C VAL C 685 -45.98 50.79 6.97
N HIS C 686 -45.62 51.78 7.78
CA HIS C 686 -46.39 53.02 7.84
C HIS C 686 -46.41 53.80 6.55
N PHE C 687 -47.53 54.49 6.31
CA PHE C 687 -47.72 55.28 5.09
C PHE C 687 -46.53 56.19 4.86
N GLN C 688 -45.95 56.64 5.98
CA GLN C 688 -44.72 57.40 6.03
C GLN C 688 -43.70 56.95 4.99
N GLN C 689 -43.49 55.64 4.89
CA GLN C 689 -42.46 55.10 4.00
C GLN C 689 -42.68 55.52 2.56
N SER C 690 -43.88 55.28 2.04
CA SER C 690 -44.26 55.71 0.69
C SER C 690 -44.35 57.24 0.61
N ALA C 691 -44.88 57.87 1.68
CA ALA C 691 -44.96 59.32 1.74
C ALA C 691 -43.59 59.95 1.53
N GLN C 692 -42.55 59.25 1.95
CA GLN C 692 -41.19 59.74 1.77
C GLN C 692 -40.63 59.40 0.39
N ILE C 693 -41.16 58.36 -0.25
CA ILE C 693 -40.75 58.03 -1.62
C ILE C 693 -41.32 59.05 -2.59
N SER C 694 -42.61 59.34 -2.46
CA SER C 694 -43.30 60.31 -3.31
C SER C 694 -42.64 61.69 -3.25
N LYS C 695 -42.37 62.15 -2.04
CA LYS C 695 -41.69 63.44 -1.81
C LYS C 695 -40.31 63.47 -2.48
N ALA C 696 -39.55 62.38 -2.32
CA ALA C 696 -38.22 62.28 -2.92
C ALA C 696 -38.30 62.36 -4.44
N LEU C 697 -39.24 61.62 -5.02
CA LEU C 697 -39.44 61.61 -6.47
C LEU C 697 -39.92 62.96 -6.98
N VAL C 698 -40.74 63.64 -6.18
CA VAL C 698 -41.22 64.97 -6.53
C VAL C 698 -40.05 65.95 -6.55
N ASP C 699 -39.20 65.88 -5.54
CA ASP C 699 -38.06 66.80 -5.37
C ASP C 699 -37.02 66.75 -6.50
N VAL C 700 -36.93 65.60 -7.17
CA VAL C 700 -36.04 65.47 -8.33
C VAL C 700 -36.82 65.55 -9.64
N GLY C 701 -38.13 65.78 -9.55
CA GLY C 701 -38.99 65.96 -10.71
C GLY C 701 -39.23 64.72 -11.55
N VAL C 702 -39.49 63.60 -10.87
CA VAL C 702 -39.77 62.32 -11.52
C VAL C 702 -41.29 62.09 -11.57
N ASP C 703 -41.83 61.81 -12.75
CA ASP C 703 -43.24 61.46 -12.84
C ASP C 703 -43.45 59.98 -12.55
N PHE C 704 -44.48 59.70 -11.77
CA PHE C 704 -44.82 58.36 -11.33
C PHE C 704 -46.30 58.32 -11.02
N GLN C 705 -46.84 57.11 -10.95
CA GLN C 705 -48.23 56.89 -10.60
C GLN C 705 -48.29 56.60 -9.12
N ALA C 706 -49.38 57.01 -8.47
CA ALA C 706 -49.53 56.75 -7.05
C ALA C 706 -50.97 56.45 -6.68
N MET C 707 -51.14 55.66 -5.62
CA MET C 707 -52.47 55.34 -5.13
C MET C 707 -52.42 55.14 -3.63
N TRP C 708 -53.35 55.79 -2.94
CA TRP C 708 -53.51 55.57 -1.51
C TRP C 708 -54.80 54.83 -1.31
N TYR C 709 -54.91 54.18 -0.16
CA TYR C 709 -56.15 53.51 0.22
C TYR C 709 -56.53 53.88 1.62
N THR C 710 -57.52 54.77 1.71
CA THR C 710 -58.05 55.27 2.97
C THR C 710 -58.40 54.13 3.93
N ASP C 711 -57.85 54.22 5.14
CA ASP C 711 -58.14 53.30 6.24
C ASP C 711 -57.67 51.85 6.07
N GLU C 712 -57.14 51.50 4.90
CA GLU C 712 -56.62 50.17 4.65
C GLU C 712 -55.29 49.98 5.37
N ASP C 713 -55.04 48.76 5.85
CA ASP C 713 -53.78 48.45 6.53
C ASP C 713 -52.76 47.83 5.58
N HIS C 714 -51.85 47.05 6.11
CA HIS C 714 -50.77 46.50 5.31
C HIS C 714 -51.21 45.43 4.34
N GLY C 715 -52.35 44.80 4.62
CA GLY C 715 -52.85 43.75 3.75
C GLY C 715 -53.70 44.27 2.62
N ILE C 716 -54.19 45.50 2.75
CA ILE C 716 -55.19 46.08 1.83
C ILE C 716 -56.21 44.97 1.54
N ALA C 717 -56.80 44.48 2.62
CA ALA C 717 -57.57 43.24 2.61
C ALA C 717 -59.07 43.39 2.47
N SER C 718 -59.61 44.58 2.79
CA SER C 718 -61.03 44.83 2.65
C SER C 718 -61.50 44.43 1.26
N SER C 719 -62.70 43.84 1.20
CA SER C 719 -63.22 43.28 -0.03
C SER C 719 -63.12 44.28 -1.20
N THR C 720 -63.70 45.46 -1.02
CA THR C 720 -63.74 46.47 -2.06
C THR C 720 -62.36 47.00 -2.44
N ALA C 721 -61.45 47.04 -1.47
CA ALA C 721 -60.09 47.52 -1.69
C ALA C 721 -59.24 46.49 -2.43
N HIS C 722 -59.34 45.23 -1.99
CA HIS C 722 -58.64 44.12 -2.62
C HIS C 722 -58.92 44.10 -4.10
N GLN C 723 -60.20 44.21 -4.44
CA GLN C 723 -60.62 44.21 -5.83
C GLN C 723 -60.14 45.47 -6.54
N HIS C 724 -60.23 46.61 -5.85
CA HIS C 724 -59.83 47.88 -6.43
C HIS C 724 -58.36 47.95 -6.75
N ILE C 725 -57.52 47.42 -5.86
CA ILE C 725 -56.08 47.48 -6.06
C ILE C 725 -55.57 46.64 -7.23
N TYR C 726 -56.11 45.43 -7.37
CA TYR C 726 -55.69 44.56 -8.46
C TYR C 726 -56.22 45.03 -9.80
N THR C 727 -57.42 45.60 -9.81
CA THR C 727 -57.96 46.24 -10.99
C THR C 727 -57.01 47.37 -11.43
N HIS C 728 -56.60 48.19 -10.46
CA HIS C 728 -55.70 49.30 -10.73
C HIS C 728 -54.34 48.85 -11.17
N MET C 729 -53.81 47.81 -10.53
CA MET C 729 -52.50 47.26 -10.89
C MET C 729 -52.55 46.59 -12.26
N SER C 730 -53.67 45.94 -12.56
CA SER C 730 -53.86 45.27 -13.85
C SER C 730 -53.83 46.27 -14.98
N HIS C 731 -54.56 47.38 -14.82
CA HIS C 731 -54.61 48.43 -15.84
C HIS C 731 -53.24 48.99 -16.10
N PHE C 732 -52.46 49.12 -15.04
CA PHE C 732 -51.10 49.65 -15.11
C PHE C 732 -50.19 48.72 -15.91
N ILE C 733 -50.22 47.44 -15.56
CA ILE C 733 -49.42 46.44 -16.24
C ILE C 733 -49.77 46.39 -17.74
N LYS C 734 -51.06 46.44 -18.02
CA LYS C 734 -51.56 46.43 -19.40
C LYS C 734 -51.19 47.71 -20.16
N GLN C 735 -51.21 48.84 -19.46
CA GLN C 735 -50.82 50.13 -20.03
C GLN C 735 -49.33 50.09 -20.39
N CYS C 736 -48.53 49.58 -19.47
CA CYS C 736 -47.08 49.50 -19.63
C CYS C 736 -46.67 48.51 -20.73
N PHE C 737 -47.46 47.45 -20.90
CA PHE C 737 -47.15 46.43 -21.91
C PHE C 737 -47.85 46.66 -23.24
N SER C 738 -48.61 47.76 -23.35
CA SER C 738 -49.39 48.11 -24.54
C SER C 738 -50.49 47.09 -24.84
N LEU C 739 -50.94 46.39 -23.80
CA LEU C 739 -52.01 45.40 -23.94
C LEU C 739 -53.37 46.09 -24.00
N PRO C 740 -54.25 45.64 -24.93
CA PRO C 740 -55.58 46.24 -25.15
C PRO C 740 -56.47 46.24 -23.90
N LYS D 15 22.19 30.39 13.60
CA LYS D 15 22.77 31.55 12.85
C LYS D 15 23.76 31.10 11.76
N THR D 16 24.07 32.02 10.85
CA THR D 16 24.91 31.71 9.69
C THR D 16 26.31 32.31 9.78
N TYR D 17 27.21 31.78 8.96
CA TYR D 17 28.58 32.27 8.85
C TYR D 17 28.58 33.62 8.12
N THR D 18 28.47 34.70 8.90
CA THR D 18 28.35 36.06 8.36
C THR D 18 29.68 36.56 7.76
N LEU D 19 29.61 37.66 7.01
CA LEU D 19 30.81 38.28 6.41
C LEU D 19 31.86 38.65 7.47
N THR D 20 31.39 39.12 8.63
CA THR D 20 32.26 39.44 9.74
C THR D 20 33.00 38.20 10.25
N ASP D 21 32.30 37.07 10.34
CA ASP D 21 32.92 35.82 10.76
C ASP D 21 34.16 35.53 9.91
N TYR D 22 34.07 35.78 8.61
CA TYR D 22 35.21 35.62 7.71
C TYR D 22 36.27 36.69 7.96
N LEU D 23 35.84 37.95 7.95
CA LEU D 23 36.76 39.09 8.08
C LEU D 23 37.48 39.13 9.43
N LYS D 24 36.77 38.79 10.50
CA LYS D 24 37.30 38.80 11.86
C LYS D 24 37.79 37.45 12.39
N ASN D 25 37.81 36.43 11.53
CA ASN D 25 38.25 35.08 11.89
C ASN D 25 37.65 34.54 13.19
N THR D 26 36.33 34.63 13.29
CA THR D 26 35.59 34.14 14.45
C THR D 26 35.81 32.64 14.65
N TYR D 27 35.74 31.88 13.57
CA TYR D 27 35.95 30.44 13.60
C TYR D 27 37.28 30.11 12.95
N ARG D 28 38.31 29.94 13.77
CA ARG D 28 39.66 29.68 13.28
C ARG D 28 40.03 28.20 13.21
N LEU D 29 40.75 27.84 12.16
CA LEU D 29 41.29 26.49 12.00
C LEU D 29 42.58 26.38 12.80
N LYS D 30 42.61 25.41 13.71
CA LYS D 30 43.83 25.13 14.48
C LYS D 30 44.82 24.34 13.64
N LEU D 31 46.04 24.84 13.59
CA LEU D 31 47.14 24.17 12.90
C LEU D 31 48.03 23.51 13.94
N TYR D 32 48.75 22.47 13.53
CA TYR D 32 49.79 21.88 14.37
C TYR D 32 51.09 21.91 13.58
N SER D 33 51.59 23.13 13.36
CA SER D 33 52.83 23.34 12.64
C SER D 33 54.00 22.96 13.55
N LEU D 34 54.76 21.96 13.12
CA LEU D 34 55.92 21.50 13.88
C LEU D 34 57.19 21.53 13.02
N ARG D 35 58.33 21.66 13.70
CA ARG D 35 59.63 21.71 13.02
C ARG D 35 60.63 20.76 13.67
N TRP D 36 60.91 19.65 12.97
CA TRP D 36 61.78 18.59 13.47
C TRP D 36 63.18 19.04 13.78
N ILE D 37 63.60 18.82 15.02
CA ILE D 37 64.97 19.11 15.44
C ILE D 37 65.88 17.96 15.00
N SER D 38 65.52 16.74 15.39
CA SER D 38 66.28 15.56 15.03
C SER D 38 65.41 14.52 14.32
N ASP D 39 65.61 13.26 14.67
CA ASP D 39 64.87 12.15 14.10
C ASP D 39 63.82 11.64 15.09
N HIS D 40 63.87 12.18 16.31
CA HIS D 40 62.99 11.73 17.40
C HIS D 40 62.20 12.85 17.99
N GLU D 41 62.66 14.08 17.76
CA GLU D 41 62.10 15.26 18.41
C GLU D 41 61.72 16.39 17.46
N TYR D 42 60.77 17.21 17.88
CA TYR D 42 60.35 18.40 17.14
C TYR D 42 59.94 19.51 18.10
N LEU D 43 59.54 20.66 17.56
CA LEU D 43 59.08 21.79 18.37
C LEU D 43 57.63 22.17 18.09
N TYR D 44 56.96 22.74 19.10
CA TYR D 44 55.60 23.26 18.95
C TYR D 44 55.31 24.40 19.93
N LYS D 45 54.67 25.45 19.42
CA LYS D 45 54.27 26.62 20.22
C LYS D 45 52.89 26.41 20.83
N GLN D 46 52.79 26.55 22.15
CA GLN D 46 51.51 26.41 22.85
C GLN D 46 50.84 27.76 23.11
N ASN D 49 54.46 29.72 24.15
CA ASN D 49 55.60 29.03 24.75
C ASN D 49 56.10 27.88 23.88
N ILE D 50 57.42 27.76 23.75
CA ILE D 50 58.06 26.75 22.91
C ILE D 50 58.30 25.45 23.70
N LEU D 51 57.92 24.33 23.11
CA LEU D 51 58.09 23.00 23.72
C LEU D 51 58.72 22.00 22.76
N VAL D 52 59.53 21.10 23.30
CA VAL D 52 60.12 20.00 22.52
C VAL D 52 59.42 18.67 22.83
N PHE D 53 58.90 18.02 21.79
CA PHE D 53 58.19 16.75 21.94
C PHE D 53 59.05 15.57 21.52
N ASN D 54 58.89 14.45 22.21
CA ASN D 54 59.62 13.23 21.90
C ASN D 54 58.73 12.14 21.32
N ALA D 55 58.78 11.98 20.00
CA ALA D 55 57.99 10.97 19.31
C ALA D 55 58.60 9.59 19.50
N ASN D 59 56.03 11.26 25.99
CA ASN D 59 56.29 12.41 26.91
C ASN D 59 57.06 13.55 26.24
N SER D 60 57.06 14.72 26.88
CA SER D 60 57.69 15.92 26.33
C SER D 60 58.14 16.91 27.41
N SER D 61 59.20 17.66 27.10
CA SER D 61 59.76 18.69 27.99
C SER D 61 59.66 20.09 27.38
N VAL D 62 59.98 21.11 28.18
CA VAL D 62 59.88 22.50 27.72
C VAL D 62 61.23 23.03 27.19
N PHE D 69 62.42 35.64 26.57
CA PHE D 69 62.96 36.85 25.88
C PHE D 69 62.01 38.04 26.08
N ASP D 70 61.53 38.19 27.31
CA ASP D 70 60.62 39.28 27.66
C ASP D 70 61.40 40.59 27.87
N GLU D 71 62.65 40.45 28.29
CA GLU D 71 63.53 41.61 28.49
C GLU D 71 64.39 41.91 27.26
N PHE D 72 64.02 41.29 26.13
CA PHE D 72 64.67 41.53 24.85
C PHE D 72 64.36 42.94 24.34
N GLY D 73 63.18 43.43 24.68
CA GLY D 73 62.73 44.76 24.25
C GLY D 73 61.93 44.68 22.97
N HIS D 74 62.60 44.25 21.90
CA HIS D 74 61.99 44.12 20.57
C HIS D 74 61.01 42.99 20.50
N SER D 75 60.09 43.08 19.55
CA SER D 75 59.10 42.04 19.32
C SER D 75 59.69 40.94 18.42
N ILE D 76 59.67 39.70 18.91
CA ILE D 76 60.23 38.56 18.18
C ILE D 76 59.28 38.09 17.08
N ASN D 77 59.75 38.17 15.83
CA ASN D 77 58.94 37.77 14.68
C ASN D 77 59.04 36.27 14.42
N ASP D 78 60.27 35.75 14.37
CA ASP D 78 60.50 34.33 14.12
C ASP D 78 61.81 33.90 14.77
N TYR D 79 61.97 32.60 15.01
CA TYR D 79 63.21 32.06 15.56
C TYR D 79 63.82 30.98 14.66
N SER D 80 65.08 30.62 14.92
CA SER D 80 65.79 29.63 14.12
C SER D 80 66.86 28.91 14.94
N ILE D 81 66.59 27.66 15.31
CA ILE D 81 67.55 26.84 16.06
C ILE D 81 68.61 26.31 15.09
N SER D 82 69.88 26.39 15.51
CA SER D 82 70.97 25.76 14.76
C SER D 82 70.79 24.24 14.81
N PRO D 83 71.16 23.52 13.73
CA PRO D 83 70.97 22.07 13.66
C PRO D 83 71.61 21.27 14.80
N ASP D 84 72.68 21.79 15.40
CA ASP D 84 73.31 21.13 16.54
C ASP D 84 72.65 21.49 17.88
N GLY D 85 71.76 22.48 17.84
CA GLY D 85 71.02 22.93 19.01
C GLY D 85 71.83 23.76 20.00
N GLN D 86 72.86 24.44 19.50
CA GLN D 86 73.75 25.24 20.35
C GLN D 86 73.40 26.72 20.38
N PHE D 87 72.89 27.22 19.26
CA PHE D 87 72.52 28.62 19.14
C PHE D 87 71.13 28.81 18.55
N ILE D 88 70.39 29.79 19.08
CA ILE D 88 69.09 30.16 18.53
C ILE D 88 69.18 31.55 17.90
N LEU D 89 68.68 31.67 16.67
CA LEU D 89 68.69 32.91 15.91
C LEU D 89 67.35 33.61 16.00
N LEU D 90 67.36 34.85 16.48
CA LEU D 90 66.12 35.62 16.64
C LEU D 90 65.96 36.65 15.54
N GLU D 91 64.71 36.80 15.07
CA GLU D 91 64.37 37.69 13.98
C GLU D 91 63.38 38.76 14.45
N TYR D 92 63.82 40.02 14.38
CA TYR D 92 62.97 41.16 14.75
C TYR D 92 63.15 42.27 13.73
N ASN D 93 62.38 43.36 13.89
CA ASN D 93 62.38 44.49 12.93
C ASN D 93 62.02 44.03 11.51
N TYR D 94 61.07 43.10 11.42
CA TYR D 94 60.62 42.54 10.16
C TYR D 94 59.98 43.62 9.27
N VAL D 95 60.50 43.75 8.06
CA VAL D 95 59.94 44.65 7.05
C VAL D 95 59.77 43.84 5.77
N LYS D 96 58.52 43.64 5.36
CA LYS D 96 58.20 42.83 4.18
C LYS D 96 58.55 43.55 2.88
N GLN D 97 59.24 42.85 1.98
CA GLN D 97 59.53 43.39 0.64
C GLN D 97 58.47 42.91 -0.36
N TRP D 98 58.68 41.75 -0.98
CA TRP D 98 57.69 41.19 -1.89
C TRP D 98 57.05 39.98 -1.29
N ARG D 99 56.66 39.01 -2.13
CA ARG D 99 55.96 37.81 -1.67
C ARG D 99 56.74 37.01 -0.63
N HIS D 100 58.05 36.88 -0.81
CA HIS D 100 58.88 36.11 0.11
C HIS D 100 59.95 36.93 0.74
N SER D 101 60.46 37.91 -0.02
CA SER D 101 61.54 38.77 0.44
C SER D 101 61.15 39.69 1.61
N TYR D 102 62.12 39.90 2.49
CA TYR D 102 61.95 40.82 3.60
C TYR D 102 63.29 41.25 4.20
N THR D 103 63.23 42.29 5.02
CA THR D 103 64.39 42.88 5.67
C THR D 103 64.16 42.89 7.18
N ALA D 104 65.12 42.32 7.92
CA ALA D 104 64.98 42.18 9.37
C ALA D 104 66.31 42.34 10.11
N SER D 105 66.21 42.54 11.42
CA SER D 105 67.36 42.59 12.31
C SER D 105 67.47 41.27 13.07
N TYR D 106 68.69 40.85 13.36
CA TYR D 106 68.94 39.54 13.98
C TYR D 106 69.90 39.58 15.19
N ASP D 107 69.59 38.76 16.19
CA ASP D 107 70.40 38.58 17.38
C ASP D 107 70.48 37.10 17.74
N ILE D 108 71.68 36.62 18.06
CA ILE D 108 71.90 35.21 18.38
C ILE D 108 72.05 35.01 19.89
N TYR D 109 71.46 33.92 20.40
CA TYR D 109 71.59 33.53 21.81
C TYR D 109 72.28 32.19 21.92
N ASP D 110 73.19 32.07 22.87
CA ASP D 110 73.77 30.78 23.21
C ASP D 110 72.70 30.03 23.98
N LEU D 111 71.94 29.20 23.26
CA LEU D 111 70.77 28.47 23.79
C LEU D 111 70.97 27.92 25.20
N ASN D 112 72.21 27.49 25.48
CA ASN D 112 72.56 26.94 26.78
C ASN D 112 72.51 27.97 27.91
N LYS D 113 73.14 29.13 27.70
CA LYS D 113 73.25 30.18 28.73
C LYS D 113 72.13 31.22 28.68
N ARG D 114 71.43 31.29 27.54
CA ARG D 114 70.36 32.27 27.29
C ARG D 114 70.84 33.73 27.42
N GLN D 115 72.05 34.00 26.91
CA GLN D 115 72.62 35.34 26.89
C GLN D 115 72.88 35.81 25.45
N LEU D 116 72.81 37.12 25.25
CA LEU D 116 72.98 37.72 23.93
C LEU D 116 74.45 37.69 23.51
N ILE D 117 74.73 37.13 22.33
CA ILE D 117 76.06 37.26 21.74
C ILE D 117 76.21 38.70 21.29
N THR D 118 76.84 39.50 22.15
CA THR D 118 76.93 40.95 21.94
C THR D 118 78.00 41.37 20.95
N GLU D 119 79.13 40.67 20.95
CA GLU D 119 80.21 40.99 20.01
C GLU D 119 79.94 40.42 18.62
N GLU D 120 80.35 41.18 17.61
CA GLU D 120 80.14 40.83 16.19
C GLU D 120 78.69 40.43 15.90
N ARG D 121 77.78 41.39 16.02
CA ARG D 121 76.36 41.17 15.75
C ARG D 121 76.05 41.18 14.26
N ILE D 122 74.97 40.49 13.88
CA ILE D 122 74.49 40.48 12.50
C ILE D 122 73.84 41.84 12.23
N PRO D 123 74.26 42.53 11.15
CA PRO D 123 73.82 43.90 10.88
C PRO D 123 72.30 44.07 10.78
N ASN D 124 71.85 45.30 11.01
CA ASN D 124 70.47 45.68 10.76
C ASN D 124 70.20 45.57 9.27
N ASN D 125 68.93 45.49 8.89
CA ASN D 125 68.53 45.42 7.48
C ASN D 125 69.14 44.23 6.74
N THR D 126 69.16 43.07 7.40
CA THR D 126 69.68 41.85 6.80
C THR D 126 68.61 41.23 5.92
N GLN D 127 68.99 40.91 4.69
CA GLN D 127 68.08 40.39 3.69
C GLN D 127 67.73 38.91 3.88
N TRP D 128 68.71 38.10 4.28
CA TRP D 128 68.49 36.67 4.49
C TRP D 128 69.52 36.06 5.40
N VAL D 129 69.07 35.13 6.25
CA VAL D 129 69.96 34.36 7.14
C VAL D 129 69.63 32.86 7.05
N THR D 130 70.66 32.03 7.23
CA THR D 130 70.49 30.57 7.22
C THR D 130 71.68 29.82 7.84
N TRP D 131 71.37 28.79 8.63
CA TRP D 131 72.39 27.91 9.22
C TRP D 131 72.84 26.88 8.24
N SER D 132 74.02 26.32 8.48
CA SER D 132 74.48 25.15 7.75
C SER D 132 73.63 23.97 8.22
N PRO D 133 73.44 22.93 7.37
CA PRO D 133 72.60 21.79 7.75
C PRO D 133 73.07 21.06 9.01
N VAL D 134 74.34 21.26 9.39
CA VAL D 134 74.90 20.71 10.63
C VAL D 134 75.83 21.71 11.30
N GLY D 135 75.79 21.75 12.63
CA GLY D 135 76.60 22.67 13.41
C GLY D 135 75.93 24.02 13.57
N HIS D 136 76.74 25.08 13.66
CA HIS D 136 76.22 26.44 13.83
C HIS D 136 76.89 27.46 12.93
N LYS D 137 77.26 27.04 11.73
CA LYS D 137 77.76 27.97 10.71
C LYS D 137 76.60 28.81 10.22
N LEU D 138 76.81 30.12 10.09
CA LEU D 138 75.72 31.02 9.74
C LEU D 138 76.06 31.88 8.52
N ALA D 139 75.24 31.76 7.49
CA ALA D 139 75.38 32.56 6.28
C ALA D 139 74.27 33.59 6.18
N TYR D 140 74.65 34.84 5.92
CA TYR D 140 73.68 35.90 5.75
C TYR D 140 73.99 36.85 4.61
N VAL D 141 72.94 37.42 4.02
CA VAL D 141 73.08 38.39 2.93
C VAL D 141 72.73 39.78 3.44
N TRP D 142 73.63 40.73 3.23
CA TRP D 142 73.42 42.12 3.63
C TRP D 142 73.98 43.04 2.59
N ASN D 143 73.22 44.08 2.23
CA ASN D 143 73.55 44.97 1.11
C ASN D 143 73.89 44.20 -0.16
N ASN D 144 73.07 43.20 -0.46
CA ASN D 144 73.20 42.34 -1.64
C ASN D 144 74.48 41.50 -1.67
N ASP D 145 75.13 41.36 -0.52
CA ASP D 145 76.39 40.62 -0.42
C ASP D 145 76.31 39.51 0.63
N ILE D 146 77.13 38.48 0.43
CA ILE D 146 77.10 37.29 1.29
C ILE D 146 78.20 37.31 2.34
N TYR D 147 77.82 36.96 3.57
CA TYR D 147 78.73 36.91 4.71
C TYR D 147 78.56 35.58 5.44
N VAL D 148 79.66 35.01 5.92
CA VAL D 148 79.64 33.73 6.65
C VAL D 148 80.22 33.87 8.06
N LYS D 149 79.49 33.37 9.05
CA LYS D 149 79.94 33.31 10.44
C LYS D 149 80.21 31.88 10.88
N ILE D 150 81.48 31.55 11.07
CA ILE D 150 81.90 30.22 11.52
C ILE D 150 81.50 30.03 12.99
N GLU D 151 81.63 31.11 13.77
CA GLU D 151 81.16 31.15 15.15
C GLU D 151 80.34 32.43 15.34
N PRO D 152 79.13 32.31 15.93
CA PRO D 152 78.19 33.43 16.15
C PRO D 152 78.81 34.73 16.71
N ASN D 153 79.93 34.61 17.40
CA ASN D 153 80.62 35.76 17.98
C ASN D 153 81.85 36.22 17.19
N LEU D 154 82.25 35.43 16.19
CA LEU D 154 83.39 35.77 15.35
C LEU D 154 83.01 36.73 14.22
N PRO D 155 83.96 37.56 13.76
CA PRO D 155 83.71 38.43 12.61
C PRO D 155 83.34 37.62 11.36
N SER D 156 82.42 38.16 10.58
CA SER D 156 81.97 37.53 9.35
C SER D 156 83.00 37.69 8.23
N TYR D 157 83.18 36.64 7.44
CA TYR D 157 84.02 36.70 6.26
C TYR D 157 83.15 37.10 5.08
N ARG D 158 83.57 38.14 4.35
CA ARG D 158 82.80 38.65 3.21
C ARG D 158 83.15 37.89 1.93
N ILE D 159 82.19 37.11 1.43
CA ILE D 159 82.41 36.28 0.24
C ILE D 159 82.33 37.12 -1.03
N THR D 160 81.29 37.93 -1.16
CA THR D 160 81.05 38.73 -2.36
C THR D 160 81.25 40.22 -2.09
N TRP D 161 81.77 40.92 -3.10
CA TRP D 161 82.06 42.36 -2.99
C TRP D 161 81.43 43.16 -4.10
N THR D 162 80.70 42.48 -4.99
CA THR D 162 80.14 43.11 -6.18
C THR D 162 78.70 43.61 -6.00
N GLY D 163 78.04 43.18 -4.92
CA GLY D 163 76.64 43.49 -4.65
C GLY D 163 76.27 44.96 -4.70
N LYS D 164 75.34 45.29 -5.60
CA LYS D 164 74.84 46.65 -5.78
C LYS D 164 73.32 46.59 -5.76
N GLU D 165 72.69 47.52 -5.04
CA GLU D 165 71.23 47.54 -4.90
C GLU D 165 70.52 47.67 -6.25
N ASP D 166 69.43 46.92 -6.40
CA ASP D 166 68.62 46.91 -7.62
C ASP D 166 69.34 46.32 -8.84
N ILE D 167 70.66 46.20 -8.77
CA ILE D 167 71.46 45.77 -9.92
C ILE D 167 72.09 44.38 -9.78
N ILE D 168 72.93 44.19 -8.77
CA ILE D 168 73.62 42.91 -8.55
C ILE D 168 73.12 42.23 -7.28
N TYR D 169 72.72 40.97 -7.41
CA TYR D 169 72.14 40.22 -6.30
C TYR D 169 72.96 38.96 -5.98
N ASN D 170 73.73 39.00 -4.90
CA ASN D 170 74.51 37.85 -4.45
C ASN D 170 73.82 37.09 -3.32
N GLY D 171 73.40 35.87 -3.60
CA GLY D 171 72.77 35.01 -2.59
C GLY D 171 71.31 35.32 -2.31
N ILE D 172 70.77 36.30 -3.02
CA ILE D 172 69.33 36.61 -2.97
C ILE D 172 68.78 36.76 -4.38
N THR D 173 67.52 36.37 -4.56
CA THR D 173 66.87 36.47 -5.85
C THR D 173 66.42 37.89 -6.13
N ASP D 174 66.35 38.26 -7.41
CA ASP D 174 65.76 39.54 -7.79
C ASP D 174 64.23 39.37 -7.80
N TRP D 175 63.50 40.34 -8.35
CA TRP D 175 62.04 40.26 -8.33
C TRP D 175 61.51 39.02 -9.00
N VAL D 176 61.96 38.76 -10.23
CA VAL D 176 61.39 37.71 -11.07
C VAL D 176 61.76 36.29 -10.65
N TYR D 177 62.96 36.10 -10.14
CA TYR D 177 63.38 34.79 -9.64
C TYR D 177 62.67 34.46 -8.33
N GLU D 178 62.36 35.51 -7.56
CA GLU D 178 61.65 35.35 -6.28
C GLU D 178 60.20 34.92 -6.49
N GLU D 179 59.55 35.51 -7.48
CA GLU D 179 58.14 35.30 -7.75
C GLU D 179 57.87 34.08 -8.62
N GLU D 180 58.75 33.81 -9.58
CA GLU D 180 58.44 32.84 -10.61
C GLU D 180 59.35 31.60 -10.68
N VAL D 181 60.59 31.73 -10.19
CA VAL D 181 61.57 30.66 -10.32
C VAL D 181 61.81 29.92 -9.01
N PHE D 182 62.25 30.64 -7.98
CA PHE D 182 62.63 30.00 -6.72
C PHE D 182 61.58 30.02 -5.61
N SER D 183 60.54 30.84 -5.78
CA SER D 183 59.48 30.98 -4.78
C SER D 183 60.07 31.27 -3.40
N ALA D 184 61.15 32.04 -3.39
CA ALA D 184 61.90 32.39 -2.18
C ALA D 184 62.90 33.51 -2.47
N TYR D 185 63.37 34.16 -1.41
CA TYR D 185 64.31 35.27 -1.52
C TYR D 185 65.76 34.79 -1.58
N SER D 186 66.04 33.67 -0.92
CA SER D 186 67.39 33.13 -0.82
C SER D 186 67.88 32.48 -2.11
N ALA D 187 69.17 32.67 -2.37
CA ALA D 187 69.87 31.98 -3.43
C ALA D 187 71.18 31.47 -2.84
N LEU D 188 71.04 30.72 -1.74
CA LEU D 188 72.16 30.10 -1.04
C LEU D 188 71.82 28.64 -0.78
N TRP D 189 72.81 27.75 -0.94
CA TRP D 189 72.60 26.33 -0.71
C TRP D 189 73.80 25.70 -0.06
N TRP D 190 73.70 25.49 1.25
CA TRP D 190 74.73 24.80 2.01
C TRP D 190 74.80 23.36 1.62
N SER D 191 76.00 22.79 1.65
CA SER D 191 76.18 21.35 1.41
C SER D 191 75.73 20.59 2.66
N PRO D 192 75.27 19.33 2.48
CA PRO D 192 74.77 18.51 3.59
C PRO D 192 75.64 18.57 4.87
N ASN D 193 76.96 18.57 4.70
CA ASN D 193 77.89 18.60 5.84
C ASN D 193 78.36 20.02 6.23
N GLY D 194 77.81 21.03 5.58
CA GLY D 194 78.11 22.43 5.89
C GLY D 194 79.48 22.92 5.43
N THR D 195 80.07 22.23 4.49
CA THR D 195 81.40 22.58 3.98
C THR D 195 81.32 23.68 2.92
N PHE D 196 80.47 23.47 1.92
CA PHE D 196 80.35 24.41 0.80
C PHE D 196 79.12 25.29 0.91
N LEU D 197 79.23 26.50 0.35
CA LEU D 197 78.10 27.40 0.24
C LEU D 197 77.91 27.78 -1.23
N ALA D 198 76.97 27.08 -1.87
CA ALA D 198 76.62 27.35 -3.25
C ALA D 198 75.67 28.52 -3.30
N TYR D 199 75.93 29.47 -4.20
CA TYR D 199 75.07 30.63 -4.32
C TYR D 199 74.92 31.12 -5.75
N ALA D 200 73.81 31.82 -6.00
CA ALA D 200 73.55 32.41 -7.30
C ALA D 200 73.72 33.92 -7.25
N GLN D 201 74.19 34.48 -8.36
CA GLN D 201 74.32 35.93 -8.54
C GLN D 201 73.41 36.39 -9.69
N PHE D 202 72.64 37.44 -9.44
CA PHE D 202 71.71 37.96 -10.44
C PHE D 202 72.07 39.37 -10.84
N ASN D 203 72.00 39.63 -12.15
CA ASN D 203 72.40 40.91 -12.72
C ASN D 203 71.23 41.55 -13.47
N ASP D 204 70.69 42.62 -12.88
CA ASP D 204 69.54 43.33 -13.46
C ASP D 204 69.93 44.63 -14.18
N THR D 205 71.19 44.74 -14.61
CA THR D 205 71.74 45.99 -15.17
C THR D 205 70.92 46.59 -16.33
N GLU D 206 70.49 45.76 -17.28
CA GLU D 206 69.73 46.24 -18.42
C GLU D 206 68.23 45.93 -18.32
N VAL D 207 67.81 45.42 -17.17
CA VAL D 207 66.39 45.16 -16.90
C VAL D 207 65.68 46.48 -16.62
N PRO D 208 64.68 46.81 -17.47
CA PRO D 208 63.94 48.07 -17.31
C PRO D 208 63.23 48.15 -15.97
N LEU D 209 62.97 49.38 -15.51
CA LEU D 209 62.32 49.60 -14.23
C LEU D 209 60.82 49.80 -14.39
N ILE D 210 60.03 49.22 -13.50
CA ILE D 210 58.61 49.54 -13.41
C ILE D 210 58.46 50.64 -12.36
N GLU D 211 57.85 51.76 -12.77
CA GLU D 211 57.74 52.89 -11.88
C GLU D 211 56.29 53.17 -11.50
N TYR D 212 56.05 53.34 -10.21
CA TYR D 212 54.73 53.68 -9.71
C TYR D 212 54.80 54.57 -8.47
N SER D 213 53.79 55.40 -8.29
CA SER D 213 53.71 56.27 -7.12
C SER D 213 53.42 55.46 -5.86
N PHE D 214 54.10 55.81 -4.78
CA PHE D 214 53.74 55.33 -3.46
C PHE D 214 53.40 56.57 -2.67
N TYR D 215 52.23 56.57 -2.05
CA TYR D 215 51.71 57.77 -1.42
C TYR D 215 52.06 57.89 0.06
N SER D 216 52.29 56.74 0.69
CA SER D 216 52.75 56.69 2.09
C SER D 216 51.74 57.29 3.07
N ASP D 217 52.17 57.49 4.30
CA ASP D 217 51.33 58.15 5.29
C ASP D 217 50.92 59.53 4.79
N GLU D 218 49.78 59.98 5.27
CA GLU D 218 49.22 61.30 4.98
C GLU D 218 50.25 62.42 5.13
N SER D 219 51.23 62.23 6.01
CA SER D 219 52.23 63.25 6.31
C SER D 219 53.23 63.48 5.17
N LEU D 220 53.36 62.52 4.27
CA LEU D 220 54.27 62.65 3.12
C LEU D 220 53.71 63.65 2.12
N GLN D 221 54.43 64.76 1.95
CA GLN D 221 53.96 65.83 1.07
C GLN D 221 54.03 65.49 -0.43
N TYR D 222 55.13 64.85 -0.84
CA TYR D 222 55.31 64.48 -2.24
C TYR D 222 55.37 62.96 -2.39
N PRO D 223 54.51 62.38 -3.26
CA PRO D 223 54.51 60.93 -3.43
C PRO D 223 55.85 60.43 -3.94
N LYS D 224 56.31 59.30 -3.43
CA LYS D 224 57.58 58.74 -3.89
C LYS D 224 57.39 57.77 -5.05
N THR D 225 58.33 57.78 -5.98
CA THR D 225 58.31 56.83 -7.09
C THR D 225 59.12 55.60 -6.72
N VAL D 226 58.43 54.47 -6.59
CA VAL D 226 59.09 53.19 -6.41
C VAL D 226 59.56 52.73 -7.78
N ARG D 227 60.81 52.30 -7.88
CA ARG D 227 61.40 51.85 -9.14
C ARG D 227 61.96 50.43 -9.00
N VAL D 228 61.30 49.46 -9.61
CA VAL D 228 61.72 48.05 -9.50
C VAL D 228 62.20 47.50 -10.84
N PRO D 229 63.38 46.85 -10.86
CA PRO D 229 63.83 46.15 -12.06
C PRO D 229 62.91 44.96 -12.34
N TYR D 230 62.08 45.10 -13.36
CA TYR D 230 61.01 44.15 -13.64
C TYR D 230 61.02 43.83 -15.13
N PRO D 231 61.41 42.59 -15.48
CA PRO D 231 61.38 42.22 -16.90
C PRO D 231 60.00 41.76 -17.33
N LYS D 232 59.29 42.61 -18.06
CA LYS D 232 57.98 42.28 -18.61
C LYS D 232 58.17 41.36 -19.81
N ALA D 233 57.10 40.68 -20.21
CA ALA D 233 57.16 39.76 -21.34
C ALA D 233 57.90 40.40 -22.52
N GLY D 234 59.00 39.79 -22.92
CA GLY D 234 59.77 40.24 -24.08
C GLY D 234 60.88 41.25 -23.80
N ALA D 235 60.94 41.78 -22.59
CA ALA D 235 61.98 42.74 -22.20
C ALA D 235 63.33 42.05 -21.97
N VAL D 236 64.34 42.81 -21.55
CA VAL D 236 65.66 42.26 -21.29
C VAL D 236 65.69 41.59 -19.90
N ASN D 237 65.91 40.28 -19.90
CA ASN D 237 65.92 39.49 -18.66
C ASN D 237 67.18 39.68 -17.83
N PRO D 238 67.12 39.32 -16.53
CA PRO D 238 68.31 39.28 -15.70
C PRO D 238 69.23 38.11 -16.06
N THR D 239 70.54 38.35 -16.08
CA THR D 239 71.51 37.29 -16.32
C THR D 239 71.88 36.64 -14.99
N VAL D 240 72.40 35.42 -15.03
CA VAL D 240 72.72 34.70 -13.79
C VAL D 240 74.04 33.90 -13.85
N LYS D 241 74.80 33.98 -12.77
CA LYS D 241 76.01 33.19 -12.58
C LYS D 241 75.86 32.33 -11.33
N PHE D 242 76.55 31.20 -11.30
CA PHE D 242 76.52 30.30 -10.14
C PHE D 242 77.91 30.11 -9.56
N PHE D 243 77.99 30.15 -8.23
CA PHE D 243 79.26 30.02 -7.52
C PHE D 243 79.14 29.08 -6.33
N VAL D 244 80.26 28.47 -5.94
CA VAL D 244 80.36 27.62 -4.74
C VAL D 244 81.63 28.01 -3.99
N VAL D 245 81.54 28.06 -2.65
CA VAL D 245 82.69 28.43 -1.83
C VAL D 245 82.86 27.51 -0.60
N ASN D 246 84.08 27.00 -0.40
CA ASN D 246 84.42 26.18 0.76
C ASN D 246 84.52 27.05 2.01
N THR D 247 83.58 26.86 2.94
CA THR D 247 83.49 27.71 4.13
C THR D 247 84.51 27.38 5.23
N ASP D 248 85.08 26.18 5.17
CA ASP D 248 86.08 25.78 6.15
C ASP D 248 87.44 26.45 5.91
N SER D 249 87.80 26.63 4.64
CA SER D 249 89.09 27.22 4.27
C SER D 249 89.03 28.74 4.08
N LEU D 250 88.11 29.39 4.79
CA LEU D 250 87.99 30.85 4.74
C LEU D 250 89.03 31.53 5.62
N SER D 251 89.66 32.57 5.07
CA SER D 251 90.66 33.35 5.81
C SER D 251 90.18 34.77 6.04
N SER D 252 90.74 35.43 7.06
CA SER D 252 90.42 36.82 7.36
C SER D 252 91.56 37.75 6.95
N VAL D 253 92.47 37.23 6.13
CA VAL D 253 93.63 37.98 5.64
C VAL D 253 93.54 38.13 4.12
N THR D 254 92.83 37.20 3.48
CA THR D 254 92.69 37.17 2.03
C THR D 254 91.23 36.92 1.59
N ASN D 255 90.82 37.58 0.51
CA ASN D 255 89.47 37.44 -0.05
C ASN D 255 89.11 36.01 -0.44
N ALA D 256 87.89 35.60 -0.13
CA ALA D 256 87.40 34.25 -0.42
C ALA D 256 87.16 34.02 -1.91
N THR D 257 87.97 33.16 -2.51
CA THR D 257 87.84 32.83 -3.94
C THR D 257 86.66 31.88 -4.17
N SER D 258 85.69 32.33 -4.96
CA SER D 258 84.49 31.56 -5.26
C SER D 258 84.58 30.88 -6.63
N ILE D 259 84.42 29.56 -6.63
CA ILE D 259 84.49 28.78 -7.87
C ILE D 259 83.19 28.87 -8.66
N GLN D 260 83.29 29.40 -9.89
CA GLN D 260 82.12 29.54 -10.75
C GLN D 260 81.85 28.27 -11.52
N ILE D 261 80.59 27.83 -11.48
CA ILE D 261 80.10 26.75 -12.31
C ILE D 261 79.32 27.43 -13.45
N THR D 262 79.80 27.29 -14.67
CA THR D 262 79.16 27.93 -15.81
C THR D 262 78.05 27.04 -16.37
N ALA D 263 77.02 27.67 -16.91
CA ALA D 263 75.90 26.96 -17.54
C ALA D 263 76.37 26.23 -18.80
N PRO D 264 75.75 25.07 -19.11
CA PRO D 264 76.07 24.29 -20.31
C PRO D 264 75.95 25.11 -21.60
N ALA D 265 76.74 24.74 -22.61
CA ALA D 265 76.80 25.46 -23.89
C ALA D 265 75.43 25.69 -24.55
N SER D 266 74.55 24.69 -24.44
CA SER D 266 73.21 24.74 -25.03
C SER D 266 72.31 25.79 -24.40
N MET D 267 72.74 26.34 -23.26
CA MET D 267 72.00 27.38 -22.57
C MET D 267 72.53 28.77 -22.90
N LEU D 268 73.84 28.85 -23.14
CA LEU D 268 74.54 30.11 -23.40
C LEU D 268 74.23 30.73 -24.77
N ILE D 269 73.63 29.96 -25.68
CA ILE D 269 73.25 30.45 -27.01
C ILE D 269 72.21 31.57 -26.98
N GLY D 270 71.50 31.68 -25.85
CA GLY D 270 70.48 32.71 -25.66
C GLY D 270 70.20 32.91 -24.19
N ASP D 271 69.16 33.67 -23.90
CA ASP D 271 68.76 33.93 -22.52
C ASP D 271 68.35 32.63 -21.85
N HIS D 272 68.71 32.49 -20.58
CA HIS D 272 68.38 31.30 -19.80
C HIS D 272 68.16 31.64 -18.35
N TYR D 273 67.66 30.68 -17.59
CA TYR D 273 67.49 30.83 -16.15
C TYR D 273 68.16 29.66 -15.42
N LEU D 274 68.39 29.85 -14.13
CA LEU D 274 68.76 28.77 -13.25
C LEU D 274 67.48 28.44 -12.51
N CYS D 275 66.89 27.28 -12.83
CA CYS D 275 65.60 26.89 -12.26
C CYS D 275 65.68 25.97 -11.04
N ASP D 276 66.75 25.20 -10.93
CA ASP D 276 66.91 24.31 -9.77
C ASP D 276 68.37 24.11 -9.34
N VAL D 277 68.55 24.01 -8.02
CA VAL D 277 69.85 23.74 -7.40
C VAL D 277 69.63 22.70 -6.30
N THR D 278 70.24 21.53 -6.44
CA THR D 278 70.09 20.46 -5.43
C THR D 278 71.40 19.74 -5.14
N TRP D 279 71.74 19.66 -3.86
CA TRP D 279 72.93 18.93 -3.41
C TRP D 279 72.72 17.45 -3.45
N ALA D 280 73.63 16.76 -4.14
CA ALA D 280 73.58 15.30 -4.22
C ALA D 280 74.27 14.68 -3.00
N THR D 281 75.55 14.96 -2.85
CA THR D 281 76.32 14.52 -1.67
C THR D 281 77.11 15.68 -1.09
N GLN D 282 78.28 15.37 -0.55
CA GLN D 282 79.16 16.39 0.03
C GLN D 282 79.99 17.03 -1.08
N GLU D 283 80.31 16.24 -2.10
CA GLU D 283 81.19 16.66 -3.18
C GLU D 283 80.53 16.54 -4.56
N ARG D 284 79.20 16.57 -4.58
CA ARG D 284 78.43 16.51 -5.81
C ARG D 284 77.21 17.41 -5.71
N ILE D 285 77.04 18.28 -6.71
CA ILE D 285 75.93 19.23 -6.75
C ILE D 285 75.27 19.22 -8.13
N SER D 286 73.94 19.34 -8.15
CA SER D 286 73.18 19.31 -9.39
C SER D 286 72.47 20.63 -9.67
N LEU D 287 72.74 21.18 -10.85
CA LEU D 287 72.08 22.42 -11.29
C LEU D 287 71.15 22.11 -12.45
N GLN D 288 70.00 22.76 -12.47
CA GLN D 288 69.10 22.67 -13.61
C GLN D 288 68.95 24.03 -14.26
N TRP D 289 69.23 24.06 -15.56
CA TRP D 289 69.14 25.27 -16.35
C TRP D 289 67.94 25.22 -17.23
N LEU D 290 67.44 26.38 -17.63
CA LEU D 290 66.21 26.46 -18.37
C LEU D 290 66.36 27.55 -19.42
N ARG D 291 66.11 27.24 -20.68
CA ARG D 291 66.11 28.26 -21.73
C ARG D 291 64.97 29.26 -21.51
N ARG D 292 65.14 30.48 -22.03
CA ARG D 292 64.09 31.50 -21.97
C ARG D 292 62.79 30.96 -22.59
N ILE D 293 62.94 30.30 -23.75
CA ILE D 293 61.88 29.51 -24.35
C ILE D 293 61.81 28.26 -23.48
N GLN D 294 60.88 28.25 -22.54
CA GLN D 294 60.87 27.28 -21.45
C GLN D 294 60.41 25.84 -21.79
N ASN D 295 60.87 25.31 -22.92
CA ASN D 295 60.54 23.94 -23.31
C ASN D 295 61.76 23.02 -23.41
N TYR D 296 62.93 23.59 -23.15
CA TYR D 296 64.19 22.84 -23.18
C TYR D 296 64.99 23.12 -21.90
N SER D 297 65.25 22.06 -21.13
CA SER D 297 66.01 22.21 -19.89
C SER D 297 67.10 21.15 -19.75
N VAL D 298 68.20 21.52 -19.10
CA VAL D 298 69.32 20.60 -18.86
C VAL D 298 69.74 20.55 -17.39
N MET D 299 70.01 19.34 -16.91
CA MET D 299 70.56 19.14 -15.56
C MET D 299 72.05 18.87 -15.68
N ASP D 300 72.84 19.59 -14.88
CA ASP D 300 74.29 19.46 -14.91
C ASP D 300 74.79 18.99 -13.54
N ILE D 301 75.21 17.72 -13.48
CA ILE D 301 75.78 17.14 -12.27
C ILE D 301 77.26 17.49 -12.21
N CYS D 302 77.68 18.13 -11.12
CA CYS D 302 79.04 18.65 -11.00
C CYS D 302 79.78 18.12 -9.78
N ASP D 303 80.84 17.36 -10.04
CA ASP D 303 81.71 16.80 -9.00
C ASP D 303 82.78 17.79 -8.55
N TYR D 304 83.17 17.71 -7.29
CA TYR D 304 84.22 18.55 -6.73
C TYR D 304 85.60 17.92 -6.95
N ASP D 305 86.41 18.56 -7.79
CA ASP D 305 87.78 18.13 -8.03
C ASP D 305 88.62 18.50 -6.82
N GLU D 306 88.91 17.51 -5.97
CA GLU D 306 89.61 17.73 -4.71
C GLU D 306 91.04 18.22 -4.90
N SER D 307 91.65 17.86 -6.02
CA SER D 307 93.02 18.29 -6.34
C SER D 307 93.04 19.72 -6.91
N SER D 308 92.19 19.97 -7.91
CA SER D 308 92.16 21.26 -8.60
C SER D 308 91.50 22.37 -7.80
N GLY D 309 90.48 22.01 -7.02
CA GLY D 309 89.70 22.99 -6.26
C GLY D 309 88.49 23.45 -7.04
N ARG D 310 88.51 23.19 -8.36
CA ARG D 310 87.41 23.56 -9.25
C ARG D 310 86.28 22.54 -9.20
N TRP D 311 85.17 22.86 -9.87
CA TRP D 311 84.02 21.97 -9.98
C TRP D 311 83.85 21.52 -11.39
N ASN D 312 83.90 20.20 -11.60
CA ASN D 312 83.80 19.64 -12.94
C ASN D 312 82.44 19.02 -13.25
N CYS D 313 81.85 19.46 -14.36
CA CYS D 313 80.55 18.97 -14.81
C CYS D 313 80.70 18.17 -16.11
N LEU D 314 80.65 16.84 -16.00
CA LEU D 314 80.82 15.94 -17.14
C LEU D 314 79.63 16.01 -18.11
N VAL D 315 79.94 16.02 -19.40
CA VAL D 315 78.94 16.13 -20.45
C VAL D 315 78.09 14.85 -20.57
N ALA D 316 78.67 13.72 -20.21
CA ALA D 316 77.95 12.45 -20.18
C ALA D 316 76.94 12.43 -19.04
N ARG D 317 77.34 13.00 -17.90
CA ARG D 317 76.51 13.05 -16.69
C ARG D 317 75.33 14.01 -16.82
N GLN D 318 75.26 14.74 -17.93
CA GLN D 318 74.15 15.65 -18.20
C GLN D 318 72.86 14.92 -18.51
N HIS D 319 71.73 15.58 -18.26
CA HIS D 319 70.42 15.04 -18.59
C HIS D 319 69.54 16.11 -19.19
N ILE D 320 68.95 15.81 -20.34
CA ILE D 320 68.09 16.77 -21.03
C ILE D 320 66.61 16.45 -20.75
N GLU D 321 65.87 17.45 -20.26
CA GLU D 321 64.43 17.33 -20.11
C GLU D 321 63.76 18.35 -21.01
N MET D 322 63.05 17.86 -22.02
CA MET D 322 62.35 18.74 -22.96
C MET D 322 60.89 18.31 -23.14
N SER D 323 60.08 19.25 -23.63
CA SER D 323 58.66 19.01 -23.84
C SER D 323 58.26 19.58 -25.21
N THR D 324 57.70 18.71 -26.06
CA THR D 324 57.26 19.11 -27.38
C THR D 324 55.85 19.70 -27.36
N THR D 325 55.07 19.28 -26.37
CA THR D 325 53.65 19.66 -26.26
C THR D 325 53.43 20.98 -25.50
N GLY D 326 54.47 21.49 -24.87
CA GLY D 326 54.39 22.76 -24.15
C GLY D 326 55.70 23.14 -23.49
N TRP D 327 55.61 23.57 -22.25
CA TRP D 327 56.75 23.97 -21.44
C TRP D 327 57.23 22.82 -20.59
N VAL D 328 58.43 22.95 -20.01
CA VAL D 328 59.00 21.89 -19.16
C VAL D 328 58.62 22.02 -17.68
N GLY D 329 57.98 20.98 -17.14
CA GLY D 329 57.56 20.94 -15.74
C GLY D 329 56.21 21.58 -15.50
N ARG D 330 55.76 21.56 -14.25
CA ARG D 330 54.49 22.21 -13.87
C ARG D 330 54.65 23.72 -13.88
N PHE D 331 55.62 24.23 -13.13
CA PHE D 331 56.00 25.64 -13.16
C PHE D 331 57.49 25.76 -13.41
N ARG D 332 58.21 24.68 -13.12
CA ARG D 332 59.64 24.54 -13.37
C ARG D 332 60.01 23.06 -13.27
N PRO D 333 61.12 22.65 -13.92
CA PRO D 333 61.53 21.25 -13.82
C PRO D 333 61.60 20.79 -12.37
N SER D 334 61.25 19.52 -12.14
CA SER D 334 61.21 18.95 -10.79
C SER D 334 62.61 18.78 -10.18
N GLU D 335 62.70 18.94 -8.87
CA GLU D 335 63.97 18.81 -8.15
C GLU D 335 64.36 17.33 -8.00
N PRO D 336 65.66 17.02 -8.13
CA PRO D 336 66.11 15.63 -8.03
C PRO D 336 66.42 15.19 -6.61
N HIS D 337 65.86 14.05 -6.20
CA HIS D 337 66.16 13.45 -4.91
C HIS D 337 67.18 12.37 -5.11
N PHE D 338 68.33 12.54 -4.48
CA PHE D 338 69.46 11.63 -4.68
C PHE D 338 69.56 10.52 -3.66
N THR D 339 70.00 9.35 -4.14
CA THR D 339 70.28 8.19 -3.30
C THR D 339 71.44 8.58 -2.39
N LEU D 340 71.50 7.98 -1.20
CA LEU D 340 72.55 8.27 -0.22
C LEU D 340 73.96 8.37 -0.84
N ASP D 341 74.30 7.41 -1.70
CA ASP D 341 75.61 7.37 -2.35
C ASP D 341 75.83 8.51 -3.37
N GLY D 342 74.73 9.00 -3.94
CA GLY D 342 74.79 10.10 -4.89
C GLY D 342 74.92 9.70 -6.34
N ASN D 343 74.91 8.39 -6.60
CA ASN D 343 75.08 7.87 -7.96
C ASN D 343 73.76 7.54 -8.69
N SER D 344 72.65 7.94 -8.08
CA SER D 344 71.32 7.80 -8.67
C SER D 344 70.37 8.84 -8.09
N PHE D 345 69.33 9.20 -8.86
CA PHE D 345 68.34 10.17 -8.38
C PHE D 345 66.93 9.94 -8.91
N TYR D 346 65.94 10.26 -8.07
CA TYR D 346 64.53 10.16 -8.45
C TYR D 346 64.00 11.55 -8.78
N LYS D 347 63.28 11.65 -9.90
CA LYS D 347 62.79 12.93 -10.41
C LYS D 347 61.45 12.76 -11.13
N ILE D 348 60.53 13.69 -10.88
CA ILE D 348 59.21 13.69 -11.52
C ILE D 348 59.29 14.31 -12.91
N ILE D 349 58.93 13.52 -13.92
CA ILE D 349 58.89 13.99 -15.32
C ILE D 349 57.61 13.53 -16.03
N SER D 350 57.35 14.13 -17.19
CA SER D 350 56.20 13.77 -18.02
C SER D 350 56.55 12.54 -18.86
N ASN D 351 55.78 11.46 -18.70
CA ASN D 351 56.00 10.23 -19.47
C ASN D 351 55.54 10.35 -20.93
N GLU D 352 55.64 9.25 -21.68
CA GLU D 352 55.26 9.22 -23.09
C GLU D 352 53.79 9.59 -23.34
N GLU D 353 52.95 9.39 -22.33
CA GLU D 353 51.51 9.63 -22.44
C GLU D 353 50.98 10.80 -21.60
N GLY D 354 51.86 11.75 -21.27
CA GLY D 354 51.46 13.00 -20.64
C GLY D 354 51.33 13.07 -19.13
N TYR D 355 51.37 11.93 -18.46
CA TYR D 355 51.21 11.90 -17.00
C TYR D 355 52.55 12.02 -16.26
N ARG D 356 52.52 12.74 -15.15
CA ARG D 356 53.74 13.03 -14.39
C ARG D 356 54.00 12.01 -13.27
N HIS D 357 55.04 11.21 -13.49
CA HIS D 357 55.43 10.14 -12.58
C HIS D 357 56.89 10.18 -12.24
N ILE D 358 57.32 9.29 -11.34
CA ILE D 358 58.71 9.26 -10.88
C ILE D 358 59.57 8.35 -11.75
N CYS D 359 60.66 8.91 -12.29
CA CYS D 359 61.59 8.15 -13.11
C CYS D 359 62.89 7.96 -12.35
N TYR D 360 63.39 6.72 -12.34
CA TYR D 360 64.65 6.40 -11.67
C TYR D 360 65.83 6.59 -12.63
N PHE D 361 66.66 7.59 -12.32
CA PHE D 361 67.81 7.94 -13.14
C PHE D 361 69.09 7.30 -12.63
N GLN D 362 70.00 7.03 -13.57
CA GLN D 362 71.34 6.56 -13.24
C GLN D 362 72.29 7.48 -14.01
N ILE D 363 73.09 8.23 -13.26
CA ILE D 363 73.95 9.31 -13.79
C ILE D 363 74.67 9.00 -15.11
N ASP D 364 75.07 7.74 -15.30
CA ASP D 364 75.81 7.32 -16.49
C ASP D 364 75.01 7.52 -17.79
N LYS D 365 73.95 6.74 -17.96
CA LYS D 365 73.14 6.78 -19.18
C LYS D 365 71.97 7.78 -19.13
N LYS D 366 71.55 8.22 -20.31
CA LYS D 366 70.54 9.28 -20.45
C LYS D 366 69.11 8.83 -20.16
N ASP D 367 68.80 7.58 -20.53
CA ASP D 367 67.47 7.02 -20.33
C ASP D 367 67.21 6.61 -18.88
N CYS D 368 65.98 6.84 -18.42
CA CYS D 368 65.56 6.44 -17.08
C CYS D 368 64.39 5.46 -17.17
N THR D 369 64.09 4.80 -16.05
CA THR D 369 62.96 3.87 -15.97
C THR D 369 61.94 4.33 -14.94
N PHE D 370 60.68 4.43 -15.37
CA PHE D 370 59.60 4.89 -14.51
C PHE D 370 59.24 3.89 -13.41
N ILE D 371 59.12 4.39 -12.18
CA ILE D 371 58.75 3.54 -11.04
C ILE D 371 57.24 3.60 -10.77
N THR D 372 56.56 4.51 -11.46
CA THR D 372 55.09 4.64 -11.37
C THR D 372 54.45 4.85 -12.74
N LYS D 373 53.27 4.26 -12.93
CA LYS D 373 52.51 4.37 -14.17
C LYS D 373 51.06 4.72 -13.82
N GLY D 374 50.27 5.15 -14.80
CA GLY D 374 48.83 5.36 -14.60
C GLY D 374 48.28 6.72 -15.00
N THR D 375 46.95 6.80 -15.07
CA THR D 375 46.26 8.04 -15.41
C THR D 375 46.00 8.88 -14.15
N TRP D 376 47.11 9.30 -13.54
CA TRP D 376 47.12 10.14 -12.36
C TRP D 376 48.51 10.68 -12.22
N GLU D 377 48.70 11.72 -11.40
CA GLU D 377 50.01 12.36 -11.30
C GLU D 377 50.60 12.32 -9.90
N VAL D 378 51.93 12.19 -9.83
CA VAL D 378 52.66 12.30 -8.57
C VAL D 378 52.91 13.79 -8.31
N ILE D 379 52.49 14.27 -7.15
CA ILE D 379 52.60 15.70 -6.82
C ILE D 379 54.01 16.07 -6.39
N GLY D 380 54.66 15.17 -5.65
CA GLY D 380 56.02 15.41 -5.18
C GLY D 380 56.60 14.24 -4.40
N ILE D 381 57.92 14.09 -4.48
CA ILE D 381 58.65 13.10 -3.68
C ILE D 381 58.86 13.73 -2.31
N GLU D 382 58.54 13.00 -1.25
CA GLU D 382 58.60 13.56 0.09
C GLU D 382 59.76 13.03 0.94
N ALA D 383 60.09 11.75 0.77
CA ALA D 383 61.22 11.15 1.48
C ALA D 383 61.84 9.99 0.69
N LEU D 384 63.13 9.75 0.92
CA LEU D 384 63.79 8.56 0.36
C LEU D 384 64.87 7.99 1.29
N THR D 385 64.53 6.86 1.92
CA THR D 385 65.49 6.11 2.69
C THR D 385 66.14 5.10 1.72
N SER D 386 67.13 4.36 2.20
CA SER D 386 67.81 3.36 1.37
C SER D 386 66.92 2.13 1.08
N ASP D 387 65.73 2.12 1.67
CA ASP D 387 64.76 1.03 1.47
C ASP D 387 63.49 1.47 0.74
N TYR D 388 62.90 2.58 1.20
CA TYR D 388 61.62 3.05 0.68
C TYR D 388 61.63 4.47 0.10
N LEU D 389 60.68 4.72 -0.81
CA LEU D 389 60.45 6.03 -1.41
C LEU D 389 59.02 6.45 -1.09
N TYR D 390 58.87 7.66 -0.55
CA TYR D 390 57.57 8.18 -0.15
C TYR D 390 57.17 9.36 -1.04
N TYR D 391 55.93 9.34 -1.54
CA TYR D 391 55.43 10.41 -2.39
C TYR D 391 53.94 10.71 -2.19
N ILE D 392 53.51 11.90 -2.58
CA ILE D 392 52.11 12.29 -2.57
C ILE D 392 51.57 12.31 -3.99
N SER D 393 50.40 11.71 -4.21
CA SER D 393 49.77 11.68 -5.53
C SER D 393 48.25 11.75 -5.46
N ASN D 394 47.62 11.84 -6.64
CA ASN D 394 46.16 11.92 -6.74
C ASN D 394 45.55 10.66 -7.37
N GLU D 395 46.12 9.50 -7.01
CA GLU D 395 45.69 8.22 -7.56
C GLU D 395 44.39 7.71 -6.95
N TYR D 396 44.32 7.74 -5.62
CA TYR D 396 43.19 7.17 -4.86
C TYR D 396 41.82 7.65 -5.31
N LYS D 397 40.93 6.69 -5.54
CA LYS D 397 39.57 6.93 -6.03
C LYS D 397 39.53 7.73 -7.34
N GLY D 398 40.70 7.87 -7.97
CA GLY D 398 40.84 8.58 -9.24
C GLY D 398 40.47 10.05 -9.16
N MET D 399 40.81 10.67 -8.03
CA MET D 399 40.51 12.08 -7.80
C MET D 399 41.75 12.95 -7.91
N PRO D 400 41.85 13.74 -8.99
CA PRO D 400 42.96 14.67 -9.21
C PRO D 400 43.01 15.76 -8.14
N GLY D 401 41.87 16.04 -7.53
CA GLY D 401 41.77 17.07 -6.48
C GLY D 401 42.06 16.56 -5.08
N GLY D 402 42.36 15.28 -4.98
CA GLY D 402 42.71 14.65 -3.70
C GLY D 402 44.20 14.41 -3.57
N ARG D 403 44.67 14.25 -2.34
CA ARG D 403 46.09 14.01 -2.09
C ARG D 403 46.26 12.94 -1.02
N ASN D 404 47.07 11.93 -1.34
CA ASN D 404 47.37 10.87 -0.39
C ASN D 404 48.84 10.45 -0.43
N LEU D 405 49.34 9.95 0.69
CA LEU D 405 50.74 9.56 0.82
C LEU D 405 50.96 8.08 0.54
N TYR D 406 51.83 7.81 -0.43
CA TYR D 406 52.13 6.46 -0.87
C TYR D 406 53.56 6.06 -0.51
N LYS D 407 53.76 4.77 -0.32
CA LYS D 407 55.07 4.18 -0.03
C LYS D 407 55.39 3.18 -1.12
N ILE D 408 56.54 3.36 -1.79
CA ILE D 408 56.97 2.44 -2.84
C ILE D 408 58.33 1.80 -2.55
N GLN D 409 58.39 0.47 -2.63
CA GLN D 409 59.61 -0.28 -2.39
C GLN D 409 60.56 -0.18 -3.58
N LEU D 410 61.82 0.17 -3.31
CA LEU D 410 62.84 0.33 -4.34
C LEU D 410 63.18 -0.99 -5.04
N SER D 411 63.39 -2.04 -4.24
CA SER D 411 63.75 -3.35 -4.76
C SER D 411 62.66 -3.98 -5.64
N ASP D 412 61.41 -3.70 -5.30
CA ASP D 412 60.26 -4.20 -6.06
C ASP D 412 59.20 -3.11 -6.18
N TYR D 413 59.07 -2.56 -7.39
CA TYR D 413 58.18 -1.41 -7.65
C TYR D 413 56.68 -1.73 -7.60
N THR D 414 56.33 -3.01 -7.49
CA THR D 414 54.93 -3.43 -7.42
C THR D 414 54.33 -3.21 -6.03
N LYS D 415 55.13 -3.39 -4.99
CA LYS D 415 54.67 -3.22 -3.60
C LYS D 415 54.50 -1.75 -3.21
N VAL D 416 53.35 -1.19 -3.57
CA VAL D 416 53.05 0.21 -3.23
C VAL D 416 51.92 0.26 -2.21
N THR D 417 52.22 0.81 -1.03
CA THR D 417 51.24 0.93 0.06
C THR D 417 50.82 2.39 0.26
N CYS D 418 49.52 2.62 0.29
CA CYS D 418 49.01 3.95 0.62
C CYS D 418 48.87 4.07 2.14
N LEU D 419 49.63 5.01 2.70
CA LEU D 419 49.71 5.16 4.16
C LEU D 419 48.56 6.01 4.73
N SER D 420 47.95 6.84 3.90
CA SER D 420 46.95 7.79 4.37
C SER D 420 45.54 7.59 3.79
N CYS D 421 45.42 6.71 2.79
CA CYS D 421 44.17 6.50 2.06
C CYS D 421 42.96 6.15 2.94
N GLU D 422 43.14 5.19 3.83
CA GLU D 422 42.02 4.63 4.60
C GLU D 422 42.14 4.87 6.11
N LEU D 423 42.84 5.95 6.48
CA LEU D 423 42.97 6.32 7.89
C LEU D 423 41.64 6.89 8.40
N ASN D 424 41.10 7.83 7.64
CA ASN D 424 39.75 8.33 7.85
C ASN D 424 39.24 8.79 6.49
N PRO D 425 38.87 7.83 5.61
CA PRO D 425 38.50 8.11 4.22
C PRO D 425 37.39 9.15 4.07
N GLU D 426 36.56 9.26 5.11
CA GLU D 426 35.39 10.13 5.09
C GLU D 426 35.73 11.62 5.20
N ARG D 427 36.51 11.99 6.22
CA ARG D 427 36.89 13.38 6.44
C ARG D 427 38.24 13.75 5.82
N CYS D 428 39.01 12.75 5.39
CA CYS D 428 40.40 12.96 4.96
C CYS D 428 40.76 12.45 3.57
N GLN D 429 40.99 13.39 2.66
CA GLN D 429 41.27 13.08 1.26
C GLN D 429 42.37 13.97 0.66
N TYR D 430 42.84 14.95 1.43
CA TYR D 430 43.91 15.84 1.01
C TYR D 430 45.00 15.85 2.06
N TYR D 431 46.12 15.19 1.75
CA TYR D 431 47.21 15.00 2.70
C TYR D 431 48.52 15.69 2.32
N SER D 432 49.17 16.26 3.34
CA SER D 432 50.55 16.76 3.23
C SER D 432 51.34 16.15 4.38
N VAL D 433 52.62 15.88 4.15
CA VAL D 433 53.43 15.18 5.15
C VAL D 433 54.69 15.97 5.53
N SER D 434 55.21 15.68 6.72
CA SER D 434 56.46 16.23 7.19
C SER D 434 57.26 15.13 7.87
N PHE D 435 58.38 14.75 7.24
CA PHE D 435 59.23 13.67 7.75
C PHE D 435 60.30 14.15 8.70
N SER D 436 60.71 13.27 9.62
CA SER D 436 61.86 13.51 10.50
C SER D 436 63.15 13.45 9.69
N LYS D 437 64.27 13.82 10.33
CA LYS D 437 65.55 13.94 9.63
C LYS D 437 65.96 12.69 8.84
N GLU D 438 65.86 11.52 9.47
CA GLU D 438 66.13 10.25 8.78
C GLU D 438 64.84 9.53 8.37
N ALA D 439 63.73 10.25 8.44
CA ALA D 439 62.40 9.78 8.01
C ALA D 439 61.87 8.54 8.75
N LYS D 440 62.16 8.46 10.05
CA LYS D 440 61.64 7.36 10.88
C LYS D 440 60.25 7.67 11.44
N TYR D 441 59.97 8.96 11.60
CA TYR D 441 58.66 9.41 12.04
C TYR D 441 58.14 10.48 11.08
N TYR D 442 56.83 10.54 10.90
CA TYR D 442 56.23 11.53 10.01
C TYR D 442 54.88 12.05 10.48
N GLN D 443 54.62 13.32 10.21
CA GLN D 443 53.37 13.97 10.56
C GLN D 443 52.46 14.08 9.34
N LEU D 444 51.18 13.78 9.52
CA LEU D 444 50.19 13.94 8.47
C LEU D 444 49.28 15.13 8.70
N ARG D 445 49.24 16.03 7.72
CA ARG D 445 48.31 17.15 7.74
C ARG D 445 47.16 16.88 6.78
N CYS D 446 45.99 16.63 7.34
CA CYS D 446 44.77 16.43 6.57
C CYS D 446 44.12 17.80 6.36
N SER D 447 43.86 18.15 5.11
CA SER D 447 43.36 19.49 4.78
C SER D 447 41.88 19.51 4.39
N GLY D 448 41.24 18.35 4.42
CA GLY D 448 39.82 18.22 4.04
C GLY D 448 39.49 16.85 3.48
N PRO D 449 38.22 16.63 3.05
CA PRO D 449 37.08 17.56 3.02
C PRO D 449 36.53 17.96 4.39
N GLY D 450 36.79 17.14 5.41
CA GLY D 450 36.38 17.45 6.78
C GLY D 450 37.26 18.51 7.40
N LEU D 451 37.14 18.67 8.72
CA LEU D 451 37.99 19.61 9.46
C LEU D 451 39.39 19.03 9.63
N PRO D 452 40.43 19.83 9.33
CA PRO D 452 41.84 19.42 9.34
C PRO D 452 42.24 18.53 10.52
N LEU D 453 42.97 17.47 10.21
CA LEU D 453 43.43 16.50 11.20
C LEU D 453 44.95 16.34 11.15
N TYR D 454 45.58 16.43 12.32
CA TYR D 454 47.04 16.33 12.45
C TYR D 454 47.42 15.10 13.27
N THR D 455 48.18 14.21 12.65
CA THR D 455 48.55 12.94 13.27
C THR D 455 50.02 12.62 13.07
N LEU D 456 50.63 11.97 14.06
CA LEU D 456 52.01 11.54 13.98
C LEU D 456 52.09 10.02 13.83
N HIS D 457 52.94 9.57 12.91
CA HIS D 457 53.09 8.14 12.62
C HIS D 457 54.53 7.73 12.64
N SER D 458 54.78 6.46 12.95
CA SER D 458 56.12 5.89 12.85
C SER D 458 56.19 5.06 11.57
N SER D 459 57.14 5.39 10.70
CA SER D 459 57.27 4.73 9.39
C SER D 459 57.77 3.29 9.49
N VAL D 460 58.23 2.89 10.67
CA VAL D 460 58.72 1.52 10.93
C VAL D 460 57.64 0.46 10.67
N ASN D 461 56.40 0.75 11.10
CA ASN D 461 55.27 -0.15 10.91
C ASN D 461 54.00 0.58 10.46
N ASP D 462 54.15 1.87 10.16
CA ASP D 462 53.06 2.74 9.65
C ASP D 462 51.88 2.94 10.61
N LYS D 463 51.96 2.36 11.80
CA LYS D 463 50.90 2.50 12.80
C LYS D 463 50.93 3.88 13.44
N GLY D 464 49.77 4.53 13.47
CA GLY D 464 49.61 5.88 14.02
C GLY D 464 49.91 5.95 15.51
N LEU D 465 50.58 7.01 15.92
CA LEU D 465 50.94 7.19 17.33
C LEU D 465 49.88 7.98 18.10
N ARG D 466 49.71 9.26 17.76
CA ARG D 466 48.72 10.10 18.43
C ARG D 466 48.11 11.18 17.54
N VAL D 467 46.95 11.67 17.96
CA VAL D 467 46.28 12.77 17.30
C VAL D 467 46.84 14.08 17.85
N LEU D 468 47.63 14.77 17.03
CA LEU D 468 48.25 16.04 17.42
C LEU D 468 47.24 17.17 17.55
N GLU D 469 46.33 17.25 16.57
CA GLU D 469 45.25 18.23 16.57
C GLU D 469 44.10 17.70 15.71
N ASP D 470 42.91 17.62 16.28
CA ASP D 470 41.74 17.11 15.57
C ASP D 470 40.73 18.20 15.22
N ASN D 471 40.99 19.42 15.70
CA ASN D 471 40.10 20.56 15.52
C ASN D 471 38.72 20.35 16.12
N SER D 472 38.66 19.63 17.22
CA SER D 472 37.41 19.34 17.92
C SER D 472 36.82 20.59 18.55
N ALA D 473 37.68 21.54 18.88
CA ALA D 473 37.28 22.86 19.40
C ALA D 473 36.47 23.63 18.37
N LEU D 474 37.00 23.70 17.14
CA LEU D 474 36.32 24.33 16.02
C LEU D 474 35.06 23.57 15.62
N ASP D 475 35.09 22.25 15.78
CA ASP D 475 33.96 21.39 15.47
C ASP D 475 32.75 21.77 16.31
N LYS D 476 32.94 21.88 17.62
CA LYS D 476 31.86 22.23 18.56
C LYS D 476 31.23 23.60 18.23
N MET D 477 32.05 24.52 17.73
CA MET D 477 31.57 25.84 17.33
C MET D 477 30.67 25.79 16.09
N LEU D 478 31.12 25.08 15.05
CA LEU D 478 30.42 25.03 13.76
C LEU D 478 29.10 24.26 13.77
N GLN D 479 28.84 23.50 14.83
CA GLN D 479 27.59 22.75 14.95
C GLN D 479 26.42 23.69 15.25
N ASN D 480 26.75 24.82 15.87
CA ASN D 480 25.76 25.87 16.18
C ASN D 480 25.49 26.75 14.96
N VAL D 481 26.32 26.62 13.93
CA VAL D 481 26.27 27.47 12.74
C VAL D 481 25.76 26.72 11.50
N GLN D 482 24.90 27.37 10.73
CA GLN D 482 24.42 26.85 9.45
C GLN D 482 25.52 26.96 8.41
N MET D 483 26.31 25.90 8.28
CA MET D 483 27.48 25.90 7.41
C MET D 483 27.19 25.38 6.01
N PRO D 484 27.89 25.92 5.00
CA PRO D 484 27.72 25.40 3.64
C PRO D 484 28.34 24.02 3.46
N SER D 485 27.79 23.26 2.53
CA SER D 485 28.31 21.95 2.17
C SER D 485 29.10 22.06 0.87
N LYS D 486 29.95 21.07 0.61
CA LYS D 486 30.79 21.09 -0.58
C LYS D 486 30.50 19.90 -1.48
N LYS D 487 30.39 20.15 -2.77
CA LYS D 487 30.28 19.08 -3.74
C LYS D 487 31.51 19.05 -4.63
N LEU D 488 32.13 17.87 -4.74
CA LEU D 488 33.26 17.65 -5.62
C LEU D 488 32.84 16.56 -6.61
N ASP D 489 32.78 16.91 -7.89
CA ASP D 489 32.34 15.98 -8.92
C ASP D 489 32.90 16.41 -10.28
N PHE D 490 32.71 15.57 -11.29
CA PHE D 490 33.18 15.85 -12.63
C PHE D 490 32.01 15.95 -13.60
N ILE D 491 32.28 16.51 -14.78
CA ILE D 491 31.32 16.55 -15.88
C ILE D 491 32.05 16.22 -17.18
N ILE D 492 31.48 15.33 -17.98
CA ILE D 492 32.11 14.88 -19.21
C ILE D 492 31.96 15.91 -20.31
N LEU D 493 33.09 16.31 -20.89
CA LEU D 493 33.12 17.22 -22.03
C LEU D 493 34.15 16.71 -23.03
N ASN D 494 33.70 16.42 -24.25
CA ASN D 494 34.55 15.86 -25.31
C ASN D 494 35.36 14.65 -24.82
N GLU D 495 34.65 13.69 -24.24
CA GLU D 495 35.22 12.44 -23.69
C GLU D 495 36.31 12.64 -22.63
N THR D 496 36.27 13.76 -21.94
CA THR D 496 37.24 14.09 -20.89
C THR D 496 36.51 14.43 -19.59
N LYS D 497 37.08 14.02 -18.46
CA LYS D 497 36.54 14.35 -17.14
C LYS D 497 37.09 15.68 -16.64
N PHE D 498 36.25 16.72 -16.68
CA PHE D 498 36.63 18.03 -16.18
C PHE D 498 35.97 18.31 -14.83
N TRP D 499 36.77 18.28 -13.77
CA TRP D 499 36.28 18.39 -12.40
C TRP D 499 35.84 19.78 -12.02
N TYR D 500 34.82 19.82 -11.17
CA TYR D 500 34.30 21.06 -10.62
C TYR D 500 34.08 20.90 -9.12
N GLN D 501 34.19 22.01 -8.39
CA GLN D 501 33.80 22.01 -6.99
C GLN D 501 32.68 23.02 -6.79
N MET D 502 31.88 22.80 -5.74
CA MET D 502 30.71 23.63 -5.53
C MET D 502 30.47 23.88 -4.04
N ILE D 503 30.33 25.16 -3.69
CA ILE D 503 30.02 25.55 -2.32
C ILE D 503 28.52 25.82 -2.24
N LEU D 504 27.79 24.83 -1.73
CA LEU D 504 26.34 24.86 -1.70
C LEU D 504 25.83 25.44 -0.38
N PRO D 505 24.83 26.33 -0.46
CA PRO D 505 24.18 26.90 0.71
C PRO D 505 23.63 25.83 1.66
N PRO D 506 23.49 26.17 2.96
CA PRO D 506 22.90 25.21 3.90
C PRO D 506 21.47 24.91 3.51
N HIS D 507 20.99 23.71 3.84
CA HIS D 507 19.64 23.25 3.49
C HIS D 507 19.42 23.29 2.00
N PHE D 508 20.44 22.89 1.24
CA PHE D 508 20.42 22.94 -0.22
C PHE D 508 19.29 22.11 -0.82
N ASP D 509 18.55 22.72 -1.73
CA ASP D 509 17.36 22.12 -2.34
C ASP D 509 17.36 22.43 -3.84
N LYS D 510 17.63 21.41 -4.67
CA LYS D 510 17.75 21.64 -6.12
C LYS D 510 16.45 21.93 -6.86
N SER D 511 15.36 22.08 -6.12
CA SER D 511 14.10 22.51 -6.70
C SER D 511 14.13 24.02 -6.86
N LYS D 512 14.79 24.71 -5.93
CA LYS D 512 14.97 26.16 -5.99
C LYS D 512 16.00 26.56 -7.05
N LYS D 513 15.98 27.84 -7.42
CA LYS D 513 16.96 28.41 -8.36
C LYS D 513 17.86 29.40 -7.62
N TYR D 514 19.09 28.98 -7.33
CA TYR D 514 20.06 29.79 -6.59
C TYR D 514 20.96 30.60 -7.54
N PRO D 515 21.35 31.82 -7.12
CA PRO D 515 22.31 32.59 -7.91
C PRO D 515 23.69 31.95 -7.84
N LEU D 516 24.46 32.05 -8.93
CA LEU D 516 25.76 31.40 -8.99
C LEU D 516 26.91 32.39 -9.11
N LEU D 517 27.96 32.15 -8.32
CA LEU D 517 29.20 32.91 -8.45
C LEU D 517 30.31 31.96 -8.86
N LEU D 518 30.89 32.23 -10.03
CA LEU D 518 31.96 31.40 -10.54
C LEU D 518 33.29 31.91 -10.02
N ASP D 519 33.86 31.17 -9.07
CA ASP D 519 35.15 31.48 -8.47
C ASP D 519 36.23 30.96 -9.43
N VAL D 520 37.04 31.86 -9.96
CA VAL D 520 37.94 31.50 -11.05
C VAL D 520 39.42 31.85 -10.86
N TYR D 521 40.27 30.90 -11.24
CA TYR D 521 41.71 31.09 -11.36
C TYR D 521 42.02 30.72 -12.81
N ALA D 522 41.86 29.45 -13.14
CA ALA D 522 41.93 28.93 -14.53
C ALA D 522 43.29 29.01 -15.20
N GLY D 523 44.33 29.37 -14.44
CA GLY D 523 45.68 29.49 -14.97
C GLY D 523 46.33 28.16 -15.27
N PRO D 524 47.46 28.18 -15.98
CA PRO D 524 48.19 26.96 -16.29
C PRO D 524 48.57 26.20 -15.02
N CYS D 525 48.13 24.96 -14.94
CA CYS D 525 48.36 24.07 -13.79
C CYS D 525 47.59 24.46 -12.51
N SER D 526 46.50 25.18 -12.68
CA SER D 526 45.66 25.55 -11.54
C SER D 526 44.81 24.37 -11.08
N GLN D 527 44.34 24.44 -9.83
CA GLN D 527 43.35 23.48 -9.33
C GLN D 527 42.43 24.13 -8.30
N LYS D 528 41.25 24.53 -8.76
CA LYS D 528 40.26 25.15 -7.91
C LYS D 528 39.25 24.13 -7.40
N ALA D 529 39.22 22.96 -8.03
CA ALA D 529 38.38 21.86 -7.56
C ALA D 529 39.25 20.84 -6.84
N ASP D 530 39.18 20.87 -5.51
CA ASP D 530 39.97 19.96 -4.67
C ASP D 530 39.17 19.52 -3.44
N THR D 531 39.80 18.72 -2.58
CA THR D 531 39.15 18.18 -1.39
C THR D 531 39.37 19.05 -0.15
N VAL D 532 40.05 20.18 -0.31
CA VAL D 532 40.42 21.06 0.82
C VAL D 532 39.22 21.76 1.47
N PHE D 533 39.09 21.61 2.78
CA PHE D 533 38.11 22.37 3.56
C PHE D 533 38.61 23.79 3.74
N ARG D 534 37.71 24.77 3.55
CA ARG D 534 38.09 26.18 3.65
C ARG D 534 37.05 27.02 4.38
N LEU D 535 37.53 28.08 5.02
CA LEU D 535 36.67 29.07 5.65
C LEU D 535 37.02 30.44 5.04
N ASN D 536 36.42 30.69 3.88
CA ASN D 536 36.73 31.89 3.10
C ASN D 536 35.51 32.76 2.82
N TRP D 537 35.65 33.65 1.84
CA TRP D 537 34.60 34.56 1.44
C TRP D 537 33.45 33.78 0.87
N ALA D 538 33.79 32.72 0.14
CA ALA D 538 32.81 31.83 -0.46
C ALA D 538 31.94 31.19 0.61
N THR D 539 32.54 30.88 1.75
CA THR D 539 31.83 30.28 2.89
C THR D 539 30.68 31.19 3.33
N TYR D 540 30.95 32.50 3.42
CA TYR D 540 29.95 33.49 3.76
C TYR D 540 28.84 33.61 2.72
N LEU D 541 29.24 33.71 1.45
CA LEU D 541 28.30 33.89 0.34
C LEU D 541 27.22 32.82 0.33
N ALA D 542 27.62 31.57 0.55
CA ALA D 542 26.70 30.44 0.55
C ALA D 542 25.92 30.35 1.87
N SER D 543 26.61 30.54 2.99
CA SER D 543 25.99 30.43 4.31
C SER D 543 24.96 31.51 4.61
N THR D 544 25.27 32.74 4.21
CA THR D 544 24.42 33.89 4.53
C THR D 544 23.56 34.34 3.34
N GLU D 545 24.20 34.57 2.20
CA GLU D 545 23.53 35.13 1.03
C GLU D 545 22.94 34.08 0.09
N ASN D 546 22.98 32.82 0.51
CA ASN D 546 22.46 31.68 -0.27
C ASN D 546 22.91 31.69 -1.74
N ILE D 547 24.16 32.08 -1.96
CA ILE D 547 24.75 32.09 -3.29
C ILE D 547 25.58 30.82 -3.46
N ILE D 548 25.37 30.11 -4.56
CA ILE D 548 26.25 28.99 -4.89
C ILE D 548 27.53 29.56 -5.49
N VAL D 549 28.67 29.20 -4.89
CA VAL D 549 29.95 29.58 -5.46
C VAL D 549 30.69 28.33 -5.93
N ALA D 550 30.97 28.30 -7.23
CA ALA D 550 31.52 27.13 -7.89
C ALA D 550 32.81 27.44 -8.62
N SER D 551 33.63 26.40 -8.82
CA SER D 551 34.88 26.50 -9.55
C SER D 551 35.01 25.34 -10.53
N PHE D 552 35.77 25.55 -11.61
CA PHE D 552 35.89 24.55 -12.66
C PHE D 552 37.32 24.42 -13.18
N ASP D 553 37.76 23.17 -13.35
CA ASP D 553 39.10 22.90 -13.88
C ASP D 553 39.06 22.57 -15.37
N GLY D 554 38.96 23.62 -16.19
CA GLY D 554 38.96 23.46 -17.64
C GLY D 554 40.35 23.19 -18.18
N ARG D 555 40.49 23.23 -19.50
CA ARG D 555 41.77 23.02 -20.15
C ARG D 555 42.82 24.02 -19.67
N GLY D 556 43.98 23.50 -19.28
CA GLY D 556 45.04 24.31 -18.73
C GLY D 556 45.35 23.91 -17.29
N SER D 557 44.32 23.47 -16.58
CA SER D 557 44.46 23.03 -15.20
C SER D 557 45.39 21.83 -15.12
N GLY D 558 46.07 21.68 -13.98
CA GLY D 558 47.08 20.65 -13.82
C GLY D 558 46.64 19.45 -13.02
N TYR D 559 47.61 18.58 -12.73
CA TYR D 559 47.42 17.34 -11.94
C TYR D 559 46.48 16.33 -12.61
N GLN D 560 46.24 16.52 -13.90
CA GLN D 560 45.34 15.66 -14.66
C GLN D 560 46.01 15.13 -15.93
N GLY D 561 47.29 15.47 -16.11
CA GLY D 561 48.04 15.07 -17.29
C GLY D 561 48.30 16.22 -18.24
N ASP D 562 49.39 16.13 -19.00
CA ASP D 562 49.77 17.13 -20.01
C ASP D 562 48.70 17.31 -21.08
N LYS D 563 47.90 16.28 -21.29
CA LYS D 563 46.74 16.30 -22.19
C LYS D 563 45.91 17.57 -21.92
N ILE D 564 45.56 17.77 -20.65
CA ILE D 564 44.74 18.90 -20.23
C ILE D 564 45.55 20.19 -20.01
N MET D 565 46.70 20.05 -19.35
CA MET D 565 47.50 21.20 -18.96
C MET D 565 48.10 21.98 -20.14
N HIS D 566 48.79 21.28 -21.03
CA HIS D 566 49.43 21.90 -22.20
C HIS D 566 48.45 22.35 -23.25
N ALA D 567 47.16 22.16 -22.98
CA ALA D 567 46.11 22.53 -23.92
C ALA D 567 46.15 24.01 -24.32
N ILE D 568 46.43 24.87 -23.34
CA ILE D 568 46.50 26.32 -23.59
C ILE D 568 47.91 26.84 -23.88
N ASN D 569 48.83 25.93 -24.24
CA ASN D 569 50.18 26.32 -24.60
C ASN D 569 50.22 27.30 -25.76
N ARG D 570 50.93 28.42 -25.56
CA ARG D 570 51.04 29.48 -26.55
C ARG D 570 49.70 30.15 -26.88
N ARG D 571 48.64 29.66 -26.24
CA ARG D 571 47.28 30.15 -26.47
C ARG D 571 46.54 30.46 -25.15
N LEU D 572 47.08 31.41 -24.39
CA LEU D 572 46.42 31.90 -23.18
C LEU D 572 45.24 32.78 -23.55
N GLY D 573 44.19 32.72 -22.74
CA GLY D 573 42.99 33.50 -22.98
C GLY D 573 42.08 32.90 -24.02
N THR D 574 42.26 31.61 -24.29
CA THR D 574 41.43 30.90 -25.26
C THR D 574 40.64 29.79 -24.58
N PHE D 575 41.20 28.58 -24.55
CA PHE D 575 40.50 27.40 -24.06
C PHE D 575 40.09 27.48 -22.58
N GLU D 576 40.96 28.03 -21.74
CA GLU D 576 40.64 28.15 -20.31
C GLU D 576 39.49 29.14 -20.07
N VAL D 577 39.41 30.17 -20.92
CA VAL D 577 38.36 31.17 -20.84
C VAL D 577 37.03 30.55 -21.28
N GLU D 578 37.02 29.99 -22.48
CA GLU D 578 35.83 29.34 -23.03
C GLU D 578 35.31 28.24 -22.11
N ASP D 579 36.22 27.46 -21.53
CA ASP D 579 35.86 26.37 -20.62
C ASP D 579 35.17 26.85 -19.34
N GLN D 580 35.51 28.06 -18.91
CA GLN D 580 34.85 28.68 -17.76
C GLN D 580 33.42 29.10 -18.12
N ILE D 581 33.24 29.59 -19.34
CA ILE D 581 31.92 29.97 -19.83
C ILE D 581 31.04 28.73 -19.93
N GLU D 582 31.60 27.68 -20.54
CA GLU D 582 30.91 26.40 -20.71
C GLU D 582 30.53 25.77 -19.37
N ALA D 583 31.36 26.00 -18.36
CA ALA D 583 31.09 25.51 -17.01
C ALA D 583 29.77 26.05 -16.47
N ALA D 584 29.57 27.36 -16.62
CA ALA D 584 28.34 28.02 -16.19
C ALA D 584 27.12 27.39 -16.88
N ARG D 585 27.24 27.17 -18.19
CA ARG D 585 26.19 26.51 -18.96
C ARG D 585 25.89 25.13 -18.39
N GLN D 586 26.94 24.39 -18.02
CA GLN D 586 26.78 23.06 -17.45
C GLN D 586 26.12 23.10 -16.08
N PHE D 587 26.42 24.15 -15.31
CA PHE D 587 25.82 24.34 -13.98
C PHE D 587 24.36 24.75 -14.09
N SER D 588 24.06 25.65 -15.02
CA SER D 588 22.69 26.09 -15.25
C SER D 588 21.81 24.92 -15.67
N LYS D 589 22.34 24.09 -16.58
CA LYS D 589 21.62 22.92 -17.07
C LYS D 589 21.52 21.80 -16.03
N MET D 590 22.02 22.06 -14.82
CA MET D 590 21.87 21.11 -13.71
C MET D 590 20.54 21.31 -13.00
N GLY D 591 19.90 22.47 -13.22
CA GLY D 591 18.55 22.70 -12.75
C GLY D 591 18.35 23.62 -11.55
N PHE D 592 19.38 23.76 -10.73
CA PHE D 592 19.28 24.55 -9.49
C PHE D 592 19.89 25.95 -9.58
N VAL D 593 20.27 26.37 -10.79
CA VAL D 593 20.92 27.66 -10.99
C VAL D 593 20.00 28.69 -11.65
N ASP D 594 19.80 29.82 -10.98
CA ASP D 594 19.06 30.94 -11.54
C ASP D 594 20.00 31.60 -12.55
N ASN D 595 19.87 31.20 -13.81
CA ASN D 595 20.80 31.68 -14.84
C ASN D 595 20.58 33.13 -15.30
N LYS D 596 19.69 33.84 -14.62
CA LYS D 596 19.56 35.29 -14.77
C LYS D 596 20.48 36.00 -13.77
N ARG D 597 21.06 35.22 -12.86
CA ARG D 597 21.96 35.73 -11.83
C ARG D 597 23.23 34.88 -11.71
N ILE D 598 24.04 34.89 -12.76
CA ILE D 598 25.36 34.24 -12.70
C ILE D 598 26.45 35.31 -12.79
N ALA D 599 27.33 35.30 -11.80
CA ALA D 599 28.46 36.23 -11.76
C ALA D 599 29.78 35.46 -11.78
N ILE D 600 30.85 36.17 -12.14
CA ILE D 600 32.19 35.59 -12.18
C ILE D 600 33.18 36.54 -11.51
N TRP D 601 34.04 36.00 -10.65
CA TRP D 601 35.05 36.82 -9.99
C TRP D 601 36.34 36.06 -9.91
N GLY D 602 37.45 36.80 -9.86
CA GLY D 602 38.76 36.18 -9.82
C GLY D 602 39.87 37.16 -9.52
N TRP D 603 40.95 36.64 -8.95
CA TRP D 603 42.11 37.43 -8.58
C TRP D 603 43.29 37.05 -9.44
N SER D 604 44.12 38.03 -9.77
CA SER D 604 45.35 37.82 -10.56
C SER D 604 45.05 37.28 -11.95
N TYR D 605 45.42 36.04 -12.21
CA TYR D 605 45.13 35.39 -13.47
C TYR D 605 43.62 35.21 -13.55
N GLY D 606 43.01 34.84 -12.43
CA GLY D 606 41.56 34.71 -12.31
C GLY D 606 40.85 36.00 -12.64
N GLY D 607 41.53 37.11 -12.39
CA GLY D 607 41.05 38.43 -12.78
C GLY D 607 41.10 38.59 -14.28
N TYR D 608 42.16 38.07 -14.89
CA TYR D 608 42.32 38.10 -16.34
C TYR D 608 41.23 37.28 -17.01
N VAL D 609 40.94 36.10 -16.46
CA VAL D 609 39.92 35.22 -17.01
C VAL D 609 38.52 35.81 -16.83
N THR D 610 38.23 36.31 -15.63
CA THR D 610 36.96 36.98 -15.35
C THR D 610 36.72 38.09 -16.37
N SER D 611 37.77 38.86 -16.67
CA SER D 611 37.70 39.95 -17.63
C SER D 611 37.52 39.45 -19.07
N MET D 612 38.19 38.35 -19.42
CA MET D 612 38.05 37.77 -20.75
C MET D 612 36.66 37.17 -20.96
N VAL D 613 36.11 36.58 -19.89
CA VAL D 613 34.76 36.02 -19.88
C VAL D 613 33.69 37.11 -20.07
N LEU D 614 33.84 38.22 -19.33
CA LEU D 614 32.90 39.34 -19.44
C LEU D 614 33.03 40.09 -20.76
N GLY D 615 34.17 39.95 -21.43
CA GLY D 615 34.39 40.58 -22.73
C GLY D 615 34.13 39.64 -23.88
N SER D 616 33.71 38.41 -23.57
CA SER D 616 33.45 37.38 -24.59
C SER D 616 32.15 37.60 -25.35
N GLY D 617 31.22 38.32 -24.70
CA GLY D 617 29.91 38.59 -25.28
C GLY D 617 29.03 37.36 -25.36
N SER D 618 29.30 36.40 -24.48
CA SER D 618 28.54 35.15 -24.43
C SER D 618 27.14 35.36 -23.86
N GLY D 619 26.99 36.41 -23.04
CA GLY D 619 25.69 36.76 -22.48
C GLY D 619 25.22 35.83 -21.37
N VAL D 620 26.13 35.01 -20.85
CA VAL D 620 25.81 34.10 -19.76
C VAL D 620 25.84 34.84 -18.42
N PHE D 621 26.91 35.59 -18.21
CA PHE D 621 27.17 36.27 -16.95
C PHE D 621 26.55 37.67 -16.92
N LYS D 622 25.91 38.00 -15.80
CA LYS D 622 25.24 39.28 -15.61
C LYS D 622 26.23 40.36 -15.15
N CYS D 623 27.07 39.98 -14.19
CA CYS D 623 28.08 40.88 -13.63
C CYS D 623 29.38 40.14 -13.34
N GLY D 624 30.36 40.85 -12.79
CA GLY D 624 31.65 40.26 -12.45
C GLY D 624 32.64 41.22 -11.82
N ILE D 625 33.54 40.67 -11.00
CA ILE D 625 34.57 41.44 -10.33
C ILE D 625 35.93 40.92 -10.77
N ALA D 626 36.77 41.80 -11.29
CA ALA D 626 38.14 41.45 -11.61
C ALA D 626 39.06 42.16 -10.64
N VAL D 627 39.87 41.38 -9.91
CA VAL D 627 40.76 41.93 -8.90
C VAL D 627 42.22 41.76 -9.34
N ALA D 628 42.89 42.89 -9.51
CA ALA D 628 44.29 42.95 -9.99
C ALA D 628 44.53 42.03 -11.18
N PRO D 629 43.75 42.21 -12.25
CA PRO D 629 43.83 41.31 -13.39
C PRO D 629 44.97 41.65 -14.36
N VAL D 630 45.43 40.66 -15.11
CA VAL D 630 46.34 40.91 -16.22
C VAL D 630 45.45 41.39 -17.37
N SER D 631 45.81 42.49 -18.01
CA SER D 631 44.99 43.04 -19.08
C SER D 631 45.54 42.70 -20.46
N ARG D 632 46.86 42.65 -20.57
CA ARG D 632 47.51 42.17 -21.77
C ARG D 632 48.88 41.60 -21.39
N TRP D 633 49.24 40.50 -22.02
CA TRP D 633 50.41 39.72 -21.58
C TRP D 633 51.75 40.39 -21.68
N GLU D 634 51.87 41.41 -22.52
CA GLU D 634 53.10 42.21 -22.61
C GLU D 634 53.39 42.98 -21.32
N TYR D 635 52.38 43.10 -20.45
CA TYR D 635 52.53 43.84 -19.19
C TYR D 635 53.03 42.98 -18.04
N TYR D 636 52.76 41.68 -18.08
CA TYR D 636 53.17 40.79 -16.99
C TYR D 636 54.62 40.31 -17.15
N ASP D 637 55.19 39.72 -16.09
CA ASP D 637 56.61 39.36 -16.08
C ASP D 637 57.00 38.25 -17.05
N SER D 638 58.18 38.41 -17.64
CA SER D 638 58.69 37.53 -18.68
C SER D 638 58.69 36.05 -18.32
N VAL D 639 59.22 35.70 -17.15
CA VAL D 639 59.39 34.29 -16.76
C VAL D 639 58.08 33.51 -16.80
N TYR D 640 57.03 34.04 -16.17
CA TYR D 640 55.72 33.40 -16.20
C TYR D 640 55.11 33.43 -17.59
N THR D 641 55.02 34.62 -18.17
CA THR D 641 54.34 34.81 -19.46
C THR D 641 54.94 33.94 -20.57
N GLU D 642 56.21 34.17 -20.88
CA GLU D 642 56.91 33.48 -21.97
C GLU D 642 56.84 31.95 -21.89
N ARG D 643 56.86 31.42 -20.67
CA ARG D 643 56.74 29.98 -20.42
C ARG D 643 55.52 29.42 -21.15
N TYR D 644 54.41 30.15 -21.05
CA TYR D 644 53.15 29.74 -21.66
C TYR D 644 52.84 30.49 -22.94
N MET D 645 53.60 31.55 -23.23
CA MET D 645 53.27 32.43 -24.35
C MET D 645 54.36 32.62 -25.40
N GLY D 646 55.61 32.39 -25.03
CA GLY D 646 56.74 32.68 -25.92
C GLY D 646 57.03 34.16 -25.97
N LEU D 647 57.75 34.59 -27.00
CA LEU D 647 58.13 35.99 -27.15
C LEU D 647 57.10 36.78 -27.96
N PRO D 648 56.81 38.02 -27.54
CA PRO D 648 55.88 38.88 -28.27
C PRO D 648 56.53 39.55 -29.48
N THR D 649 57.00 38.74 -30.42
CA THR D 649 57.68 39.23 -31.60
C THR D 649 57.03 38.68 -32.86
N PRO D 650 57.02 39.47 -33.96
CA PRO D 650 56.39 39.04 -35.23
C PRO D 650 56.82 37.63 -35.65
N GLU D 651 58.03 37.24 -35.27
CA GLU D 651 58.59 35.94 -35.63
C GLU D 651 58.37 34.88 -34.54
N ASP D 652 57.45 35.14 -33.61
CA ASP D 652 57.09 34.16 -32.59
C ASP D 652 55.57 34.11 -32.31
N ASN D 653 55.11 34.86 -31.32
CA ASN D 653 53.73 34.76 -30.88
C ASN D 653 52.96 36.08 -30.82
N LEU D 654 53.63 37.19 -31.18
CA LEU D 654 53.05 38.54 -31.14
C LEU D 654 51.57 38.61 -31.53
N ASP D 655 51.21 37.92 -32.61
CA ASP D 655 49.83 37.88 -33.09
C ASP D 655 48.84 37.54 -31.96
N HIS D 656 49.16 36.49 -31.21
CA HIS D 656 48.30 36.05 -30.12
C HIS D 656 48.33 37.01 -28.98
N TYR D 657 49.51 37.57 -28.70
CA TYR D 657 49.65 38.63 -27.70
C TYR D 657 48.65 39.74 -27.97
N ARG D 658 48.58 40.16 -29.23
CA ARG D 658 47.64 41.20 -29.67
C ARG D 658 46.18 40.80 -29.45
N ASN D 659 45.85 39.55 -29.78
CA ASN D 659 44.49 39.04 -29.68
C ASN D 659 44.00 38.68 -28.28
N SER D 660 44.94 38.33 -27.39
CA SER D 660 44.57 37.86 -26.05
C SER D 660 44.49 38.95 -24.98
N THR D 661 44.19 40.18 -25.39
CA THR D 661 44.04 41.29 -24.45
C THR D 661 42.58 41.46 -24.08
N VAL D 662 42.31 42.05 -22.91
CA VAL D 662 40.93 42.37 -22.51
C VAL D 662 40.47 43.72 -23.08
N MET D 663 41.44 44.61 -23.34
CA MET D 663 41.17 45.89 -23.98
C MET D 663 40.44 45.74 -25.31
N SER D 664 40.89 44.81 -26.13
CA SER D 664 40.26 44.55 -27.44
C SER D 664 38.79 44.12 -27.32
N ARG D 665 38.44 43.58 -26.15
CA ARG D 665 37.08 43.11 -25.90
C ARG D 665 36.20 44.12 -25.14
N ALA D 666 36.70 45.36 -25.01
CA ALA D 666 36.00 46.42 -24.28
C ALA D 666 34.54 46.60 -24.70
N GLU D 667 34.30 46.63 -26.01
CA GLU D 667 32.97 46.82 -26.58
C GLU D 667 31.92 45.87 -25.96
N ASN D 668 32.32 44.62 -25.72
CA ASN D 668 31.43 43.58 -25.18
C ASN D 668 31.07 43.73 -23.70
N PHE D 669 31.70 44.69 -23.02
CA PHE D 669 31.41 44.94 -21.61
C PHE D 669 30.11 45.73 -21.43
N LYS D 670 29.52 46.16 -22.54
CA LYS D 670 28.25 46.90 -22.52
C LYS D 670 27.11 46.03 -22.01
N GLN D 671 27.28 44.72 -22.08
CA GLN D 671 26.27 43.76 -21.64
C GLN D 671 26.35 43.45 -20.15
N VAL D 672 27.56 43.46 -19.61
CA VAL D 672 27.80 43.05 -18.23
C VAL D 672 27.96 44.23 -17.27
N GLU D 673 27.94 43.92 -15.97
CA GLU D 673 28.24 44.89 -14.93
C GLU D 673 29.61 44.53 -14.35
N TYR D 674 30.57 45.42 -14.55
CA TYR D 674 31.96 45.12 -14.24
C TYR D 674 32.46 45.91 -13.05
N LEU D 675 33.07 45.21 -12.10
CA LEU D 675 33.80 45.85 -11.00
C LEU D 675 35.28 45.59 -11.24
N LEU D 676 36.08 46.66 -11.24
CA LEU D 676 37.51 46.55 -11.43
C LEU D 676 38.23 47.06 -10.20
N ILE D 677 38.93 46.14 -9.51
CA ILE D 677 39.64 46.45 -8.28
C ILE D 677 41.14 46.21 -8.47
N HIS D 678 41.94 47.18 -8.06
CA HIS D 678 43.39 47.09 -8.16
C HIS D 678 44.02 47.97 -7.11
N GLY D 679 45.16 47.51 -6.59
CA GLY D 679 45.95 48.30 -5.62
C GLY D 679 47.01 49.09 -6.35
N THR D 680 47.22 50.34 -5.93
CA THR D 680 48.13 51.24 -6.64
C THR D 680 49.60 50.85 -6.55
N ALA D 681 49.97 50.15 -5.47
CA ALA D 681 51.36 49.76 -5.22
C ALA D 681 51.64 48.29 -5.56
N ASP D 682 50.88 47.76 -6.52
CA ASP D 682 51.02 46.38 -6.95
C ASP D 682 52.29 46.17 -7.77
N ASP D 683 53.26 45.48 -7.19
CA ASP D 683 54.53 45.20 -7.86
C ASP D 683 54.41 44.04 -8.81
N ASN D 684 53.47 43.14 -8.51
CA ASN D 684 53.27 41.93 -9.29
C ASN D 684 52.53 42.20 -10.58
N VAL D 685 51.22 42.45 -10.48
CA VAL D 685 50.41 42.89 -11.61
C VAL D 685 50.21 44.40 -11.43
N HIS D 686 50.96 45.18 -12.20
CA HIS D 686 50.99 46.63 -12.04
C HIS D 686 49.67 47.30 -12.29
N PHE D 687 49.39 48.34 -11.51
CA PHE D 687 48.16 49.11 -11.67
C PHE D 687 47.90 49.41 -13.13
N GLN D 688 48.99 49.61 -13.89
CA GLN D 688 48.96 49.78 -15.33
C GLN D 688 47.92 48.89 -16.00
N GLN D 689 47.92 47.61 -15.66
CA GLN D 689 47.03 46.65 -16.31
C GLN D 689 45.55 47.05 -16.20
N SER D 690 45.09 47.41 -15.00
CA SER D 690 43.73 47.88 -14.82
C SER D 690 43.50 49.29 -15.36
N ALA D 691 44.56 50.08 -15.38
CA ALA D 691 44.52 51.43 -15.96
C ALA D 691 44.29 51.34 -17.47
N GLN D 692 44.79 50.26 -18.08
CA GLN D 692 44.59 50.05 -19.51
C GLN D 692 43.20 49.49 -19.81
N ILE D 693 42.63 48.76 -18.86
CA ILE D 693 41.28 48.23 -19.00
C ILE D 693 40.26 49.37 -18.86
N SER D 694 40.43 50.20 -17.83
CA SER D 694 39.51 51.31 -17.56
C SER D 694 39.48 52.29 -18.72
N LYS D 695 40.65 52.56 -19.29
CA LYS D 695 40.78 53.47 -20.42
C LYS D 695 40.05 52.90 -21.64
N ALA D 696 40.27 51.62 -21.93
CA ALA D 696 39.62 50.94 -23.06
C ALA D 696 38.09 50.99 -22.96
N LEU D 697 37.57 50.74 -21.75
CA LEU D 697 36.14 50.82 -21.49
C LEU D 697 35.61 52.24 -21.73
N VAL D 698 36.30 53.22 -21.15
CA VAL D 698 35.96 54.63 -21.31
C VAL D 698 35.93 55.03 -22.78
N ASP D 699 36.94 54.57 -23.54
CA ASP D 699 37.09 54.92 -24.95
C ASP D 699 35.97 54.39 -25.86
N VAL D 700 35.20 53.43 -25.36
CA VAL D 700 34.04 52.91 -26.11
C VAL D 700 32.72 53.27 -25.44
N GLY D 701 32.79 53.88 -24.26
CA GLY D 701 31.60 54.35 -23.54
C GLY D 701 30.92 53.30 -22.70
N VAL D 702 31.72 52.38 -22.14
CA VAL D 702 31.19 51.36 -21.23
C VAL D 702 31.29 51.87 -19.79
N ASP D 703 30.13 51.94 -19.13
CA ASP D 703 30.08 52.27 -17.71
C ASP D 703 30.49 51.03 -16.93
N PHE D 704 31.24 51.24 -15.84
CA PHE D 704 31.74 50.16 -15.00
C PHE D 704 32.07 50.67 -13.61
N GLN D 705 32.12 49.76 -12.64
CA GLN D 705 32.52 50.10 -11.29
C GLN D 705 34.04 49.97 -11.17
N ALA D 706 34.67 50.89 -10.44
CA ALA D 706 36.12 50.87 -10.22
C ALA D 706 36.46 51.11 -8.77
N MET D 707 37.59 50.56 -8.34
CA MET D 707 38.10 50.81 -6.99
C MET D 707 39.61 50.57 -6.94
N TRP D 708 40.34 51.66 -6.74
CA TRP D 708 41.77 51.54 -6.53
C TRP D 708 42.00 51.37 -5.06
N TYR D 709 43.14 50.79 -4.71
CA TYR D 709 43.56 50.70 -3.31
C TYR D 709 44.93 51.32 -3.09
N THR D 710 44.93 52.53 -2.53
CA THR D 710 46.14 53.27 -2.27
C THR D 710 47.16 52.45 -1.49
N ASP D 711 48.38 52.37 -2.04
CA ASP D 711 49.53 51.72 -1.40
C ASP D 711 49.43 50.20 -1.17
N GLU D 712 48.43 49.57 -1.77
CA GLU D 712 48.26 48.13 -1.63
C GLU D 712 48.93 47.37 -2.76
N ASP D 713 49.51 46.22 -2.44
CA ASP D 713 50.12 45.38 -3.47
C ASP D 713 49.12 44.34 -3.98
N HIS D 714 49.64 43.27 -4.57
CA HIS D 714 48.82 42.25 -5.20
C HIS D 714 47.98 41.45 -4.25
N GLY D 715 48.32 41.51 -2.97
CA GLY D 715 47.58 40.77 -1.96
C GLY D 715 46.45 41.58 -1.36
N ILE D 716 46.51 42.91 -1.52
CA ILE D 716 45.59 43.83 -0.84
C ILE D 716 45.31 43.24 0.55
N ALA D 717 46.40 42.92 1.26
CA ALA D 717 46.36 42.15 2.48
C ALA D 717 46.40 42.97 3.77
N SER D 718 46.44 44.29 3.66
CA SER D 718 46.33 45.16 4.85
C SER D 718 45.04 44.82 5.57
N SER D 719 45.10 44.74 6.89
CA SER D 719 43.92 44.37 7.67
C SER D 719 42.68 45.18 7.23
N THR D 720 42.82 46.50 7.13
CA THR D 720 41.69 47.36 6.75
C THR D 720 41.34 47.29 5.26
N ALA D 721 42.36 47.12 4.41
CA ALA D 721 42.16 47.00 2.96
C ALA D 721 41.51 45.67 2.58
N HIS D 722 41.95 44.60 3.23
CA HIS D 722 41.37 43.27 3.05
C HIS D 722 39.94 43.27 3.47
N GLN D 723 39.64 44.00 4.54
CA GLN D 723 38.27 44.10 5.03
C GLN D 723 37.40 44.94 4.10
N HIS D 724 37.99 45.98 3.51
CA HIS D 724 37.26 46.92 2.64
C HIS D 724 36.91 46.30 1.31
N ILE D 725 37.86 45.57 0.72
CA ILE D 725 37.67 44.95 -0.58
C ILE D 725 36.57 43.89 -0.55
N TYR D 726 36.58 43.04 0.48
CA TYR D 726 35.59 41.97 0.60
C TYR D 726 34.20 42.49 0.99
N THR D 727 34.15 43.62 1.67
CA THR D 727 32.88 44.28 1.97
C THR D 727 32.33 44.92 0.69
N HIS D 728 33.23 45.54 -0.08
CA HIS D 728 32.88 46.16 -1.36
C HIS D 728 32.41 45.14 -2.37
N MET D 729 33.09 43.99 -2.40
CA MET D 729 32.71 42.91 -3.30
C MET D 729 31.40 42.26 -2.88
N SER D 730 31.15 42.18 -1.57
CA SER D 730 29.88 41.66 -1.07
C SER D 730 28.71 42.53 -1.52
N HIS D 731 28.84 43.84 -1.36
CA HIS D 731 27.82 44.79 -1.80
C HIS D 731 27.54 44.63 -3.26
N PHE D 732 28.60 44.60 -4.06
CA PHE D 732 28.49 44.49 -5.52
C PHE D 732 27.77 43.23 -5.96
N ILE D 733 28.05 42.11 -5.30
CA ILE D 733 27.40 40.83 -5.59
C ILE D 733 25.95 40.83 -5.08
N LYS D 734 25.74 41.31 -3.86
CA LYS D 734 24.39 41.46 -3.29
C LYS D 734 23.51 42.36 -4.15
N GLN D 735 24.09 43.45 -4.65
CA GLN D 735 23.39 44.40 -5.52
C GLN D 735 23.05 43.75 -6.86
N CYS D 736 24.07 43.14 -7.48
CA CYS D 736 23.93 42.46 -8.76
C CYS D 736 22.91 41.32 -8.71
N PHE D 737 22.87 40.60 -7.59
CA PHE D 737 21.94 39.50 -7.41
C PHE D 737 20.59 39.90 -6.78
N SER D 738 20.34 41.21 -6.70
CA SER D 738 19.12 41.75 -6.09
C SER D 738 18.82 41.13 -4.71
N LEU D 739 19.85 41.08 -3.86
CA LEU D 739 19.73 40.49 -2.53
C LEU D 739 19.69 41.58 -1.46
N PRO D 740 18.75 41.45 -0.50
CA PRO D 740 18.66 42.43 0.58
C PRO D 740 19.55 42.06 1.76
C1 NAG E . -4.81 -56.12 -22.70
C2 NAG E . -4.08 -56.74 -23.90
C3 NAG E . -4.01 -55.77 -25.08
C4 NAG E . -5.34 -55.07 -25.34
C5 NAG E . -5.81 -54.46 -24.02
C6 NAG E . -7.06 -53.57 -24.14
C7 NAG E . -2.25 -58.31 -23.62
C8 NAG E . -1.36 -58.57 -24.81
N2 NAG E . -2.73 -57.08 -23.50
O3 NAG E . -3.60 -56.47 -26.24
O4 NAG E . -5.16 -54.05 -26.31
O5 NAG E . -6.03 -55.51 -23.11
O6 NAG E . -8.22 -54.31 -23.93
O7 NAG E . -2.49 -59.21 -22.82
C1 NAG E . -5.85 -54.37 -27.53
C2 NAG E . -6.14 -53.07 -28.27
C3 NAG E . -6.80 -53.36 -29.63
C4 NAG E . -5.97 -54.37 -30.42
C5 NAG E . -5.71 -55.62 -29.58
C6 NAG E . -4.83 -56.64 -30.29
C7 NAG E . -6.44 -51.15 -26.79
C8 NAG E . -7.39 -50.03 -26.47
N2 NAG E . -6.95 -52.20 -27.44
O3 NAG E . -6.93 -52.16 -30.36
O4 NAG E . -6.62 -54.69 -31.64
O5 NAG E . -5.10 -55.26 -28.35
O6 NAG E . -3.53 -56.64 -29.75
O7 NAG E . -5.26 -51.07 -26.44
C1 NAG F . 11.15 -65.15 -27.23
C2 NAG F . 12.06 -65.08 -28.47
C3 NAG F . 12.60 -63.66 -28.69
C4 NAG F . 11.47 -62.63 -28.67
C5 NAG F . 10.59 -62.82 -27.42
C6 NAG F . 9.37 -61.89 -27.39
C7 NAG F . 13.34 -66.98 -29.31
C8 NAG F . 14.44 -66.75 -30.32
N2 NAG F . 13.16 -66.04 -28.38
O3 NAG F . 13.31 -63.58 -29.91
O4 NAG F . 12.04 -61.33 -28.73
O5 NAG F . 10.14 -64.15 -27.31
O6 NAG F . 8.42 -62.30 -28.35
O7 NAG F . 12.65 -68.00 -29.37
C1 NAG F . 11.45 -60.59 -29.83
C2 NAG F . 11.68 -59.09 -29.68
C3 NAG F . 10.93 -58.35 -30.79
C4 NAG F . 11.20 -58.95 -32.18
C5 NAG F . 11.17 -60.47 -32.17
C6 NAG F . 11.68 -61.05 -33.50
C7 NAG F . 12.09 -58.52 -27.32
C8 NAG F . 13.16 -57.46 -27.36
N2 NAG F . 11.26 -58.61 -28.37
O3 NAG F . 11.28 -56.98 -30.78
O4 NAG F . 10.25 -58.44 -33.09
O5 NAG F . 11.94 -61.00 -31.10
O6 NAG F . 12.42 -62.22 -33.28
O7 NAG F . 12.01 -59.27 -26.35
C1 NAG G . 9.93 -22.40 -30.70
C2 NAG G . 9.87 -22.44 -32.22
C3 NAG G . 10.38 -23.76 -32.79
C4 NAG G . 11.67 -24.26 -32.14
C5 NAG G . 11.67 -24.04 -30.62
C6 NAG G . 13.06 -24.20 -30.03
C7 NAG G . 8.18 -21.33 -33.58
C8 NAG G . 7.38 -21.84 -34.75
N2 NAG G . 8.50 -22.23 -32.65
O3 NAG G . 10.59 -23.58 -34.17
O4 NAG G . 11.84 -25.64 -32.42
O5 NAG G . 11.25 -22.73 -30.30
O6 NAG G . 12.98 -24.13 -28.61
O7 NAG G . 8.51 -20.15 -33.52
C1 NAG G . 13.00 -25.87 -33.26
C2 NAG G . 13.70 -27.16 -32.84
C3 NAG G . 14.92 -27.43 -33.72
C4 NAG G . 14.58 -27.33 -35.21
C5 NAG G . 13.79 -26.05 -35.50
C6 NAG G . 13.31 -26.01 -36.95
C7 NAG G . 13.54 -27.77 -30.48
C8 NAG G . 14.46 -28.28 -29.41
N2 NAG G . 14.12 -27.07 -31.45
O3 NAG G . 15.44 -28.71 -33.43
O4 NAG G . 15.78 -27.36 -35.95
O5 NAG G . 12.67 -25.94 -34.63
O6 NAG G . 13.20 -24.66 -37.37
O7 NAG G . 12.33 -28.01 -30.43
C1 NAG H . -42.02 49.60 32.98
C2 NAG H . -42.27 49.63 34.49
C3 NAG H . -42.04 51.01 35.13
C4 NAG H . -40.88 51.81 34.52
C5 NAG H . -40.96 51.70 32.98
C6 NAG H . -39.90 52.51 32.22
C7 NAG H . -43.91 48.11 35.50
C8 NAG H . -44.31 48.32 36.92
N2 NAG H . -43.63 49.19 34.77
O3 NAG H . -41.81 50.84 36.51
O4 NAG H . -40.96 53.17 34.92
O5 NAG H . -40.86 50.34 32.65
O6 NAG H . -38.66 51.85 32.24
O7 NAG H . -43.84 46.96 35.04
C1 NAG H . -39.94 53.51 35.87
C2 NAG H . -39.44 54.93 35.61
C3 NAG H . -38.40 55.35 36.66
C4 NAG H . -38.91 55.10 38.07
C5 NAG H . -39.48 53.68 38.22
C6 NAG H . -40.13 53.49 39.59
C7 NAG H . -39.24 56.03 33.44
C8 NAG H . -38.15 56.98 33.02
N2 NAG H . -38.88 55.05 34.27
O3 NAG H . -38.07 56.70 36.50
O4 NAG H . -37.85 55.32 38.99
O5 NAG H . -40.42 53.41 37.21
O6 NAG H . -40.91 52.31 39.58
O7 NAG H . -40.39 56.17 33.02
C1 NAG I . 76.30 42.92 -15.10
C2 NAG I . 77.80 43.03 -14.81
C3 NAG I . 78.37 44.31 -15.41
C4 NAG I . 77.99 44.51 -16.86
C5 NAG I . 76.48 44.34 -17.04
C6 NAG I . 76.05 44.37 -18.50
C7 NAG I . 78.57 41.98 -12.70
C8 NAG I . 79.05 42.27 -11.31
N2 NAG I . 78.05 43.01 -13.38
O3 NAG I . 79.77 44.33 -15.30
O4 NAG I . 78.39 45.81 -17.26
O5 NAG I . 76.05 43.10 -16.48
O6 NAG I . 74.64 44.47 -18.60
O7 NAG I . 78.69 40.84 -13.16
C1 NAG I . 79.39 45.82 -18.30
C2 NAG I . 79.33 47.20 -18.97
C3 NAG I . 80.54 47.50 -19.86
C4 NAG I . 81.84 47.11 -19.18
C5 NAG I . 81.76 45.66 -18.71
C6 NAG I . 83.04 45.19 -18.03
C7 NAG I . 76.97 47.84 -19.30
C8 NAG I . 75.93 48.14 -20.34
N2 NAG I . 78.11 47.30 -19.75
O3 NAG I . 80.57 48.87 -20.18
O4 NAG I . 82.92 47.32 -20.09
O5 NAG I . 80.69 45.53 -17.79
O6 NAG I . 83.08 45.68 -16.71
O7 NAG I . 76.74 48.09 -18.10
C1 0WG J . -8.95 -53.44 8.36
N2 0WG J . -9.46 -52.16 7.85
C3 0WG J . -9.74 -52.04 6.49
N4 0WG J . -9.56 -53.06 5.67
C5 0WG J . -9.79 -52.98 4.37
N6 0WG J . -9.58 -54.10 3.58
C7 0WG J . -10.26 -51.80 3.79
C8 0WG J . -10.51 -51.77 2.30
N9 0WG J . -9.27 -51.40 1.62
C10 0WG J . -10.49 -50.67 4.60
C11 0WG J . -10.96 -49.40 3.99
C12 0WG J . -12.31 -49.16 3.71
C13 0WG J . -12.69 -47.98 3.13
C14 0WG J . -11.74 -47.01 2.82
C15 0WG J . -10.40 -47.23 3.09
C16 0WG J . -10.00 -48.43 3.67
BR1 0WG J . -8.18 -48.72 4.04
C18 0WG J . -10.22 -50.80 6.00
C19 0WG J . -10.40 -49.71 6.96
O20 0WG J . -10.84 -48.63 6.59
N21 0WG J . -10.07 -49.91 8.27
C22 0WG J . -10.24 -48.81 9.23
C23 0WG J . -9.61 -51.11 8.68
O24 0WG J . -9.33 -51.26 9.85
C1 NAG K . 20.49 -79.35 19.82
C2 NAG K . 20.89 -78.79 18.46
C3 NAG K . 20.80 -79.89 17.39
C4 NAG K . 21.54 -81.16 17.80
C5 NAG K . 21.28 -81.56 19.26
C6 NAG K . 22.31 -82.59 19.74
C7 NAG K . 20.59 -76.52 17.62
C8 NAG K . 20.20 -76.16 16.22
N2 NAG K . 20.07 -77.65 18.10
O3 NAG K . 21.35 -79.41 16.18
O4 NAG K . 21.16 -82.20 16.94
O5 NAG K . 21.34 -80.44 20.14
O6 NAG K . 21.99 -83.88 19.24
O7 NAG K . 21.34 -75.80 18.27
C1 NAG L . 22.88 -51.63 -9.07
C2 NAG L . 24.02 -52.63 -9.28
C3 NAG L . 25.29 -52.19 -8.55
C4 NAG L . 25.67 -50.76 -8.97
C5 NAG L . 24.47 -49.82 -8.79
C6 NAG L . 24.77 -48.43 -9.35
C7 NAG L . 23.74 -55.01 -9.68
C8 NAG L . 24.70 -56.09 -9.24
N2 NAG L . 23.63 -53.96 -8.87
O3 NAG L . 26.35 -53.08 -8.84
O4 NAG L . 26.77 -50.31 -8.21
O5 NAG L . 23.32 -50.34 -9.46
O6 NAG L . 23.59 -47.66 -9.45
O7 NAG L . 23.11 -55.12 -10.73
C1 NAG M . 7.68 -83.28 -8.10
C2 NAG M . 8.60 -84.50 -8.20
C3 NAG M . 8.38 -85.33 -9.47
C4 NAG M . 6.99 -85.26 -10.10
C5 NAG M . 6.25 -83.94 -9.82
C6 NAG M . 4.78 -84.02 -10.23
C7 NAG M . 10.83 -84.39 -7.16
C8 NAG M . 12.27 -84.03 -7.40
N2 NAG M . 9.99 -84.06 -8.14
O3 NAG M . 8.65 -86.68 -9.16
O4 NAG M . 7.10 -85.45 -11.49
O5 NAG M . 6.35 -83.62 -8.45
O6 NAG M . 4.07 -84.92 -9.40
O7 NAG M . 10.52 -84.94 -6.10
C1 NAG N . -26.41 -60.52 -6.90
C2 NAG N . -27.55 -61.52 -6.95
C3 NAG N . -28.70 -61.03 -7.84
C4 NAG N . -29.12 -59.61 -7.48
C5 NAG N . -27.91 -58.68 -7.38
C6 NAG N . -28.31 -57.33 -6.81
C7 NAG N . -27.21 -63.95 -6.73
C8 NAG N . -26.50 -65.15 -7.28
N2 NAG N . -27.06 -62.82 -7.43
O3 NAG N . -29.79 -61.91 -7.69
O4 NAG N . -30.07 -59.12 -8.42
O5 NAG N . -26.91 -59.23 -6.55
O6 NAG N . -27.18 -56.71 -6.22
O7 NAG N . -27.88 -64.04 -5.69
C1 0WG O . 0.37 -5.67 -5.70
N2 0WG O . 0.85 -6.94 -5.12
C3 0WG O . 1.68 -7.76 -5.87
N4 0WG O . 2.03 -7.44 -7.11
C5 0WG O . 2.79 -8.20 -7.87
N6 0WG O . 3.12 -7.78 -9.15
C7 0WG O . 3.29 -9.42 -7.40
C8 0WG O . 4.14 -10.25 -8.30
N9 0WG O . 3.29 -11.22 -9.01
C10 0WG O . 2.96 -9.82 -6.10
C11 0WG O . 3.49 -11.13 -5.63
C12 0WG O . 4.80 -11.24 -5.15
C13 0WG O . 5.27 -12.48 -4.73
C14 0WG O . 4.45 -13.59 -4.80
C15 0WG O . 3.15 -13.49 -5.29
C16 0WG O . 2.67 -12.26 -5.71
BR1 0WG O . 0.90 -12.12 -6.37
C18 0WG O . 2.14 -8.98 -5.32
C19 0WG O . 1.71 -9.30 -3.94
O20 0WG O . 2.08 -10.31 -3.39
N21 0WG O . 0.86 -8.44 -3.30
C22 0WG O . 0.41 -8.77 -1.93
C23 0WG O . 0.44 -7.30 -3.88
O24 0WG O . -0.29 -6.56 -3.25
C1 NAG P . -28.03 18.43 -25.38
C2 NAG P . -28.66 17.61 -26.51
C3 NAG P . -28.89 18.35 -27.84
C4 NAG P . -29.07 19.86 -27.73
C5 NAG P . -28.02 20.41 -26.75
C6 NAG P . -28.02 21.94 -26.67
C7 NAG P . -28.26 15.20 -26.92
C8 NAG P . -28.37 14.69 -28.33
N2 NAG P . -27.81 16.46 -26.77
O3 NAG P . -30.03 17.81 -28.50
O4 NAG P . -28.94 20.45 -29.00
O5 NAG P . -28.28 19.83 -25.49
O6 NAG P . -29.15 22.42 -25.96
O7 NAG P . -28.58 14.49 -25.97
C1 NAG Q . -21.38 -21.53 -29.84
C2 NAG Q . -21.85 -21.52 -31.29
C3 NAG Q . -23.38 -21.46 -31.35
C4 NAG Q . -24.00 -22.58 -30.51
C5 NAG Q . -23.40 -22.59 -29.09
C6 NAG Q . -23.90 -23.78 -28.26
C7 NAG Q . -20.24 -20.54 -32.86
C8 NAG Q . -19.88 -19.32 -33.67
N2 NAG Q . -21.25 -20.40 -32.01
O3 NAG Q . -23.84 -21.56 -32.67
O4 NAG Q . -25.40 -22.44 -30.46
O5 NAG Q . -21.98 -22.61 -29.14
O6 NAG Q . -23.11 -24.92 -28.49
O7 NAG Q . -19.59 -21.58 -33.03
C1 NAG R . -3.82 6.09 -41.61
C2 NAG R . -4.23 6.92 -42.84
C3 NAG R . -3.51 6.42 -44.09
C4 NAG R . -2.00 6.36 -43.86
C5 NAG R . -1.70 5.57 -42.58
C6 NAG R . -0.21 5.55 -42.26
C7 NAG R . -6.46 7.93 -42.86
C8 NAG R . -7.54 8.11 -43.89
N2 NAG R . -5.67 6.86 -43.02
O3 NAG R . -3.78 7.28 -45.19
O4 NAG R . -1.36 5.78 -44.98
O5 NAG R . -2.40 6.12 -41.47
O6 NAG R . 0.22 6.86 -41.96
O7 NAG R . -6.34 8.73 -41.93
C1 NAG S . -1.44 -19.95 -45.70
C2 NAG S . -1.74 -20.75 -46.96
C3 NAG S . -2.37 -22.09 -46.57
C4 NAG S . -1.39 -22.85 -45.67
C5 NAG S . -1.10 -21.98 -44.43
C6 NAG S . -0.11 -22.66 -43.48
C7 NAG S . -2.11 -19.56 -49.07
C8 NAG S . -2.00 -20.56 -50.20
N2 NAG S . -2.59 -20.01 -47.90
O3 NAG S . -2.71 -22.86 -47.72
O4 NAG S . -1.90 -24.11 -45.32
O5 NAG S . -0.62 -20.70 -44.82
O6 NAG S . 1.22 -22.39 -43.86
O7 NAG S . -1.78 -18.40 -49.25
C1 0WG T . -43.80 36.02 4.66
N2 0WG T . -43.51 37.43 4.38
C3 0WG T . -43.04 38.25 5.39
N4 0WG T . -42.87 37.78 6.62
C5 0WG T . -42.45 38.54 7.62
N6 0WG T . -42.31 37.95 8.86
C7 0WG T . -42.17 39.89 7.44
C8 0WG T . -41.69 40.72 8.61
N9 0WG T . -42.86 41.33 9.28
C10 0WG T . -42.33 40.46 6.17
C11 0WG T . -42.04 41.89 5.94
C12 0WG T . -40.74 42.33 5.69
C13 0WG T . -40.49 43.68 5.49
C14 0WG T . -41.53 44.60 5.53
C15 0WG T . -42.83 44.17 5.79
C16 0WG T . -43.09 42.82 5.99
BR1 0WG T . -44.87 42.26 6.34
C18 0WG T . -42.78 39.61 5.12
C19 0WG T . -43.00 40.09 3.73
O20 0WG T . -42.76 41.24 3.42
N21 0WG T . -43.47 39.21 2.81
C22 0WG T . -43.71 39.68 1.44
C23 0WG T . -43.72 37.93 3.14
O24 0WG T . -44.14 37.18 2.27
C1 NAG U . -71.93 43.33 26.68
C2 NAG U . -72.42 42.69 27.98
C3 NAG U . -73.96 42.65 28.04
C4 NAG U . -74.49 44.07 27.89
C5 NAG U . -74.00 44.67 26.56
C6 NAG U . -74.40 46.14 26.46
C7 NAG U . -71.14 40.99 29.22
C8 NAG U . -70.64 39.58 29.23
N2 NAG U . -71.88 41.34 28.15
O3 NAG U . -74.40 42.08 29.26
O4 NAG U . -75.90 44.07 27.95
O5 NAG U . -72.59 44.57 26.44
O6 NAG U . -73.61 46.81 25.50
O7 NAG U . -70.89 41.76 30.15
C1 NAG V . -50.39 18.08 37.72
C2 NAG V . -51.09 17.21 38.76
C3 NAG V . -50.60 17.52 40.17
C4 NAG V . -49.08 17.56 40.24
C5 NAG V . -48.53 18.45 39.12
C6 NAG V . -47.00 18.51 39.13
C7 NAG V . -53.37 16.51 38.11
C8 NAG V . -54.76 16.47 38.66
N2 NAG V . -52.54 17.39 38.68
O3 NAG V . -51.09 16.57 41.10
O4 NAG V . -48.67 18.01 41.51
O5 NAG V . -48.98 18.01 37.86
O6 NAG V . -46.46 17.36 38.51
O7 NAG V . -53.05 15.77 37.18
C1 0WG W . 49.06 30.03 -7.15
N2 0WG W . 48.62 31.14 -8.02
C3 0WG W . 49.54 31.78 -8.85
N4 0WG W . 50.81 31.41 -8.86
C5 0WG W . 51.72 32.00 -9.61
N6 0WG W . 53.02 31.55 -9.56
C7 0WG W . 51.38 33.06 -10.46
C8 0WG W . 52.45 33.72 -11.29
N9 0WG W . 53.19 34.64 -10.43
C10 0WG W . 50.06 33.51 -10.51
C11 0WG W . 49.72 34.65 -11.40
C12 0WG W . 49.46 34.45 -12.76
C13 0WG W . 49.17 35.55 -13.57
C14 0WG W . 49.13 36.82 -13.04
C15 0WG W . 49.39 37.03 -11.70
C16 0WG W . 49.69 35.95 -10.88
BR1 0WG W . 50.04 36.24 -9.05
C18 0WG W . 49.10 32.85 -9.67
C19 0WG W . 47.67 33.20 -9.62
O20 0WG W . 47.23 34.09 -10.31
N21 0WG W . 46.86 32.52 -8.77
C22 0WG W . 45.43 32.89 -8.70
C23 0WG W . 47.33 31.53 -8.00
O24 0WG W . 46.56 30.95 -7.25
C1 NAG X . 70.53 48.86 14.60
C2 NAG X . 71.64 48.47 15.58
C3 NAG X . 71.32 48.92 17.01
C4 NAG X . 70.89 50.40 17.05
C5 NAG X . 69.81 50.69 15.99
C6 NAG X . 69.48 52.19 15.93
C7 NAG X . 72.86 46.45 14.84
C8 NAG X . 72.89 44.95 14.94
N2 NAG X . 71.88 47.04 15.55
O3 NAG X . 72.46 48.74 17.81
O4 NAG X . 70.44 50.72 18.36
O5 NAG X . 70.24 50.25 14.72
O6 NAG X . 69.13 52.61 14.63
O7 NAG X . 73.67 47.03 14.14
C1 NAG Y . 89.03 42.14 -1.78
C2 NAG Y . 88.01 43.04 -2.52
C3 NAG Y . 88.38 44.53 -2.44
C4 NAG Y . 88.88 44.96 -1.07
C5 NAG Y . 89.89 43.96 -0.50
C6 NAG Y . 90.30 44.32 0.93
C7 NAG Y . 88.20 43.21 -5.02
C8 NAG Y . 89.52 42.82 -5.62
N2 NAG Y . 87.83 42.57 -3.91
O3 NAG Y . 87.25 45.32 -2.77
O4 NAG Y . 89.47 46.24 -1.19
O5 NAG Y . 89.34 42.66 -0.50
O6 NAG Y . 91.34 45.27 0.92
O7 NAG Y . 87.51 44.08 -5.56
#